data_8WYF
#
_entry.id   8WYF
#
loop_
_entity.id
_entity.type
_entity.pdbx_description
1 polymer 'SIR2 family protein'
2 polymer 'Bacillus phage SPbeta DSAD1 protein'
3 non-polymer NICOTINAMIDE-ADENINE-DINUCLEOTIDE
#
loop_
_entity_poly.entity_id
_entity_poly.type
_entity_poly.pdbx_seq_one_letter_code
_entity_poly.pdbx_strand_id
1 'polypeptide(L)'
;MVKVDLESKRYGEKLKEVFLMLDNNVVECIKEITESSRNGKLVFFVGAGVSTLSDYPQWWRLVDKYHEELYGSPKKGNYS
SDEYLRIPQIFYNVKGEMAFDGILKDFFQVDKPTNPIHDKILAMNPAHVITTNYDNLIDTACWKRGKYFSVISAEEDVAN
ATSSRYLLKVHGDFRKGFKGENVVLKEDDYLNYDQNYPLISNLMKTIIATHTIVFIGYGLGDYNINMLLNWVRKLQKDSF
HKPFFIRTDPSPIENETLIYYENKGLRIIDAASLIDSNEYDYLERYSAVMDLLIESQENKFITKDDEVIDYIYGKISPLF
ALQYIRKIDLKHVFEYDYHFEVNGTVVRHKNKGFGYMERFFELKESCDERSKLSKKQYERFNALFNFFEKNGVICMAKDA
GTLNTSIEINSLAYHGKYDVMKKFIEEQSVSIEDDYKKAFFLACLGRWEESYDLYSNIILNSIDESNGCVYYLSQINRYR
IYQSITQAVTQFNGLGLLTFGRHYKPFTDEFLARIEREMTNFNIDDLFNGMPFEFQKKYKILEFLSDNQFLYDDTVKLFE
LTNKVRSEMSEGSYSFGMSSDIVVLLRLYDNLRFLYENCLWSVSFHEFHQYIRNSMSLLIEKAEYERTRDIDELGFSFFG
KKSGFFMEYYDFVNISRHFKIDDIKNLERSCSIDKIRFGEQEKIEEYLVGIAEEITKQFSANGMNVVFYTQFISEAKAAL
YFAKYVKLSEEGLGKIVKALLFYFPERDLDIGKRYVWLERLTKCNELPKSIISIIDDFLVLQAEKHIDQNYSEVSSNGLY
SRDYGALIKHFEKNFISKRLSEITLCLTQDKQKQIDFLFKLLPLLSTNAKSHLLSFKSVENINDLMNGIRIGLIDEFTPE
HEELIIEYLETRKVNYIVEKEKGIQTFSSNDYMSTFGIWYFLEEINNSKMEEFIGMDDQYDFFVDPENFDYKKFIPSWLK
NYNDKLLGKIAGNKHMKHHVIEVLKERVKNSNDKRYLEILMNYFI
;
A,B,C,D
2 'polypeptide(L)'
;MIEIFKDTGATHDLVYHSKINTFVWDVEFDIVLSDSKELNKCYFVKCFNPYRINGKCDFAVSSIDIFSEGKRLLIENEFN
FKITKAVHVATSKDVTEIVLHLSERISSPFPIVKEVVYLDWSHPQFEKGGGSGGGSGGWSHPQFEK
;
E
#
loop_
_chem_comp.id
_chem_comp.type
_chem_comp.name
_chem_comp.formula
NAD non-polymer NICOTINAMIDE-ADENINE-DINUCLEOTIDE 'C21 H27 N7 O14 P2'
#
# COMPACT_ATOMS: atom_id res chain seq x y z
N LEU A 22 -8.31 8.12 33.96
CA LEU A 22 -9.45 7.25 34.21
C LEU A 22 -9.01 5.93 34.82
N ASP A 23 -9.95 5.00 34.95
CA ASP A 23 -9.62 3.68 35.46
C ASP A 23 -8.73 2.94 34.47
N ASN A 24 -7.93 2.02 34.99
CA ASN A 24 -7.00 1.29 34.13
C ASN A 24 -7.73 0.48 33.07
N ASN A 25 -8.82 -0.18 33.46
CA ASN A 25 -9.55 -1.01 32.49
C ASN A 25 -10.16 -0.15 31.39
N VAL A 26 -10.65 1.04 31.73
CA VAL A 26 -11.18 1.93 30.69
C VAL A 26 -10.09 2.35 29.73
N VAL A 27 -8.89 2.65 30.25
CA VAL A 27 -7.79 3.02 29.38
C VAL A 27 -7.38 1.85 28.49
N GLU A 28 -7.41 0.63 29.04
CA GLU A 28 -7.10 -0.54 28.22
C GLU A 28 -8.13 -0.72 27.11
N CYS A 29 -9.41 -0.51 27.43
CA CYS A 29 -10.44 -0.57 26.40
C CYS A 29 -10.20 0.49 25.34
N ILE A 30 -9.82 1.70 25.75
CA ILE A 30 -9.54 2.77 24.79
C ILE A 30 -8.37 2.38 23.90
N LYS A 31 -7.31 1.82 24.49
CA LYS A 31 -6.15 1.41 23.71
C LYS A 31 -6.52 0.34 22.70
N GLU A 32 -7.29 -0.66 23.11
CA GLU A 32 -7.70 -1.71 22.19
C GLU A 32 -8.56 -1.15 21.06
N ILE A 33 -9.50 -0.27 21.40
CA ILE A 33 -10.38 0.30 20.39
C ILE A 33 -9.57 1.11 19.39
N THR A 34 -8.64 1.93 19.87
CA THR A 34 -7.85 2.76 18.98
C THR A 34 -6.92 1.92 18.11
N GLU A 35 -6.34 0.86 18.68
CA GLU A 35 -5.50 -0.03 17.89
C GLU A 35 -6.32 -0.69 16.79
N SER A 36 -7.53 -1.14 17.10
CA SER A 36 -8.39 -1.73 16.09
C SER A 36 -8.75 -0.71 15.02
N SER A 37 -9.06 0.52 15.42
CA SER A 37 -9.40 1.56 14.45
C SER A 37 -8.22 1.82 13.52
N ARG A 38 -7.00 1.86 14.07
CA ARG A 38 -5.83 2.06 13.23
C ARG A 38 -5.63 0.88 12.28
N ASN A 39 -5.83 -0.34 12.76
CA ASN A 39 -5.66 -1.53 11.94
C ASN A 39 -6.79 -1.74 10.96
N GLY A 40 -7.84 -0.93 11.01
CA GLY A 40 -8.98 -1.12 10.13
C GLY A 40 -9.87 -2.28 10.49
N LYS A 41 -9.81 -2.74 11.74
CA LYS A 41 -10.61 -3.86 12.22
C LYS A 41 -11.56 -3.43 13.34
N LEU A 42 -12.14 -2.25 13.21
CA LEU A 42 -13.09 -1.73 14.18
C LEU A 42 -14.46 -1.69 13.55
N VAL A 43 -15.42 -2.39 14.17
CA VAL A 43 -16.81 -2.39 13.74
C VAL A 43 -17.63 -1.72 14.81
N PHE A 44 -18.57 -0.88 14.40
CA PHE A 44 -19.44 -0.15 15.32
C PHE A 44 -20.84 -0.71 15.24
N PHE A 45 -21.36 -1.16 16.38
CA PHE A 45 -22.73 -1.67 16.48
C PHE A 45 -23.57 -0.56 17.09
N VAL A 46 -24.20 0.23 16.23
CA VAL A 46 -24.92 1.43 16.64
C VAL A 46 -26.37 1.08 16.86
N GLY A 47 -26.86 1.30 18.08
CA GLY A 47 -28.23 0.99 18.45
C GLY A 47 -29.17 2.14 18.19
N ALA A 48 -30.35 2.06 18.82
CA ALA A 48 -31.36 3.09 18.67
C ALA A 48 -31.06 4.34 19.48
N GLY A 49 -30.20 4.24 20.49
CA GLY A 49 -29.90 5.41 21.30
C GLY A 49 -29.23 6.52 20.50
N VAL A 50 -28.30 6.16 19.63
CA VAL A 50 -27.64 7.15 18.80
C VAL A 50 -28.65 7.84 17.88
N SER A 51 -29.54 7.07 17.28
CA SER A 51 -30.58 7.66 16.42
C SER A 51 -31.47 8.59 17.22
N THR A 52 -31.90 8.16 18.41
CA THR A 52 -32.73 9.03 19.24
C THR A 52 -31.98 10.29 19.64
N LEU A 53 -30.65 10.20 19.74
CA LEU A 53 -29.85 11.39 20.04
C LEU A 53 -30.13 12.49 19.03
N SER A 54 -30.48 12.13 17.80
CA SER A 54 -30.90 13.09 16.79
C SER A 54 -32.40 13.34 16.82
N ASP A 55 -33.04 13.13 17.97
CA ASP A 55 -34.46 13.33 18.18
C ASP A 55 -35.31 12.36 17.36
N TYR A 56 -34.71 11.32 16.81
CA TYR A 56 -35.48 10.33 16.06
C TYR A 56 -36.48 9.65 16.98
N PRO A 57 -37.70 9.40 16.52
CA PRO A 57 -38.73 8.85 17.42
C PRO A 57 -38.33 7.48 17.95
N GLN A 58 -38.25 7.37 19.27
CA GLN A 58 -37.96 6.09 19.89
C GLN A 58 -39.09 5.10 19.64
N TRP A 59 -38.76 3.81 19.72
CA TRP A 59 -39.76 2.79 19.42
C TRP A 59 -40.92 2.83 20.40
N TRP A 60 -40.64 3.20 21.65
CA TRP A 60 -41.73 3.22 22.64
C TRP A 60 -42.82 4.19 22.23
N ARG A 61 -42.48 5.23 21.47
CA ARG A 61 -43.53 6.11 20.94
C ARG A 61 -44.45 5.34 19.99
N LEU A 62 -43.87 4.55 19.09
CA LEU A 62 -44.69 3.76 18.17
C LEU A 62 -45.52 2.75 18.94
N VAL A 63 -44.94 2.11 19.94
CA VAL A 63 -45.67 1.11 20.72
C VAL A 63 -46.82 1.76 21.47
N ASP A 64 -46.59 2.95 22.04
CA ASP A 64 -47.65 3.64 22.74
C ASP A 64 -48.75 4.08 21.78
N LYS A 65 -48.38 4.50 20.57
CA LYS A 65 -49.39 4.85 19.57
C LYS A 65 -50.22 3.64 19.20
N TYR A 66 -49.58 2.49 19.01
CA TYR A 66 -50.31 1.26 18.71
C TYR A 66 -51.24 0.88 19.85
N HIS A 67 -50.76 1.03 21.10
CA HIS A 67 -51.60 0.73 22.25
C HIS A 67 -52.78 1.68 22.35
N GLU A 68 -52.56 2.96 22.08
CA GLU A 68 -53.64 3.94 22.13
C GLU A 68 -54.67 3.68 21.04
N GLU A 69 -54.22 3.24 19.86
CA GLU A 69 -55.16 2.89 18.81
C GLU A 69 -55.92 1.62 19.14
N LEU A 70 -55.23 0.62 19.70
CA LEU A 70 -55.87 -0.65 20.01
C LEU A 70 -56.83 -0.53 21.18
N TYR A 71 -56.42 0.17 22.23
CA TYR A 71 -57.19 0.31 23.45
C TYR A 71 -57.55 1.79 23.66
N GLY A 72 -58.10 2.09 24.83
CA GLY A 72 -58.50 3.46 25.11
C GLY A 72 -57.33 4.43 25.02
N SER A 73 -56.23 4.09 25.68
CA SER A 73 -55.05 4.95 25.69
C SER A 73 -53.93 4.21 26.43
N PRO A 74 -52.69 4.70 26.32
CA PRO A 74 -51.52 4.09 26.97
C PRO A 74 -51.74 3.85 28.46
N TYR A 79 -43.20 0.50 28.35
CA TYR A 79 -43.70 -0.80 27.89
C TYR A 79 -42.66 -1.89 28.09
N SER A 80 -43.10 -3.03 28.59
CA SER A 80 -42.20 -4.13 28.87
C SER A 80 -41.44 -4.55 27.61
N SER A 81 -40.38 -5.31 27.80
CA SER A 81 -39.58 -5.76 26.66
C SER A 81 -40.41 -6.65 25.74
N ASP A 82 -41.22 -7.54 26.31
CA ASP A 82 -42.06 -8.40 25.48
C ASP A 82 -43.21 -7.62 24.87
N GLU A 83 -43.75 -6.64 25.60
CA GLU A 83 -44.80 -5.79 25.03
C GLU A 83 -44.30 -5.04 23.80
N TYR A 84 -43.01 -4.69 23.80
CA TYR A 84 -42.41 -4.01 22.64
C TYR A 84 -42.72 -4.76 21.35
N LEU A 85 -42.61 -6.09 21.38
CA LEU A 85 -42.89 -6.90 20.21
C LEU A 85 -44.34 -7.32 20.12
N ARG A 86 -45.05 -7.42 21.25
CA ARG A 86 -46.41 -7.92 21.23
C ARG A 86 -47.40 -6.88 20.73
N ILE A 87 -47.36 -5.66 21.28
CA ILE A 87 -48.32 -4.63 20.87
C ILE A 87 -48.25 -4.38 19.38
N PRO A 88 -47.09 -4.18 18.76
CA PRO A 88 -47.06 -4.11 17.30
C PRO A 88 -47.64 -5.34 16.63
N GLN A 89 -47.38 -6.53 17.19
CA GLN A 89 -47.93 -7.75 16.60
C GLN A 89 -49.44 -7.80 16.70
N ILE A 90 -49.98 -7.43 17.86
CA ILE A 90 -51.44 -7.41 18.02
C ILE A 90 -52.07 -6.40 17.08
N PHE A 91 -51.47 -5.21 17.00
CA PHE A 91 -52.00 -4.20 16.08
C PHE A 91 -51.96 -4.70 14.65
N TYR A 92 -50.86 -5.33 14.25
CA TYR A 92 -50.81 -5.94 12.93
C TYR A 92 -51.97 -6.89 12.72
N ASN A 93 -52.01 -7.97 13.52
CA ASN A 93 -53.00 -9.01 13.31
C ASN A 93 -54.41 -8.46 13.28
N VAL A 94 -54.70 -7.42 14.07
CA VAL A 94 -56.06 -6.92 14.18
C VAL A 94 -56.35 -5.89 13.09
N LYS A 95 -55.62 -4.79 13.08
CA LYS A 95 -55.93 -3.65 12.23
C LYS A 95 -55.36 -3.76 10.82
N GLY A 96 -54.65 -4.83 10.49
CA GLY A 96 -54.23 -4.95 9.11
C GLY A 96 -52.80 -4.47 8.89
N GLU A 97 -52.13 -5.12 7.93
CA GLU A 97 -50.83 -4.66 7.50
C GLU A 97 -50.90 -3.23 6.98
N MET A 98 -52.02 -2.86 6.35
CA MET A 98 -52.15 -1.50 5.84
C MET A 98 -52.13 -0.48 6.98
N ALA A 99 -52.87 -0.76 8.06
CA ALA A 99 -52.88 0.16 9.19
C ALA A 99 -51.53 0.22 9.89
N PHE A 100 -50.92 -0.95 10.12
CA PHE A 100 -49.59 -0.97 10.73
C PHE A 100 -48.60 -0.16 9.90
N ASP A 101 -48.62 -0.40 8.58
CA ASP A 101 -47.72 0.31 7.67
C ASP A 101 -47.98 1.80 7.67
N GLY A 102 -49.25 2.21 7.68
CA GLY A 102 -49.57 3.62 7.67
C GLY A 102 -49.08 4.32 8.93
N ILE A 103 -49.27 3.68 10.09
CA ILE A 103 -48.75 4.26 11.33
C ILE A 103 -47.24 4.41 11.22
N LEU A 104 -46.55 3.35 10.78
CA LEU A 104 -45.09 3.43 10.65
C LEU A 104 -44.69 4.55 9.71
N LYS A 105 -45.37 4.69 8.58
CA LYS A 105 -45.00 5.69 7.59
C LYS A 105 -45.18 7.10 8.14
N ASP A 106 -46.36 7.37 8.73
CA ASP A 106 -46.59 8.72 9.24
C ASP A 106 -45.69 9.03 10.42
N PHE A 107 -45.25 8.01 11.15
CA PHE A 107 -44.43 8.25 12.35
C PHE A 107 -42.95 8.35 12.00
N PHE A 108 -42.52 7.73 10.90
CA PHE A 108 -41.10 7.62 10.56
C PHE A 108 -40.69 8.39 9.33
N GLN A 109 -41.63 8.82 8.49
CA GLN A 109 -41.31 9.57 7.28
C GLN A 109 -40.99 11.03 7.62
N VAL A 110 -40.04 11.19 8.52
CA VAL A 110 -39.63 12.50 9.00
C VAL A 110 -38.11 12.61 8.89
N ASP A 111 -37.64 13.65 8.20
CA ASP A 111 -36.21 13.88 8.09
C ASP A 111 -35.66 14.40 9.40
N LYS A 112 -34.47 13.93 9.77
CA LYS A 112 -33.80 14.36 10.98
C LYS A 112 -32.34 14.66 10.69
N PRO A 113 -31.70 15.50 11.49
CA PRO A 113 -30.30 15.82 11.29
C PRO A 113 -29.40 14.68 11.77
N THR A 114 -28.14 14.76 11.37
CA THR A 114 -27.12 13.79 11.80
C THR A 114 -26.36 14.35 12.99
N ASN A 115 -26.24 13.55 14.04
CA ASN A 115 -25.63 14.01 15.27
C ASN A 115 -24.13 14.19 15.10
N PRO A 116 -23.50 14.96 15.99
CA PRO A 116 -22.04 14.94 16.06
C PRO A 116 -21.50 13.58 16.45
N ILE A 117 -22.32 12.72 17.05
CA ILE A 117 -21.86 11.39 17.43
C ILE A 117 -21.82 10.45 16.23
N HIS A 118 -22.73 10.61 15.28
CA HIS A 118 -22.57 9.90 14.01
C HIS A 118 -21.24 10.24 13.37
N ASP A 119 -20.88 11.53 13.35
CA ASP A 119 -19.62 11.95 12.77
C ASP A 119 -18.44 11.46 13.57
N LYS A 120 -18.56 11.40 14.91
CA LYS A 120 -17.50 10.82 15.72
C LYS A 120 -17.30 9.34 15.40
N ILE A 121 -18.39 8.60 15.25
CA ILE A 121 -18.31 7.19 14.90
C ILE A 121 -17.62 7.02 13.55
N LEU A 122 -18.02 7.84 12.57
CA LEU A 122 -17.36 7.78 11.26
C LEU A 122 -15.88 8.14 11.36
N ALA A 123 -15.55 9.18 12.14
CA ALA A 123 -14.17 9.59 12.31
C ALA A 123 -13.34 8.54 13.03
N MET A 124 -13.99 7.61 13.73
CA MET A 124 -13.24 6.49 14.29
C MET A 124 -12.73 5.55 13.21
N ASN A 125 -13.16 5.73 11.96
CA ASN A 125 -12.74 4.91 10.84
C ASN A 125 -13.11 3.45 11.07
N PRO A 126 -14.39 3.14 11.20
CA PRO A 126 -14.78 1.74 11.40
C PRO A 126 -14.73 0.95 10.10
N ALA A 127 -14.29 -0.30 10.21
CA ALA A 127 -14.32 -1.19 9.05
C ALA A 127 -15.75 -1.42 8.59
N HIS A 128 -16.65 -1.68 9.55
CA HIS A 128 -18.07 -1.84 9.25
C HIS A 128 -18.89 -1.15 10.32
N VAL A 129 -20.12 -0.81 9.97
CA VAL A 129 -21.07 -0.22 10.90
C VAL A 129 -22.35 -1.06 10.82
N ILE A 130 -22.53 -1.94 11.79
CA ILE A 130 -23.78 -2.68 11.94
C ILE A 130 -24.72 -1.83 12.78
N THR A 131 -26.00 -1.87 12.45
CA THR A 131 -26.96 -1.04 13.18
C THR A 131 -28.33 -1.68 13.12
N THR A 132 -29.06 -1.56 14.22
CA THR A 132 -30.45 -2.02 14.30
C THR A 132 -31.44 -0.88 14.06
N ASN A 133 -30.98 0.22 13.46
CA ASN A 133 -31.83 1.38 13.21
C ASN A 133 -32.40 1.31 11.80
N TYR A 134 -33.66 1.71 11.66
CA TYR A 134 -34.32 1.76 10.36
C TYR A 134 -34.11 3.09 9.65
N ASP A 135 -33.54 4.08 10.32
CA ASP A 135 -33.37 5.40 9.73
C ASP A 135 -32.14 5.43 8.84
N ASN A 136 -32.00 6.54 8.10
CA ASN A 136 -30.84 6.77 7.25
C ASN A 136 -29.86 7.75 7.88
N LEU A 137 -29.99 8.04 9.16
CA LEU A 137 -29.10 9.01 9.80
C LEU A 137 -27.64 8.58 9.68
N ILE A 138 -27.37 7.30 9.89
CA ILE A 138 -26.01 6.80 9.64
C ILE A 138 -25.70 6.84 8.16
N ASP A 139 -26.68 6.54 7.31
CA ASP A 139 -26.48 6.65 5.87
C ASP A 139 -26.16 8.08 5.49
N THR A 140 -26.93 9.03 6.02
CA THR A 140 -26.70 10.44 5.71
C THR A 140 -25.35 10.92 6.21
N ALA A 141 -24.95 10.47 7.40
CA ALA A 141 -23.64 10.85 7.93
C ALA A 141 -22.52 10.28 7.07
N CYS A 142 -22.65 9.03 6.63
CA CYS A 142 -21.63 8.45 5.75
C CYS A 142 -21.56 9.20 4.44
N TRP A 143 -22.71 9.54 3.87
CA TRP A 143 -22.73 10.28 2.62
C TRP A 143 -22.12 11.67 2.78
N LYS A 144 -22.42 12.34 3.89
CA LYS A 144 -21.90 13.68 4.12
C LYS A 144 -20.39 13.65 4.40
N ARG A 145 -19.96 12.76 5.28
CA ARG A 145 -18.55 12.65 5.66
C ARG A 145 -17.68 12.14 4.53
N GLY A 146 -18.23 11.90 3.35
CA GLY A 146 -17.43 11.36 2.26
C GLY A 146 -16.93 9.96 2.54
N LYS A 147 -17.77 9.12 3.13
CA LYS A 147 -17.45 7.72 3.39
C LYS A 147 -18.38 6.85 2.56
N TYR A 148 -17.79 5.96 1.76
CA TYR A 148 -18.56 5.07 0.89
C TYR A 148 -18.74 3.74 1.60
N PHE A 149 -19.98 3.44 2.00
CA PHE A 149 -20.36 2.16 2.56
C PHE A 149 -21.43 1.54 1.68
N SER A 150 -21.26 0.26 1.38
CA SER A 150 -22.31 -0.49 0.70
C SER A 150 -23.39 -0.81 1.72
N VAL A 151 -24.59 -0.29 1.51
CA VAL A 151 -25.66 -0.44 2.49
C VAL A 151 -26.34 -1.78 2.27
N ILE A 152 -26.37 -2.60 3.32
CA ILE A 152 -26.99 -3.92 3.28
C ILE A 152 -28.17 -3.86 4.24
N SER A 153 -29.37 -3.67 3.71
CA SER A 153 -30.58 -3.64 4.51
C SER A 153 -31.57 -4.74 4.17
N ALA A 154 -31.32 -5.51 3.12
CA ALA A 154 -32.20 -6.59 2.70
C ALA A 154 -31.35 -7.82 2.40
N GLU A 155 -32.03 -8.90 2.00
CA GLU A 155 -31.31 -10.14 1.69
C GLU A 155 -30.56 -10.02 0.38
N GLU A 156 -31.16 -9.38 -0.62
CA GLU A 156 -30.51 -9.25 -1.92
C GLU A 156 -29.29 -8.34 -1.87
N ASP A 157 -29.22 -7.42 -0.90
CA ASP A 157 -28.09 -6.50 -0.83
C ASP A 157 -26.79 -7.20 -0.49
N VAL A 158 -26.83 -8.38 0.11
CA VAL A 158 -25.61 -9.04 0.54
C VAL A 158 -24.76 -9.43 -0.66
N ALA A 159 -25.38 -10.05 -1.65
CA ALA A 159 -24.63 -10.48 -2.83
C ALA A 159 -24.28 -9.30 -3.73
N ASN A 160 -25.09 -8.25 -3.71
CA ASN A 160 -24.90 -7.08 -4.56
C ASN A 160 -23.99 -6.03 -3.96
N ALA A 161 -23.40 -6.30 -2.79
CA ALA A 161 -22.51 -5.34 -2.15
C ALA A 161 -21.42 -4.90 -3.13
N THR A 162 -21.43 -3.62 -3.47
CA THR A 162 -20.48 -3.07 -4.44
C THR A 162 -19.13 -2.75 -3.83
N SER A 163 -18.99 -2.83 -2.50
CA SER A 163 -17.74 -2.51 -1.82
C SER A 163 -17.48 -3.56 -0.76
N SER A 164 -16.29 -3.51 -0.17
CA SER A 164 -15.88 -4.46 0.85
C SER A 164 -16.15 -3.96 2.27
N ARG A 165 -16.66 -2.76 2.43
CA ARG A 165 -17.06 -2.21 3.73
C ARG A 165 -18.57 -2.07 3.74
N TYR A 166 -19.22 -2.68 4.72
CA TYR A 166 -20.66 -2.79 4.76
C TYR A 166 -21.24 -1.86 5.82
N LEU A 167 -22.35 -1.21 5.47
CA LEU A 167 -23.21 -0.56 6.45
C LEU A 167 -24.42 -1.48 6.59
N LEU A 168 -24.38 -2.32 7.62
CA LEU A 168 -25.31 -3.44 7.74
C LEU A 168 -26.45 -3.05 8.66
N LYS A 169 -27.63 -2.84 8.09
CA LYS A 169 -28.85 -2.60 8.87
C LYS A 169 -29.49 -3.96 9.10
N VAL A 170 -29.17 -4.57 10.24
CA VAL A 170 -29.59 -5.95 10.49
C VAL A 170 -31.11 -6.05 10.55
N HIS A 171 -31.78 -5.00 11.01
CA HIS A 171 -33.23 -4.99 11.14
C HIS A 171 -33.91 -4.32 9.96
N GLY A 172 -33.23 -4.18 8.84
CA GLY A 172 -33.80 -3.57 7.66
C GLY A 172 -33.86 -2.06 7.77
N ASP A 173 -34.55 -1.46 6.81
CA ASP A 173 -34.79 -0.02 6.79
C ASP A 173 -35.89 0.25 5.78
N PHE A 174 -36.15 1.54 5.53
CA PHE A 174 -37.25 1.96 4.68
C PHE A 174 -36.79 2.48 3.33
N ARG A 175 -35.58 2.11 2.89
CA ARG A 175 -35.09 2.56 1.59
C ARG A 175 -36.00 2.08 0.47
N LYS A 176 -36.40 0.81 0.51
CA LYS A 176 -37.36 0.32 -0.48
C LYS A 176 -38.69 1.02 -0.35
N GLY A 177 -39.13 1.26 0.89
CA GLY A 177 -40.36 1.96 1.15
C GLY A 177 -40.69 1.91 2.63
N PHE A 178 -41.57 2.79 3.10
CA PHE A 178 -41.89 2.82 4.51
C PHE A 178 -42.92 1.75 4.83
N LYS A 179 -42.63 0.51 4.45
CA LYS A 179 -43.52 -0.63 4.65
C LYS A 179 -43.08 -1.43 5.87
N GLY A 180 -44.04 -2.07 6.52
CA GLY A 180 -43.75 -2.87 7.69
C GLY A 180 -43.06 -4.18 7.40
N GLU A 181 -43.02 -4.60 6.14
CA GLU A 181 -42.34 -5.83 5.77
C GLU A 181 -40.86 -5.62 5.44
N ASN A 182 -40.41 -4.36 5.38
CA ASN A 182 -39.02 -4.05 5.11
C ASN A 182 -38.16 -3.94 6.37
N VAL A 183 -38.78 -3.98 7.55
CA VAL A 183 -38.07 -3.79 8.81
C VAL A 183 -38.55 -4.83 9.82
N VAL A 184 -37.75 -5.00 10.88
CA VAL A 184 -38.05 -5.97 11.93
C VAL A 184 -38.58 -5.24 13.15
N LEU A 185 -39.90 -5.16 13.26
CA LEU A 185 -40.56 -4.47 14.38
C LEU A 185 -41.45 -5.39 15.18
N LYS A 186 -42.34 -6.14 14.52
CA LYS A 186 -43.29 -6.97 15.22
C LYS A 186 -42.60 -8.19 15.84
N GLU A 187 -43.30 -8.84 16.76
CA GLU A 187 -42.74 -10.01 17.42
C GLU A 187 -42.48 -11.14 16.43
N ASP A 188 -43.36 -11.30 15.45
CA ASP A 188 -43.15 -12.34 14.44
C ASP A 188 -41.85 -12.10 13.68
N ASP A 189 -41.51 -10.84 13.43
CA ASP A 189 -40.26 -10.53 12.73
C ASP A 189 -39.06 -11.03 13.51
N TYR A 190 -39.05 -10.81 14.83
CA TYR A 190 -37.94 -11.30 15.65
C TYR A 190 -37.94 -12.82 15.75
N LEU A 191 -39.13 -13.42 15.80
CA LEU A 191 -39.21 -14.87 15.91
C LEU A 191 -38.61 -15.55 14.68
N ASN A 192 -38.90 -15.03 13.49
CA ASN A 192 -38.45 -15.63 12.25
C ASN A 192 -37.26 -14.90 11.63
N TYR A 193 -36.51 -14.14 12.43
CA TYR A 193 -35.40 -13.38 11.88
C TYR A 193 -34.35 -14.30 11.28
N ASP A 194 -33.94 -15.32 12.03
CA ASP A 194 -32.90 -16.22 11.53
C ASP A 194 -33.33 -16.93 10.25
N GLN A 195 -34.64 -17.04 10.02
CA GLN A 195 -35.17 -17.67 8.82
C GLN A 195 -35.45 -16.67 7.71
N ASN A 196 -35.80 -15.44 8.05
CA ASN A 196 -36.08 -14.41 7.04
C ASN A 196 -34.85 -13.64 6.64
N TYR A 197 -33.84 -13.57 7.50
CA TYR A 197 -32.59 -12.85 7.20
C TYR A 197 -31.42 -13.77 7.48
N PRO A 198 -31.30 -14.88 6.75
CA PRO A 198 -30.16 -15.78 6.97
C PRO A 198 -28.85 -15.16 6.52
N LEU A 199 -28.85 -14.55 5.33
CA LEU A 199 -27.64 -13.94 4.81
C LEU A 199 -27.19 -12.79 5.69
N ILE A 200 -28.11 -11.91 6.08
CA ILE A 200 -27.76 -10.75 6.89
C ILE A 200 -27.31 -11.19 8.28
N SER A 201 -28.00 -12.16 8.87
CA SER A 201 -27.60 -12.64 10.19
C SER A 201 -26.22 -13.29 10.15
N ASN A 202 -25.95 -14.09 9.12
CA ASN A 202 -24.63 -14.70 8.98
C ASN A 202 -23.57 -13.64 8.79
N LEU A 203 -23.85 -12.63 7.97
CA LEU A 203 -22.89 -11.55 7.78
C LEU A 203 -22.60 -10.83 9.08
N MET A 204 -23.64 -10.54 9.87
CA MET A 204 -23.42 -9.88 11.15
C MET A 204 -22.56 -10.73 12.07
N LYS A 205 -22.85 -12.04 12.15
CA LYS A 205 -22.07 -12.90 13.02
C LYS A 205 -20.63 -13.00 12.56
N THR A 206 -20.40 -13.07 11.25
CA THR A 206 -19.04 -13.12 10.74
C THR A 206 -18.28 -11.83 11.04
N ILE A 207 -18.93 -10.68 10.87
CA ILE A 207 -18.29 -9.40 11.16
C ILE A 207 -17.96 -9.31 12.65
N ILE A 208 -18.87 -9.79 13.50
CA ILE A 208 -18.60 -9.81 14.93
C ILE A 208 -17.40 -10.69 15.24
N ALA A 209 -17.34 -11.88 14.63
CA ALA A 209 -16.26 -12.81 14.91
C ALA A 209 -14.90 -12.26 14.46
N THR A 210 -14.87 -11.63 13.29
CA THR A 210 -13.60 -11.24 12.67
C THR A 210 -13.23 -9.78 12.90
N HIS A 211 -13.95 -9.07 13.76
CA HIS A 211 -13.69 -7.65 13.97
C HIS A 211 -13.76 -7.34 15.46
N THR A 212 -13.39 -6.10 15.79
CA THR A 212 -13.56 -5.57 17.14
C THR A 212 -14.86 -4.78 17.17
N ILE A 213 -15.77 -5.17 18.04
CA ILE A 213 -17.13 -4.64 18.07
C ILE A 213 -17.28 -3.68 19.23
N VAL A 214 -17.82 -2.51 18.95
CA VAL A 214 -18.14 -1.51 19.97
C VAL A 214 -19.63 -1.24 19.89
N PHE A 215 -20.34 -1.47 20.99
CA PHE A 215 -21.78 -1.24 21.05
C PHE A 215 -22.04 0.16 21.60
N ILE A 216 -22.81 0.94 20.86
CA ILE A 216 -23.18 2.28 21.27
C ILE A 216 -24.64 2.51 20.96
N GLY A 217 -25.36 3.13 21.89
CA GLY A 217 -26.78 3.35 21.74
C GLY A 217 -27.65 2.19 22.16
N TYR A 218 -27.10 1.24 22.90
CA TYR A 218 -27.83 0.06 23.34
C TYR A 218 -27.91 0.03 24.85
N GLY A 219 -29.06 -0.39 25.37
CA GLY A 219 -29.17 -0.71 26.77
C GLY A 219 -28.60 -2.09 27.06
N LEU A 220 -28.03 -2.24 28.24
CA LEU A 220 -27.42 -3.52 28.59
C LEU A 220 -28.46 -4.63 28.65
N GLY A 221 -29.70 -4.29 28.95
CA GLY A 221 -30.78 -5.26 28.95
C GLY A 221 -31.52 -5.32 27.63
N ASP A 222 -30.88 -4.79 26.58
CA ASP A 222 -31.51 -4.74 25.27
C ASP A 222 -31.76 -6.14 24.72
N TYR A 223 -32.81 -6.26 23.90
CA TYR A 223 -33.14 -7.55 23.30
C TYR A 223 -32.03 -8.02 22.39
N ASN A 224 -31.59 -7.17 21.47
CA ASN A 224 -30.57 -7.57 20.49
C ASN A 224 -29.25 -7.88 21.18
N ILE A 225 -28.87 -7.07 22.17
CA ILE A 225 -27.61 -7.31 22.87
C ILE A 225 -27.62 -8.66 23.57
N ASN A 226 -28.73 -8.98 24.23
CA ASN A 226 -28.80 -10.26 24.94
C ASN A 226 -28.91 -11.43 23.97
N MET A 227 -29.57 -11.25 22.83
CA MET A 227 -29.57 -12.31 21.82
C MET A 227 -28.14 -12.56 21.31
N LEU A 228 -27.39 -11.50 21.07
CA LEU A 228 -26.00 -11.65 20.64
C LEU A 228 -25.17 -12.33 21.72
N LEU A 229 -25.41 -11.98 22.98
CA LEU A 229 -24.69 -12.64 24.07
C LEU A 229 -25.03 -14.11 24.14
N ASN A 230 -26.31 -14.46 23.94
CA ASN A 230 -26.70 -15.86 23.91
C ASN A 230 -25.99 -16.60 22.77
N TRP A 231 -25.89 -15.96 21.61
CA TRP A 231 -25.16 -16.58 20.51
C TRP A 231 -23.70 -16.79 20.88
N VAL A 232 -23.07 -15.76 21.47
CA VAL A 232 -21.66 -15.85 21.86
C VAL A 232 -21.45 -16.94 22.89
N ARG A 233 -22.47 -17.21 23.71
CA ARG A 233 -22.35 -18.26 24.71
C ARG A 233 -21.96 -19.60 24.09
N LYS A 234 -22.45 -19.87 22.87
CA LYS A 234 -22.20 -21.14 22.21
C LYS A 234 -20.81 -21.25 21.59
N LEU A 235 -20.09 -20.14 21.46
CA LEU A 235 -18.78 -20.16 20.84
C LEU A 235 -17.76 -20.82 21.76
N GLN A 236 -16.58 -21.09 21.22
CA GLN A 236 -15.49 -21.63 22.02
C GLN A 236 -15.13 -20.64 23.12
N LYS A 237 -14.43 -21.16 24.14
CA LYS A 237 -14.20 -20.36 25.34
C LYS A 237 -13.37 -19.12 25.03
N ASP A 238 -12.33 -19.25 24.21
CA ASP A 238 -11.44 -18.14 23.89
C ASP A 238 -11.30 -17.95 22.38
N SER A 239 -12.36 -18.23 21.63
CA SER A 239 -12.33 -18.14 20.18
C SER A 239 -12.80 -16.80 19.65
N PHE A 240 -13.14 -15.85 20.51
CA PHE A 240 -13.69 -14.58 20.08
C PHE A 240 -13.18 -13.47 20.99
N HIS A 241 -13.24 -12.25 20.48
CA HIS A 241 -12.85 -11.07 21.25
C HIS A 241 -14.09 -10.48 21.91
N LYS A 242 -13.97 -10.15 23.19
CA LYS A 242 -15.09 -9.57 23.93
C LYS A 242 -15.48 -8.24 23.30
N PRO A 243 -16.72 -8.06 22.88
CA PRO A 243 -17.14 -6.76 22.34
C PRO A 243 -17.11 -5.68 23.40
N PHE A 244 -16.81 -4.46 22.97
CA PHE A 244 -16.84 -3.30 23.84
C PHE A 244 -18.24 -2.70 23.83
N PHE A 245 -18.75 -2.40 25.02
CA PHE A 245 -20.11 -1.89 25.18
C PHE A 245 -20.03 -0.49 25.77
N ILE A 246 -20.40 0.51 24.99
CA ILE A 246 -20.40 1.90 25.46
C ILE A 246 -21.75 2.13 26.14
N ARG A 247 -21.76 2.09 27.47
CA ARG A 247 -22.98 2.27 28.24
C ARG A 247 -23.13 3.74 28.61
N THR A 248 -24.23 4.35 28.18
CA THR A 248 -24.47 5.77 28.38
C THR A 248 -25.79 6.03 29.08
N ASP A 249 -26.08 5.24 30.10
CA ASP A 249 -27.26 5.49 30.91
C ASP A 249 -26.93 6.51 31.99
N PRO A 250 -27.94 7.24 32.48
CA PRO A 250 -27.65 8.33 33.42
C PRO A 250 -26.94 7.88 34.69
N SER A 251 -27.25 6.71 35.19
CA SER A 251 -26.61 6.38 36.45
C SER A 251 -25.50 5.34 36.24
N PRO A 252 -24.49 5.35 37.09
CA PRO A 252 -23.41 4.37 36.96
C PRO A 252 -23.93 2.95 37.09
N ILE A 253 -23.31 2.03 36.36
CA ILE A 253 -23.72 0.64 36.39
C ILE A 253 -23.42 0.06 37.76
N GLU A 254 -24.39 -0.68 38.31
CA GLU A 254 -24.18 -1.37 39.57
C GLU A 254 -23.09 -2.42 39.40
N ASN A 255 -22.27 -2.58 40.44
CA ASN A 255 -21.17 -3.54 40.34
C ASN A 255 -21.67 -4.95 40.06
N GLU A 256 -22.83 -5.32 40.58
CA GLU A 256 -23.38 -6.64 40.31
C GLU A 256 -23.72 -6.80 38.83
N THR A 257 -24.36 -5.79 38.24
CA THR A 257 -24.70 -5.85 36.82
C THR A 257 -23.45 -5.90 35.96
N LEU A 258 -22.44 -5.09 36.32
CA LEU A 258 -21.20 -5.09 35.56
C LEU A 258 -20.50 -6.44 35.66
N ILE A 259 -20.49 -7.04 36.85
CA ILE A 259 -19.91 -8.37 37.01
C ILE A 259 -20.64 -9.37 36.14
N TYR A 260 -21.98 -9.31 36.15
CA TYR A 260 -22.76 -10.27 35.38
C TYR A 260 -22.53 -10.14 33.89
N TYR A 261 -22.50 -8.90 33.37
CA TYR A 261 -22.43 -8.71 31.93
C TYR A 261 -21.01 -8.80 31.40
N GLU A 262 -20.01 -8.49 32.22
CA GLU A 262 -18.63 -8.63 31.76
C GLU A 262 -18.22 -10.10 31.73
N ASN A 263 -18.77 -10.92 32.63
CA ASN A 263 -18.54 -12.36 32.55
C ASN A 263 -19.26 -13.00 31.38
N LYS A 264 -20.15 -12.28 30.71
CA LYS A 264 -20.88 -12.78 29.56
C LYS A 264 -20.20 -12.44 28.24
N GLY A 265 -19.02 -11.84 28.27
CA GLY A 265 -18.28 -11.50 27.07
C GLY A 265 -18.31 -10.05 26.68
N LEU A 266 -18.71 -9.14 27.57
CA LEU A 266 -18.77 -7.73 27.27
C LEU A 266 -17.74 -6.98 28.12
N ARG A 267 -17.01 -6.06 27.49
CA ARG A 267 -16.12 -5.15 28.18
C ARG A 267 -16.79 -3.78 28.15
N ILE A 268 -17.27 -3.32 29.31
CA ILE A 268 -18.18 -2.20 29.40
C ILE A 268 -17.41 -0.93 29.70
N ILE A 269 -17.56 0.08 28.85
CA ILE A 269 -17.09 1.43 29.09
C ILE A 269 -18.28 2.23 29.58
N ASP A 270 -18.30 2.57 30.86
CA ASP A 270 -19.44 3.25 31.47
C ASP A 270 -19.26 4.76 31.34
N ALA A 271 -20.24 5.42 30.71
CA ALA A 271 -20.15 6.86 30.53
C ALA A 271 -20.44 7.59 31.84
N ALA A 272 -21.39 7.08 32.64
CA ALA A 272 -21.70 7.73 33.91
C ALA A 272 -20.49 7.77 34.82
N SER A 273 -19.74 6.67 34.89
CA SER A 273 -18.47 6.68 35.61
C SER A 273 -17.43 7.51 34.89
N LEU A 274 -17.59 7.75 33.59
CA LEU A 274 -16.61 8.52 32.84
C LEU A 274 -16.59 9.98 33.28
N ILE A 275 -17.77 10.59 33.42
CA ILE A 275 -17.89 11.99 33.77
C ILE A 275 -19.13 12.18 34.64
N ASP A 276 -19.20 13.35 35.26
CA ASP A 276 -20.40 13.74 35.98
C ASP A 276 -21.37 14.41 35.02
N SER A 277 -22.65 14.04 35.13
CA SER A 277 -23.65 14.53 34.19
C SER A 277 -25.01 14.54 34.87
N ASN A 278 -25.98 15.14 34.18
CA ASN A 278 -27.34 15.20 34.67
C ASN A 278 -28.02 13.85 34.40
N GLU A 279 -29.34 13.82 34.55
CA GLU A 279 -30.08 12.58 34.32
C GLU A 279 -30.59 12.44 32.90
N TYR A 280 -30.78 13.55 32.18
CA TYR A 280 -31.37 13.50 30.84
C TYR A 280 -30.54 14.23 29.80
N ASP A 281 -29.24 14.43 30.05
CA ASP A 281 -28.33 14.99 29.07
C ASP A 281 -27.54 13.84 28.45
N TYR A 282 -28.18 13.15 27.51
CA TYR A 282 -27.57 11.97 26.90
C TYR A 282 -26.49 12.32 25.89
N LEU A 283 -26.66 13.44 25.17
CA LEU A 283 -25.67 13.80 24.16
C LEU A 283 -24.32 14.03 24.79
N GLU A 284 -24.28 14.69 25.95
CA GLU A 284 -23.01 14.89 26.65
C GLU A 284 -22.40 13.56 27.04
N ARG A 285 -23.22 12.61 27.50
CA ARG A 285 -22.70 11.31 27.92
C ARG A 285 -22.11 10.54 26.75
N TYR A 286 -22.80 10.55 25.60
CA TYR A 286 -22.23 9.90 24.42
C TYR A 286 -20.96 10.60 23.96
N SER A 287 -20.97 11.94 23.93
CA SER A 287 -19.84 12.70 23.43
C SER A 287 -18.62 12.53 24.32
N ALA A 288 -18.82 12.34 25.62
CA ALA A 288 -17.68 12.10 26.50
C ALA A 288 -16.88 10.91 26.00
N VAL A 289 -17.55 9.76 25.80
CA VAL A 289 -16.85 8.57 25.37
C VAL A 289 -16.32 8.73 23.95
N MET A 290 -17.12 9.32 23.05
CA MET A 290 -16.68 9.46 21.67
C MET A 290 -15.41 10.31 21.57
N ASP A 291 -15.41 11.46 22.26
CA ASP A 291 -14.24 12.33 22.25
C ASP A 291 -13.05 11.67 22.94
N LEU A 292 -13.28 11.05 24.09
CA LEU A 292 -12.19 10.37 24.79
C LEU A 292 -11.56 9.31 23.91
N LEU A 293 -12.36 8.66 23.04
CA LEU A 293 -11.80 7.70 22.10
C LEU A 293 -11.05 8.39 20.97
N ILE A 294 -11.64 9.46 20.40
CA ILE A 294 -11.03 10.10 19.24
C ILE A 294 -9.69 10.74 19.61
N GLU A 295 -9.67 11.54 20.67
CA GLU A 295 -8.45 12.22 21.06
C GLU A 295 -7.35 11.23 21.45
N SER A 296 -7.71 10.02 21.83
CA SER A 296 -6.73 8.98 22.12
C SER A 296 -6.28 8.25 20.86
N GLN A 297 -6.76 8.65 19.70
CA GLN A 297 -6.36 7.99 18.45
C GLN A 297 -4.86 8.11 18.23
N GLU A 298 -4.31 9.30 18.44
CA GLU A 298 -2.89 9.55 18.25
C GLU A 298 -2.10 9.56 19.54
N ASN A 299 -2.74 9.32 20.67
CA ASN A 299 -2.06 9.35 21.96
C ASN A 299 -1.27 8.06 22.15
N LYS A 300 0.04 8.19 22.37
CA LYS A 300 0.86 7.01 22.64
C LYS A 300 0.43 6.31 23.92
N PHE A 301 -0.17 7.06 24.86
CA PHE A 301 -0.59 6.50 26.13
C PHE A 301 0.60 6.00 26.95
N ILE A 302 1.70 6.74 26.88
CA ILE A 302 2.90 6.43 27.64
C ILE A 302 3.25 7.64 28.49
N THR A 303 3.35 7.45 29.79
CA THR A 303 3.78 8.49 30.72
C THR A 303 5.06 8.12 31.46
N LYS A 304 5.12 6.90 32.01
CA LYS A 304 6.33 6.46 32.68
C LYS A 304 7.35 5.97 31.66
N ASP A 305 8.59 5.82 32.12
CA ASP A 305 9.66 5.39 31.23
C ASP A 305 9.45 3.96 30.74
N ASP A 306 8.86 3.10 31.57
CA ASP A 306 8.62 1.72 31.16
C ASP A 306 7.73 1.68 29.93
N GLU A 307 6.66 2.47 29.91
CA GLU A 307 5.75 2.47 28.77
C GLU A 307 6.42 3.04 27.52
N VAL A 308 7.22 4.09 27.69
CA VAL A 308 7.92 4.68 26.54
C VAL A 308 8.89 3.66 25.93
N ILE A 309 9.65 2.97 26.79
CA ILE A 309 10.58 1.97 26.28
C ILE A 309 9.84 0.81 25.65
N ASP A 310 8.69 0.44 26.21
CA ASP A 310 7.88 -0.62 25.61
C ASP A 310 7.42 -0.22 24.21
N TYR A 311 6.95 1.01 24.05
CA TYR A 311 6.53 1.47 22.73
C TYR A 311 7.69 1.50 21.75
N ILE A 312 8.85 2.00 22.19
CA ILE A 312 10.00 2.07 21.31
C ILE A 312 10.45 0.67 20.89
N TYR A 313 10.42 -0.27 21.84
CA TYR A 313 10.75 -1.65 21.50
C TYR A 313 9.74 -2.24 20.53
N GLY A 314 8.46 -1.94 20.73
CA GLY A 314 7.46 -2.40 19.78
C GLY A 314 7.74 -1.88 18.38
N LYS A 315 8.23 -0.65 18.29
CA LYS A 315 8.54 -0.07 16.98
C LYS A 315 9.81 -0.67 16.38
N ILE A 316 10.81 -0.96 17.20
CA ILE A 316 12.15 -1.29 16.71
C ILE A 316 12.44 -2.78 16.64
N SER A 317 11.73 -3.62 17.40
CA SER A 317 12.06 -5.04 17.45
C SER A 317 11.97 -5.72 16.10
N PRO A 318 10.94 -5.49 15.28
CA PRO A 318 10.90 -6.17 13.97
C PRO A 318 12.13 -5.90 13.14
N LEU A 319 12.72 -4.70 13.27
CA LEU A 319 13.92 -4.37 12.50
C LEU A 319 15.13 -5.18 12.93
N PHE A 320 15.07 -5.87 14.06
CA PHE A 320 16.21 -6.69 14.49
C PHE A 320 16.54 -7.78 13.48
N ALA A 321 15.57 -8.16 12.65
CA ALA A 321 15.86 -9.15 11.60
C ALA A 321 16.85 -8.59 10.59
N LEU A 322 16.71 -7.32 10.23
CA LEU A 322 17.59 -6.72 9.24
C LEU A 322 18.97 -6.45 9.82
N GLN A 323 20.00 -6.65 9.01
CA GLN A 323 21.36 -6.43 9.46
C GLN A 323 21.61 -4.94 9.74
N TYR A 324 21.07 -4.06 8.91
CA TYR A 324 21.31 -2.63 9.07
C TYR A 324 20.13 -1.87 8.50
N ILE A 325 19.81 -0.75 9.14
CA ILE A 325 18.64 0.07 8.79
C ILE A 325 19.12 1.46 8.43
N ARG A 326 18.70 1.94 7.26
CA ARG A 326 19.04 3.29 6.85
C ARG A 326 18.41 4.30 7.81
N LYS A 327 19.21 5.27 8.25
CA LYS A 327 18.70 6.25 9.22
C LYS A 327 17.55 7.06 8.63
N ILE A 328 17.67 7.45 7.36
CA ILE A 328 16.59 8.19 6.72
C ILE A 328 15.32 7.35 6.64
N ASP A 329 15.44 6.03 6.74
CA ASP A 329 14.27 5.17 6.78
C ASP A 329 13.58 5.21 8.13
N LEU A 330 14.32 5.48 9.21
CA LEU A 330 13.74 5.41 10.54
C LEU A 330 12.56 6.35 10.71
N LYS A 331 12.52 7.44 9.95
CA LYS A 331 11.40 8.37 10.06
C LYS A 331 10.08 7.69 9.74
N HIS A 332 10.09 6.71 8.84
CA HIS A 332 8.86 5.98 8.54
C HIS A 332 8.52 5.00 9.65
N VAL A 333 9.51 4.51 10.38
CA VAL A 333 9.24 3.59 11.49
C VAL A 333 8.44 4.29 12.58
N PHE A 334 8.71 5.58 12.79
CA PHE A 334 8.05 6.35 13.84
C PHE A 334 7.03 7.33 13.28
N GLU A 335 6.55 7.10 12.07
CA GLU A 335 5.51 7.93 11.45
C GLU A 335 5.86 9.42 11.54
N TYR A 336 7.06 9.74 11.08
CA TYR A 336 7.50 11.14 10.96
C TYR A 336 7.49 11.87 12.29
N ASP A 337 7.46 11.14 13.40
CA ASP A 337 7.56 11.80 14.70
C ASP A 337 8.90 12.51 14.85
N TYR A 338 9.97 11.87 14.38
CA TYR A 338 11.32 12.40 14.55
C TYR A 338 12.10 12.28 13.25
N HIS A 339 12.83 13.34 12.91
CA HIS A 339 13.84 13.26 11.88
C HIS A 339 15.05 12.52 12.42
N PHE A 340 15.53 11.53 11.67
CA PHE A 340 16.75 10.82 12.00
C PHE A 340 17.79 11.22 10.95
N GLU A 341 18.65 12.17 11.31
CA GLU A 341 19.64 12.68 10.38
C GLU A 341 20.72 11.65 10.13
N VAL A 342 21.36 11.75 8.96
CA VAL A 342 22.42 10.82 8.59
C VAL A 342 23.65 10.97 9.46
N ASN A 343 23.75 12.03 10.26
CA ASN A 343 24.84 12.19 11.19
C ASN A 343 24.56 11.56 12.55
N GLY A 344 23.40 10.95 12.73
CA GLY A 344 23.08 10.26 13.96
C GLY A 344 22.32 11.07 14.99
N THR A 345 21.78 12.23 14.61
CA THR A 345 21.05 13.08 15.53
C THR A 345 19.56 13.02 15.25
N VAL A 346 18.77 12.90 16.31
CA VAL A 346 17.31 12.89 16.20
C VAL A 346 16.80 14.29 16.46
N VAL A 347 15.70 14.64 15.80
CA VAL A 347 15.08 15.96 15.93
C VAL A 347 13.57 15.80 15.97
N ARG A 348 12.91 16.54 16.86
CA ARG A 348 11.46 16.52 16.90
C ARG A 348 10.89 17.07 15.60
N HIS A 349 10.04 16.28 14.95
CA HIS A 349 9.44 16.68 13.68
C HIS A 349 7.94 16.88 13.78
N LYS A 350 7.20 15.84 14.17
CA LYS A 350 5.74 15.96 14.26
C LYS A 350 5.18 15.22 15.47
N ASN A 351 5.99 15.00 16.51
CA ASN A 351 5.57 14.24 17.68
C ASN A 351 4.95 15.21 18.68
N LYS A 352 3.69 15.58 18.44
CA LYS A 352 2.99 16.49 19.33
C LYS A 352 2.74 15.90 20.71
N GLY A 353 2.79 14.58 20.84
CA GLY A 353 2.57 13.93 22.11
C GLY A 353 3.82 13.93 22.97
N PHE A 354 3.97 12.88 23.77
CA PHE A 354 5.15 12.74 24.60
C PHE A 354 6.40 12.59 23.75
N GLY A 355 7.51 13.15 24.23
CA GLY A 355 8.77 12.95 23.55
C GLY A 355 9.45 11.70 24.05
N TYR A 356 9.28 10.60 23.31
CA TYR A 356 9.80 9.31 23.75
C TYR A 356 11.24 9.08 23.31
N MET A 357 11.68 9.65 22.19
CA MET A 357 13.08 9.53 21.83
C MET A 357 13.96 10.36 22.75
N GLU A 358 13.50 11.56 23.13
CA GLU A 358 14.25 12.34 24.11
C GLU A 358 14.33 11.60 25.43
N ARG A 359 13.23 11.00 25.88
CA ARG A 359 13.26 10.23 27.11
C ARG A 359 14.20 9.04 27.00
N PHE A 360 14.18 8.35 25.86
CA PHE A 360 15.05 7.19 25.68
C PHE A 360 16.51 7.60 25.73
N PHE A 361 16.86 8.71 25.08
CA PHE A 361 18.24 9.17 25.12
C PHE A 361 18.64 9.66 26.51
N GLU A 362 17.69 10.26 27.24
CA GLU A 362 17.97 10.62 28.62
C GLU A 362 18.25 9.39 29.47
N LEU A 363 17.47 8.33 29.28
CA LEU A 363 17.76 7.07 29.98
C LEU A 363 19.14 6.55 29.58
N LYS A 364 19.46 6.62 28.30
CA LYS A 364 20.75 6.13 27.82
C LYS A 364 21.90 6.87 28.48
N GLU A 365 21.79 8.19 28.58
CA GLU A 365 22.86 8.98 29.18
C GLU A 365 22.98 8.72 30.68
N SER A 366 21.87 8.70 31.39
CA SER A 366 21.87 8.52 32.84
C SER A 366 21.80 7.02 33.15
N CYS A 367 22.91 6.45 33.60
CA CYS A 367 22.94 5.03 33.92
C CYS A 367 22.11 4.72 35.17
N ASP A 368 22.06 5.64 36.13
CA ASP A 368 21.29 5.38 37.35
C ASP A 368 19.82 5.16 37.04
N GLU A 369 19.28 5.90 36.08
CA GLU A 369 17.88 5.74 35.74
C GLU A 369 17.61 4.34 35.20
N ARG A 370 18.55 3.78 34.44
CA ARG A 370 18.34 2.48 33.81
C ARG A 370 17.87 1.44 34.81
N SER A 371 18.48 1.40 36.00
CA SER A 371 18.08 0.43 37.00
C SER A 371 16.63 0.63 37.42
N LYS A 372 16.14 1.88 37.36
CA LYS A 372 14.77 2.15 37.78
C LYS A 372 13.75 1.45 36.90
N LEU A 373 14.14 1.05 35.69
CA LEU A 373 13.24 0.28 34.83
C LEU A 373 13.12 -1.15 35.34
N SER A 374 12.09 -1.84 34.86
CA SER A 374 11.85 -3.22 35.26
C SER A 374 12.94 -4.12 34.67
N LYS A 375 12.80 -5.43 34.91
CA LYS A 375 13.73 -6.41 34.35
C LYS A 375 13.52 -6.55 32.84
N LYS A 376 12.29 -6.86 32.43
CA LYS A 376 12.01 -6.98 31.01
C LYS A 376 12.20 -5.65 30.30
N GLN A 377 11.77 -4.55 30.93
CA GLN A 377 11.98 -3.23 30.34
C GLN A 377 13.46 -2.92 30.21
N TYR A 378 14.25 -3.28 31.22
CA TYR A 378 15.69 -3.05 31.15
C TYR A 378 16.33 -3.86 30.02
N GLU A 379 15.93 -5.12 29.87
CA GLU A 379 16.46 -5.92 28.77
C GLU A 379 16.08 -5.34 27.42
N ARG A 380 14.82 -4.90 27.28
CA ARG A 380 14.40 -4.28 26.03
C ARG A 380 15.18 -3.00 25.76
N PHE A 381 15.44 -2.21 26.80
CA PHE A 381 16.22 -1.00 26.63
C PHE A 381 17.64 -1.33 26.20
N ASN A 382 18.23 -2.38 26.76
CA ASN A 382 19.58 -2.77 26.35
C ASN A 382 19.59 -3.17 24.88
N ALA A 383 18.59 -3.95 24.46
CA ALA A 383 18.52 -4.33 23.05
C ALA A 383 18.36 -3.11 22.15
N LEU A 384 17.51 -2.16 22.56
CA LEU A 384 17.32 -0.94 21.78
C LEU A 384 18.60 -0.13 21.72
N PHE A 385 19.33 -0.07 22.83
CA PHE A 385 20.60 0.66 22.85
C PHE A 385 21.59 0.03 21.88
N ASN A 386 21.68 -1.30 21.88
CA ASN A 386 22.57 -1.96 20.91
C ASN A 386 22.14 -1.65 19.49
N PHE A 387 20.84 -1.73 19.20
CA PHE A 387 20.36 -1.46 17.85
C PHE A 387 20.72 -0.04 17.42
N PHE A 388 20.41 0.95 18.26
CA PHE A 388 20.67 2.33 17.90
C PHE A 388 22.16 2.61 17.76
N GLU A 389 22.98 2.06 18.67
CA GLU A 389 24.41 2.28 18.59
C GLU A 389 24.99 1.68 17.32
N LYS A 390 24.56 0.48 16.95
CA LYS A 390 25.08 -0.15 15.74
C LYS A 390 24.56 0.52 14.47
N ASN A 391 23.41 1.18 14.53
CA ASN A 391 22.87 1.88 13.37
C ASN A 391 23.30 3.34 13.32
N GLY A 392 24.09 3.81 14.27
CA GLY A 392 24.62 5.15 14.21
C GLY A 392 23.68 6.24 14.67
N VAL A 393 22.59 5.90 15.34
CA VAL A 393 21.70 6.90 15.93
C VAL A 393 22.25 7.26 17.30
N ILE A 394 22.58 8.53 17.50
CA ILE A 394 23.37 8.94 18.66
C ILE A 394 22.51 9.63 19.70
N CYS A 395 21.91 10.77 19.33
CA CYS A 395 21.20 11.60 20.29
C CYS A 395 20.40 12.65 19.52
N MET A 396 19.80 13.58 20.26
CA MET A 396 19.09 14.69 19.64
C MET A 396 20.07 15.72 19.09
N ALA A 397 19.54 16.63 18.27
CA ALA A 397 20.38 17.67 17.69
C ALA A 397 20.97 18.57 18.76
N LYS A 398 20.18 18.92 19.76
CA LYS A 398 20.66 19.85 20.79
C LYS A 398 21.85 19.28 21.55
N ASP A 399 21.87 17.97 21.79
CA ASP A 399 22.95 17.32 22.51
C ASP A 399 24.10 16.89 21.61
N ALA A 400 24.01 17.14 20.31
CA ALA A 400 25.04 16.68 19.38
C ALA A 400 26.37 17.36 19.68
N GLY A 401 27.43 16.56 19.69
CA GLY A 401 28.78 17.08 19.87
C GLY A 401 29.64 16.85 18.65
N THR A 402 30.87 16.40 18.86
CA THR A 402 31.77 16.07 17.76
C THR A 402 31.38 14.69 17.23
N LEU A 403 30.38 14.67 16.35
CA LEU A 403 29.84 13.42 15.82
C LEU A 403 30.70 12.96 14.65
N ASN A 404 31.55 11.97 14.89
CA ASN A 404 32.35 11.34 13.85
C ASN A 404 32.13 9.84 13.89
N THR A 405 31.92 9.24 12.73
CA THR A 405 31.65 7.82 12.63
C THR A 405 32.49 7.22 11.52
N SER A 406 32.99 6.00 11.73
CA SER A 406 33.69 5.28 10.70
C SER A 406 32.71 4.53 9.82
N ILE A 407 32.97 4.52 8.52
CA ILE A 407 32.12 3.85 7.54
C ILE A 407 32.71 2.46 7.31
N GLU A 408 32.11 1.45 7.93
CA GLU A 408 32.51 0.06 7.75
C GLU A 408 31.34 -0.74 7.22
N ILE A 409 31.54 -1.42 6.11
CA ILE A 409 30.52 -2.31 5.53
C ILE A 409 31.00 -3.74 5.74
N ASN A 410 30.24 -4.51 6.50
CA ASN A 410 30.59 -5.89 6.82
C ASN A 410 29.90 -6.80 5.80
N SER A 411 30.50 -6.87 4.61
CA SER A 411 29.98 -7.68 3.53
C SER A 411 31.13 -8.31 2.76
N LEU A 412 30.98 -9.59 2.42
CA LEU A 412 31.95 -10.23 1.54
C LEU A 412 31.75 -9.82 0.10
N ALA A 413 30.49 -9.60 -0.31
CA ALA A 413 30.22 -9.17 -1.68
C ALA A 413 30.82 -7.79 -1.94
N TYR A 414 30.73 -6.89 -0.97
CA TYR A 414 31.27 -5.55 -1.17
C TYR A 414 32.77 -5.57 -1.38
N HIS A 415 33.50 -6.22 -0.49
CA HIS A 415 34.95 -6.24 -0.55
C HIS A 415 35.50 -7.16 -1.63
N GLY A 416 34.64 -7.78 -2.42
CA GLY A 416 35.09 -8.65 -3.49
C GLY A 416 35.85 -9.87 -2.99
N LYS A 417 35.32 -10.53 -1.97
CA LYS A 417 35.94 -11.73 -1.43
C LYS A 417 35.37 -12.96 -2.15
N TYR A 418 35.75 -13.06 -3.43
CA TYR A 418 35.19 -14.11 -4.28
C TYR A 418 35.52 -15.50 -3.76
N ASP A 419 36.77 -15.72 -3.35
CA ASP A 419 37.13 -17.01 -2.77
C ASP A 419 36.36 -17.28 -1.49
N VAL A 420 36.23 -16.27 -0.64
CA VAL A 420 35.53 -16.45 0.62
C VAL A 420 34.05 -16.70 0.37
N MET A 421 33.44 -15.97 -0.57
CA MET A 421 32.04 -16.24 -0.87
C MET A 421 31.84 -17.63 -1.46
N LYS A 422 32.76 -18.08 -2.31
CA LYS A 422 32.65 -19.44 -2.85
C LYS A 422 32.72 -20.47 -1.73
N LYS A 423 33.68 -20.29 -0.82
CA LYS A 423 33.80 -21.22 0.31
C LYS A 423 32.52 -21.22 1.15
N PHE A 424 31.97 -20.02 1.41
CA PHE A 424 30.75 -19.93 2.19
C PHE A 424 29.59 -20.62 1.48
N ILE A 425 29.51 -20.47 0.16
CA ILE A 425 28.45 -21.12 -0.61
C ILE A 425 28.59 -22.64 -0.52
N GLU A 426 29.82 -23.14 -0.59
CA GLU A 426 30.02 -24.58 -0.49
C GLU A 426 29.53 -25.12 0.84
N GLU A 427 29.74 -24.37 1.92
CA GLU A 427 29.38 -24.83 3.25
C GLU A 427 27.88 -25.14 3.34
N GLN A 428 27.51 -25.81 4.42
CA GLN A 428 26.13 -26.19 4.66
C GLN A 428 25.37 -25.02 5.29
N SER A 429 24.09 -24.90 4.94
CA SER A 429 23.26 -23.83 5.48
C SER A 429 22.77 -24.21 6.87
N VAL A 430 23.23 -23.48 7.89
CA VAL A 430 22.78 -23.71 9.26
C VAL A 430 21.49 -22.99 9.59
N SER A 431 21.04 -22.07 8.75
CA SER A 431 19.81 -21.33 8.99
C SER A 431 19.32 -20.77 7.66
N ILE A 432 18.08 -20.27 7.69
CA ILE A 432 17.53 -19.64 6.49
C ILE A 432 18.27 -18.34 6.18
N GLU A 433 18.77 -17.65 7.20
CA GLU A 433 19.57 -16.46 6.96
C GLU A 433 20.86 -16.80 6.20
N ASP A 434 21.49 -17.91 6.56
CA ASP A 434 22.66 -18.35 5.80
C ASP A 434 22.29 -18.67 4.36
N ASP A 435 21.09 -19.21 4.14
CA ASP A 435 20.61 -19.44 2.78
C ASP A 435 20.43 -18.13 2.03
N TYR A 436 19.89 -17.11 2.70
CA TYR A 436 19.77 -15.80 2.08
C TYR A 436 21.12 -15.24 1.67
N LYS A 437 22.09 -15.32 2.58
CA LYS A 437 23.42 -14.80 2.28
C LYS A 437 24.07 -15.60 1.16
N LYS A 438 23.86 -16.92 1.13
CA LYS A 438 24.39 -17.75 0.06
C LYS A 438 23.77 -17.36 -1.28
N ALA A 439 22.46 -17.12 -1.31
CA ALA A 439 21.82 -16.71 -2.54
C ALA A 439 22.36 -15.37 -3.03
N PHE A 440 22.55 -14.42 -2.10
CA PHE A 440 23.13 -13.14 -2.50
C PHE A 440 24.53 -13.31 -3.04
N PHE A 441 25.35 -14.14 -2.39
CA PHE A 441 26.72 -14.35 -2.87
C PHE A 441 26.73 -15.02 -4.23
N LEU A 442 25.83 -15.97 -4.45
CA LEU A 442 25.71 -16.60 -5.76
C LEU A 442 25.34 -15.58 -6.82
N ALA A 443 24.39 -14.69 -6.51
CA ALA A 443 24.06 -13.61 -7.42
C ALA A 443 25.28 -12.73 -7.69
N CYS A 444 26.11 -12.52 -6.66
CA CYS A 444 27.31 -11.71 -6.79
C CYS A 444 28.46 -12.44 -7.45
N LEU A 445 28.38 -13.75 -7.61
CA LEU A 445 29.40 -14.54 -8.28
C LEU A 445 29.00 -14.91 -9.70
N GLY A 446 27.88 -14.38 -10.19
CA GLY A 446 27.41 -14.69 -11.53
C GLY A 446 26.63 -15.97 -11.65
N ARG A 447 26.47 -16.74 -10.57
CA ARG A 447 25.73 -17.98 -10.60
C ARG A 447 24.25 -17.67 -10.34
N TRP A 448 23.61 -17.14 -11.39
CA TRP A 448 22.25 -16.64 -11.24
C TRP A 448 21.22 -17.76 -11.18
N GLU A 449 21.43 -18.85 -11.93
CA GLU A 449 20.50 -19.97 -11.86
C GLU A 449 20.50 -20.59 -10.48
N GLU A 450 21.69 -20.86 -9.93
CA GLU A 450 21.78 -21.41 -8.58
C GLU A 450 21.21 -20.46 -7.55
N SER A 451 21.48 -19.16 -7.70
CA SER A 451 20.94 -18.18 -6.78
C SER A 451 19.42 -18.15 -6.83
N TYR A 452 18.85 -18.20 -8.02
CA TYR A 452 17.39 -18.22 -8.15
C TYR A 452 16.80 -19.47 -7.53
N ASP A 453 17.42 -20.62 -7.76
CA ASP A 453 16.93 -21.85 -7.15
C ASP A 453 17.01 -21.79 -5.63
N LEU A 454 18.10 -21.22 -5.10
CA LEU A 454 18.22 -21.08 -3.66
C LEU A 454 17.19 -20.12 -3.11
N TYR A 455 16.90 -19.04 -3.84
CA TYR A 455 15.87 -18.11 -3.40
C TYR A 455 14.50 -18.78 -3.36
N SER A 456 14.19 -19.59 -4.38
CA SER A 456 12.94 -20.34 -4.37
C SER A 456 12.88 -21.32 -3.21
N ASN A 457 14.00 -21.99 -2.93
CA ASN A 457 14.05 -22.90 -1.78
C ASN A 457 13.81 -22.16 -0.47
N ILE A 458 14.39 -20.97 -0.34
CA ILE A 458 14.19 -20.16 0.86
C ILE A 458 12.73 -19.74 0.98
N ILE A 459 12.11 -19.38 -0.15
CA ILE A 459 10.70 -19.01 -0.14
C ILE A 459 9.85 -20.17 0.35
N LEU A 460 10.14 -21.38 -0.16
CA LEU A 460 9.38 -22.54 0.28
C LEU A 460 9.58 -22.81 1.75
N ASN A 461 10.84 -22.76 2.22
CA ASN A 461 11.12 -23.08 3.61
C ASN A 461 10.54 -22.06 4.58
N SER A 462 10.60 -20.78 4.24
CA SER A 462 10.09 -19.74 5.11
C SER A 462 8.58 -19.89 5.32
N GLY A 468 8.07 -12.68 8.65
CA GLY A 468 8.33 -13.12 7.29
C GLY A 468 9.22 -12.15 6.52
N CYS A 469 10.14 -11.52 7.24
CA CYS A 469 11.04 -10.56 6.61
C CYS A 469 11.90 -11.23 5.55
N VAL A 470 12.48 -12.39 5.89
CA VAL A 470 13.36 -13.08 4.94
C VAL A 470 12.55 -13.54 3.73
N TYR A 471 11.30 -13.96 3.94
CA TYR A 471 10.48 -14.42 2.82
C TYR A 471 10.20 -13.27 1.85
N TYR A 472 9.85 -12.11 2.38
CA TYR A 472 9.60 -10.95 1.51
C TYR A 472 10.87 -10.52 0.77
N LEU A 473 11.98 -10.43 1.51
CA LEU A 473 13.22 -10.03 0.88
C LEU A 473 13.68 -11.05 -0.16
N SER A 474 13.40 -12.33 0.08
CA SER A 474 13.75 -13.35 -0.89
C SER A 474 12.88 -13.26 -2.13
N GLN A 475 11.60 -12.96 -1.96
CA GLN A 475 10.74 -12.72 -3.12
C GLN A 475 11.28 -11.57 -3.95
N ILE A 476 11.64 -10.47 -3.29
CA ILE A 476 12.17 -9.31 -4.01
C ILE A 476 13.47 -9.66 -4.72
N ASN A 477 14.38 -10.34 -4.02
CA ASN A 477 15.67 -10.68 -4.60
C ASN A 477 15.52 -11.67 -5.75
N ARG A 478 14.57 -12.60 -5.63
CA ARG A 478 14.34 -13.55 -6.71
C ARG A 478 13.77 -12.86 -7.94
N TYR A 479 12.85 -11.91 -7.75
CA TYR A 479 12.38 -11.14 -8.89
C TYR A 479 13.52 -10.35 -9.52
N ARG A 480 14.38 -9.75 -8.69
CA ARG A 480 15.51 -9.01 -9.23
C ARG A 480 16.46 -9.91 -10.00
N ILE A 481 16.71 -11.11 -9.49
CA ILE A 481 17.62 -12.03 -10.17
C ILE A 481 16.99 -12.55 -11.46
N TYR A 482 15.68 -12.75 -11.46
CA TYR A 482 15.00 -13.11 -12.69
C TYR A 482 15.12 -12.01 -13.72
N GLN A 483 14.98 -10.76 -13.29
CA GLN A 483 15.19 -9.63 -14.20
C GLN A 483 16.61 -9.62 -14.74
N SER A 484 17.59 -9.85 -13.88
CA SER A 484 18.98 -9.88 -14.32
C SER A 484 19.22 -11.01 -15.32
N ILE A 485 18.64 -12.18 -15.07
CA ILE A 485 18.78 -13.30 -15.99
C ILE A 485 18.15 -12.97 -17.33
N THR A 486 16.97 -12.35 -17.30
CA THR A 486 16.31 -11.98 -18.55
C THR A 486 17.15 -10.98 -19.34
N GLN A 487 17.69 -9.97 -18.65
CA GLN A 487 18.54 -9.00 -19.34
C GLN A 487 19.79 -9.64 -19.91
N ALA A 488 20.42 -10.55 -19.14
CA ALA A 488 21.60 -11.22 -19.62
C ALA A 488 21.30 -12.07 -20.85
N VAL A 489 20.20 -12.80 -20.83
CA VAL A 489 19.83 -13.61 -21.99
C VAL A 489 19.54 -12.73 -23.19
N THR A 490 18.83 -11.61 -22.97
CA THR A 490 18.56 -10.69 -24.06
C THR A 490 19.86 -10.19 -24.69
N GLN A 491 20.81 -9.76 -23.85
CA GLN A 491 22.07 -9.25 -24.39
C GLN A 491 22.85 -10.35 -25.09
N PHE A 492 22.90 -11.55 -24.51
CA PHE A 492 23.68 -12.62 -25.09
C PHE A 492 23.13 -13.03 -26.46
N ASN A 493 21.81 -13.16 -26.57
CA ASN A 493 21.21 -13.57 -27.83
C ASN A 493 21.18 -12.45 -28.86
N GLY A 494 21.06 -11.20 -28.42
CA GLY A 494 20.98 -10.09 -29.34
C GLY A 494 22.33 -9.52 -29.70
N LEU A 495 23.16 -9.26 -28.68
CA LEU A 495 24.51 -8.74 -28.89
C LEU A 495 25.59 -9.63 -28.31
N GLY A 496 25.22 -10.70 -27.59
CA GLY A 496 26.24 -11.58 -27.04
C GLY A 496 27.09 -12.23 -28.11
N LEU A 497 26.47 -12.69 -29.19
CA LEU A 497 27.23 -13.32 -30.27
C LEU A 497 28.21 -12.34 -30.89
N LEU A 498 27.77 -11.11 -31.15
CA LEU A 498 28.64 -10.12 -31.77
C LEU A 498 29.77 -9.71 -30.82
N THR A 499 29.45 -9.48 -29.55
CA THR A 499 30.46 -9.03 -28.60
C THR A 499 31.49 -10.12 -28.33
N PHE A 500 31.04 -11.34 -28.03
CA PHE A 500 31.93 -12.45 -27.75
C PHE A 500 32.37 -13.20 -28.99
N GLY A 501 31.79 -12.90 -30.15
CA GLY A 501 32.07 -13.70 -31.33
C GLY A 501 31.59 -15.12 -31.22
N ARG A 502 30.59 -15.38 -30.38
CA ARG A 502 30.12 -16.73 -30.13
C ARG A 502 28.74 -16.66 -29.49
N HIS A 503 27.94 -17.70 -29.70
CA HIS A 503 26.60 -17.77 -29.13
C HIS A 503 26.70 -18.48 -27.79
N TYR A 504 26.73 -17.70 -26.71
CA TYR A 504 26.83 -18.25 -25.36
C TYR A 504 25.44 -18.56 -24.82
N LYS A 505 25.33 -19.67 -24.11
CA LYS A 505 24.06 -20.13 -23.53
C LYS A 505 24.28 -20.45 -22.07
N PRO A 506 24.52 -19.43 -21.24
CA PRO A 506 24.73 -19.68 -19.81
C PRO A 506 23.53 -20.33 -19.14
N PHE A 507 22.32 -20.03 -19.58
CA PHE A 507 21.10 -20.59 -19.00
C PHE A 507 20.43 -21.50 -20.02
N THR A 508 20.14 -22.73 -19.60
CA THR A 508 19.47 -23.68 -20.47
C THR A 508 18.06 -23.19 -20.79
N ASP A 509 17.58 -23.53 -21.99
CA ASP A 509 16.23 -23.16 -22.38
C ASP A 509 15.20 -23.69 -21.41
N GLU A 510 15.45 -24.87 -20.82
CA GLU A 510 14.53 -25.40 -19.83
C GLU A 510 14.43 -24.48 -18.63
N PHE A 511 15.57 -24.03 -18.10
CA PHE A 511 15.56 -23.13 -16.96
C PHE A 511 14.90 -21.81 -17.31
N LEU A 512 15.19 -21.28 -18.50
CA LEU A 512 14.57 -20.02 -18.91
C LEU A 512 13.05 -20.15 -18.99
N ALA A 513 12.56 -21.24 -19.57
CA ALA A 513 11.12 -21.44 -19.65
C ALA A 513 10.52 -21.59 -18.27
N ARG A 514 11.18 -22.33 -17.38
CA ARG A 514 10.66 -22.50 -16.03
C ARG A 514 10.58 -21.18 -15.28
N ILE A 515 11.63 -20.34 -15.40
CA ILE A 515 11.63 -19.06 -14.72
C ILE A 515 10.56 -18.14 -15.31
N GLU A 516 10.38 -18.20 -16.63
CA GLU A 516 9.32 -17.40 -17.24
C GLU A 516 7.95 -17.84 -16.73
N ARG A 517 7.73 -19.14 -16.61
CA ARG A 517 6.45 -19.63 -16.08
C ARG A 517 6.26 -19.19 -14.63
N GLU A 518 7.30 -19.28 -13.81
CA GLU A 518 7.15 -18.98 -12.40
C GLU A 518 6.96 -17.48 -12.17
N MET A 519 7.77 -16.66 -12.81
CA MET A 519 7.77 -15.21 -12.57
C MET A 519 6.80 -14.46 -13.47
N THR A 520 6.18 -15.12 -14.45
CA THR A 520 5.23 -14.43 -15.31
C THR A 520 3.96 -14.05 -14.54
N ASN A 521 3.62 -14.79 -13.50
CA ASN A 521 2.47 -14.51 -12.68
C ASN A 521 2.80 -13.65 -11.46
N PHE A 522 4.04 -13.18 -11.35
CA PHE A 522 4.49 -12.42 -10.20
C PHE A 522 4.40 -10.93 -10.49
N ASN A 523 3.80 -10.19 -9.57
CA ASN A 523 3.74 -8.73 -9.63
C ASN A 523 4.48 -8.17 -8.41
N ILE A 524 5.63 -7.56 -8.65
CA ILE A 524 6.42 -7.01 -7.55
C ILE A 524 5.68 -5.87 -6.88
N ASP A 525 4.91 -5.09 -7.65
CA ASP A 525 4.22 -3.93 -7.08
C ASP A 525 3.26 -4.35 -5.97
N ASP A 526 2.56 -5.47 -6.16
CA ASP A 526 1.58 -5.94 -5.19
C ASP A 526 2.16 -6.92 -4.19
N LEU A 527 3.47 -7.15 -4.21
CA LEU A 527 4.07 -8.10 -3.27
C LEU A 527 3.87 -7.65 -1.83
N PHE A 528 4.12 -6.37 -1.55
CA PHE A 528 4.03 -5.89 -0.18
C PHE A 528 2.61 -6.01 0.36
N ASN A 529 1.63 -5.65 -0.47
CA ASN A 529 0.23 -5.72 -0.03
C ASN A 529 -0.19 -7.16 0.26
N GLY A 530 0.29 -8.11 -0.53
CA GLY A 530 0.00 -9.50 -0.29
C GLY A 530 0.77 -10.07 0.88
N MET A 531 0.72 -9.38 2.01
CA MET A 531 1.44 -9.76 3.22
C MET A 531 0.50 -9.58 4.41
N PRO A 532 0.73 -10.32 5.49
CA PRO A 532 -0.09 -10.11 6.68
C PRO A 532 0.01 -8.67 7.15
N PHE A 533 -1.14 -8.09 7.50
CA PHE A 533 -1.18 -6.66 7.82
C PHE A 533 -0.19 -6.32 8.93
N GLU A 534 0.05 -7.25 9.85
CA GLU A 534 1.05 -7.00 10.88
C GLU A 534 2.43 -6.81 10.28
N PHE A 535 2.76 -7.59 9.24
CA PHE A 535 4.04 -7.39 8.56
C PHE A 535 4.10 -6.03 7.88
N GLN A 536 3.03 -5.64 7.19
CA GLN A 536 2.99 -4.33 6.55
C GLN A 536 3.01 -3.19 7.57
N LYS A 537 2.69 -3.48 8.83
CA LYS A 537 2.79 -2.46 9.87
C LYS A 537 4.17 -2.42 10.50
N LYS A 538 4.82 -3.58 10.64
CA LYS A 538 6.11 -3.68 11.30
C LYS A 538 7.28 -3.52 10.35
N TYR A 539 7.10 -3.80 9.06
CA TYR A 539 8.18 -3.69 8.09
C TYR A 539 7.79 -2.77 6.94
N LYS A 540 7.23 -1.61 7.27
CA LYS A 540 6.84 -0.65 6.24
C LYS A 540 8.06 -0.19 5.44
N ILE A 541 9.19 0.01 6.11
CA ILE A 541 10.37 0.54 5.43
C ILE A 541 10.84 -0.38 4.31
N LEU A 542 10.60 -1.68 4.45
CA LEU A 542 11.01 -2.61 3.40
C LEU A 542 10.20 -2.45 2.13
N GLU A 543 9.01 -1.85 2.21
CA GLU A 543 8.17 -1.70 1.03
C GLU A 543 8.92 -0.99 -0.10
N PHE A 544 9.73 0.01 0.25
CA PHE A 544 10.44 0.79 -0.76
C PHE A 544 11.34 -0.08 -1.62
N LEU A 545 11.76 -1.24 -1.12
CA LEU A 545 12.63 -2.11 -1.90
C LEU A 545 11.93 -2.66 -3.14
N SER A 546 10.61 -2.57 -3.21
CA SER A 546 9.90 -3.08 -4.37
C SER A 546 10.29 -2.34 -5.64
N ASP A 547 10.44 -1.02 -5.56
CA ASP A 547 10.78 -0.20 -6.71
C ASP A 547 11.95 0.72 -6.39
N ASN A 548 12.23 1.66 -7.28
CA ASN A 548 13.30 2.63 -7.05
C ASN A 548 12.89 3.75 -6.11
N GLN A 549 11.71 3.65 -5.49
CA GLN A 549 11.32 4.66 -4.52
C GLN A 549 12.30 4.73 -3.35
N PHE A 550 12.96 3.61 -3.03
CA PHE A 550 13.95 3.63 -1.96
C PHE A 550 15.12 4.53 -2.30
N LEU A 551 15.36 4.79 -3.58
CA LEU A 551 16.40 5.71 -4.02
C LEU A 551 15.89 7.14 -4.16
N TYR A 552 14.60 7.38 -3.98
CA TYR A 552 14.02 8.69 -4.23
C TYR A 552 14.63 9.76 -3.33
N ASP A 553 14.38 9.65 -2.02
CA ASP A 553 14.79 10.71 -1.11
C ASP A 553 16.26 11.06 -1.31
N ASP A 554 17.14 10.07 -1.14
CA ASP A 554 18.57 10.31 -1.33
C ASP A 554 18.81 11.00 -2.67
N THR A 555 18.25 10.43 -3.74
CA THR A 555 18.45 11.02 -5.06
C THR A 555 18.11 12.49 -5.04
N VAL A 556 16.91 12.82 -4.54
CA VAL A 556 16.51 14.22 -4.50
C VAL A 556 17.54 15.03 -3.74
N LYS A 557 17.88 14.58 -2.52
CA LYS A 557 18.88 15.29 -1.75
C LYS A 557 20.13 15.52 -2.58
N LEU A 558 20.63 14.46 -3.21
CA LEU A 558 21.85 14.58 -3.99
C LEU A 558 21.73 15.73 -4.96
N PHE A 559 20.67 15.73 -5.77
CA PHE A 559 20.51 16.78 -6.75
C PHE A 559 20.60 18.14 -6.07
N GLU A 560 19.79 18.35 -5.04
CA GLU A 560 19.81 19.62 -4.35
C GLU A 560 21.24 19.95 -3.92
N LEU A 561 21.87 19.03 -3.19
CA LEU A 561 23.21 19.29 -2.69
C LEU A 561 24.13 19.63 -3.85
N THR A 562 24.08 18.84 -4.92
CA THR A 562 24.90 19.14 -6.09
C THR A 562 24.75 20.61 -6.44
N ASN A 563 23.53 21.04 -6.75
CA ASN A 563 23.29 22.43 -7.08
C ASN A 563 24.00 23.33 -6.07
N LYS A 564 23.66 23.18 -4.80
CA LYS A 564 24.22 24.06 -3.79
C LYS A 564 25.74 24.07 -3.89
N VAL A 565 26.35 22.88 -3.87
CA VAL A 565 27.80 22.82 -3.89
C VAL A 565 28.33 23.54 -5.12
N ARG A 566 27.77 23.21 -6.29
CA ARG A 566 28.24 23.85 -7.51
C ARG A 566 28.10 25.36 -7.39
N SER A 567 26.96 25.82 -6.89
CA SER A 567 26.74 27.26 -6.74
C SER A 567 27.89 27.88 -5.99
N GLU A 568 28.27 27.29 -4.86
CA GLU A 568 29.38 27.84 -4.10
C GLU A 568 30.64 27.91 -4.95
N MET A 569 31.00 26.80 -5.59
CA MET A 569 32.20 26.79 -6.40
C MET A 569 32.09 27.76 -7.57
N SER A 570 30.86 28.07 -7.98
CA SER A 570 30.69 29.05 -9.06
C SER A 570 31.06 30.45 -8.58
N GLU A 571 30.73 30.78 -7.34
CA GLU A 571 30.97 32.12 -6.82
C GLU A 571 32.27 32.23 -6.04
N GLY A 572 32.99 31.13 -5.86
CA GLY A 572 34.28 31.17 -5.19
C GLY A 572 34.23 31.20 -3.68
N SER A 573 33.05 31.06 -3.08
CA SER A 573 32.95 31.08 -1.63
C SER A 573 33.58 29.83 -1.04
N TYR A 574 34.21 30.00 0.12
CA TYR A 574 34.90 28.92 0.83
C TYR A 574 34.33 28.85 2.24
N SER A 575 33.37 27.94 2.45
CA SER A 575 32.78 27.79 3.77
C SER A 575 33.79 27.24 4.76
N PHE A 576 33.62 27.61 6.02
CA PHE A 576 34.47 27.13 7.11
C PHE A 576 33.65 26.25 8.04
N GLY A 577 34.12 25.04 8.27
CA GLY A 577 33.43 24.12 9.16
C GLY A 577 32.87 22.91 8.46
N MET A 578 31.67 22.49 8.85
CA MET A 578 31.05 21.30 8.28
C MET A 578 30.96 21.43 6.77
N SER A 579 31.44 20.42 6.07
CA SER A 579 31.35 20.41 4.61
C SER A 579 29.90 20.21 4.17
N SER A 580 29.53 20.90 3.09
CA SER A 580 28.18 20.75 2.57
C SER A 580 27.95 19.39 1.93
N ASP A 581 29.02 18.68 1.57
CA ASP A 581 28.89 17.39 0.92
C ASP A 581 28.99 16.21 1.88
N ILE A 582 29.22 16.45 3.17
CA ILE A 582 29.32 15.33 4.11
C ILE A 582 27.98 14.61 4.20
N VAL A 583 26.88 15.33 4.02
CA VAL A 583 25.57 14.67 3.98
C VAL A 583 25.51 13.70 2.82
N VAL A 584 26.05 14.09 1.66
CA VAL A 584 26.04 13.22 0.49
C VAL A 584 26.83 11.95 0.76
N LEU A 585 28.01 12.10 1.35
CA LEU A 585 28.83 10.93 1.66
C LEU A 585 28.15 10.03 2.68
N LEU A 586 27.55 10.62 3.72
CA LEU A 586 26.88 9.83 4.74
C LEU A 586 25.71 9.06 4.15
N ARG A 587 24.91 9.71 3.30
CA ARG A 587 23.79 9.02 2.67
C ARG A 587 24.30 7.91 1.75
N LEU A 588 25.37 8.17 1.02
CA LEU A 588 25.93 7.17 0.13
C LEU A 588 26.33 5.92 0.90
N TYR A 589 27.06 6.10 2.00
CA TYR A 589 27.48 4.94 2.78
C TYR A 589 26.31 4.28 3.51
N ASP A 590 25.30 5.07 3.90
CA ASP A 590 24.09 4.49 4.47
C ASP A 590 23.43 3.55 3.47
N ASN A 591 23.28 4.00 2.22
CA ASN A 591 22.68 3.15 1.20
C ASN A 591 23.53 1.91 0.95
N LEU A 592 24.86 2.09 0.86
CA LEU A 592 25.74 0.94 0.61
C LEU A 592 25.60 -0.08 1.72
N ARG A 593 25.62 0.36 2.98
CA ARG A 593 25.50 -0.57 4.10
C ARG A 593 24.15 -1.28 4.07
N PHE A 594 23.07 -0.52 3.87
CA PHE A 594 21.74 -1.14 3.89
C PHE A 594 21.62 -2.18 2.78
N LEU A 595 22.11 -1.87 1.58
CA LEU A 595 21.94 -2.80 0.47
C LEU A 595 22.88 -3.99 0.53
N TYR A 596 24.10 -3.81 1.01
CA TYR A 596 25.05 -4.92 0.99
C TYR A 596 24.98 -5.78 2.24
N GLU A 597 24.89 -5.17 3.42
CA GLU A 597 24.79 -5.94 4.65
C GLU A 597 23.48 -6.70 4.73
N ASN A 598 22.43 -6.20 4.09
CA ASN A 598 21.16 -6.88 4.02
C ASN A 598 21.05 -7.82 2.82
N CYS A 599 22.11 -7.95 2.04
CA CYS A 599 22.16 -8.90 0.93
C CYS A 599 20.99 -8.72 -0.03
N LEU A 600 20.84 -7.49 -0.53
CA LEU A 600 19.80 -7.16 -1.48
C LEU A 600 20.42 -6.99 -2.86
N TRP A 601 19.79 -7.61 -3.87
CA TRP A 601 20.33 -7.55 -5.22
C TRP A 601 20.29 -6.14 -5.81
N SER A 602 19.55 -5.22 -5.18
CA SER A 602 19.51 -3.85 -5.67
C SER A 602 20.89 -3.23 -5.79
N VAL A 603 21.90 -3.80 -5.14
CA VAL A 603 23.25 -3.28 -5.23
C VAL A 603 23.79 -3.32 -6.65
N SER A 604 23.22 -4.16 -7.51
CA SER A 604 23.64 -4.26 -8.89
C SER A 604 22.82 -3.40 -9.84
N PHE A 605 21.86 -2.63 -9.31
CA PHE A 605 20.97 -1.87 -10.17
C PHE A 605 21.72 -0.76 -10.90
N HIS A 606 21.27 -0.46 -12.11
CA HIS A 606 21.84 0.64 -12.88
C HIS A 606 21.61 1.97 -12.19
N GLU A 607 20.39 2.18 -11.66
CA GLU A 607 20.08 3.44 -11.00
C GLU A 607 20.92 3.63 -9.74
N PHE A 608 21.12 2.56 -8.97
CA PHE A 608 21.95 2.66 -7.78
C PHE A 608 23.39 2.99 -8.17
N HIS A 609 23.89 2.38 -9.24
CA HIS A 609 25.23 2.68 -9.70
C HIS A 609 25.35 4.14 -10.11
N GLN A 610 24.35 4.67 -10.81
CA GLN A 610 24.36 6.07 -11.18
C GLN A 610 24.34 6.97 -9.95
N TYR A 611 23.53 6.61 -8.95
CA TYR A 611 23.49 7.40 -7.72
C TYR A 611 24.85 7.42 -7.04
N ILE A 612 25.48 6.25 -6.90
CA ILE A 612 26.79 6.19 -6.27
C ILE A 612 27.81 6.99 -7.07
N ARG A 613 27.76 6.86 -8.40
CA ARG A 613 28.71 7.57 -9.25
C ARG A 613 28.56 9.07 -9.10
N ASN A 614 27.31 9.55 -9.09
CA ASN A 614 27.09 11.00 -8.96
C ASN A 614 27.53 11.50 -7.59
N SER A 615 27.23 10.75 -6.53
CA SER A 615 27.66 11.17 -5.20
C SER A 615 29.18 11.25 -5.12
N MET A 616 29.87 10.22 -5.62
CA MET A 616 31.32 10.21 -5.55
C MET A 616 31.93 11.29 -6.44
N SER A 617 31.33 11.55 -7.60
CA SER A 617 31.83 12.61 -8.46
C SER A 617 31.69 13.97 -7.79
N LEU A 618 30.55 14.23 -7.15
CA LEU A 618 30.39 15.47 -6.42
C LEU A 618 31.41 15.57 -5.30
N LEU A 619 31.62 14.48 -4.56
CA LEU A 619 32.59 14.50 -3.47
C LEU A 619 33.99 14.80 -3.98
N ILE A 620 34.38 14.20 -5.10
CA ILE A 620 35.72 14.40 -5.62
C ILE A 620 35.90 15.80 -6.17
N GLU A 621 34.89 16.33 -6.86
CA GLU A 621 34.97 17.70 -7.36
C GLU A 621 35.10 18.69 -6.22
N LYS A 622 34.28 18.52 -5.17
CA LYS A 622 34.38 19.40 -4.02
C LYS A 622 35.72 19.26 -3.33
N ALA A 623 36.25 18.03 -3.26
CA ALA A 623 37.55 17.82 -2.64
C ALA A 623 38.64 18.55 -3.40
N GLU A 624 38.62 18.48 -4.73
CA GLU A 624 39.60 19.21 -5.52
C GLU A 624 39.47 20.72 -5.31
N TYR A 625 38.22 21.22 -5.33
CA TYR A 625 38.01 22.65 -5.11
C TYR A 625 38.55 23.09 -3.77
N GLU A 626 38.30 22.31 -2.71
CA GLU A 626 38.83 22.64 -1.40
C GLU A 626 40.35 22.56 -1.40
N ARG A 627 40.92 21.56 -2.08
CA ARG A 627 42.37 21.40 -2.09
C ARG A 627 43.06 22.62 -2.68
N THR A 628 42.55 23.12 -3.81
CA THR A 628 43.16 24.30 -4.40
C THR A 628 43.15 25.47 -3.43
N ARG A 629 41.98 25.80 -2.89
CA ARG A 629 41.80 26.91 -1.96
C ARG A 629 42.71 28.11 -2.27
N PHE A 645 39.24 16.02 2.39
CA PHE A 645 38.83 14.80 1.71
C PHE A 645 40.03 14.08 1.12
N PHE A 646 40.17 12.80 1.45
CA PHE A 646 41.21 11.96 0.87
C PHE A 646 40.60 10.62 0.48
N MET A 647 40.98 10.12 -0.69
CA MET A 647 40.46 8.83 -1.16
C MET A 647 40.93 7.72 -0.24
N GLU A 648 39.99 6.90 0.20
CA GLU A 648 40.27 5.77 1.08
C GLU A 648 39.92 4.48 0.36
N TYR A 649 40.04 3.36 1.08
CA TYR A 649 39.75 2.07 0.48
C TYR A 649 38.31 1.98 0.01
N TYR A 650 37.37 2.44 0.83
CA TYR A 650 35.96 2.42 0.44
C TYR A 650 35.71 3.29 -0.77
N ASP A 651 36.33 4.47 -0.81
CA ASP A 651 36.18 5.34 -1.98
C ASP A 651 36.75 4.68 -3.22
N PHE A 652 37.91 4.04 -3.10
CA PHE A 652 38.50 3.35 -4.24
C PHE A 652 37.58 2.24 -4.75
N VAL A 653 37.04 1.44 -3.84
CA VAL A 653 36.17 0.34 -4.24
C VAL A 653 34.90 0.87 -4.89
N ASN A 654 34.32 1.94 -4.33
CA ASN A 654 33.11 2.51 -4.91
C ASN A 654 33.38 3.05 -6.30
N ILE A 655 34.49 3.77 -6.48
CA ILE A 655 34.81 4.32 -7.79
C ILE A 655 35.04 3.21 -8.79
N SER A 656 35.76 2.16 -8.40
CA SER A 656 36.01 1.06 -9.31
C SER A 656 34.73 0.34 -9.70
N ARG A 657 33.86 0.07 -8.73
CA ARG A 657 32.69 -0.76 -9.00
C ARG A 657 31.60 0.00 -9.73
N HIS A 658 31.39 1.28 -9.40
CA HIS A 658 30.24 2.02 -9.90
C HIS A 658 30.59 2.99 -11.01
N PHE A 659 31.87 3.19 -11.31
CA PHE A 659 32.29 4.13 -12.34
C PHE A 659 32.71 3.37 -13.60
N LYS A 660 32.23 3.85 -14.74
CA LYS A 660 32.79 3.44 -16.02
C LYS A 660 34.11 4.16 -16.25
N ILE A 661 34.85 3.70 -17.26
CA ILE A 661 36.14 4.33 -17.55
C ILE A 661 35.93 5.77 -18.00
N ASP A 662 34.85 6.04 -18.72
CA ASP A 662 34.59 7.41 -19.18
C ASP A 662 34.34 8.34 -18.01
N ASP A 663 33.63 7.88 -16.98
CA ASP A 663 33.41 8.72 -15.80
C ASP A 663 34.72 9.03 -15.09
N ILE A 664 35.59 8.04 -14.96
CA ILE A 664 36.89 8.27 -14.34
C ILE A 664 37.70 9.24 -15.18
N LYS A 665 37.63 9.12 -16.50
CA LYS A 665 38.35 10.05 -17.36
C LYS A 665 37.83 11.46 -17.22
N ASN A 666 36.51 11.62 -17.10
CA ASN A 666 35.93 12.95 -16.87
C ASN A 666 36.41 13.53 -15.55
N LEU A 667 36.43 12.70 -14.50
CA LEU A 667 36.94 13.16 -13.22
C LEU A 667 38.40 13.60 -13.32
N GLU A 668 39.22 12.83 -14.03
CA GLU A 668 40.62 13.20 -14.20
C GLU A 668 40.75 14.49 -14.98
N ARG A 669 39.90 14.68 -15.99
CA ARG A 669 39.94 15.91 -16.77
C ARG A 669 39.62 17.12 -15.90
N SER A 670 38.51 17.07 -15.17
CA SER A 670 38.11 18.23 -14.37
C SER A 670 39.00 18.40 -13.15
N CYS A 671 39.30 17.32 -12.44
CA CYS A 671 40.04 17.38 -11.19
C CYS A 671 41.45 16.84 -11.38
N SER A 672 42.33 17.21 -10.45
CA SER A 672 43.70 16.70 -10.43
C SER A 672 43.77 15.58 -9.40
N ILE A 673 43.33 14.39 -9.82
CA ILE A 673 43.24 13.26 -8.89
C ILE A 673 44.61 12.86 -8.39
N ASP A 674 45.66 13.10 -9.18
CA ASP A 674 47.00 12.76 -8.75
C ASP A 674 47.44 13.55 -7.52
N LYS A 675 46.75 14.65 -7.22
CA LYS A 675 47.05 15.46 -6.04
C LYS A 675 46.17 15.10 -4.85
N ILE A 676 45.35 14.06 -4.96
CA ILE A 676 44.51 13.60 -3.86
C ILE A 676 45.23 12.47 -3.14
N ARG A 677 45.34 12.59 -1.82
CA ARG A 677 46.05 11.58 -1.04
C ARG A 677 45.15 10.37 -0.82
N PHE A 678 45.65 9.20 -1.18
CA PHE A 678 44.89 7.96 -1.09
C PHE A 678 45.25 7.25 0.21
N GLY A 679 44.25 7.05 1.07
CA GLY A 679 44.47 6.38 2.33
C GLY A 679 44.24 4.88 2.24
N GLU A 680 44.68 4.17 3.28
CA GLU A 680 44.54 2.73 3.36
C GLU A 680 45.07 2.06 2.10
N GLN A 681 46.24 2.51 1.65
CA GLN A 681 46.76 2.04 0.37
C GLN A 681 47.03 0.54 0.38
N GLU A 682 47.27 -0.03 1.56
CA GLU A 682 47.46 -1.49 1.63
C GLU A 682 46.17 -2.23 1.34
N LYS A 683 45.05 -1.75 1.87
CA LYS A 683 43.76 -2.37 1.56
C LYS A 683 43.42 -2.21 0.08
N ILE A 684 43.73 -1.05 -0.49
CA ILE A 684 43.52 -0.84 -1.92
C ILE A 684 44.37 -1.81 -2.72
N GLU A 685 45.63 -1.99 -2.32
CA GLU A 685 46.50 -2.92 -3.03
C GLU A 685 45.98 -4.34 -2.92
N GLU A 686 45.47 -4.73 -1.75
CA GLU A 686 44.89 -6.06 -1.59
C GLU A 686 43.68 -6.23 -2.49
N TYR A 687 42.83 -5.21 -2.59
CA TYR A 687 41.68 -5.28 -3.48
C TYR A 687 42.12 -5.45 -4.92
N LEU A 688 43.13 -4.69 -5.35
CA LEU A 688 43.64 -4.80 -6.71
C LEU A 688 44.25 -6.18 -6.96
N VAL A 689 44.98 -6.72 -5.98
CA VAL A 689 45.58 -8.03 -6.14
C VAL A 689 44.51 -9.11 -6.21
N GLY A 690 43.43 -8.96 -5.44
CA GLY A 690 42.33 -9.90 -5.54
C GLY A 690 41.65 -9.83 -6.89
N ILE A 691 41.48 -8.63 -7.42
CA ILE A 691 40.96 -8.49 -8.78
C ILE A 691 41.90 -9.19 -9.77
N ALA A 692 43.20 -9.06 -9.56
CA ALA A 692 44.16 -9.72 -10.44
C ALA A 692 44.05 -11.24 -10.35
N GLU A 693 43.89 -11.77 -9.13
CA GLU A 693 43.71 -13.20 -8.98
C GLU A 693 42.44 -13.67 -9.68
N GLU A 694 41.36 -12.90 -9.57
CA GLU A 694 40.14 -13.28 -10.27
C GLU A 694 40.31 -13.21 -11.78
N ILE A 695 41.08 -12.24 -12.27
CA ILE A 695 41.37 -12.20 -13.70
C ILE A 695 42.13 -13.44 -14.12
N THR A 696 43.13 -13.83 -13.33
CA THR A 696 43.90 -15.03 -13.65
C THR A 696 43.00 -16.27 -13.65
N LYS A 697 42.12 -16.38 -12.66
CA LYS A 697 41.27 -17.57 -12.54
C LYS A 697 40.25 -17.63 -13.66
N GLN A 698 39.53 -16.53 -13.91
CA GLN A 698 38.42 -16.56 -14.85
C GLN A 698 38.89 -16.84 -16.26
N PHE A 699 40.15 -16.52 -16.58
CA PHE A 699 40.67 -16.65 -17.93
C PHE A 699 41.90 -17.55 -17.96
N SER A 700 41.82 -18.68 -17.29
CA SER A 700 42.90 -19.66 -17.29
C SER A 700 42.35 -21.07 -17.49
N GLY A 703 38.50 -21.60 -16.75
CA GLY A 703 37.21 -21.67 -16.10
C GLY A 703 36.53 -20.33 -16.00
N MET A 704 36.00 -19.85 -17.13
CA MET A 704 35.35 -18.54 -17.20
C MET A 704 33.85 -18.70 -17.08
N ASN A 705 33.24 -17.93 -16.19
CA ASN A 705 31.80 -17.82 -16.07
C ASN A 705 31.36 -16.57 -16.84
N VAL A 706 30.63 -16.76 -17.93
CA VAL A 706 30.30 -15.63 -18.79
C VAL A 706 29.41 -14.63 -18.05
N VAL A 707 28.44 -15.13 -17.29
CA VAL A 707 27.52 -14.22 -16.60
C VAL A 707 28.26 -13.40 -15.55
N PHE A 708 29.06 -14.07 -14.72
CA PHE A 708 29.85 -13.34 -13.72
C PHE A 708 30.82 -12.39 -14.40
N TYR A 709 31.48 -12.85 -15.47
CA TYR A 709 32.43 -12.03 -16.21
C TYR A 709 31.78 -10.74 -16.69
N THR A 710 30.57 -10.83 -17.23
CA THR A 710 29.91 -9.64 -17.76
C THR A 710 29.89 -8.50 -16.74
N GLN A 711 29.50 -8.82 -15.51
CA GLN A 711 29.41 -7.79 -14.47
C GLN A 711 30.78 -7.43 -13.89
N PHE A 712 31.67 -8.41 -13.73
CA PHE A 712 32.90 -8.20 -12.99
C PHE A 712 34.02 -7.60 -13.82
N ILE A 713 34.00 -7.77 -15.14
CA ILE A 713 35.08 -7.24 -15.96
C ILE A 713 35.07 -5.72 -15.93
N SER A 714 33.88 -5.12 -15.88
CA SER A 714 33.82 -3.66 -15.78
C SER A 714 34.50 -3.16 -14.52
N GLU A 715 34.20 -3.78 -13.38
CA GLU A 715 34.82 -3.38 -12.13
C GLU A 715 36.33 -3.62 -12.14
N ALA A 716 36.76 -4.76 -12.70
CA ALA A 716 38.20 -5.02 -12.78
C ALA A 716 38.90 -4.00 -13.66
N LYS A 717 38.29 -3.67 -14.79
CA LYS A 717 38.84 -2.66 -15.69
C LYS A 717 38.97 -1.32 -14.99
N ALA A 718 37.89 -0.88 -14.32
CA ALA A 718 37.92 0.41 -13.64
C ALA A 718 38.93 0.41 -12.49
N ALA A 719 39.04 -0.71 -11.78
CA ALA A 719 40.00 -0.79 -10.67
C ALA A 719 41.43 -0.67 -11.20
N LEU A 720 41.74 -1.40 -12.27
CA LEU A 720 43.08 -1.31 -12.83
C LEU A 720 43.37 0.08 -13.38
N TYR A 721 42.35 0.71 -13.99
CA TYR A 721 42.53 2.07 -14.49
C TYR A 721 42.81 3.04 -13.36
N PHE A 722 42.04 2.95 -12.28
CA PHE A 722 42.19 3.86 -11.15
C PHE A 722 43.39 3.53 -10.28
N ALA A 723 44.00 2.35 -10.46
CA ALA A 723 45.16 1.98 -9.67
C ALA A 723 46.38 2.83 -9.97
N LYS A 724 46.35 3.64 -11.05
CA LYS A 724 47.47 4.51 -11.35
C LYS A 724 47.79 5.46 -10.20
N TYR A 725 46.82 5.76 -9.37
CA TYR A 725 46.97 6.76 -8.32
C TYR A 725 47.40 6.17 -6.97
N VAL A 726 47.61 4.87 -6.90
CA VAL A 726 47.97 4.20 -5.65
C VAL A 726 49.32 3.54 -5.83
N LYS A 727 50.24 3.80 -4.89
CA LYS A 727 51.52 3.13 -4.91
C LYS A 727 51.34 1.64 -4.62
N LEU A 728 52.12 0.82 -5.31
CA LEU A 728 51.98 -0.62 -5.21
C LEU A 728 53.34 -1.26 -4.89
N SER A 729 53.29 -2.37 -4.16
CA SER A 729 54.49 -3.13 -3.88
C SER A 729 54.91 -3.94 -5.10
N GLU A 730 56.13 -4.46 -5.04
CA GLU A 730 56.66 -5.20 -6.19
C GLU A 730 55.83 -6.42 -6.51
N GLU A 731 55.45 -7.20 -5.49
CA GLU A 731 54.67 -8.41 -5.74
C GLU A 731 53.26 -8.08 -6.23
N GLY A 732 52.59 -7.13 -5.58
CA GLY A 732 51.26 -6.75 -6.02
C GLY A 732 51.26 -6.14 -7.40
N LEU A 733 52.21 -5.24 -7.67
CA LEU A 733 52.32 -4.67 -8.99
C LEU A 733 52.61 -5.74 -10.03
N GLY A 734 53.48 -6.69 -9.71
CA GLY A 734 53.76 -7.75 -10.65
C GLY A 734 52.54 -8.60 -10.96
N LYS A 735 51.79 -8.98 -9.93
CA LYS A 735 50.57 -9.75 -10.15
C LYS A 735 49.59 -8.97 -11.00
N ILE A 736 49.40 -7.68 -10.70
CA ILE A 736 48.45 -6.86 -11.44
C ILE A 736 48.88 -6.76 -12.90
N VAL A 737 50.16 -6.51 -13.15
CA VAL A 737 50.64 -6.36 -14.51
C VAL A 737 50.52 -7.67 -15.27
N LYS A 738 50.83 -8.79 -14.62
CA LYS A 738 50.70 -10.08 -15.27
C LYS A 738 49.25 -10.35 -15.67
N ALA A 739 48.31 -10.09 -14.76
CA ALA A 739 46.90 -10.28 -15.09
C ALA A 739 46.47 -9.35 -16.20
N LEU A 740 46.91 -8.09 -16.16
CA LEU A 740 46.51 -7.12 -17.16
C LEU A 740 47.03 -7.49 -18.54
N LEU A 741 48.27 -7.95 -18.62
CA LEU A 741 48.89 -8.22 -19.92
C LEU A 741 48.49 -9.57 -20.48
N PHE A 742 48.47 -10.62 -19.64
CA PHE A 742 48.31 -11.98 -20.13
C PHE A 742 46.91 -12.52 -19.95
N TYR A 743 46.30 -12.36 -18.77
CA TYR A 743 45.02 -12.99 -18.46
C TYR A 743 43.86 -12.01 -18.47
N PHE A 744 44.06 -10.78 -18.94
CA PHE A 744 42.96 -9.85 -19.14
C PHE A 744 42.45 -9.99 -20.57
N PRO A 745 41.19 -10.37 -20.77
CA PRO A 745 40.73 -10.66 -22.13
C PRO A 745 40.91 -9.48 -23.07
N GLU A 746 41.36 -9.77 -24.28
CA GLU A 746 41.51 -8.74 -25.30
C GLU A 746 40.16 -8.20 -25.75
N ARG A 747 39.07 -8.92 -25.49
CA ARG A 747 37.74 -8.44 -25.86
C ARG A 747 37.40 -7.15 -25.14
N ASP A 748 37.99 -6.91 -23.97
CA ASP A 748 37.75 -5.70 -23.19
C ASP A 748 38.97 -4.80 -23.09
N LEU A 749 40.15 -5.27 -23.46
CA LEU A 749 41.37 -4.47 -23.38
C LEU A 749 42.20 -4.72 -24.63
N ASP A 750 42.20 -3.76 -25.56
CA ASP A 750 43.05 -3.85 -26.73
C ASP A 750 44.51 -3.90 -26.30
N ILE A 751 45.38 -4.15 -27.28
CA ILE A 751 46.82 -4.07 -27.01
C ILE A 751 47.20 -2.65 -26.62
N GLY A 752 46.66 -1.66 -27.34
CA GLY A 752 46.93 -0.28 -26.98
C GLY A 752 46.31 0.12 -25.66
N LYS A 753 45.07 -0.33 -25.40
CA LYS A 753 44.44 -0.05 -24.11
C LYS A 753 45.19 -0.73 -22.98
N ARG A 754 45.65 -1.96 -23.21
CA ARG A 754 46.46 -2.65 -22.21
C ARG A 754 47.75 -1.89 -21.94
N TYR A 755 48.39 -1.37 -22.99
CA TYR A 755 49.58 -0.57 -22.78
C TYR A 755 49.27 0.70 -21.99
N VAL A 756 48.12 1.32 -22.27
CA VAL A 756 47.73 2.52 -21.54
C VAL A 756 47.58 2.21 -20.06
N TRP A 757 46.89 1.11 -19.74
CA TRP A 757 46.75 0.68 -18.36
C TRP A 757 48.13 0.47 -17.72
N LEU A 758 49.04 -0.20 -18.43
CA LEU A 758 50.35 -0.49 -17.85
C LEU A 758 51.14 0.78 -17.59
N GLU A 759 51.16 1.70 -18.56
CA GLU A 759 51.92 2.93 -18.40
C GLU A 759 51.34 3.77 -17.28
N ARG A 760 50.02 3.77 -17.12
CA ARG A 760 49.41 4.41 -15.97
C ARG A 760 49.88 3.74 -14.68
N LEU A 761 49.97 2.42 -14.68
CA LEU A 761 50.45 1.71 -13.50
C LEU A 761 51.87 2.11 -13.14
N THR A 762 52.71 2.39 -14.14
CA THR A 762 54.08 2.81 -13.86
C THR A 762 54.16 4.20 -13.24
N LYS A 763 53.05 4.95 -13.23
CA LYS A 763 53.10 6.34 -12.79
C LYS A 763 53.57 6.46 -11.35
N CYS A 764 52.94 5.72 -10.44
CA CYS A 764 53.29 5.78 -9.03
C CYS A 764 54.41 4.83 -8.65
N ASN A 765 54.80 3.93 -9.54
CA ASN A 765 55.87 2.97 -9.28
C ASN A 765 56.72 2.85 -10.53
N GLU A 766 57.93 3.41 -10.48
CA GLU A 766 58.82 3.30 -11.63
C GLU A 766 59.05 1.83 -11.96
N LEU A 767 59.03 1.53 -13.25
CA LEU A 767 59.13 0.15 -13.72
C LEU A 767 60.33 -0.55 -13.11
N PRO A 768 60.12 -1.49 -12.20
CA PRO A 768 61.23 -2.23 -11.59
C PRO A 768 61.73 -3.33 -12.52
N LYS A 769 62.69 -4.09 -12.02
CA LYS A 769 63.25 -5.19 -12.82
C LYS A 769 62.22 -6.29 -13.05
N SER A 770 61.43 -6.61 -12.03
CA SER A 770 60.45 -7.69 -12.18
C SER A 770 59.38 -7.34 -13.21
N ILE A 771 58.83 -6.13 -13.13
CA ILE A 771 57.82 -5.72 -14.09
C ILE A 771 58.42 -5.60 -15.48
N ILE A 772 59.67 -5.14 -15.56
CA ILE A 772 60.35 -5.08 -16.85
C ILE A 772 60.49 -6.47 -17.45
N SER A 773 60.82 -7.46 -16.62
CA SER A 773 60.89 -8.84 -17.10
C SER A 773 59.53 -9.32 -17.54
N ILE A 774 58.47 -8.94 -16.84
CA ILE A 774 57.13 -9.33 -17.25
C ILE A 774 56.80 -8.74 -18.63
N ILE A 775 57.16 -7.48 -18.84
CA ILE A 775 56.93 -6.85 -20.14
C ILE A 775 57.76 -7.53 -21.21
N ASP A 776 58.98 -7.95 -20.87
CA ASP A 776 59.82 -8.67 -21.81
C ASP A 776 59.18 -10.00 -22.19
N ASP A 777 58.62 -10.70 -21.21
CA ASP A 777 57.92 -11.96 -21.50
C ASP A 777 56.73 -11.70 -22.41
N PHE A 778 55.99 -10.62 -22.14
CA PHE A 778 54.86 -10.27 -22.99
C PHE A 778 55.32 -10.01 -24.42
N LEU A 779 56.42 -9.28 -24.58
CA LEU A 779 56.92 -8.97 -25.91
C LEU A 779 57.42 -10.23 -26.63
N VAL A 780 58.07 -11.14 -25.90
CA VAL A 780 58.51 -12.40 -26.50
C VAL A 780 57.31 -13.21 -26.96
N LEU A 781 56.26 -13.25 -26.14
CA LEU A 781 55.04 -13.94 -26.56
C LEU A 781 54.43 -13.28 -27.78
N GLN A 782 54.46 -11.94 -27.84
CA GLN A 782 53.95 -11.24 -29.01
C GLN A 782 54.74 -11.61 -30.26
N ALA A 783 56.05 -11.69 -30.15
CA ALA A 783 56.87 -12.12 -31.29
C ALA A 783 56.52 -13.54 -31.70
N GLU A 784 56.32 -14.43 -30.72
CA GLU A 784 55.93 -15.79 -31.04
C GLU A 784 54.60 -15.83 -31.78
N LYS A 785 53.64 -15.00 -31.35
CA LYS A 785 52.38 -14.91 -32.10
C LYS A 785 52.64 -14.42 -33.52
N HIS A 786 53.53 -13.44 -33.67
CA HIS A 786 53.88 -12.95 -35.00
C HIS A 786 54.57 -14.00 -35.85
N ILE A 787 55.12 -15.05 -35.22
CA ILE A 787 55.71 -16.13 -35.99
C ILE A 787 54.67 -16.72 -36.94
N ASP A 788 53.45 -16.88 -36.46
CA ASP A 788 52.35 -17.22 -37.35
C ASP A 788 52.01 -16.03 -38.23
N GLN A 789 51.81 -16.29 -39.52
CA GLN A 789 51.57 -15.20 -40.46
C GLN A 789 50.23 -14.52 -40.23
N ASN A 790 49.23 -15.28 -39.77
CA ASN A 790 47.88 -14.74 -39.62
C ASN A 790 47.78 -13.67 -38.53
N TYR A 791 48.73 -13.63 -37.59
CA TYR A 791 48.59 -12.76 -36.44
C TYR A 791 48.65 -11.29 -36.85
N SER A 792 47.88 -10.47 -36.14
CA SER A 792 47.89 -9.03 -36.34
C SER A 792 47.35 -8.36 -35.09
N GLU A 793 48.06 -7.32 -34.64
CA GLU A 793 47.70 -6.61 -33.41
C GLU A 793 46.78 -5.45 -33.74
N VAL A 794 45.59 -5.46 -33.13
CA VAL A 794 44.59 -4.41 -33.34
C VAL A 794 44.47 -3.61 -32.04
N SER A 795 44.54 -2.29 -32.16
CA SER A 795 44.44 -1.40 -31.01
C SER A 795 43.81 -0.08 -31.43
N SER A 796 42.73 0.30 -30.76
CA SER A 796 42.08 1.57 -31.07
C SER A 796 42.88 2.75 -30.54
N ASN A 797 43.60 2.57 -29.44
CA ASN A 797 44.41 3.63 -28.86
C ASN A 797 45.60 4.02 -29.74
N GLY A 798 45.90 3.24 -30.77
CA GLY A 798 47.04 3.51 -31.61
C GLY A 798 48.36 3.05 -31.05
N LEU A 799 48.37 2.29 -29.98
CA LEU A 799 49.58 1.82 -29.34
C LEU A 799 49.71 0.30 -29.56
N TYR A 800 50.94 -0.14 -29.83
CA TYR A 800 51.20 -1.55 -30.10
C TYR A 800 52.40 -2.03 -29.30
N SER A 801 52.86 -3.25 -29.59
CA SER A 801 54.00 -3.81 -28.85
C SER A 801 55.21 -2.88 -28.91
N ARG A 802 55.37 -2.14 -30.00
CA ARG A 802 56.45 -1.17 -30.06
C ARG A 802 56.36 -0.18 -28.92
N ASP A 803 55.15 0.16 -28.49
CA ASP A 803 55.00 1.05 -27.35
C ASP A 803 55.51 0.40 -26.07
N TYR A 804 55.24 -0.89 -25.87
CA TYR A 804 55.77 -1.58 -24.71
C TYR A 804 57.29 -1.60 -24.74
N GLY A 805 57.87 -1.87 -25.91
CA GLY A 805 59.33 -1.83 -26.02
C GLY A 805 59.89 -0.45 -25.75
N ALA A 806 59.22 0.58 -26.25
CA ALA A 806 59.65 1.95 -25.99
C ALA A 806 59.59 2.28 -24.51
N LEU A 807 58.53 1.81 -23.83
CA LEU A 807 58.45 2.02 -22.39
C LEU A 807 59.59 1.31 -21.67
N ILE A 808 59.89 0.07 -22.07
CA ILE A 808 60.98 -0.66 -21.44
C ILE A 808 62.30 0.08 -21.60
N LYS A 809 62.58 0.54 -22.83
CA LYS A 809 63.82 1.27 -23.06
C LYS A 809 63.81 2.65 -22.43
N HIS A 810 62.62 3.20 -22.16
CA HIS A 810 62.52 4.49 -21.48
C HIS A 810 62.84 4.36 -20.01
N PHE A 811 62.33 3.33 -19.35
CA PHE A 811 62.60 3.16 -17.93
C PHE A 811 63.96 2.53 -17.66
N GLU A 812 64.65 2.06 -18.70
CA GLU A 812 66.06 1.73 -18.61
C GLU A 812 66.68 2.00 -19.97
N LYS A 813 67.66 2.90 -20.01
CA LYS A 813 68.13 3.42 -21.29
C LYS A 813 68.66 2.30 -22.19
N ASN A 814 69.43 1.37 -21.61
CA ASN A 814 69.99 0.25 -22.35
C ASN A 814 69.35 -1.02 -21.85
N PHE A 815 68.42 -1.58 -22.64
CA PHE A 815 67.76 -2.84 -22.30
C PHE A 815 67.94 -3.79 -23.47
N ILE A 816 68.58 -4.93 -23.22
CA ILE A 816 68.80 -5.95 -24.24
C ILE A 816 67.87 -7.11 -23.95
N SER A 817 67.00 -7.42 -24.90
CA SER A 817 66.07 -8.54 -24.79
C SER A 817 66.76 -9.77 -25.33
N LYS A 818 67.20 -10.65 -24.43
CA LYS A 818 67.92 -11.85 -24.87
C LYS A 818 67.02 -12.71 -25.77
N ARG A 819 65.78 -12.93 -25.35
CA ARG A 819 64.90 -13.84 -26.09
C ARG A 819 64.44 -13.22 -27.40
N LEU A 820 64.14 -11.92 -27.40
CA LEU A 820 63.74 -11.27 -28.65
C LEU A 820 64.86 -11.28 -29.66
N SER A 821 66.09 -10.96 -29.22
CA SER A 821 67.22 -11.00 -30.14
C SER A 821 67.53 -12.41 -30.58
N GLU A 822 67.34 -13.40 -29.70
CA GLU A 822 67.52 -14.79 -30.11
C GLU A 822 66.53 -15.18 -31.19
N ILE A 823 65.27 -14.76 -31.04
CA ILE A 823 64.29 -14.97 -32.11
C ILE A 823 64.75 -14.27 -33.39
N THR A 824 65.32 -13.07 -33.24
CA THR A 824 65.79 -12.33 -34.40
C THR A 824 66.88 -13.09 -35.15
N LEU A 825 67.82 -13.69 -34.41
CA LEU A 825 68.91 -14.41 -35.05
C LEU A 825 68.40 -15.61 -35.83
N CYS A 826 67.43 -16.33 -35.28
CA CYS A 826 66.84 -17.49 -35.94
C CYS A 826 65.83 -17.11 -37.01
N LEU A 827 65.81 -15.84 -37.42
CA LEU A 827 64.83 -15.38 -38.39
C LEU A 827 65.17 -15.86 -39.79
N THR A 828 64.14 -16.01 -40.62
CA THR A 828 64.28 -16.40 -42.01
C THR A 828 63.46 -15.47 -42.89
N GLN A 829 63.54 -15.66 -44.20
CA GLN A 829 62.83 -14.79 -45.12
C GLN A 829 61.36 -15.12 -45.22
N ASP A 830 60.97 -16.37 -44.96
CA ASP A 830 59.57 -16.76 -45.13
C ASP A 830 58.63 -15.95 -44.27
N LYS A 831 59.11 -15.36 -43.19
CA LYS A 831 58.29 -14.56 -42.29
C LYS A 831 58.34 -13.11 -42.74
N GLN A 832 57.17 -12.52 -43.01
CA GLN A 832 57.07 -11.13 -43.42
C GLN A 832 56.58 -10.20 -42.31
N LYS A 833 55.62 -10.66 -41.50
CA LYS A 833 55.15 -9.87 -40.37
C LYS A 833 56.17 -9.86 -39.24
N GLN A 834 56.80 -11.01 -38.99
CA GLN A 834 57.75 -11.11 -37.88
C GLN A 834 58.94 -10.19 -38.08
N ILE A 835 59.42 -10.06 -39.32
CA ILE A 835 60.59 -9.22 -39.58
C ILE A 835 60.28 -7.77 -39.20
N ASP A 836 59.16 -7.24 -39.67
CA ASP A 836 58.81 -5.87 -39.34
C ASP A 836 58.54 -5.71 -37.85
N PHE A 837 57.86 -6.68 -37.25
CA PHE A 837 57.58 -6.60 -35.81
C PHE A 837 58.87 -6.48 -35.02
N LEU A 838 59.81 -7.39 -35.25
CA LEU A 838 61.09 -7.32 -34.55
C LEU A 838 61.86 -6.07 -34.93
N PHE A 839 61.63 -5.52 -36.12
CA PHE A 839 62.25 -4.27 -36.50
C PHE A 839 61.77 -3.13 -35.62
N LYS A 840 60.46 -3.07 -35.36
CA LYS A 840 59.90 -1.99 -34.54
C LYS A 840 60.46 -2.00 -33.13
N LEU A 841 61.01 -3.12 -32.68
CA LEU A 841 61.55 -3.25 -31.32
C LEU A 841 63.08 -3.33 -31.32
N LEU A 842 63.71 -2.68 -32.29
CA LEU A 842 65.16 -2.75 -32.40
C LEU A 842 65.89 -2.33 -31.14
N PRO A 843 65.50 -1.25 -30.44
CA PRO A 843 66.29 -0.81 -29.27
C PRO A 843 66.38 -1.84 -28.16
N LEU A 844 65.50 -2.83 -28.13
CA LEU A 844 65.52 -3.87 -27.12
C LEU A 844 66.35 -5.07 -27.52
N LEU A 845 66.98 -5.05 -28.68
CA LEU A 845 67.70 -6.19 -29.22
C LEU A 845 69.19 -6.11 -28.84
N SER A 846 69.97 -7.03 -29.40
CA SER A 846 71.42 -7.04 -29.25
C SER A 846 72.08 -6.62 -30.56
N THR A 847 73.37 -6.33 -30.48
CA THR A 847 74.10 -5.82 -31.64
C THR A 847 73.96 -6.74 -32.84
N ASN A 848 74.27 -8.03 -32.65
CA ASN A 848 74.21 -8.97 -33.77
C ASN A 848 72.78 -9.11 -34.29
N ALA A 849 71.81 -9.21 -33.39
CA ALA A 849 70.42 -9.36 -33.82
C ALA A 849 69.95 -8.14 -34.60
N LYS A 850 70.30 -6.94 -34.12
CA LYS A 850 69.90 -5.72 -34.83
C LYS A 850 70.59 -5.63 -36.18
N SER A 851 71.86 -6.04 -36.26
CA SER A 851 72.57 -6.04 -37.53
C SER A 851 71.88 -6.97 -38.52
N HIS A 852 71.53 -8.17 -38.06
CA HIS A 852 70.81 -9.11 -38.94
C HIS A 852 69.48 -8.53 -39.38
N LEU A 853 68.74 -7.92 -38.45
CA LEU A 853 67.44 -7.35 -38.79
C LEU A 853 67.57 -6.26 -39.83
N LEU A 854 68.54 -5.37 -39.66
CA LEU A 854 68.74 -4.29 -40.62
C LEU A 854 69.16 -4.84 -41.98
N SER A 855 70.09 -5.79 -42.00
CA SER A 855 70.46 -6.42 -43.25
C SER A 855 69.25 -7.07 -43.91
N PHE A 856 68.28 -7.50 -43.12
CA PHE A 856 67.09 -8.15 -43.64
C PHE A 856 65.96 -7.14 -43.88
N LYS A 857 65.81 -6.15 -43.01
CA LYS A 857 64.75 -5.16 -43.11
C LYS A 857 65.35 -3.83 -43.54
N SER A 858 64.86 -3.29 -44.65
CA SER A 858 65.33 -2.01 -45.18
C SER A 858 64.20 -1.00 -45.11
N VAL A 859 64.56 0.24 -44.75
CA VAL A 859 63.59 1.32 -44.68
C VAL A 859 63.17 1.67 -46.10
N GLU A 860 61.97 1.24 -46.50
CA GLU A 860 61.51 1.41 -47.86
C GLU A 860 60.08 1.91 -47.98
N ASN A 861 59.28 1.88 -46.92
CA ASN A 861 57.91 2.35 -46.95
C ASN A 861 57.71 3.37 -45.83
N ILE A 862 56.55 4.02 -45.86
CA ILE A 862 56.29 5.09 -44.90
C ILE A 862 56.29 4.56 -43.47
N ASN A 863 55.66 3.40 -43.26
CA ASN A 863 55.63 2.82 -41.92
C ASN A 863 57.03 2.48 -41.43
N ASP A 864 57.87 1.95 -42.31
CA ASP A 864 59.26 1.66 -41.93
C ASP A 864 60.01 2.93 -41.59
N LEU A 865 59.77 4.01 -42.34
CA LEU A 865 60.39 5.29 -42.02
C LEU A 865 59.96 5.76 -40.64
N MET A 866 58.67 5.66 -40.34
CA MET A 866 58.17 6.07 -39.02
C MET A 866 58.81 5.23 -37.92
N ASN A 867 58.87 3.92 -38.11
CA ASN A 867 59.45 3.06 -37.09
C ASN A 867 60.93 3.35 -36.89
N GLY A 868 61.65 3.61 -37.98
CA GLY A 868 63.07 3.95 -37.85
C GLY A 868 63.28 5.26 -37.12
N ILE A 869 62.47 6.27 -37.43
CA ILE A 869 62.58 7.54 -36.73
C ILE A 869 62.23 7.37 -35.26
N ARG A 870 61.26 6.49 -34.96
CA ARG A 870 60.85 6.28 -33.58
C ARG A 870 61.94 5.59 -32.77
N ILE A 871 62.38 4.42 -33.22
CA ILE A 871 63.41 3.68 -32.49
C ILE A 871 64.73 4.43 -32.49
N GLY A 872 64.91 5.37 -33.41
CA GLY A 872 66.13 6.14 -33.50
C GLY A 872 67.11 5.71 -34.56
N LEU A 873 66.74 4.73 -35.40
CA LEU A 873 67.65 4.28 -36.44
C LEU A 873 68.03 5.42 -37.37
N ILE A 874 67.07 6.27 -37.72
CA ILE A 874 67.29 7.42 -38.59
C ILE A 874 67.06 8.68 -37.77
N ASP A 875 67.98 9.64 -37.88
CA ASP A 875 67.87 10.90 -37.17
C ASP A 875 67.47 12.06 -38.09
N GLU A 876 67.96 12.07 -39.31
CA GLU A 876 67.65 13.10 -40.28
C GLU A 876 67.07 12.46 -41.54
N PHE A 877 66.28 13.24 -42.28
CA PHE A 877 65.59 12.76 -43.46
C PHE A 877 66.42 13.04 -44.70
N THR A 878 66.86 11.99 -45.38
CA THR A 878 67.55 12.10 -46.65
C THR A 878 66.56 12.30 -47.79
N PRO A 879 67.04 12.74 -48.95
CA PRO A 879 66.13 12.98 -50.08
C PRO A 879 65.22 11.79 -50.37
N GLU A 880 65.71 10.57 -50.15
CA GLU A 880 64.87 9.40 -50.38
C GLU A 880 63.67 9.38 -49.46
N HIS A 881 63.87 9.70 -48.18
CA HIS A 881 62.76 9.72 -47.23
C HIS A 881 61.72 10.77 -47.62
N GLU A 882 62.19 11.97 -47.96
CA GLU A 882 61.26 13.01 -48.40
C GLU A 882 60.55 12.61 -49.68
N GLU A 883 61.22 11.87 -50.56
CA GLU A 883 60.56 11.37 -51.76
C GLU A 883 59.47 10.37 -51.40
N LEU A 884 59.72 9.50 -50.43
CA LEU A 884 58.67 8.59 -49.97
C LEU A 884 57.48 9.37 -49.42
N ILE A 885 57.75 10.39 -48.61
CA ILE A 885 56.68 11.21 -48.06
C ILE A 885 55.88 11.87 -49.19
N ILE A 886 56.58 12.41 -50.19
CA ILE A 886 55.92 13.08 -51.29
C ILE A 886 55.08 12.09 -52.10
N GLU A 887 55.59 10.88 -52.28
CA GLU A 887 54.81 9.87 -53.01
C GLU A 887 53.55 9.49 -52.26
N TYR A 888 53.66 9.34 -50.93
CA TYR A 888 52.47 9.09 -50.13
C TYR A 888 51.46 10.23 -50.28
N LEU A 889 51.95 11.47 -50.24
CA LEU A 889 51.04 12.62 -50.37
C LEU A 889 50.41 12.66 -51.76
N GLU A 890 51.18 12.31 -52.79
CA GLU A 890 50.61 12.24 -54.14
C GLU A 890 49.51 11.20 -54.22
N THR A 891 49.73 10.02 -53.63
CA THR A 891 48.69 9.00 -53.61
C THR A 891 47.44 9.52 -52.91
N ARG A 892 47.62 10.17 -51.76
CA ARG A 892 46.47 10.71 -51.04
C ARG A 892 45.74 11.74 -51.88
N LYS A 893 46.47 12.64 -52.53
CA LYS A 893 45.86 13.68 -53.34
C LYS A 893 45.08 13.08 -54.52
N VAL A 894 45.68 12.11 -55.21
CA VAL A 894 45.01 11.51 -56.35
C VAL A 894 43.75 10.79 -55.90
N ASN A 895 43.82 10.06 -54.79
CA ASN A 895 42.63 9.38 -54.28
C ASN A 895 41.55 10.37 -53.88
N TYR A 896 41.95 11.50 -53.28
CA TYR A 896 40.96 12.45 -52.78
C TYR A 896 40.07 12.98 -53.89
N ILE A 897 40.66 13.33 -55.04
CA ILE A 897 39.88 13.86 -56.15
C ILE A 897 38.97 12.79 -56.73
N ASP A 911 46.92 10.90 -38.70
CA ASP A 911 47.93 9.90 -38.35
C ASP A 911 49.25 10.19 -39.07
N TYR A 912 49.24 10.04 -40.39
CA TYR A 912 50.43 10.26 -41.21
C TYR A 912 50.54 11.71 -41.66
N MET A 913 49.44 12.28 -42.17
CA MET A 913 49.48 13.66 -42.62
C MET A 913 49.79 14.61 -41.47
N SER A 914 49.22 14.34 -40.30
CA SER A 914 49.53 15.16 -39.13
C SER A 914 51.01 15.05 -38.76
N THR A 915 51.57 13.85 -38.83
CA THR A 915 52.99 13.68 -38.54
C THR A 915 53.85 14.45 -39.51
N PHE A 916 53.52 14.39 -40.80
CA PHE A 916 54.27 15.12 -41.81
C PHE A 916 54.16 16.62 -41.60
N GLY A 917 52.96 17.10 -41.24
CA GLY A 917 52.80 18.52 -40.96
C GLY A 917 53.61 18.95 -39.76
N ILE A 918 53.63 18.13 -38.71
CA ILE A 918 54.45 18.43 -37.54
C ILE A 918 55.91 18.52 -37.93
N TRP A 919 56.38 17.56 -38.73
CA TRP A 919 57.78 17.57 -39.15
C TRP A 919 58.10 18.80 -39.99
N TYR A 920 57.20 19.16 -40.90
CA TYR A 920 57.45 20.33 -41.76
C TYR A 920 57.48 21.61 -40.94
N PHE A 921 56.49 21.81 -40.08
CA PHE A 921 56.48 22.99 -39.22
C PHE A 921 57.71 23.01 -38.32
N LEU A 922 58.19 21.84 -37.91
CA LEU A 922 59.35 21.77 -37.04
C LEU A 922 60.66 22.04 -37.76
N GLU A 923 60.64 22.06 -39.09
CA GLU A 923 61.81 22.28 -39.94
C GLU A 923 62.67 21.03 -40.04
N GLU A 924 62.23 19.90 -39.49
CA GLU A 924 62.97 18.65 -39.68
C GLU A 924 62.97 18.22 -41.14
N ILE A 925 61.98 18.65 -41.90
CA ILE A 925 61.92 18.43 -43.35
C ILE A 925 61.90 19.79 -44.02
N ASN A 926 62.92 20.08 -44.82
CA ASN A 926 63.07 21.37 -45.48
C ASN A 926 62.82 21.30 -46.98
N ASN A 927 62.21 20.21 -47.46
CA ASN A 927 61.99 20.07 -48.90
C ASN A 927 61.18 21.24 -49.45
N SER A 928 60.22 21.76 -48.68
CA SER A 928 59.40 22.91 -49.04
C SER A 928 58.34 22.61 -50.09
N LYS A 929 58.27 21.39 -50.60
CA LYS A 929 57.23 21.01 -51.54
C LYS A 929 56.00 20.47 -50.86
N MET A 930 55.93 20.56 -49.52
CA MET A 930 54.78 20.03 -48.79
C MET A 930 53.52 20.84 -49.03
N GLU A 931 53.63 22.15 -49.23
CA GLU A 931 52.46 23.00 -49.34
C GLU A 931 51.59 22.62 -50.52
N GLU A 932 52.11 21.84 -51.47
CA GLU A 932 51.31 21.37 -52.59
C GLU A 932 50.15 20.49 -52.14
N PHE A 933 50.17 20.00 -50.90
CA PHE A 933 49.23 18.99 -50.43
C PHE A 933 48.42 19.49 -49.25
N ILE A 934 47.88 20.70 -49.33
CA ILE A 934 47.01 21.24 -48.29
C ILE A 934 45.58 21.24 -48.77
N GLY A 935 44.68 20.74 -47.94
CA GLY A 935 43.27 20.70 -48.28
C GLY A 935 42.58 19.40 -47.95
N MET A 936 43.35 18.40 -47.50
CA MET A 936 42.78 17.10 -47.15
C MET A 936 42.46 17.02 -45.66
N ASP A 937 43.47 17.21 -44.80
CA ASP A 937 43.31 17.20 -43.36
C ASP A 937 43.71 18.54 -42.78
N ASP A 938 43.01 18.95 -41.72
CA ASP A 938 43.17 20.30 -41.19
C ASP A 938 44.46 20.48 -40.39
N GLN A 939 44.89 19.45 -39.66
CA GLN A 939 46.11 19.59 -38.86
C GLN A 939 47.32 19.87 -39.74
N TYR A 940 47.40 19.19 -40.88
CA TYR A 940 48.50 19.44 -41.81
C TYR A 940 48.47 20.88 -42.33
N ASP A 941 47.30 21.36 -42.71
CA ASP A 941 47.19 22.74 -43.17
C ASP A 941 47.59 23.72 -42.08
N PHE A 942 47.16 23.47 -40.85
CA PHE A 942 47.50 24.35 -39.75
C PHE A 942 49.00 24.37 -39.51
N PHE A 943 49.64 23.21 -39.56
CA PHE A 943 51.06 23.14 -39.22
C PHE A 943 51.94 23.72 -40.32
N VAL A 944 51.68 23.33 -41.58
CA VAL A 944 52.57 23.72 -42.67
C VAL A 944 52.49 25.23 -42.92
N ASP A 945 51.28 25.77 -43.01
CA ASP A 945 51.05 27.17 -43.35
C ASP A 945 50.16 27.80 -42.30
N PRO A 946 50.73 28.21 -41.17
CA PRO A 946 49.90 28.81 -40.10
C PRO A 946 49.09 30.00 -40.56
N GLU A 947 49.66 30.86 -41.40
CA GLU A 947 48.96 32.08 -41.80
C GLU A 947 47.71 31.77 -42.61
N ASN A 948 47.82 30.83 -43.55
CA ASN A 948 46.71 30.57 -44.48
C ASN A 948 45.64 29.67 -43.88
N PHE A 949 45.91 29.01 -42.75
CA PHE A 949 44.94 28.08 -42.18
C PHE A 949 43.75 28.83 -41.62
N ASP A 950 42.55 28.41 -42.01
CA ASP A 950 41.33 28.91 -41.40
C ASP A 950 41.17 28.29 -40.01
N TYR A 951 40.89 29.14 -39.02
CA TYR A 951 40.87 28.68 -37.64
C TYR A 951 39.46 28.35 -37.13
N LYS A 952 38.44 28.51 -37.97
CA LYS A 952 37.14 27.95 -37.64
C LYS A 952 37.12 26.43 -37.76
N LYS A 953 38.19 25.84 -38.31
CA LYS A 953 38.33 24.40 -38.43
C LYS A 953 39.43 23.85 -37.53
N PHE A 954 39.89 24.64 -36.55
CA PHE A 954 40.86 24.17 -35.58
C PHE A 954 40.19 23.34 -34.50
N ILE A 955 40.85 22.28 -34.08
CA ILE A 955 40.36 21.38 -33.04
C ILE A 955 41.17 21.64 -31.78
N PRO A 956 40.55 22.11 -30.68
CA PRO A 956 41.32 22.29 -29.45
C PRO A 956 42.00 21.03 -28.97
N SER A 957 41.37 19.88 -29.16
CA SER A 957 41.95 18.63 -28.68
C SER A 957 43.35 18.41 -29.22
N TRP A 958 43.65 18.95 -30.40
CA TRP A 958 44.99 18.80 -30.97
C TRP A 958 46.06 19.24 -29.99
N LEU A 959 45.81 20.33 -29.26
CA LEU A 959 46.83 20.86 -28.37
C LEU A 959 47.20 19.87 -27.27
N LYS A 960 46.36 18.87 -27.01
CA LYS A 960 46.69 17.87 -26.01
C LYS A 960 47.72 16.86 -26.52
N ASN A 961 47.73 16.60 -27.83
CA ASN A 961 48.68 15.64 -28.38
C ASN A 961 50.09 16.21 -28.49
N TYR A 962 50.21 17.51 -28.76
CA TYR A 962 51.52 18.11 -28.95
C TYR A 962 52.34 18.02 -27.67
N ASN A 963 53.63 17.72 -27.82
CA ASN A 963 54.52 17.59 -26.68
C ASN A 963 55.03 18.98 -26.27
N ASP A 964 55.94 19.01 -25.30
CA ASP A 964 56.44 20.29 -24.80
C ASP A 964 57.12 21.09 -25.89
N LYS A 965 58.04 20.47 -26.63
CA LYS A 965 58.85 21.21 -27.59
C LYS A 965 58.02 21.68 -28.78
N LEU A 966 57.13 20.83 -29.28
CA LEU A 966 56.23 21.28 -30.34
C LEU A 966 55.30 22.38 -29.85
N LEU A 967 54.83 22.28 -28.61
CA LEU A 967 53.99 23.33 -28.05
C LEU A 967 54.74 24.66 -27.99
N GLY A 968 56.01 24.62 -27.57
CA GLY A 968 56.81 25.84 -27.55
C GLY A 968 57.03 26.39 -28.94
N LYS A 969 57.25 25.52 -29.92
CA LYS A 969 57.38 25.99 -31.30
C LYS A 969 56.11 26.67 -31.78
N ILE A 970 54.96 26.08 -31.47
CA ILE A 970 53.69 26.71 -31.86
C ILE A 970 53.51 28.05 -31.16
N ALA A 971 53.87 28.12 -29.88
CA ALA A 971 53.72 29.37 -29.14
C ALA A 971 54.60 30.46 -29.71
N GLY A 972 55.85 30.11 -30.05
CA GLY A 972 56.78 31.07 -30.61
C GLY A 972 56.62 31.35 -32.09
N ASN A 973 55.68 30.66 -32.75
CA ASN A 973 55.50 30.87 -34.18
C ASN A 973 55.06 32.30 -34.49
N LYS A 974 54.42 32.97 -33.52
CA LYS A 974 53.97 34.35 -33.66
C LYS A 974 53.09 34.52 -34.90
N HIS A 975 52.70 33.41 -35.51
CA HIS A 975 51.80 33.40 -36.66
C HIS A 975 50.44 32.80 -36.34
N MET A 976 50.41 31.80 -35.48
CA MET A 976 49.17 31.25 -34.92
C MET A 976 49.08 31.46 -33.42
N LYS A 977 50.07 32.13 -32.82
CA LYS A 977 50.11 32.22 -31.36
C LYS A 977 48.85 32.87 -30.80
N HIS A 978 48.39 33.95 -31.42
CA HIS A 978 47.19 34.61 -30.93
C HIS A 978 45.94 33.78 -31.18
N HIS A 979 45.87 33.07 -32.31
CA HIS A 979 44.73 32.22 -32.57
C HIS A 979 44.64 31.07 -31.57
N VAL A 980 45.78 30.41 -31.31
CA VAL A 980 45.79 29.36 -30.30
C VAL A 980 45.53 29.95 -28.92
N ILE A 981 45.94 31.20 -28.69
CA ILE A 981 45.62 31.86 -27.44
C ILE A 981 44.12 31.98 -27.27
N GLU A 982 43.43 32.41 -28.32
CA GLU A 982 41.96 32.52 -28.26
C GLU A 982 41.31 31.16 -28.07
N VAL A 983 41.81 30.14 -28.78
CA VAL A 983 41.26 28.79 -28.61
C VAL A 983 41.43 28.33 -27.16
N LEU A 984 42.62 28.55 -26.59
CA LEU A 984 42.86 28.12 -25.23
C LEU A 984 42.02 28.92 -24.25
N LYS A 985 41.79 30.20 -24.51
CA LYS A 985 40.92 30.99 -23.65
C LYS A 985 39.49 30.43 -23.66
N GLU A 986 38.99 30.12 -24.85
CA GLU A 986 37.64 29.56 -24.94
C GLU A 986 37.57 28.22 -24.24
N ARG A 987 38.61 27.40 -24.36
CA ARG A 987 38.59 26.09 -23.73
C ARG A 987 38.70 26.21 -22.20
N VAL A 988 39.49 27.17 -21.72
CA VAL A 988 39.59 27.38 -20.29
C VAL A 988 38.27 27.89 -19.72
N LYS A 989 37.55 28.70 -20.50
CA LYS A 989 36.27 29.22 -20.02
C LYS A 989 35.18 28.18 -20.07
N ASN A 990 34.88 27.66 -21.27
CA ASN A 990 33.71 26.83 -21.49
C ASN A 990 33.97 25.33 -21.38
N SER A 991 35.19 24.92 -21.03
CA SER A 991 35.50 23.51 -20.88
C SER A 991 36.04 23.24 -19.49
N ASN A 992 35.79 22.03 -19.00
CA ASN A 992 36.23 21.62 -17.67
C ASN A 992 37.59 20.94 -17.69
N ASP A 993 38.19 20.77 -18.85
CA ASP A 993 39.52 20.16 -18.94
C ASP A 993 40.58 21.15 -18.47
N LYS A 994 41.43 20.70 -17.54
CA LYS A 994 42.50 21.53 -17.02
C LYS A 994 43.77 21.47 -17.86
N ARG A 995 43.83 20.56 -18.84
CA ARG A 995 45.00 20.51 -19.71
C ARG A 995 45.16 21.79 -20.51
N TYR A 996 44.05 22.35 -20.98
CA TYR A 996 44.12 23.59 -21.74
C TYR A 996 44.67 24.73 -20.89
N LEU A 997 44.21 24.84 -19.64
CA LEU A 997 44.75 25.86 -18.75
C LEU A 997 46.23 25.65 -18.49
N GLU A 998 46.63 24.38 -18.27
CA GLU A 998 48.04 24.10 -18.05
C GLU A 998 48.88 24.53 -19.24
N ILE A 999 48.41 24.20 -20.45
CA ILE A 999 49.15 24.55 -21.66
C ILE A 999 49.26 26.06 -21.80
N LEU A 1000 48.13 26.77 -21.62
CA LEU A 1000 48.12 28.21 -21.77
C LEU A 1000 49.04 28.88 -20.75
N MET A 1001 49.02 28.40 -19.51
CA MET A 1001 49.83 29.04 -18.47
C MET A 1001 51.31 28.68 -18.57
N ASN A 1002 51.64 27.52 -19.14
CA ASN A 1002 53.04 27.11 -19.20
C ASN A 1002 53.71 27.64 -20.45
N TYR A 1003 53.04 27.57 -21.60
CA TYR A 1003 53.64 27.98 -22.87
C TYR A 1003 53.01 29.22 -23.48
N PHE A 1004 51.91 29.71 -22.91
CA PHE A 1004 51.20 30.87 -23.46
C PHE A 1004 50.88 30.65 -24.94
N ILE A 1005 50.46 29.43 -25.26
CA ILE A 1005 50.12 29.08 -26.63
C ILE A 1005 48.72 29.57 -26.97
N SER B 8 2.73 -29.00 -26.77
CA SER B 8 2.22 -27.74 -26.21
C SER B 8 1.40 -26.98 -27.24
N LYS B 9 1.97 -26.76 -28.42
CA LYS B 9 1.24 -26.06 -29.48
C LYS B 9 -0.01 -26.84 -29.87
N ARG B 10 0.10 -28.16 -30.00
CA ARG B 10 -1.07 -28.97 -30.34
C ARG B 10 -2.13 -28.87 -29.25
N TYR B 11 -1.72 -28.93 -27.98
CA TYR B 11 -2.69 -28.79 -26.90
C TYR B 11 -3.35 -27.43 -26.91
N GLY B 12 -2.57 -26.37 -27.14
CA GLY B 12 -3.16 -25.03 -27.20
C GLY B 12 -4.16 -24.90 -28.33
N GLU B 13 -3.81 -25.44 -29.51
CA GLU B 13 -4.73 -25.37 -30.64
C GLU B 13 -6.00 -26.17 -30.37
N LYS B 14 -5.87 -27.34 -29.74
CA LYS B 14 -7.06 -28.13 -29.42
C LYS B 14 -7.92 -27.43 -28.38
N LEU B 15 -7.30 -26.76 -27.41
CA LEU B 15 -8.06 -25.99 -26.45
C LEU B 15 -8.80 -24.85 -27.12
N LYS B 16 -8.14 -24.17 -28.07
CA LYS B 16 -8.81 -23.11 -28.81
C LYS B 16 -10.00 -23.64 -29.60
N GLU B 17 -9.84 -24.80 -30.25
CA GLU B 17 -10.95 -25.36 -31.00
C GLU B 17 -12.08 -25.80 -30.07
N VAL B 18 -11.74 -26.35 -28.91
CA VAL B 18 -12.76 -26.72 -27.93
C VAL B 18 -13.55 -25.50 -27.49
N PHE B 19 -12.84 -24.39 -27.22
CA PHE B 19 -13.53 -23.16 -26.85
C PHE B 19 -14.42 -22.68 -27.98
N LEU B 20 -13.93 -22.78 -29.23
CA LEU B 20 -14.73 -22.32 -30.36
C LEU B 20 -16.01 -23.12 -30.51
N MET B 21 -15.93 -24.43 -30.30
CA MET B 21 -17.11 -25.29 -30.39
C MET B 21 -17.81 -25.46 -29.04
N LEU B 22 -17.37 -24.74 -28.01
CA LEU B 22 -17.99 -24.82 -26.70
C LEU B 22 -19.43 -24.32 -26.75
N ASP B 23 -20.26 -24.83 -25.86
CA ASP B 23 -21.66 -24.44 -25.81
C ASP B 23 -21.80 -23.01 -25.29
N ASN B 24 -22.94 -22.40 -25.61
CA ASN B 24 -23.18 -21.02 -25.20
C ASN B 24 -23.27 -20.89 -23.68
N ASN B 25 -23.94 -21.84 -23.02
CA ASN B 25 -24.04 -21.76 -21.57
C ASN B 25 -22.68 -21.90 -20.91
N VAL B 26 -21.84 -22.82 -21.43
CA VAL B 26 -20.53 -23.01 -20.84
C VAL B 26 -19.64 -21.80 -21.09
N VAL B 27 -19.75 -21.19 -22.27
CA VAL B 27 -18.94 -20.01 -22.55
C VAL B 27 -19.39 -18.84 -21.67
N GLU B 28 -20.70 -18.73 -21.44
CA GLU B 28 -21.19 -17.71 -20.52
C GLU B 28 -20.68 -17.95 -19.10
N CYS B 29 -20.67 -19.22 -18.68
CA CYS B 29 -20.12 -19.55 -17.36
C CYS B 29 -18.65 -19.17 -17.27
N ILE B 30 -17.88 -19.46 -18.32
CA ILE B 30 -16.47 -19.11 -18.34
C ILE B 30 -16.30 -17.61 -18.27
N LYS B 31 -17.12 -16.87 -19.01
CA LYS B 31 -17.07 -15.41 -18.96
C LYS B 31 -17.35 -14.90 -17.56
N GLU B 32 -18.37 -15.47 -16.90
CA GLU B 32 -18.71 -15.03 -15.55
C GLU B 32 -17.58 -15.31 -14.57
N ILE B 33 -16.98 -16.50 -14.66
CA ILE B 33 -15.88 -16.84 -13.76
C ILE B 33 -14.69 -15.91 -14.00
N THR B 34 -14.38 -15.65 -15.27
CA THR B 34 -13.27 -14.75 -15.57
C THR B 34 -13.55 -13.33 -15.09
N GLU B 35 -14.78 -12.86 -15.23
CA GLU B 35 -15.14 -11.54 -14.73
C GLU B 35 -14.99 -11.48 -13.22
N SER B 36 -15.43 -12.53 -12.52
CA SER B 36 -15.26 -12.56 -11.07
C SER B 36 -13.78 -12.55 -10.69
N SER B 37 -12.96 -13.31 -11.42
CA SER B 37 -11.53 -13.29 -11.16
C SER B 37 -10.93 -11.90 -11.37
N ARG B 38 -11.33 -11.23 -12.46
CA ARG B 38 -10.85 -9.88 -12.72
C ARG B 38 -11.30 -8.92 -11.63
N ASN B 39 -12.48 -9.16 -11.07
CA ASN B 39 -13.01 -8.31 -10.01
C ASN B 39 -12.44 -8.64 -8.64
N GLY B 40 -11.72 -9.76 -8.52
CA GLY B 40 -11.22 -10.19 -7.23
C GLY B 40 -12.24 -10.83 -6.32
N LYS B 41 -13.41 -11.20 -6.86
CA LYS B 41 -14.50 -11.76 -6.07
C LYS B 41 -14.70 -13.25 -6.34
N LEU B 42 -13.67 -13.93 -6.85
CA LEU B 42 -13.77 -15.35 -7.15
C LEU B 42 -13.21 -16.16 -5.99
N VAL B 43 -14.03 -17.05 -5.45
CA VAL B 43 -13.63 -17.95 -4.37
C VAL B 43 -13.65 -19.37 -4.91
N PHE B 44 -12.64 -20.15 -4.56
CA PHE B 44 -12.51 -21.52 -5.03
C PHE B 44 -12.78 -22.48 -3.88
N PHE B 45 -13.73 -23.39 -4.09
CA PHE B 45 -14.10 -24.41 -3.11
C PHE B 45 -13.50 -25.73 -3.60
N VAL B 46 -12.38 -26.11 -3.00
CA VAL B 46 -11.60 -27.25 -3.45
C VAL B 46 -11.96 -28.47 -2.62
N GLY B 47 -12.22 -29.59 -3.30
CA GLY B 47 -12.58 -30.83 -2.67
C GLY B 47 -11.44 -31.83 -2.65
N ALA B 48 -11.80 -33.11 -2.63
CA ALA B 48 -10.80 -34.17 -2.57
C ALA B 48 -10.19 -34.49 -3.93
N GLY B 49 -10.79 -34.03 -5.02
CA GLY B 49 -10.23 -34.33 -6.33
C GLY B 49 -8.88 -33.67 -6.55
N VAL B 50 -8.76 -32.39 -6.18
CA VAL B 50 -7.49 -31.70 -6.35
C VAL B 50 -6.41 -32.32 -5.46
N SER B 51 -6.78 -32.72 -4.26
CA SER B 51 -5.83 -33.39 -3.38
C SER B 51 -5.40 -34.73 -3.95
N THR B 52 -6.34 -35.50 -4.51
CA THR B 52 -5.99 -36.78 -5.12
C THR B 52 -5.12 -36.59 -6.35
N LEU B 53 -5.25 -35.46 -7.04
CA LEU B 53 -4.39 -35.19 -8.18
C LEU B 53 -2.93 -35.22 -7.78
N SER B 54 -2.62 -34.96 -6.52
CA SER B 54 -1.27 -35.10 -5.99
C SER B 54 -1.07 -36.43 -5.25
N ASP B 55 -1.91 -37.42 -5.54
CA ASP B 55 -1.79 -38.75 -4.96
C ASP B 55 -1.85 -38.72 -3.43
N TYR B 56 -2.56 -37.74 -2.88
CA TYR B 56 -2.78 -37.70 -1.45
C TYR B 56 -3.69 -38.86 -1.04
N PRO B 57 -3.47 -39.43 0.14
CA PRO B 57 -4.26 -40.60 0.54
C PRO B 57 -5.76 -40.34 0.45
N GLN B 58 -6.44 -41.19 -0.30
CA GLN B 58 -7.88 -41.06 -0.47
C GLN B 58 -8.62 -41.52 0.78
N TRP B 59 -9.86 -41.06 0.93
CA TRP B 59 -10.61 -41.39 2.13
C TRP B 59 -11.14 -42.82 2.11
N TRP B 60 -11.45 -43.36 0.92
CA TRP B 60 -11.87 -44.76 0.89
C TRP B 60 -10.78 -45.67 1.42
N ARG B 61 -9.52 -45.32 1.16
CA ARG B 61 -8.41 -46.10 1.72
C ARG B 61 -8.42 -46.06 3.24
N LEU B 62 -8.58 -44.86 3.82
CA LEU B 62 -8.62 -44.75 5.26
C LEU B 62 -9.78 -45.56 5.84
N VAL B 63 -10.95 -45.45 5.22
CA VAL B 63 -12.12 -46.17 5.71
C VAL B 63 -11.91 -47.68 5.60
N ASP B 64 -11.23 -48.13 4.55
CA ASP B 64 -11.08 -49.58 4.39
C ASP B 64 -10.01 -50.14 5.32
N LYS B 65 -8.96 -49.38 5.64
CA LYS B 65 -8.09 -49.82 6.74
C LYS B 65 -8.84 -49.82 8.08
N TYR B 66 -9.68 -48.82 8.32
CA TYR B 66 -10.51 -48.87 9.53
C TYR B 66 -11.37 -50.12 9.56
N HIS B 67 -11.99 -50.45 8.43
CA HIS B 67 -12.83 -51.64 8.36
C HIS B 67 -12.01 -52.92 8.52
N GLU B 68 -10.79 -52.94 7.99
CA GLU B 68 -9.92 -54.09 8.19
C GLU B 68 -9.59 -54.29 9.66
N GLU B 69 -9.28 -53.20 10.36
CA GLU B 69 -9.03 -53.31 11.79
C GLU B 69 -10.28 -53.76 12.54
N LEU B 70 -11.45 -53.23 12.17
CA LEU B 70 -12.67 -53.57 12.88
C LEU B 70 -13.07 -55.03 12.65
N TYR B 71 -13.09 -55.47 11.40
CA TYR B 71 -13.62 -56.77 11.05
C TYR B 71 -12.62 -57.69 10.37
N GLY B 72 -11.48 -57.18 9.92
CA GLY B 72 -10.44 -58.00 9.33
C GLY B 72 -10.54 -58.19 7.82
N SER B 73 -11.59 -57.67 7.19
CA SER B 73 -11.78 -57.83 5.75
C SER B 73 -12.02 -56.47 5.12
N PRO B 74 -11.08 -55.95 4.32
CA PRO B 74 -11.24 -54.66 3.64
C PRO B 74 -12.08 -54.76 2.37
N TYR B 79 -17.83 -49.28 -0.12
CA TYR B 79 -18.03 -48.35 0.98
C TYR B 79 -19.04 -47.28 0.64
N SER B 80 -20.24 -47.39 1.21
CA SER B 80 -21.28 -46.42 0.96
C SER B 80 -20.86 -45.06 1.51
N SER B 81 -21.72 -44.05 1.25
CA SER B 81 -21.45 -42.72 1.78
C SER B 81 -21.71 -42.66 3.28
N ASP B 82 -22.79 -43.31 3.74
CA ASP B 82 -23.03 -43.38 5.18
C ASP B 82 -21.93 -44.17 5.89
N GLU B 83 -21.46 -45.25 5.26
CA GLU B 83 -20.33 -45.98 5.82
C GLU B 83 -19.10 -45.09 5.97
N TYR B 84 -18.93 -44.13 5.06
CA TYR B 84 -17.78 -43.23 5.12
C TYR B 84 -17.66 -42.57 6.48
N LEU B 85 -18.80 -42.26 7.10
CA LEU B 85 -18.81 -41.66 8.43
C LEU B 85 -19.00 -42.68 9.54
N ARG B 86 -19.69 -43.79 9.28
CA ARG B 86 -19.97 -44.77 10.33
C ARG B 86 -18.71 -45.56 10.69
N ILE B 87 -17.96 -46.03 9.69
CA ILE B 87 -16.82 -46.90 9.97
C ILE B 87 -15.77 -46.20 10.81
N PRO B 88 -15.32 -44.99 10.49
CA PRO B 88 -14.39 -44.30 11.40
C PRO B 88 -14.97 -44.13 12.78
N GLN B 89 -16.29 -43.87 12.87
CA GLN B 89 -16.93 -43.76 14.17
C GLN B 89 -16.89 -45.08 14.94
N ILE B 90 -17.14 -46.20 14.26
CA ILE B 90 -17.10 -47.49 14.93
C ILE B 90 -15.68 -47.78 15.41
N PHE B 91 -14.69 -47.45 14.60
CA PHE B 91 -13.30 -47.63 15.03
C PHE B 91 -12.99 -46.77 16.24
N TYR B 92 -13.44 -45.51 16.23
CA TYR B 92 -13.18 -44.62 17.35
C TYR B 92 -13.83 -45.13 18.63
N ASN B 93 -15.05 -45.63 18.52
CA ASN B 93 -15.78 -46.06 19.71
C ASN B 93 -15.29 -47.42 20.21
N VAL B 94 -15.42 -48.46 19.37
CA VAL B 94 -14.99 -49.79 19.76
C VAL B 94 -13.51 -49.79 20.11
N LYS B 95 -12.68 -49.24 19.23
CA LYS B 95 -11.29 -49.03 19.55
C LYS B 95 -11.13 -47.73 20.35
N GLY B 96 -9.89 -47.34 20.59
CA GLY B 96 -9.63 -46.10 21.29
C GLY B 96 -9.32 -44.96 20.34
N GLU B 97 -9.31 -43.74 20.89
CA GLU B 97 -8.90 -42.59 20.09
C GLU B 97 -7.43 -42.68 19.71
N MET B 98 -6.63 -43.40 20.51
CA MET B 98 -5.21 -43.53 20.21
C MET B 98 -4.98 -44.26 18.90
N ALA B 99 -5.70 -45.36 18.67
CA ALA B 99 -5.55 -46.08 17.41
C ALA B 99 -6.06 -45.27 16.23
N PHE B 100 -7.18 -44.58 16.41
CA PHE B 100 -7.68 -43.68 15.37
C PHE B 100 -6.62 -42.67 14.99
N ASP B 101 -6.01 -42.03 15.99
CA ASP B 101 -5.01 -41.00 15.72
C ASP B 101 -3.76 -41.60 15.11
N GLY B 102 -3.39 -42.82 15.53
CA GLY B 102 -2.24 -43.48 14.93
C GLY B 102 -2.45 -43.75 13.45
N ILE B 103 -3.63 -44.24 13.08
CA ILE B 103 -3.93 -44.44 11.67
C ILE B 103 -3.87 -43.11 10.93
N LEU B 104 -4.49 -42.08 11.51
CA LEU B 104 -4.48 -40.76 10.89
C LEU B 104 -3.05 -40.30 10.59
N LYS B 105 -2.17 -40.43 11.58
CA LYS B 105 -0.79 -39.99 11.40
C LYS B 105 -0.06 -40.85 10.38
N ASP B 106 -0.14 -42.18 10.52
CA ASP B 106 0.55 -43.06 9.58
C ASP B 106 0.12 -42.81 8.15
N PHE B 107 -1.10 -42.31 7.95
CA PHE B 107 -1.58 -42.19 6.57
C PHE B 107 -1.40 -40.80 6.00
N PHE B 108 -1.68 -39.75 6.77
CA PHE B 108 -1.62 -38.40 6.25
C PHE B 108 -0.30 -37.69 6.56
N GLN B 109 0.62 -38.37 7.25
CA GLN B 109 1.94 -37.80 7.54
C GLN B 109 2.87 -38.04 6.36
N VAL B 110 2.55 -37.39 5.25
CA VAL B 110 3.28 -37.53 4.00
C VAL B 110 3.49 -36.15 3.39
N ASP B 111 4.47 -36.06 2.51
CA ASP B 111 4.75 -34.85 1.75
C ASP B 111 4.49 -35.14 0.28
N LYS B 112 3.61 -34.35 -0.33
CA LYS B 112 3.26 -34.53 -1.73
C LYS B 112 3.36 -33.21 -2.47
N PRO B 113 3.60 -33.26 -3.78
CA PRO B 113 3.75 -32.02 -4.55
C PRO B 113 2.40 -31.35 -4.80
N THR B 114 2.49 -30.10 -5.27
CA THR B 114 1.31 -29.32 -5.64
C THR B 114 1.10 -29.48 -7.14
N ASN B 115 0.17 -30.37 -7.50
CA ASN B 115 -0.11 -30.67 -8.90
C ASN B 115 -0.45 -29.38 -9.64
N PRO B 116 -0.45 -29.41 -10.98
CA PRO B 116 -0.71 -28.17 -11.74
C PRO B 116 -2.07 -27.57 -11.47
N ILE B 117 -3.04 -28.35 -10.99
CA ILE B 117 -4.36 -27.80 -10.70
C ILE B 117 -4.29 -26.80 -9.56
N HIS B 118 -3.45 -27.07 -8.56
CA HIS B 118 -3.22 -26.07 -7.51
C HIS B 118 -2.69 -24.78 -8.11
N ASP B 119 -1.73 -24.87 -9.02
CA ASP B 119 -1.16 -23.69 -9.65
C ASP B 119 -2.21 -22.93 -10.44
N LYS B 120 -3.09 -23.65 -11.15
CA LYS B 120 -4.13 -22.98 -11.93
C LYS B 120 -5.17 -22.33 -11.03
N ILE B 121 -5.49 -22.99 -9.90
CA ILE B 121 -6.43 -22.41 -8.95
C ILE B 121 -5.87 -21.11 -8.39
N LEU B 122 -4.59 -21.12 -8.01
CA LEU B 122 -3.99 -19.91 -7.46
C LEU B 122 -3.76 -18.86 -8.54
N ALA B 123 -3.59 -19.27 -9.79
CA ALA B 123 -3.38 -18.33 -10.89
C ALA B 123 -4.65 -17.60 -11.28
N MET B 124 -5.80 -18.06 -10.79
CA MET B 124 -7.06 -17.37 -11.05
C MET B 124 -7.28 -16.18 -10.11
N ASN B 125 -6.37 -15.97 -9.17
CA ASN B 125 -6.48 -14.86 -8.22
C ASN B 125 -7.75 -14.98 -7.41
N PRO B 126 -7.99 -16.13 -6.77
CA PRO B 126 -9.22 -16.27 -5.97
C PRO B 126 -9.13 -15.43 -4.72
N ALA B 127 -10.24 -14.75 -4.40
CA ALA B 127 -10.29 -13.97 -3.17
C ALA B 127 -10.09 -14.87 -1.95
N HIS B 128 -10.71 -16.05 -1.96
CA HIS B 128 -10.55 -17.02 -0.90
C HIS B 128 -10.51 -18.42 -1.51
N VAL B 129 -9.94 -19.35 -0.75
CA VAL B 129 -9.89 -20.75 -1.12
C VAL B 129 -10.45 -21.54 0.06
N ILE B 130 -11.71 -21.90 -0.02
CA ILE B 130 -12.32 -22.79 0.97
C ILE B 130 -12.01 -24.21 0.56
N THR B 131 -11.81 -25.09 1.54
CA THR B 131 -11.50 -26.47 1.22
C THR B 131 -11.81 -27.36 2.41
N THR B 132 -12.25 -28.57 2.10
CA THR B 132 -12.45 -29.61 3.11
C THR B 132 -11.23 -30.52 3.24
N ASN B 133 -10.15 -30.22 2.54
CA ASN B 133 -8.96 -31.05 2.58
C ASN B 133 -8.11 -30.71 3.79
N TYR B 134 -7.76 -31.75 4.56
CA TYR B 134 -6.91 -31.58 5.73
C TYR B 134 -5.42 -31.53 5.37
N ASP B 135 -5.08 -31.73 4.11
CA ASP B 135 -3.69 -31.58 3.66
C ASP B 135 -3.33 -30.11 3.54
N ASN B 136 -2.03 -29.85 3.37
CA ASN B 136 -1.52 -28.49 3.28
C ASN B 136 -1.08 -28.13 1.86
N LEU B 137 -1.57 -28.86 0.87
CA LEU B 137 -1.13 -28.63 -0.51
C LEU B 137 -1.48 -27.22 -0.96
N ILE B 138 -2.70 -26.77 -0.67
CA ILE B 138 -3.11 -25.43 -1.08
C ILE B 138 -2.28 -24.37 -0.36
N ASP B 139 -1.97 -24.59 0.91
CA ASP B 139 -1.16 -23.63 1.66
C ASP B 139 0.21 -23.46 1.03
N THR B 140 0.87 -24.57 0.71
CA THR B 140 2.17 -24.49 0.05
C THR B 140 2.05 -23.82 -1.31
N ALA B 141 0.98 -24.14 -2.05
CA ALA B 141 0.78 -23.54 -3.37
C ALA B 141 0.69 -22.02 -3.26
N CYS B 142 -0.07 -21.52 -2.29
CA CYS B 142 -0.19 -20.07 -2.15
C CYS B 142 1.09 -19.46 -1.60
N TRP B 143 1.83 -20.20 -0.76
CA TRP B 143 3.12 -19.72 -0.29
C TRP B 143 4.09 -19.50 -1.44
N LYS B 144 4.14 -20.45 -2.39
CA LYS B 144 5.08 -20.34 -3.50
C LYS B 144 4.79 -19.10 -4.35
N ARG B 145 3.52 -18.82 -4.63
CA ARG B 145 3.17 -17.74 -5.53
C ARG B 145 3.43 -16.36 -4.94
N GLY B 146 3.76 -16.27 -3.65
CA GLY B 146 4.04 -15.00 -3.04
C GLY B 146 2.83 -14.24 -2.54
N LYS B 147 1.64 -14.77 -2.71
CA LYS B 147 0.42 -14.18 -2.17
C LYS B 147 0.09 -14.86 -0.86
N TYR B 148 -0.12 -14.07 0.19
CA TYR B 148 -0.34 -14.61 1.52
C TYR B 148 -1.82 -14.87 1.74
N PHE B 149 -2.13 -16.09 2.20
CA PHE B 149 -3.49 -16.48 2.57
C PHE B 149 -3.50 -16.80 4.05
N SER B 150 -4.36 -16.11 4.80
CA SER B 150 -4.51 -16.40 6.22
C SER B 150 -5.23 -17.73 6.37
N VAL B 151 -4.54 -18.71 6.96
CA VAL B 151 -5.07 -20.08 7.04
C VAL B 151 -5.94 -20.19 8.29
N ILE B 152 -7.18 -20.63 8.10
CA ILE B 152 -8.13 -20.85 9.18
C ILE B 152 -8.52 -22.30 9.16
N SER B 153 -8.06 -23.07 10.14
CA SER B 153 -8.39 -24.47 10.26
C SER B 153 -8.94 -24.84 11.63
N ALA B 154 -9.05 -23.88 12.55
CA ALA B 154 -9.59 -24.13 13.88
C ALA B 154 -10.46 -22.95 14.28
N GLU B 155 -11.29 -23.16 15.29
CA GLU B 155 -12.22 -22.13 15.72
C GLU B 155 -11.48 -20.86 16.12
N GLU B 156 -10.39 -21.00 16.88
CA GLU B 156 -9.65 -19.83 17.34
C GLU B 156 -9.06 -19.05 16.18
N ASP B 157 -8.60 -19.75 15.14
CA ASP B 157 -7.92 -19.07 14.04
C ASP B 157 -8.79 -18.03 13.36
N VAL B 158 -10.12 -18.15 13.46
CA VAL B 158 -11.00 -17.20 12.78
C VAL B 158 -10.80 -15.80 13.35
N ALA B 159 -10.75 -15.68 14.68
CA ALA B 159 -10.66 -14.36 15.30
C ALA B 159 -9.39 -13.64 14.88
N ASN B 160 -8.25 -14.32 14.97
CA ASN B 160 -6.96 -13.72 14.64
C ASN B 160 -6.57 -14.06 13.20
N ALA B 161 -7.26 -13.42 12.27
CA ALA B 161 -6.97 -13.55 10.85
C ALA B 161 -6.13 -12.38 10.40
N THR B 162 -4.93 -12.67 9.89
CA THR B 162 -3.96 -11.62 9.60
C THR B 162 -4.32 -10.83 8.35
N SER B 163 -4.75 -11.50 7.28
CA SER B 163 -4.89 -10.88 5.98
C SER B 163 -6.34 -10.88 5.54
N SER B 164 -6.59 -10.19 4.42
CA SER B 164 -7.94 -10.14 3.84
C SER B 164 -8.29 -11.41 3.09
N ARG B 165 -7.30 -12.12 2.57
CA ARG B 165 -7.54 -13.36 1.84
C ARG B 165 -7.49 -14.54 2.80
N TYR B 166 -8.51 -15.39 2.74
CA TYR B 166 -8.66 -16.52 3.63
C TYR B 166 -8.41 -17.83 2.89
N LEU B 167 -7.73 -18.75 3.56
CA LEU B 167 -7.68 -20.15 3.15
C LEU B 167 -8.39 -20.91 4.26
N LEU B 168 -9.66 -21.21 4.05
CA LEU B 168 -10.53 -21.73 5.09
C LEU B 168 -10.69 -23.23 4.91
N LYS B 169 -10.05 -24.01 5.76
CA LYS B 169 -10.21 -25.46 5.77
C LYS B 169 -11.37 -25.78 6.70
N VAL B 170 -12.56 -25.95 6.11
CA VAL B 170 -13.77 -26.05 6.90
C VAL B 170 -13.81 -27.30 7.77
N HIS B 171 -13.06 -28.34 7.39
CA HIS B 171 -13.02 -29.57 8.15
C HIS B 171 -11.76 -29.71 9.00
N GLY B 172 -11.01 -28.64 9.18
CA GLY B 172 -9.79 -28.68 9.94
C GLY B 172 -8.64 -29.25 9.16
N ASP B 173 -7.51 -29.39 9.84
CA ASP B 173 -6.32 -29.99 9.26
C ASP B 173 -5.43 -30.46 10.41
N PHE B 174 -4.18 -30.79 10.11
CA PHE B 174 -3.26 -31.37 11.06
C PHE B 174 -2.13 -30.42 11.46
N ARG B 175 -2.35 -29.11 11.30
CA ARG B 175 -1.32 -28.16 11.71
C ARG B 175 -1.04 -28.26 13.20
N LYS B 176 -2.07 -28.38 14.01
CA LYS B 176 -1.87 -28.55 15.45
C LYS B 176 -1.37 -29.94 15.79
N GLY B 177 -1.50 -30.89 14.87
CA GLY B 177 -1.07 -32.25 15.09
C GLY B 177 -1.95 -33.24 14.38
N PHE B 178 -1.39 -34.41 14.10
CA PHE B 178 -2.11 -35.46 13.39
C PHE B 178 -3.03 -36.21 14.35
N LYS B 179 -3.94 -35.44 14.96
CA LYS B 179 -4.90 -35.98 15.90
C LYS B 179 -6.32 -35.82 15.37
N GLY B 180 -7.16 -36.80 15.70
CA GLY B 180 -8.51 -36.84 15.15
C GLY B 180 -9.41 -35.74 15.63
N GLU B 181 -9.05 -35.05 16.71
CA GLU B 181 -9.86 -33.94 17.18
C GLU B 181 -9.58 -32.65 16.41
N ASN B 182 -8.57 -32.65 15.53
CA ASN B 182 -8.28 -31.49 14.71
C ASN B 182 -9.08 -31.46 13.41
N VAL B 183 -9.69 -32.59 13.03
CA VAL B 183 -10.32 -32.72 11.72
C VAL B 183 -11.70 -33.34 11.90
N VAL B 184 -12.50 -33.23 10.84
CA VAL B 184 -13.87 -33.75 10.81
C VAL B 184 -13.85 -34.97 9.88
N LEU B 185 -13.85 -36.16 10.46
CA LEU B 185 -13.83 -37.38 9.67
C LEU B 185 -14.92 -38.37 10.04
N LYS B 186 -15.26 -38.48 11.32
CA LYS B 186 -16.22 -39.48 11.77
C LYS B 186 -17.62 -38.89 11.87
N GLU B 187 -18.57 -39.75 12.24
CA GLU B 187 -19.98 -39.35 12.23
C GLU B 187 -20.25 -38.25 13.25
N ASP B 188 -19.63 -38.33 14.43
CA ASP B 188 -19.84 -37.29 15.43
C ASP B 188 -19.34 -35.95 14.95
N ASP B 189 -18.19 -35.92 14.28
CA ASP B 189 -17.66 -34.67 13.77
C ASP B 189 -18.66 -33.98 12.86
N TYR B 190 -19.33 -34.75 12.02
CA TYR B 190 -20.32 -34.18 11.10
C TYR B 190 -21.60 -33.80 11.83
N LEU B 191 -22.03 -34.64 12.78
CA LEU B 191 -23.26 -34.36 13.51
C LEU B 191 -23.16 -33.07 14.30
N ASN B 192 -22.03 -32.87 14.99
CA ASN B 192 -21.82 -31.71 15.85
C ASN B 192 -20.93 -30.66 15.19
N TYR B 193 -20.88 -30.64 13.86
CA TYR B 193 -20.06 -29.65 13.18
C TYR B 193 -20.58 -28.23 13.43
N ASP B 194 -21.90 -28.05 13.36
CA ASP B 194 -22.46 -26.73 13.62
C ASP B 194 -22.18 -26.28 15.03
N GLN B 195 -22.30 -27.20 16.00
CA GLN B 195 -22.02 -26.84 17.39
C GLN B 195 -20.53 -26.72 17.66
N ASN B 196 -19.71 -27.49 16.95
CA ASN B 196 -18.28 -27.48 17.19
C ASN B 196 -17.52 -26.47 16.32
N TYR B 197 -18.08 -26.08 15.18
CA TYR B 197 -17.43 -25.14 14.27
C TYR B 197 -18.40 -24.02 13.92
N PRO B 198 -18.83 -23.24 14.90
CA PRO B 198 -19.77 -22.16 14.62
C PRO B 198 -19.14 -21.06 13.77
N LEU B 199 -17.98 -20.58 14.21
CA LEU B 199 -17.32 -19.48 13.51
C LEU B 199 -16.88 -19.90 12.12
N ILE B 200 -16.33 -21.10 11.98
CA ILE B 200 -15.86 -21.57 10.68
C ILE B 200 -17.04 -21.74 9.72
N SER B 201 -18.14 -22.32 10.19
CA SER B 201 -19.30 -22.49 9.34
C SER B 201 -19.88 -21.14 8.92
N ASN B 202 -19.97 -20.20 9.86
CA ASN B 202 -20.48 -18.87 9.54
C ASN B 202 -19.58 -18.19 8.53
N LEU B 203 -18.26 -18.30 8.70
CA LEU B 203 -17.34 -17.69 7.75
C LEU B 203 -17.48 -18.31 6.36
N MET B 204 -17.62 -19.64 6.30
CA MET B 204 -17.80 -20.29 5.01
C MET B 204 -19.08 -19.81 4.33
N LYS B 205 -20.18 -19.73 5.09
CA LYS B 205 -21.43 -19.28 4.49
C LYS B 205 -21.36 -17.83 4.05
N THR B 206 -20.69 -16.98 4.82
CA THR B 206 -20.52 -15.59 4.42
C THR B 206 -19.70 -15.49 3.14
N ILE B 207 -18.61 -16.27 3.05
CA ILE B 207 -17.79 -16.25 1.85
C ILE B 207 -18.59 -16.72 0.65
N ILE B 208 -19.41 -17.75 0.83
CA ILE B 208 -20.25 -18.23 -0.26
C ILE B 208 -21.23 -17.14 -0.69
N ALA B 209 -21.83 -16.45 0.27
CA ALA B 209 -22.84 -15.45 -0.04
C ALA B 209 -22.23 -14.26 -0.77
N THR B 210 -21.06 -13.81 -0.34
CA THR B 210 -20.49 -12.56 -0.83
C THR B 210 -19.54 -12.74 -2.01
N HIS B 211 -19.26 -13.97 -2.43
CA HIS B 211 -18.25 -14.22 -3.46
C HIS B 211 -18.84 -15.12 -4.54
N THR B 212 -18.03 -15.37 -5.56
CA THR B 212 -18.36 -16.31 -6.62
C THR B 212 -17.65 -17.62 -6.31
N ILE B 213 -18.42 -18.70 -6.12
CA ILE B 213 -17.89 -19.97 -5.66
C ILE B 213 -17.81 -20.93 -6.84
N VAL B 214 -16.65 -21.55 -7.01
CA VAL B 214 -16.45 -22.60 -8.01
C VAL B 214 -16.07 -23.87 -7.27
N PHE B 215 -16.90 -24.90 -7.41
CA PHE B 215 -16.65 -26.19 -6.76
C PHE B 215 -15.81 -27.05 -7.68
N ILE B 216 -14.56 -27.32 -7.27
CA ILE B 216 -13.64 -28.14 -8.05
C ILE B 216 -13.12 -29.25 -7.17
N GLY B 217 -13.20 -30.48 -7.66
CA GLY B 217 -12.79 -31.63 -6.90
C GLY B 217 -13.88 -32.34 -6.13
N TYR B 218 -15.14 -32.03 -6.40
CA TYR B 218 -16.27 -32.57 -5.67
C TYR B 218 -17.16 -33.38 -6.61
N GLY B 219 -17.64 -34.52 -6.12
CA GLY B 219 -18.71 -35.21 -6.80
C GLY B 219 -20.05 -34.56 -6.51
N LEU B 220 -21.00 -34.74 -7.42
CA LEU B 220 -22.29 -34.08 -7.26
C LEU B 220 -23.03 -34.60 -6.04
N GLY B 221 -22.89 -35.89 -5.73
CA GLY B 221 -23.59 -36.48 -4.61
C GLY B 221 -22.80 -36.47 -3.33
N ASP B 222 -21.78 -35.60 -3.27
CA ASP B 222 -20.94 -35.53 -2.08
C ASP B 222 -21.75 -35.02 -0.89
N TYR B 223 -21.30 -35.42 0.30
CA TYR B 223 -22.00 -35.02 1.52
C TYR B 223 -21.94 -33.50 1.72
N ASN B 224 -20.75 -32.92 1.56
CA ASN B 224 -20.59 -31.49 1.79
C ASN B 224 -21.36 -30.67 0.77
N ILE B 225 -21.33 -31.09 -0.49
CA ILE B 225 -22.07 -30.37 -1.54
C ILE B 225 -23.56 -30.40 -1.24
N ASN B 226 -24.08 -31.56 -0.83
CA ASN B 226 -25.50 -31.67 -0.52
C ASN B 226 -25.86 -30.84 0.70
N MET B 227 -25.00 -30.80 1.71
CA MET B 227 -25.26 -29.94 2.86
C MET B 227 -25.30 -28.48 2.45
N LEU B 228 -24.36 -28.05 1.60
CA LEU B 228 -24.34 -26.68 1.14
C LEU B 228 -25.60 -26.35 0.33
N LEU B 229 -26.05 -27.28 -0.51
CA LEU B 229 -27.27 -27.04 -1.28
C LEU B 229 -28.49 -27.00 -0.36
N ASN B 230 -28.51 -27.83 0.68
CA ASN B 230 -29.59 -27.77 1.65
C ASN B 230 -29.63 -26.40 2.32
N TRP B 231 -28.48 -25.87 2.71
CA TRP B 231 -28.47 -24.53 3.29
C TRP B 231 -28.92 -23.50 2.27
N VAL B 232 -28.45 -23.60 1.03
CA VAL B 232 -28.79 -22.63 0.00
C VAL B 232 -30.29 -22.64 -0.26
N ARG B 233 -30.95 -23.79 -0.09
CA ARG B 233 -32.40 -23.84 -0.23
C ARG B 233 -33.08 -22.82 0.67
N LYS B 234 -32.57 -22.65 1.88
CA LYS B 234 -33.19 -21.76 2.86
C LYS B 234 -33.12 -20.30 2.45
N LEU B 235 -32.15 -19.92 1.61
CA LEU B 235 -31.98 -18.52 1.24
C LEU B 235 -33.16 -18.05 0.40
N GLN B 236 -33.42 -16.75 0.47
CA GLN B 236 -34.46 -16.15 -0.35
C GLN B 236 -34.11 -16.29 -1.83
N LYS B 237 -35.13 -16.55 -2.64
CA LYS B 237 -34.91 -16.78 -4.06
C LYS B 237 -34.27 -15.57 -4.71
N ASP B 238 -33.23 -15.82 -5.50
CA ASP B 238 -32.46 -14.80 -6.20
C ASP B 238 -31.65 -13.91 -5.27
N SER B 239 -31.50 -14.31 -4.01
CA SER B 239 -30.70 -13.55 -3.06
C SER B 239 -29.23 -13.91 -3.10
N PHE B 240 -28.84 -14.92 -3.89
CA PHE B 240 -27.47 -15.37 -3.99
C PHE B 240 -27.16 -15.69 -5.44
N HIS B 241 -25.87 -15.81 -5.74
CA HIS B 241 -25.40 -16.20 -7.06
C HIS B 241 -25.12 -17.69 -7.08
N LYS B 242 -25.64 -18.37 -8.09
CA LYS B 242 -25.49 -19.82 -8.17
C LYS B 242 -24.02 -20.18 -8.27
N PRO B 243 -23.49 -21.01 -7.37
CA PRO B 243 -22.09 -21.40 -7.46
C PRO B 243 -21.81 -22.22 -8.71
N PHE B 244 -20.60 -22.09 -9.22
CA PHE B 244 -20.15 -22.90 -10.34
C PHE B 244 -19.56 -24.20 -9.83
N PHE B 245 -19.91 -25.30 -10.48
CA PHE B 245 -19.50 -26.64 -10.06
C PHE B 245 -18.73 -27.28 -11.21
N ILE B 246 -17.42 -27.44 -11.04
CA ILE B 246 -16.57 -28.07 -12.04
C ILE B 246 -16.63 -29.57 -11.81
N ARG B 247 -17.37 -30.28 -12.66
CA ARG B 247 -17.55 -31.72 -12.53
C ARG B 247 -16.52 -32.42 -13.40
N THR B 248 -15.68 -33.26 -12.79
CA THR B 248 -14.60 -33.94 -13.47
C THR B 248 -14.71 -35.45 -13.32
N ASP B 249 -15.91 -35.98 -13.27
CA ASP B 249 -16.09 -37.42 -13.24
C ASP B 249 -15.83 -38.00 -14.63
N PRO B 250 -15.40 -39.26 -14.71
CA PRO B 250 -15.00 -39.83 -16.01
C PRO B 250 -16.08 -39.73 -17.07
N SER B 251 -17.25 -40.29 -16.81
CA SER B 251 -18.32 -40.30 -17.80
C SER B 251 -19.05 -38.97 -17.81
N PRO B 252 -19.68 -38.62 -18.93
CA PRO B 252 -20.44 -37.37 -19.00
C PRO B 252 -21.58 -37.37 -18.00
N ILE B 253 -22.16 -36.19 -17.81
CA ILE B 253 -23.24 -36.01 -16.84
C ILE B 253 -24.58 -36.30 -17.51
N GLU B 254 -25.39 -37.13 -16.87
CA GLU B 254 -26.72 -37.40 -17.37
C GLU B 254 -27.55 -36.12 -17.38
N ASN B 255 -28.42 -35.99 -18.38
CA ASN B 255 -29.22 -34.79 -18.49
C ASN B 255 -30.14 -34.63 -17.28
N GLU B 256 -30.68 -35.73 -16.78
CA GLU B 256 -31.58 -35.67 -15.62
C GLU B 256 -30.83 -35.15 -14.40
N THR B 257 -29.67 -35.72 -14.10
CA THR B 257 -28.87 -35.27 -12.97
C THR B 257 -28.44 -33.82 -13.16
N LEU B 258 -28.05 -33.47 -14.38
CA LEU B 258 -27.62 -32.10 -14.64
C LEU B 258 -28.74 -31.11 -14.38
N ILE B 259 -29.94 -31.39 -14.88
CA ILE B 259 -31.06 -30.48 -14.67
C ILE B 259 -31.42 -30.42 -13.19
N TYR B 260 -31.43 -31.57 -12.51
CA TYR B 260 -31.76 -31.57 -11.09
C TYR B 260 -30.80 -30.71 -10.29
N TYR B 261 -29.49 -30.91 -10.48
CA TYR B 261 -28.51 -30.18 -9.70
C TYR B 261 -28.36 -28.73 -10.15
N GLU B 262 -28.74 -28.40 -11.37
CA GLU B 262 -28.75 -27.00 -11.78
C GLU B 262 -29.95 -26.26 -11.21
N ASN B 263 -31.09 -26.94 -11.11
CA ASN B 263 -32.24 -26.35 -10.42
C ASN B 263 -31.98 -26.24 -8.93
N LYS B 264 -31.14 -27.14 -8.38
CA LYS B 264 -30.80 -27.06 -6.97
C LYS B 264 -29.95 -25.85 -6.64
N GLY B 265 -29.31 -25.23 -7.63
CA GLY B 265 -28.57 -24.01 -7.39
C GLY B 265 -27.15 -23.99 -7.91
N LEU B 266 -26.80 -24.92 -8.78
CA LEU B 266 -25.45 -25.03 -9.32
C LEU B 266 -25.45 -24.71 -10.81
N ARG B 267 -24.35 -24.11 -11.26
CA ARG B 267 -24.03 -23.97 -12.68
C ARG B 267 -22.92 -24.96 -12.96
N ILE B 268 -23.26 -26.09 -13.59
CA ILE B 268 -22.35 -27.22 -13.68
C ILE B 268 -21.59 -27.15 -15.01
N ILE B 269 -20.27 -27.16 -14.93
CA ILE B 269 -19.40 -27.27 -16.08
C ILE B 269 -18.82 -28.68 -16.05
N ASP B 270 -19.26 -29.52 -16.99
CA ASP B 270 -18.87 -30.92 -17.02
C ASP B 270 -17.61 -31.08 -17.85
N ALA B 271 -16.51 -31.43 -17.20
CA ALA B 271 -15.24 -31.59 -17.91
C ALA B 271 -15.34 -32.70 -18.95
N ALA B 272 -15.98 -33.82 -18.59
CA ALA B 272 -16.08 -34.94 -19.52
C ALA B 272 -16.88 -34.55 -20.77
N SER B 273 -17.74 -33.55 -20.67
CA SER B 273 -18.54 -33.14 -21.82
C SER B 273 -17.77 -32.23 -22.77
N LEU B 274 -16.63 -31.68 -22.32
CA LEU B 274 -15.86 -30.79 -23.18
C LEU B 274 -14.77 -31.54 -23.93
N ILE B 275 -14.01 -32.38 -23.23
CA ILE B 275 -12.87 -33.08 -23.81
C ILE B 275 -13.01 -34.57 -23.52
N ASP B 276 -12.85 -35.38 -24.56
CA ASP B 276 -12.85 -36.83 -24.39
C ASP B 276 -11.52 -37.29 -23.82
N SER B 277 -11.57 -38.22 -22.88
CA SER B 277 -10.38 -38.69 -22.21
C SER B 277 -10.65 -40.08 -21.64
N ASN B 278 -9.57 -40.75 -21.24
CA ASN B 278 -9.69 -42.09 -20.68
C ASN B 278 -10.41 -42.03 -19.34
N GLU B 279 -11.01 -43.16 -18.97
CA GLU B 279 -11.79 -43.21 -17.74
C GLU B 279 -10.98 -42.81 -16.52
N TYR B 280 -9.68 -43.10 -16.53
CA TYR B 280 -8.80 -42.80 -15.40
C TYR B 280 -7.98 -41.53 -15.60
N ASP B 281 -8.29 -40.75 -16.63
CA ASP B 281 -7.52 -39.54 -16.95
C ASP B 281 -8.16 -38.31 -16.31
N TYR B 282 -8.31 -38.36 -14.98
CA TYR B 282 -8.92 -37.24 -14.28
C TYR B 282 -8.13 -35.96 -14.47
N LEU B 283 -6.81 -36.04 -14.38
CA LEU B 283 -5.99 -34.84 -14.55
C LEU B 283 -6.25 -34.16 -15.88
N GLU B 284 -6.56 -34.94 -16.92
CA GLU B 284 -6.87 -34.34 -18.21
C GLU B 284 -8.11 -33.46 -18.12
N ARG B 285 -9.15 -33.92 -17.43
CA ARG B 285 -10.38 -33.15 -17.31
C ARG B 285 -10.19 -31.92 -16.43
N TYR B 286 -9.52 -32.10 -15.29
CA TYR B 286 -9.21 -30.95 -14.44
C TYR B 286 -8.44 -29.90 -15.24
N SER B 287 -7.43 -30.33 -15.98
CA SER B 287 -6.63 -29.41 -16.78
C SER B 287 -7.46 -28.77 -17.87
N ALA B 288 -8.36 -29.55 -18.50
CA ALA B 288 -9.21 -28.97 -19.53
C ALA B 288 -10.00 -27.79 -18.98
N VAL B 289 -10.68 -28.00 -17.86
CA VAL B 289 -11.53 -26.94 -17.32
C VAL B 289 -10.68 -25.75 -16.86
N MET B 290 -9.62 -26.03 -16.09
CA MET B 290 -8.82 -24.94 -15.54
C MET B 290 -8.11 -24.17 -16.65
N ASP B 291 -7.61 -24.88 -17.67
CA ASP B 291 -6.95 -24.23 -18.79
C ASP B 291 -7.93 -23.41 -19.61
N LEU B 292 -9.15 -23.92 -19.81
CA LEU B 292 -10.17 -23.11 -20.46
C LEU B 292 -10.34 -21.78 -19.72
N LEU B 293 -10.52 -21.85 -18.40
CA LEU B 293 -10.71 -20.63 -17.63
C LEU B 293 -9.50 -19.71 -17.75
N ILE B 294 -8.29 -20.27 -17.60
CA ILE B 294 -7.09 -19.45 -17.57
C ILE B 294 -6.86 -18.78 -18.93
N GLU B 295 -6.98 -19.56 -20.01
CA GLU B 295 -6.78 -19.01 -21.35
C GLU B 295 -7.82 -17.95 -21.66
N SER B 296 -9.08 -18.17 -21.27
CA SER B 296 -10.06 -17.11 -21.39
C SER B 296 -9.60 -15.87 -20.65
N GLN B 297 -8.98 -16.06 -19.48
CA GLN B 297 -8.37 -14.94 -18.77
C GLN B 297 -7.22 -14.35 -19.56
N GLU B 298 -6.40 -15.20 -20.19
CA GLU B 298 -5.17 -14.78 -20.85
C GLU B 298 -5.39 -14.34 -22.30
N ASN B 299 -6.62 -14.01 -22.69
CA ASN B 299 -6.94 -13.47 -24.02
C ASN B 299 -6.58 -14.41 -25.15
N LYS B 300 -6.31 -15.69 -24.85
CA LYS B 300 -5.90 -16.62 -25.90
C LYS B 300 -7.04 -16.89 -26.88
N PHE B 301 -8.28 -16.82 -26.43
CA PHE B 301 -9.43 -17.23 -27.24
C PHE B 301 -10.07 -16.10 -28.02
N ILE B 302 -9.55 -14.87 -27.92
CA ILE B 302 -10.09 -13.78 -28.72
C ILE B 302 -9.41 -13.78 -30.07
N THR B 303 -10.20 -13.96 -31.14
CA THR B 303 -9.67 -14.06 -32.49
C THR B 303 -10.25 -13.01 -33.42
N LYS B 304 -11.57 -12.85 -33.44
CA LYS B 304 -12.21 -11.93 -34.36
C LYS B 304 -11.94 -10.48 -33.96
N ASP B 305 -11.96 -9.59 -34.95
CA ASP B 305 -11.79 -8.18 -34.66
C ASP B 305 -12.90 -7.66 -33.76
N ASP B 306 -14.08 -8.27 -33.82
CA ASP B 306 -15.16 -7.86 -32.94
C ASP B 306 -14.77 -8.00 -31.48
N GLU B 307 -14.25 -9.18 -31.11
CA GLU B 307 -13.80 -9.38 -29.74
C GLU B 307 -12.62 -8.49 -29.41
N VAL B 308 -11.78 -8.17 -30.40
CA VAL B 308 -10.65 -7.28 -30.17
C VAL B 308 -11.16 -5.90 -29.74
N ILE B 309 -12.11 -5.35 -30.50
CA ILE B 309 -12.69 -4.06 -30.16
C ILE B 309 -13.38 -4.13 -28.81
N ASP B 310 -14.09 -5.22 -28.54
CA ASP B 310 -14.78 -5.33 -27.26
C ASP B 310 -13.80 -5.34 -26.09
N TYR B 311 -12.70 -6.08 -26.22
CA TYR B 311 -11.70 -6.12 -25.16
C TYR B 311 -11.06 -4.75 -24.96
N ILE B 312 -10.65 -4.10 -26.05
CA ILE B 312 -10.02 -2.80 -25.93
C ILE B 312 -10.97 -1.80 -25.30
N TYR B 313 -12.24 -1.82 -25.72
CA TYR B 313 -13.23 -0.91 -25.15
C TYR B 313 -13.45 -1.19 -23.67
N GLY B 314 -13.54 -2.46 -23.29
CA GLY B 314 -13.68 -2.78 -21.89
C GLY B 314 -12.52 -2.26 -21.07
N LYS B 315 -11.31 -2.26 -21.64
CA LYS B 315 -10.17 -1.73 -20.93
C LYS B 315 -10.12 -0.20 -20.90
N ILE B 316 -10.62 0.46 -21.95
CA ILE B 316 -10.34 1.88 -22.15
C ILE B 316 -11.50 2.78 -21.77
N SER B 317 -12.73 2.31 -21.96
CA SER B 317 -13.91 3.16 -21.76
C SER B 317 -13.95 3.82 -20.39
N PRO B 318 -13.61 3.15 -19.29
CA PRO B 318 -13.63 3.85 -18.00
C PRO B 318 -12.74 5.08 -17.99
N LEU B 319 -11.65 5.06 -18.76
CA LEU B 319 -10.76 6.21 -18.84
C LEU B 319 -11.35 7.36 -19.64
N PHE B 320 -12.50 7.16 -20.28
CA PHE B 320 -13.16 8.26 -20.98
C PHE B 320 -13.55 9.38 -20.01
N ALA B 321 -13.63 9.09 -18.73
CA ALA B 321 -13.96 10.12 -17.75
C ALA B 321 -12.79 11.06 -17.51
N LEU B 322 -11.56 10.59 -17.72
CA LEU B 322 -10.38 11.42 -17.54
C LEU B 322 -10.06 12.19 -18.81
N GLN B 323 -9.49 13.38 -18.63
CA GLN B 323 -9.17 14.25 -19.76
C GLN B 323 -7.93 13.78 -20.51
N TYR B 324 -6.97 13.20 -19.80
CA TYR B 324 -5.72 12.75 -20.41
C TYR B 324 -5.14 11.64 -19.55
N ILE B 325 -4.62 10.61 -20.21
CA ILE B 325 -4.05 9.44 -19.54
C ILE B 325 -2.58 9.38 -19.88
N ARG B 326 -1.73 9.37 -18.85
CA ARG B 326 -0.30 9.28 -19.08
C ARG B 326 0.04 8.00 -19.83
N LYS B 327 0.97 8.11 -20.78
CA LYS B 327 1.38 6.93 -21.53
C LYS B 327 1.96 5.86 -20.60
N ILE B 328 2.53 6.27 -19.46
CA ILE B 328 2.99 5.30 -18.48
C ILE B 328 1.82 4.56 -17.87
N ASP B 329 0.68 5.24 -17.68
CA ASP B 329 -0.50 4.59 -17.13
C ASP B 329 -1.09 3.58 -18.10
N LEU B 330 -1.03 3.85 -19.39
CA LEU B 330 -1.62 2.95 -20.37
C LEU B 330 -1.06 1.55 -20.25
N LYS B 331 0.17 1.42 -19.76
CA LYS B 331 0.74 0.09 -19.54
C LYS B 331 -0.07 -0.68 -18.51
N HIS B 332 -0.31 -0.05 -17.35
CA HIS B 332 -1.12 -0.71 -16.32
C HIS B 332 -2.55 -0.92 -16.78
N VAL B 333 -3.07 -0.02 -17.62
CA VAL B 333 -4.43 -0.19 -18.13
C VAL B 333 -4.56 -1.49 -18.90
N PHE B 334 -3.49 -1.93 -19.55
CA PHE B 334 -3.49 -3.15 -20.34
C PHE B 334 -2.71 -4.28 -19.64
N GLU B 335 -2.50 -4.17 -18.34
CA GLU B 335 -1.85 -5.22 -17.55
C GLU B 335 -0.51 -5.60 -18.16
N TYR B 336 0.26 -4.58 -18.52
CA TYR B 336 1.62 -4.74 -19.04
C TYR B 336 1.68 -5.54 -20.33
N ASP B 337 0.54 -5.82 -20.96
CA ASP B 337 0.56 -6.56 -22.21
C ASP B 337 1.32 -5.78 -23.29
N TYR B 338 1.34 -4.45 -23.19
CA TYR B 338 2.04 -3.61 -24.14
C TYR B 338 2.72 -2.49 -23.38
N HIS B 339 3.75 -1.91 -23.99
CA HIS B 339 4.45 -0.77 -23.43
C HIS B 339 4.37 0.37 -24.43
N PHE B 340 3.84 1.51 -23.98
CA PHE B 340 3.58 2.65 -24.84
C PHE B 340 4.71 3.66 -24.70
N GLU B 341 5.41 3.93 -25.81
CA GLU B 341 6.49 4.88 -25.79
C GLU B 341 5.98 6.29 -25.52
N VAL B 342 6.83 7.11 -24.90
CA VAL B 342 6.48 8.50 -24.68
C VAL B 342 6.38 9.29 -25.98
N ASN B 343 6.81 8.71 -27.10
CA ASN B 343 6.71 9.35 -28.40
C ASN B 343 5.48 8.93 -29.18
N GLY B 344 4.63 8.09 -28.61
CA GLY B 344 3.38 7.72 -29.23
C GLY B 344 3.38 6.42 -30.02
N THR B 345 4.15 5.43 -29.61
CA THR B 345 4.19 4.14 -30.29
C THR B 345 4.14 3.02 -29.27
N VAL B 346 3.52 1.91 -29.65
CA VAL B 346 3.35 0.76 -28.77
C VAL B 346 4.34 -0.33 -29.16
N VAL B 347 4.74 -1.12 -28.17
CA VAL B 347 5.55 -2.31 -28.41
C VAL B 347 5.01 -3.44 -27.55
N ARG B 348 4.80 -4.59 -28.18
CA ARG B 348 4.28 -5.75 -27.46
C ARG B 348 5.31 -6.28 -26.46
N HIS B 349 4.85 -6.61 -25.26
CA HIS B 349 5.70 -7.27 -24.28
C HIS B 349 4.82 -7.76 -23.14
N LYS B 350 5.13 -8.95 -22.62
CA LYS B 350 4.38 -9.62 -21.57
C LYS B 350 2.98 -10.04 -22.02
N ASN B 351 2.69 -9.95 -23.32
CA ASN B 351 1.43 -10.41 -23.88
C ASN B 351 1.64 -11.74 -24.57
N LYS B 352 0.86 -12.74 -24.18
CA LYS B 352 0.96 -14.07 -24.74
C LYS B 352 -0.17 -14.44 -25.69
N GLY B 353 -1.35 -13.88 -25.49
CA GLY B 353 -2.50 -14.17 -26.34
C GLY B 353 -2.48 -13.39 -27.63
N PHE B 354 -3.67 -13.13 -28.15
CA PHE B 354 -3.80 -12.43 -29.41
C PHE B 354 -3.24 -11.02 -29.30
N GLY B 355 -2.65 -10.54 -30.40
CA GLY B 355 -2.12 -9.19 -30.44
C GLY B 355 -3.19 -8.18 -30.73
N TYR B 356 -4.02 -7.88 -29.73
CA TYR B 356 -5.16 -7.00 -29.95
C TYR B 356 -4.74 -5.58 -30.29
N MET B 357 -3.62 -5.11 -29.75
CA MET B 357 -3.16 -3.75 -30.07
C MET B 357 -2.71 -3.65 -31.51
N GLU B 358 -1.94 -4.63 -31.98
CA GLU B 358 -1.52 -4.64 -33.38
C GLU B 358 -2.72 -4.76 -34.31
N ARG B 359 -3.69 -5.62 -33.94
CA ARG B 359 -4.88 -5.76 -34.76
C ARG B 359 -5.67 -4.45 -34.78
N PHE B 360 -5.76 -3.76 -33.64
CA PHE B 360 -6.46 -2.48 -33.61
C PHE B 360 -5.77 -1.46 -34.51
N PHE B 361 -4.44 -1.40 -34.46
CA PHE B 361 -3.72 -0.45 -35.32
C PHE B 361 -3.91 -0.79 -36.80
N GLU B 362 -3.86 -2.09 -37.13
CA GLU B 362 -4.10 -2.48 -38.52
C GLU B 362 -5.51 -2.10 -38.96
N LEU B 363 -6.49 -2.31 -38.09
CA LEU B 363 -7.86 -1.93 -38.39
C LEU B 363 -8.00 -0.42 -38.58
N LYS B 364 -7.31 0.35 -37.74
CA LYS B 364 -7.36 1.81 -37.87
C LYS B 364 -6.73 2.26 -39.17
N GLU B 365 -5.64 1.61 -39.59
CA GLU B 365 -4.96 2.02 -40.81
C GLU B 365 -5.84 1.84 -42.04
N SER B 366 -6.59 0.74 -42.11
CA SER B 366 -7.41 0.42 -43.27
C SER B 366 -8.88 0.45 -42.86
N CYS B 367 -9.67 1.27 -43.55
CA CYS B 367 -11.10 1.31 -43.31
C CYS B 367 -11.83 0.10 -43.90
N ASP B 368 -11.23 -0.55 -44.90
CA ASP B 368 -11.85 -1.74 -45.47
C ASP B 368 -11.99 -2.85 -44.43
N GLU B 369 -10.94 -3.08 -43.64
CA GLU B 369 -11.04 -4.04 -42.55
C GLU B 369 -11.97 -3.54 -41.45
N ARG B 370 -12.08 -2.23 -41.28
CA ARG B 370 -12.98 -1.67 -40.29
C ARG B 370 -14.45 -1.93 -40.66
N SER B 371 -14.76 -1.91 -41.95
CA SER B 371 -16.16 -2.05 -42.38
C SER B 371 -16.78 -3.36 -41.91
N LYS B 372 -15.96 -4.38 -41.62
CA LYS B 372 -16.51 -5.67 -41.20
C LYS B 372 -17.16 -5.59 -39.83
N LEU B 373 -16.65 -4.73 -38.95
CA LEU B 373 -17.09 -4.72 -37.56
C LEU B 373 -18.58 -4.40 -37.46
N SER B 374 -19.24 -5.02 -36.50
CA SER B 374 -20.65 -4.76 -36.26
C SER B 374 -20.87 -3.28 -35.93
N LYS B 375 -22.14 -2.88 -35.97
CA LYS B 375 -22.48 -1.48 -35.71
C LYS B 375 -21.97 -1.04 -34.34
N LYS B 376 -22.32 -1.80 -33.30
CA LYS B 376 -21.83 -1.48 -31.96
C LYS B 376 -20.31 -1.50 -31.91
N GLN B 377 -19.71 -2.51 -32.53
CA GLN B 377 -18.25 -2.58 -32.58
C GLN B 377 -17.66 -1.45 -33.41
N TYR B 378 -18.36 -0.99 -34.45
CA TYR B 378 -17.87 0.14 -35.21
C TYR B 378 -17.84 1.40 -34.37
N GLU B 379 -18.93 1.66 -33.62
CA GLU B 379 -18.94 2.83 -32.75
C GLU B 379 -17.89 2.72 -31.65
N ARG B 380 -17.72 1.52 -31.10
CA ARG B 380 -16.71 1.33 -30.06
C ARG B 380 -15.31 1.56 -30.60
N PHE B 381 -15.04 1.10 -31.82
CA PHE B 381 -13.75 1.37 -32.45
C PHE B 381 -13.56 2.86 -32.68
N ASN B 382 -14.62 3.56 -33.09
CA ASN B 382 -14.50 5.00 -33.30
C ASN B 382 -14.15 5.71 -31.99
N ALA B 383 -14.82 5.32 -30.90
CA ALA B 383 -14.50 5.90 -29.60
C ALA B 383 -13.07 5.60 -29.18
N LEU B 384 -12.63 4.35 -29.41
CA LEU B 384 -11.26 3.98 -29.06
C LEU B 384 -10.26 4.78 -29.88
N PHE B 385 -10.54 4.98 -31.16
CA PHE B 385 -9.64 5.76 -32.02
C PHE B 385 -9.58 7.21 -31.55
N ASN B 386 -10.73 7.78 -31.18
CA ASN B 386 -10.72 9.12 -30.62
C ASN B 386 -9.85 9.19 -29.38
N PHE B 387 -10.01 8.22 -28.47
CA PHE B 387 -9.23 8.23 -27.24
C PHE B 387 -7.74 8.11 -27.53
N PHE B 388 -7.36 7.23 -28.45
CA PHE B 388 -5.95 6.99 -28.70
C PHE B 388 -5.31 8.17 -29.43
N GLU B 389 -6.03 8.81 -30.35
CA GLU B 389 -5.51 10.00 -30.99
C GLU B 389 -5.37 11.14 -30.00
N LYS B 390 -6.37 11.32 -29.13
CA LYS B 390 -6.32 12.37 -28.13
C LYS B 390 -5.15 12.17 -27.17
N ASN B 391 -4.90 10.93 -26.76
CA ASN B 391 -3.82 10.62 -25.84
C ASN B 391 -2.48 10.46 -26.54
N GLY B 392 -2.42 10.68 -27.85
CA GLY B 392 -1.16 10.63 -28.57
C GLY B 392 -0.51 9.27 -28.66
N VAL B 393 -1.29 8.23 -28.95
CA VAL B 393 -0.76 6.91 -29.27
C VAL B 393 -0.99 6.68 -30.75
N ILE B 394 0.10 6.53 -31.51
CA ILE B 394 0.03 6.57 -32.97
C ILE B 394 -0.02 5.16 -33.55
N CYS B 395 1.03 4.38 -33.31
CA CYS B 395 1.16 3.07 -33.94
C CYS B 395 2.12 2.24 -33.10
N MET B 396 2.49 1.07 -33.64
CA MET B 396 3.45 0.22 -32.98
C MET B 396 4.87 0.70 -33.27
N ALA B 397 5.86 0.02 -32.66
CA ALA B 397 7.25 0.40 -32.90
C ALA B 397 7.63 0.22 -34.37
N LYS B 398 7.17 -0.87 -35.00
CA LYS B 398 7.52 -1.13 -36.38
C LYS B 398 6.98 -0.05 -37.31
N ASP B 399 5.74 0.40 -37.08
CA ASP B 399 5.15 1.43 -37.92
C ASP B 399 5.70 2.82 -37.65
N ALA B 400 6.54 2.98 -36.62
CA ALA B 400 7.02 4.29 -36.24
C ALA B 400 7.70 4.99 -37.41
N GLY B 401 7.34 6.26 -37.62
CA GLY B 401 7.93 7.04 -38.68
C GLY B 401 8.21 8.47 -38.25
N THR B 402 7.71 9.44 -39.03
CA THR B 402 7.89 10.86 -38.71
C THR B 402 6.92 11.21 -37.59
N LEU B 403 7.40 11.05 -36.36
CA LEU B 403 6.57 11.28 -35.17
C LEU B 403 6.72 12.73 -34.72
N ASN B 404 5.63 13.48 -34.81
CA ASN B 404 5.58 14.85 -34.32
C ASN B 404 5.08 14.83 -32.89
N THR B 405 5.99 14.98 -31.93
CA THR B 405 5.66 14.98 -30.51
C THR B 405 5.64 16.43 -30.04
N SER B 406 4.51 17.10 -30.27
CA SER B 406 4.33 18.49 -29.88
C SER B 406 3.46 18.52 -28.63
N ILE B 407 3.97 19.18 -27.58
CA ILE B 407 3.22 19.28 -26.32
C ILE B 407 2.08 20.26 -26.50
N GLU B 408 0.93 19.94 -25.90
CA GLU B 408 -0.23 20.83 -25.92
C GLU B 408 -1.04 20.53 -24.67
N ILE B 409 -0.87 21.37 -23.65
CA ILE B 409 -1.58 21.21 -22.39
C ILE B 409 -2.82 22.08 -22.43
N ASN B 410 -3.98 21.45 -22.57
CA ASN B 410 -5.25 22.17 -22.67
C ASN B 410 -5.78 22.42 -21.26
N SER B 411 -5.31 23.51 -20.66
CA SER B 411 -5.72 23.88 -19.31
C SER B 411 -5.60 25.39 -19.16
N LEU B 412 -6.65 26.00 -18.62
CA LEU B 412 -6.59 27.43 -18.30
C LEU B 412 -5.59 27.68 -17.18
N ALA B 413 -5.53 26.76 -16.21
CA ALA B 413 -4.63 26.95 -15.07
C ALA B 413 -3.17 26.95 -15.50
N TYR B 414 -2.81 26.13 -16.48
CA TYR B 414 -1.41 26.07 -16.90
C TYR B 414 -0.98 27.39 -17.54
N HIS B 415 -1.83 27.98 -18.36
CA HIS B 415 -1.47 29.20 -19.08
C HIS B 415 -1.72 30.45 -18.26
N GLY B 416 -2.13 30.32 -17.00
CA GLY B 416 -2.38 31.48 -16.17
C GLY B 416 -3.44 32.39 -16.73
N LYS B 417 -4.53 31.83 -17.24
CA LYS B 417 -5.66 32.61 -17.74
C LYS B 417 -6.60 32.91 -16.58
N TYR B 418 -6.09 33.73 -15.65
CA TYR B 418 -6.79 33.94 -14.39
C TYR B 418 -8.15 34.61 -14.60
N ASP B 419 -8.22 35.59 -15.51
CA ASP B 419 -9.51 36.21 -15.78
C ASP B 419 -10.50 35.19 -16.33
N VAL B 420 -10.05 34.32 -17.23
CA VAL B 420 -10.92 33.29 -17.77
C VAL B 420 -11.33 32.31 -16.69
N MET B 421 -10.41 31.97 -15.78
CA MET B 421 -10.75 31.09 -14.68
C MET B 421 -11.82 31.70 -13.78
N LYS B 422 -11.68 32.99 -13.48
CA LYS B 422 -12.68 33.66 -12.66
C LYS B 422 -14.02 33.70 -13.38
N LYS B 423 -14.02 33.97 -14.69
CA LYS B 423 -15.27 33.94 -15.44
C LYS B 423 -15.90 32.55 -15.40
N PHE B 424 -15.10 31.51 -15.55
CA PHE B 424 -15.61 30.15 -15.49
C PHE B 424 -16.23 29.86 -14.14
N ILE B 425 -15.58 30.28 -13.06
CA ILE B 425 -16.11 30.04 -11.72
C ILE B 425 -17.41 30.82 -11.52
N GLU B 426 -17.48 32.04 -12.06
CA GLU B 426 -18.69 32.85 -11.91
C GLU B 426 -19.88 32.19 -12.58
N GLU B 427 -19.69 31.66 -13.78
CA GLU B 427 -20.80 31.06 -14.52
C GLU B 427 -21.33 29.83 -13.81
N GLN B 428 -22.61 29.55 -14.04
CA GLN B 428 -23.25 28.40 -13.42
C GLN B 428 -22.71 27.10 -14.01
N SER B 429 -22.37 26.15 -13.16
CA SER B 429 -21.83 24.87 -13.61
C SER B 429 -22.95 23.94 -14.02
N VAL B 430 -22.93 23.48 -15.26
CA VAL B 430 -24.00 22.64 -15.77
C VAL B 430 -23.93 21.25 -15.13
N SER B 431 -22.73 20.68 -15.02
CA SER B 431 -22.56 19.31 -14.56
C SER B 431 -21.61 19.27 -13.36
N ILE B 432 -21.29 18.06 -12.92
CA ILE B 432 -20.34 17.89 -11.83
C ILE B 432 -18.91 17.93 -12.33
N GLU B 433 -18.67 17.60 -13.60
CA GLU B 433 -17.33 17.77 -14.17
C GLU B 433 -16.92 19.23 -14.18
N ASP B 434 -17.85 20.12 -14.55
CA ASP B 434 -17.56 21.54 -14.48
C ASP B 434 -17.36 21.99 -13.04
N ASP B 435 -18.01 21.34 -12.09
CA ASP B 435 -17.76 21.66 -10.68
C ASP B 435 -16.37 21.23 -10.25
N TYR B 436 -15.91 20.08 -10.73
CA TYR B 436 -14.55 19.63 -10.44
C TYR B 436 -13.53 20.60 -11.03
N LYS B 437 -13.77 21.04 -12.26
CA LYS B 437 -12.92 22.05 -12.87
C LYS B 437 -12.96 23.35 -12.08
N LYS B 438 -14.15 23.75 -11.63
CA LYS B 438 -14.29 24.96 -10.83
C LYS B 438 -13.49 24.88 -9.55
N ALA B 439 -13.55 23.72 -8.88
CA ALA B 439 -12.80 23.56 -7.64
C ALA B 439 -11.30 23.65 -7.89
N PHE B 440 -10.82 23.03 -8.98
CA PHE B 440 -9.41 23.17 -9.31
C PHE B 440 -9.03 24.62 -9.58
N PHE B 441 -9.88 25.34 -10.33
CA PHE B 441 -9.58 26.72 -10.64
C PHE B 441 -9.60 27.60 -9.39
N LEU B 442 -10.53 27.34 -8.48
CA LEU B 442 -10.57 28.07 -7.22
C LEU B 442 -9.30 27.80 -6.42
N ALA B 443 -8.83 26.56 -6.40
CA ALA B 443 -7.56 26.27 -5.76
C ALA B 443 -6.42 27.04 -6.43
N CYS B 444 -6.44 27.12 -7.76
CA CYS B 444 -5.38 27.83 -8.48
C CYS B 444 -5.43 29.34 -8.25
N LEU B 445 -6.58 29.88 -7.87
CA LEU B 445 -6.73 31.32 -7.67
C LEU B 445 -6.54 31.73 -6.22
N GLY B 446 -6.16 30.80 -5.35
CA GLY B 446 -5.98 31.10 -3.94
C GLY B 446 -7.24 31.07 -3.12
N ARG B 447 -8.40 30.87 -3.75
CA ARG B 447 -9.67 30.78 -3.03
C ARG B 447 -9.84 29.34 -2.52
N TRP B 448 -9.04 29.01 -1.50
CA TRP B 448 -8.97 27.63 -1.03
C TRP B 448 -10.21 27.23 -0.23
N GLU B 449 -10.81 28.15 0.52
CA GLU B 449 -12.03 27.81 1.24
C GLU B 449 -13.16 27.45 0.27
N GLU B 450 -13.36 28.29 -0.75
CA GLU B 450 -14.39 28.01 -1.72
C GLU B 450 -14.10 26.71 -2.46
N SER B 451 -12.83 26.46 -2.80
CA SER B 451 -12.47 25.23 -3.47
C SER B 451 -12.77 24.01 -2.60
N TYR B 452 -12.43 24.09 -1.31
CA TYR B 452 -12.70 22.98 -0.40
C TYR B 452 -14.20 22.73 -0.26
N ASP B 453 -14.98 23.80 -0.14
CA ASP B 453 -16.43 23.63 -0.05
C ASP B 453 -17.00 23.03 -1.34
N LEU B 454 -16.50 23.46 -2.49
CA LEU B 454 -16.95 22.91 -3.76
C LEU B 454 -16.57 21.43 -3.88
N TYR B 455 -15.38 21.07 -3.41
CA TYR B 455 -14.99 19.67 -3.41
C TYR B 455 -15.89 18.84 -2.52
N SER B 456 -16.26 19.37 -1.35
CA SER B 456 -17.19 18.66 -0.48
C SER B 456 -18.55 18.49 -1.15
N ASN B 457 -19.02 19.54 -1.83
CA ASN B 457 -20.29 19.44 -2.55
C ASN B 457 -20.22 18.38 -3.64
N ILE B 458 -19.12 18.36 -4.40
CA ILE B 458 -18.96 17.37 -5.46
C ILE B 458 -18.94 15.96 -4.87
N ILE B 459 -18.27 15.79 -3.72
CA ILE B 459 -18.25 14.50 -3.06
C ILE B 459 -19.66 14.07 -2.67
N LEU B 460 -20.44 15.02 -2.12
CA LEU B 460 -21.81 14.70 -1.75
C LEU B 460 -22.62 14.28 -2.96
N ASN B 461 -22.50 15.02 -4.06
CA ASN B 461 -23.36 14.83 -5.23
C ASN B 461 -22.82 13.81 -6.22
N SER B 462 -21.61 13.30 -6.02
CA SER B 462 -20.99 12.39 -6.97
C SER B 462 -21.13 10.93 -6.57
N ILE B 463 -21.78 10.63 -5.45
CA ILE B 463 -21.97 9.25 -5.03
C ILE B 463 -23.42 8.83 -5.22
N ASN B 467 -19.59 6.11 -12.14
CA ASN B 467 -18.30 5.44 -12.18
C ASN B 467 -17.50 5.70 -10.91
N GLY B 468 -17.75 6.84 -10.29
CA GLY B 468 -17.05 7.18 -9.06
C GLY B 468 -15.66 7.74 -9.26
N CYS B 469 -15.27 8.00 -10.51
CA CYS B 469 -13.96 8.58 -10.75
C CYS B 469 -13.89 10.03 -10.26
N VAL B 470 -14.92 10.83 -10.55
CA VAL B 470 -14.94 12.21 -10.07
C VAL B 470 -15.01 12.24 -8.56
N TYR B 471 -15.72 11.28 -7.96
CA TYR B 471 -15.79 11.20 -6.50
C TYR B 471 -14.41 10.97 -5.90
N TYR B 472 -13.68 9.98 -6.44
CA TYR B 472 -12.35 9.69 -5.92
C TYR B 472 -11.40 10.86 -6.13
N LEU B 473 -11.43 11.46 -7.32
CA LEU B 473 -10.55 12.59 -7.59
C LEU B 473 -10.89 13.78 -6.72
N SER B 474 -12.18 13.99 -6.45
CA SER B 474 -12.60 15.09 -5.58
C SER B 474 -12.13 14.85 -4.15
N GLN B 475 -12.21 13.60 -3.68
CA GLN B 475 -11.67 13.30 -2.35
C GLN B 475 -10.18 13.58 -2.29
N ILE B 476 -9.45 13.15 -3.32
CA ILE B 476 -8.01 13.39 -3.36
C ILE B 476 -7.71 14.89 -3.34
N ASN B 477 -8.43 15.65 -4.17
CA ASN B 477 -8.18 17.08 -4.27
C ASN B 477 -8.59 17.80 -3.00
N ARG B 478 -9.66 17.37 -2.34
CA ARG B 478 -10.07 17.99 -1.10
C ARG B 478 -9.04 17.73 0.00
N TYR B 479 -8.50 16.53 0.07
CA TYR B 479 -7.42 16.29 1.02
C TYR B 479 -6.20 17.14 0.68
N ARG B 480 -5.88 17.27 -0.61
CA ARG B 480 -4.75 18.10 -1.01
C ARG B 480 -4.97 19.56 -0.61
N ILE B 481 -6.19 20.07 -0.81
CA ILE B 481 -6.49 21.45 -0.48
C ILE B 481 -6.48 21.65 1.03
N TYR B 482 -6.93 20.65 1.78
CA TYR B 482 -6.83 20.73 3.24
C TYR B 482 -5.37 20.81 3.68
N GLN B 483 -4.51 20.00 3.07
CA GLN B 483 -3.09 20.08 3.36
C GLN B 483 -2.53 21.45 3.01
N SER B 484 -2.92 21.99 1.86
CA SER B 484 -2.46 23.30 1.45
C SER B 484 -2.91 24.36 2.44
N ILE B 485 -4.16 24.30 2.89
CA ILE B 485 -4.67 25.26 3.87
C ILE B 485 -3.90 25.16 5.17
N THR B 486 -3.63 23.93 5.63
CA THR B 486 -2.89 23.75 6.87
C THR B 486 -1.49 24.35 6.75
N GLN B 487 -0.81 24.07 5.63
CA GLN B 487 0.54 24.60 5.45
C GLN B 487 0.53 26.12 5.34
N ALA B 488 -0.46 26.68 4.65
CA ALA B 488 -0.56 28.13 4.54
C ALA B 488 -0.82 28.77 5.90
N VAL B 489 -1.67 28.15 6.71
CA VAL B 489 -1.92 28.66 8.06
C VAL B 489 -0.64 28.63 8.87
N THR B 490 0.10 27.53 8.80
CA THR B 490 1.37 27.45 9.52
C THR B 490 2.34 28.53 9.06
N GLN B 491 2.45 28.73 7.74
CA GLN B 491 3.38 29.73 7.22
C GLN B 491 2.98 31.13 7.67
N PHE B 492 1.70 31.45 7.58
CA PHE B 492 1.24 32.78 7.97
C PHE B 492 1.43 33.01 9.47
N ASN B 493 1.22 31.97 10.28
CA ASN B 493 1.53 32.10 11.70
C ASN B 493 3.01 32.36 11.92
N GLY B 494 3.87 31.62 11.22
CA GLY B 494 5.29 31.84 11.35
C GLY B 494 5.73 33.18 10.82
N LEU B 495 5.20 33.58 9.67
CA LEU B 495 5.55 34.85 9.05
C LEU B 495 4.45 35.89 9.27
N GLY B 501 5.13 39.49 6.05
CA GLY B 501 5.57 40.70 6.72
C GLY B 501 4.52 41.28 7.65
N ARG B 502 3.25 41.01 7.35
CA ARG B 502 2.14 41.49 8.16
C ARG B 502 1.25 40.31 8.53
N HIS B 503 0.62 40.41 9.70
CA HIS B 503 -0.25 39.36 10.19
C HIS B 503 -1.50 39.27 9.33
N TYR B 504 -1.69 38.13 8.67
CA TYR B 504 -2.84 37.91 7.81
C TYR B 504 -3.57 36.64 8.26
N LYS B 505 -4.90 36.67 8.13
CA LYS B 505 -5.75 35.55 8.51
C LYS B 505 -6.68 35.23 7.35
N PRO B 506 -6.16 34.66 6.27
CA PRO B 506 -7.02 34.37 5.11
C PRO B 506 -8.15 33.41 5.43
N PHE B 507 -7.91 32.45 6.33
CA PHE B 507 -8.91 31.45 6.69
C PHE B 507 -9.43 31.75 8.09
N THR B 508 -10.74 31.98 8.18
CA THR B 508 -11.35 32.27 9.47
C THR B 508 -11.23 31.06 10.39
N ASP B 509 -10.99 31.33 11.68
CA ASP B 509 -10.75 30.25 12.62
C ASP B 509 -11.94 29.31 12.70
N GLU B 510 -13.15 29.80 12.48
CA GLU B 510 -14.31 28.92 12.43
C GLU B 510 -14.19 27.93 11.27
N PHE B 511 -13.84 28.42 10.09
CA PHE B 511 -13.66 27.54 8.94
C PHE B 511 -12.50 26.57 9.17
N LEU B 512 -11.41 27.06 9.75
CA LEU B 512 -10.27 26.18 10.02
C LEU B 512 -10.67 25.06 10.97
N ALA B 513 -11.40 25.39 12.04
CA ALA B 513 -11.85 24.37 12.97
C ALA B 513 -12.81 23.40 12.29
N ARG B 514 -13.71 23.91 11.45
CA ARG B 514 -14.65 23.05 10.76
C ARG B 514 -13.92 22.05 9.87
N ILE B 515 -12.94 22.51 9.11
CA ILE B 515 -12.21 21.59 8.22
C ILE B 515 -11.37 20.62 9.03
N GLU B 516 -10.78 21.08 10.13
CA GLU B 516 -10.02 20.18 10.98
C GLU B 516 -10.89 19.07 11.53
N ARG B 517 -12.11 19.41 11.96
CA ARG B 517 -13.05 18.39 12.43
C ARG B 517 -13.49 17.47 11.30
N GLU B 518 -13.73 18.04 10.11
CA GLU B 518 -14.20 17.23 8.99
C GLU B 518 -13.11 16.27 8.52
N MET B 519 -11.85 16.69 8.57
CA MET B 519 -10.72 15.88 8.13
C MET B 519 -10.03 15.17 9.27
N THR B 520 -10.60 15.18 10.46
CA THR B 520 -9.99 14.48 11.59
C THR B 520 -9.91 12.99 11.30
N ASN B 521 -8.74 12.41 11.55
CA ASN B 521 -8.55 10.97 11.41
C ASN B 521 -8.84 10.50 9.99
N PHE B 522 -8.69 11.40 9.02
CA PHE B 522 -8.96 11.08 7.62
C PHE B 522 -7.75 10.39 7.01
N ASN B 523 -7.98 9.24 6.39
CA ASN B 523 -6.91 8.44 5.80
C ASN B 523 -7.00 8.54 4.28
N ILE B 524 -5.93 9.01 3.65
CA ILE B 524 -5.88 9.04 2.20
C ILE B 524 -5.44 7.69 1.64
N ASP B 525 -4.70 6.91 2.44
CA ASP B 525 -4.27 5.59 1.98
C ASP B 525 -5.45 4.67 1.72
N ASP B 526 -6.47 4.74 2.58
CA ASP B 526 -7.61 3.85 2.49
C ASP B 526 -8.66 4.32 1.50
N LEU B 527 -8.46 5.47 0.86
CA LEU B 527 -9.48 6.02 -0.03
C LEU B 527 -9.76 5.07 -1.20
N PHE B 528 -8.71 4.53 -1.82
CA PHE B 528 -8.91 3.67 -2.97
C PHE B 528 -9.47 2.31 -2.55
N ASN B 529 -8.90 1.72 -1.49
CA ASN B 529 -9.37 0.41 -1.05
C ASN B 529 -10.82 0.41 -0.61
N GLY B 530 -11.34 1.57 -0.20
CA GLY B 530 -12.73 1.68 0.19
C GLY B 530 -13.69 1.93 -0.94
N MET B 531 -13.22 1.99 -2.17
CA MET B 531 -14.05 2.24 -3.33
C MET B 531 -14.64 0.94 -3.85
N PRO B 532 -15.74 1.00 -4.60
CA PRO B 532 -16.33 -0.22 -5.14
C PRO B 532 -15.32 -0.99 -5.99
N PHE B 533 -15.37 -2.32 -5.87
CA PHE B 533 -14.36 -3.13 -6.55
C PHE B 533 -14.35 -2.90 -8.05
N GLU B 534 -15.51 -2.56 -8.63
CA GLU B 534 -15.55 -2.22 -10.04
C GLU B 534 -14.71 -0.98 -10.31
N PHE B 535 -14.78 0.02 -9.44
CA PHE B 535 -13.92 1.19 -9.60
C PHE B 535 -12.45 0.82 -9.44
N GLN B 536 -12.12 0.11 -8.35
CA GLN B 536 -10.73 -0.29 -8.14
C GLN B 536 -10.18 -1.10 -9.30
N LYS B 537 -11.04 -1.78 -10.05
CA LYS B 537 -10.59 -2.53 -11.21
C LYS B 537 -10.42 -1.62 -12.41
N LYS B 538 -11.46 -0.86 -12.75
CA LYS B 538 -11.39 0.00 -13.93
C LYS B 538 -10.34 1.10 -13.78
N TYR B 539 -10.23 1.68 -12.58
CA TYR B 539 -9.43 2.87 -12.36
C TYR B 539 -8.24 2.61 -11.44
N LYS B 540 -7.55 1.49 -11.67
CA LYS B 540 -6.34 1.21 -10.90
C LYS B 540 -5.26 2.25 -11.17
N ILE B 541 -5.24 2.82 -12.38
CA ILE B 541 -4.19 3.77 -12.75
C ILE B 541 -4.22 5.02 -11.89
N LEU B 542 -5.31 5.28 -11.18
CA LEU B 542 -5.41 6.44 -10.32
C LEU B 542 -4.86 6.19 -8.92
N GLU B 543 -4.45 4.96 -8.61
CA GLU B 543 -3.92 4.65 -7.29
C GLU B 543 -2.85 5.64 -6.85
N PHE B 544 -1.91 5.96 -7.74
CA PHE B 544 -0.78 6.79 -7.34
C PHE B 544 -1.22 8.15 -6.83
N LEU B 545 -2.41 8.60 -7.18
CA LEU B 545 -2.86 9.92 -6.71
C LEU B 545 -3.10 9.94 -5.21
N SER B 546 -3.30 8.79 -4.58
CA SER B 546 -3.49 8.71 -3.14
C SER B 546 -2.17 8.56 -2.38
N ASP B 547 -1.06 8.38 -3.08
CA ASP B 547 0.24 8.21 -2.46
C ASP B 547 0.87 9.56 -2.16
N ASN B 548 1.66 9.61 -1.08
CA ASN B 548 2.34 10.84 -0.72
C ASN B 548 3.31 11.27 -1.81
N GLN B 549 4.05 10.32 -2.38
CA GLN B 549 4.98 10.58 -3.47
C GLN B 549 4.58 9.75 -4.68
N PHE B 550 4.58 10.38 -5.85
CA PHE B 550 4.26 9.70 -7.08
C PHE B 550 5.29 9.93 -8.18
N LEU B 551 6.33 10.71 -7.93
CA LEU B 551 7.31 11.05 -8.94
C LEU B 551 8.68 10.43 -8.66
N TYR B 552 8.74 9.43 -7.78
CA TYR B 552 10.04 8.83 -7.48
C TYR B 552 10.62 8.12 -8.70
N ASP B 553 9.77 7.45 -9.47
CA ASP B 553 10.25 6.82 -10.70
C ASP B 553 10.78 7.86 -11.68
N ASP B 554 9.99 8.92 -11.91
CA ASP B 554 10.42 9.95 -12.85
C ASP B 554 11.70 10.62 -12.40
N THR B 555 11.81 10.92 -11.11
CA THR B 555 13.01 11.56 -10.59
C THR B 555 14.22 10.65 -10.72
N VAL B 556 14.08 9.39 -10.31
CA VAL B 556 15.22 8.49 -10.36
C VAL B 556 15.63 8.20 -11.81
N LYS B 557 14.70 8.36 -12.75
CA LYS B 557 15.10 8.22 -14.15
C LYS B 557 15.88 9.42 -14.66
N LEU B 558 16.12 10.43 -13.82
CA LEU B 558 16.87 11.61 -14.21
C LEU B 558 18.37 11.40 -14.20
N PHE B 559 18.85 10.30 -13.60
CA PHE B 559 20.28 10.02 -13.60
C PHE B 559 20.81 9.78 -15.00
N GLU B 560 19.95 9.42 -15.95
CA GLU B 560 20.39 9.21 -17.32
C GLU B 560 20.83 10.51 -17.99
N LEU B 561 20.38 11.66 -17.48
CA LEU B 561 20.83 12.94 -17.99
C LEU B 561 22.23 13.30 -17.48
N THR B 562 22.69 12.65 -16.42
CA THR B 562 24.00 12.92 -15.85
C THR B 562 25.08 11.98 -16.37
N ASN B 563 24.74 11.08 -17.28
CA ASN B 563 25.71 10.18 -17.87
C ASN B 563 26.65 10.93 -18.81
N LYS B 564 27.83 10.36 -19.03
CA LYS B 564 28.81 10.92 -19.96
C LYS B 564 29.55 9.74 -20.61
N VAL B 565 29.08 9.34 -21.78
CA VAL B 565 29.66 8.21 -22.48
C VAL B 565 29.52 8.38 -23.98
N SER B 579 16.63 8.85 -27.52
CA SER B 579 17.47 9.76 -26.76
C SER B 579 16.97 9.93 -25.33
N SER B 580 17.89 9.93 -24.37
CA SER B 580 17.51 10.10 -22.98
C SER B 580 16.87 11.46 -22.75
N ASP B 581 17.43 12.51 -23.35
CA ASP B 581 16.91 13.85 -23.14
C ASP B 581 15.46 13.96 -23.60
N ILE B 582 15.16 13.44 -24.79
CA ILE B 582 13.79 13.52 -25.30
C ILE B 582 12.86 12.68 -24.44
N VAL B 583 13.34 11.54 -23.95
CA VAL B 583 12.50 10.71 -23.07
C VAL B 583 12.14 11.47 -21.81
N VAL B 584 13.13 12.11 -21.18
CA VAL B 584 12.87 12.84 -19.95
C VAL B 584 11.93 14.00 -20.21
N LEU B 585 12.16 14.75 -21.29
CA LEU B 585 11.30 15.89 -21.58
C LEU B 585 9.87 15.46 -21.86
N LEU B 586 9.69 14.39 -22.63
CA LEU B 586 8.35 13.91 -22.93
C LEU B 586 7.65 13.35 -21.70
N ARG B 587 8.41 12.70 -20.82
CA ARG B 587 7.84 12.25 -19.56
C ARG B 587 7.36 13.43 -18.71
N LEU B 588 8.17 14.49 -18.66
CA LEU B 588 7.76 15.69 -17.93
C LEU B 588 6.51 16.31 -18.54
N TYR B 589 6.44 16.37 -19.86
CA TYR B 589 5.24 16.89 -20.53
C TYR B 589 4.03 16.03 -20.21
N ASP B 590 4.21 14.71 -20.21
CA ASP B 590 3.11 13.80 -19.87
C ASP B 590 2.61 14.08 -18.46
N ASN B 591 3.53 14.21 -17.51
CA ASN B 591 3.12 14.48 -16.13
C ASN B 591 2.39 15.82 -16.03
N LEU B 592 2.92 16.85 -16.67
CA LEU B 592 2.27 18.17 -16.63
C LEU B 592 0.86 18.09 -17.19
N ARG B 593 0.72 17.47 -18.36
CA ARG B 593 -0.59 17.39 -19.00
C ARG B 593 -1.57 16.61 -18.15
N PHE B 594 -1.14 15.48 -17.59
CA PHE B 594 -2.04 14.68 -16.76
C PHE B 594 -2.47 15.45 -15.53
N LEU B 595 -1.53 16.14 -14.88
CA LEU B 595 -1.87 16.83 -13.63
C LEU B 595 -2.69 18.09 -13.85
N TYR B 596 -2.55 18.73 -15.01
CA TYR B 596 -3.29 19.98 -15.22
C TYR B 596 -4.62 19.75 -15.92
N GLU B 597 -4.64 18.96 -17.00
CA GLU B 597 -5.88 18.73 -17.71
C GLU B 597 -6.90 18.02 -16.84
N ASN B 598 -6.44 17.12 -15.98
CA ASN B 598 -7.32 16.39 -15.08
C ASN B 598 -7.64 17.18 -13.82
N CYS B 599 -7.07 18.37 -13.66
CA CYS B 599 -7.42 19.27 -12.55
C CYS B 599 -7.08 18.65 -11.20
N LEU B 600 -5.84 18.19 -11.06
CA LEU B 600 -5.35 17.61 -9.82
C LEU B 600 -4.52 18.66 -9.07
N TRP B 601 -4.85 18.87 -7.80
CA TRP B 601 -4.18 19.91 -7.03
C TRP B 601 -2.75 19.55 -6.66
N SER B 602 -2.39 18.27 -6.69
CA SER B 602 -1.01 17.88 -6.41
C SER B 602 -0.02 18.50 -7.38
N VAL B 603 -0.51 19.11 -8.46
CA VAL B 603 0.34 19.83 -9.40
C VAL B 603 0.93 21.09 -8.80
N SER B 604 0.45 21.52 -7.64
CA SER B 604 0.93 22.73 -6.99
C SER B 604 1.79 22.44 -5.77
N PHE B 605 2.09 21.18 -5.48
CA PHE B 605 2.83 20.83 -4.28
C PHE B 605 4.33 20.86 -4.54
N HIS B 606 5.09 20.87 -3.45
CA HIS B 606 6.54 21.01 -3.56
C HIS B 606 7.18 19.86 -4.31
N GLU B 607 6.59 18.66 -4.23
CA GLU B 607 7.18 17.51 -4.91
C GLU B 607 7.20 17.71 -6.42
N PHE B 608 6.08 18.15 -6.99
CA PHE B 608 6.02 18.33 -8.44
C PHE B 608 6.89 19.50 -8.88
N HIS B 609 6.89 20.59 -8.10
CA HIS B 609 7.76 21.72 -8.42
C HIS B 609 9.22 21.30 -8.42
N GLN B 610 9.62 20.51 -7.41
CA GLN B 610 10.98 20.03 -7.35
C GLN B 610 11.30 19.10 -8.51
N TYR B 611 10.34 18.24 -8.88
CA TYR B 611 10.56 17.34 -10.02
C TYR B 611 10.80 18.14 -11.29
N ILE B 612 9.98 19.17 -11.53
CA ILE B 612 10.16 20.00 -12.71
C ILE B 612 11.50 20.70 -12.67
N ARG B 613 11.86 21.25 -11.50
CA ARG B 613 13.14 21.91 -11.34
C ARG B 613 14.28 20.97 -11.71
N ASN B 614 14.29 19.77 -11.12
CA ASN B 614 15.37 18.82 -11.37
C ASN B 614 15.42 18.43 -12.84
N SER B 615 14.27 18.10 -13.43
CA SER B 615 14.26 17.65 -14.82
C SER B 615 14.76 18.74 -15.75
N MET B 616 14.23 19.96 -15.62
CA MET B 616 14.65 21.03 -16.51
C MET B 616 16.12 21.38 -16.31
N SER B 617 16.57 21.47 -15.06
CA SER B 617 17.95 21.81 -14.80
C SER B 617 18.90 20.77 -15.37
N LEU B 618 18.59 19.48 -15.15
CA LEU B 618 19.47 18.43 -15.65
C LEU B 618 19.44 18.37 -17.17
N LEU B 619 18.27 18.63 -17.78
CA LEU B 619 18.21 18.69 -19.24
C LEU B 619 19.10 19.78 -19.79
N ILE B 620 19.03 20.97 -19.20
CA ILE B 620 19.84 22.10 -19.67
C ILE B 620 21.32 21.80 -19.45
N GLU B 621 21.67 21.24 -18.30
CA GLU B 621 23.06 20.91 -18.03
C GLU B 621 23.58 19.85 -18.99
N LYS B 622 22.77 18.85 -19.31
CA LYS B 622 23.17 17.84 -20.28
C LYS B 622 23.38 18.45 -21.65
N ALA B 623 22.49 19.37 -22.05
CA ALA B 623 22.67 20.06 -23.33
C ALA B 623 23.98 20.85 -23.34
N GLU B 624 24.28 21.53 -22.24
CA GLU B 624 25.52 22.29 -22.17
C GLU B 624 26.74 21.38 -22.24
N TYR B 625 26.68 20.24 -21.55
CA TYR B 625 27.79 19.29 -21.58
C TYR B 625 28.00 18.75 -23.00
N GLU B 626 26.91 18.42 -23.68
CA GLU B 626 27.02 17.99 -25.07
C GLU B 626 27.63 19.07 -25.94
N ARG B 627 27.20 20.33 -25.74
CA ARG B 627 27.75 21.42 -26.51
C ARG B 627 29.27 21.54 -26.30
N THR B 628 29.71 21.50 -25.05
CA THR B 628 31.14 21.65 -24.78
C THR B 628 31.93 20.46 -25.33
N ARG B 629 31.40 19.25 -25.20
CA ARG B 629 32.10 18.09 -25.76
C ARG B 629 32.21 18.18 -27.27
N ASP B 630 31.13 18.61 -27.93
CA ASP B 630 31.17 18.79 -29.38
C ASP B 630 32.17 19.86 -29.76
N ILE B 631 32.24 20.94 -28.99
CA ILE B 631 33.23 21.98 -29.29
C ILE B 631 34.64 21.45 -29.13
N ASP B 632 34.86 20.60 -28.11
CA ASP B 632 36.18 20.03 -27.89
C ASP B 632 36.58 19.05 -28.98
N GLU B 633 35.63 18.31 -29.56
CA GLU B 633 35.94 17.31 -30.58
C GLU B 633 35.90 17.89 -31.99
N LEU B 634 34.76 18.41 -32.42
CA LEU B 634 34.64 19.01 -33.74
C LEU B 634 35.29 20.39 -33.81
N GLY B 635 35.59 20.99 -32.66
CA GLY B 635 36.20 22.32 -32.66
C GLY B 635 35.31 23.40 -33.21
N PHE B 636 34.03 23.41 -32.84
CA PHE B 636 33.06 24.37 -33.34
C PHE B 636 32.60 24.01 -34.75
N GLY B 644 21.68 23.52 -28.53
CA GLY B 644 21.31 22.14 -28.31
C GLY B 644 19.93 22.00 -27.70
N PHE B 645 19.72 22.67 -26.57
CA PHE B 645 18.42 22.68 -25.89
C PHE B 645 17.63 23.87 -26.41
N PHE B 646 16.65 23.60 -27.26
CA PHE B 646 15.82 24.64 -27.85
C PHE B 646 14.58 24.81 -26.98
N MET B 647 14.48 25.97 -26.33
CA MET B 647 13.40 26.23 -25.39
C MET B 647 12.20 26.83 -26.10
N GLU B 648 11.01 26.45 -25.66
CA GLU B 648 9.78 26.92 -26.28
C GLU B 648 8.84 27.52 -25.24
N TYR B 649 7.60 27.79 -25.63
CA TYR B 649 6.67 28.45 -24.72
C TYR B 649 6.44 27.62 -23.46
N TYR B 650 6.24 26.31 -23.61
CA TYR B 650 5.97 25.47 -22.45
C TYR B 650 7.18 25.39 -21.54
N ASP B 651 8.39 25.32 -22.10
CA ASP B 651 9.58 25.31 -21.27
C ASP B 651 9.70 26.62 -20.49
N PHE B 652 9.42 27.75 -21.15
CA PHE B 652 9.47 29.04 -20.46
C PHE B 652 8.46 29.08 -19.33
N VAL B 653 7.23 28.61 -19.57
CA VAL B 653 6.20 28.64 -18.53
C VAL B 653 6.59 27.74 -17.37
N ASN B 654 7.11 26.55 -17.67
CA ASN B 654 7.53 25.64 -16.61
C ASN B 654 8.64 26.24 -15.77
N ILE B 655 9.63 26.84 -16.42
CA ILE B 655 10.74 27.43 -15.68
C ILE B 655 10.26 28.58 -14.82
N SER B 656 9.38 29.43 -15.36
CA SER B 656 8.87 30.54 -14.59
C SER B 656 8.07 30.07 -13.39
N ARG B 657 7.17 29.10 -13.59
CA ARG B 657 6.26 28.70 -12.53
C ARG B 657 6.97 27.88 -11.45
N HIS B 658 7.80 26.93 -11.84
CA HIS B 658 8.34 25.95 -10.92
C HIS B 658 9.75 26.27 -10.44
N PHE B 659 10.36 27.35 -10.93
CA PHE B 659 11.71 27.71 -10.55
C PHE B 659 11.71 28.91 -9.64
N LYS B 660 12.43 28.82 -8.53
CA LYS B 660 12.73 29.99 -7.74
C LYS B 660 13.81 30.82 -8.45
N ILE B 661 14.01 32.05 -7.97
CA ILE B 661 15.04 32.88 -8.58
C ILE B 661 16.42 32.28 -8.35
N ASP B 662 16.63 31.63 -7.20
CA ASP B 662 17.91 30.99 -6.94
C ASP B 662 18.17 29.86 -7.94
N ASP B 663 17.14 29.09 -8.27
CA ASP B 663 17.30 28.01 -9.25
C ASP B 663 17.64 28.56 -10.63
N ILE B 664 16.98 29.66 -11.03
CA ILE B 664 17.30 30.29 -12.31
C ILE B 664 18.74 30.79 -12.31
N LYS B 665 19.18 31.38 -11.19
CA LYS B 665 20.56 31.85 -11.11
C LYS B 665 21.54 30.69 -11.19
N ASN B 666 21.22 29.57 -10.56
CA ASN B 666 22.06 28.39 -10.66
C ASN B 666 22.16 27.92 -12.10
N LEU B 667 21.03 27.88 -12.80
CA LEU B 667 21.04 27.54 -14.22
C LEU B 667 21.96 28.49 -14.99
N GLU B 668 21.83 29.79 -14.73
CA GLU B 668 22.59 30.78 -15.47
C GLU B 668 24.09 30.63 -15.23
N ARG B 669 24.49 30.41 -13.98
CA ARG B 669 25.92 30.30 -13.69
C ARG B 669 26.49 28.98 -14.19
N SER B 670 25.72 27.90 -14.09
CA SER B 670 26.21 26.59 -14.54
C SER B 670 26.37 26.55 -16.05
N CYS B 671 25.34 26.97 -16.78
CA CYS B 671 25.30 26.83 -18.23
C CYS B 671 25.29 28.19 -18.91
N SER B 672 25.56 28.18 -20.21
CA SER B 672 25.49 29.39 -21.03
C SER B 672 24.09 29.46 -21.64
N ILE B 673 23.14 29.90 -20.82
CA ILE B 673 21.75 29.98 -21.27
C ILE B 673 21.60 30.96 -22.42
N ASP B 674 22.56 31.88 -22.60
CA ASP B 674 22.52 32.74 -23.77
C ASP B 674 22.65 31.94 -25.07
N LYS B 675 23.24 30.75 -25.01
CA LYS B 675 23.32 29.87 -26.16
C LYS B 675 22.06 29.04 -26.35
N ILE B 676 21.08 29.15 -25.45
CA ILE B 676 19.83 28.42 -25.56
C ILE B 676 18.86 29.28 -26.35
N ARG B 677 18.62 28.91 -27.60
CA ARG B 677 17.67 29.65 -28.41
C ARG B 677 16.25 29.46 -27.88
N PHE B 678 15.52 30.57 -27.80
CA PHE B 678 14.16 30.57 -27.27
C PHE B 678 13.17 30.67 -28.43
N GLY B 679 12.20 29.76 -28.46
CA GLY B 679 11.23 29.70 -29.52
C GLY B 679 9.85 30.18 -29.07
N GLU B 680 8.96 30.30 -30.04
CA GLU B 680 7.58 30.72 -29.78
C GLU B 680 7.55 32.03 -29.00
N GLN B 681 8.47 32.94 -29.34
CA GLN B 681 8.68 34.11 -28.51
C GLN B 681 7.44 34.99 -28.42
N GLU B 682 6.55 34.93 -29.43
CA GLU B 682 5.30 35.69 -29.32
C GLU B 682 4.42 35.11 -28.23
N LYS B 683 4.36 33.78 -28.11
CA LYS B 683 3.60 33.16 -27.04
C LYS B 683 4.19 33.49 -25.69
N ILE B 684 5.52 33.49 -25.58
CA ILE B 684 6.17 33.83 -24.32
C ILE B 684 5.90 35.28 -23.96
N GLU B 685 5.89 36.17 -24.96
CA GLU B 685 5.57 37.57 -24.69
C GLU B 685 4.12 37.72 -24.25
N GLU B 686 3.21 36.94 -24.84
CA GLU B 686 1.83 36.94 -24.36
C GLU B 686 1.76 36.51 -22.90
N TYR B 687 2.52 35.46 -22.55
CA TYR B 687 2.56 35.01 -21.16
C TYR B 687 3.06 36.11 -20.24
N LEU B 688 4.14 36.78 -20.64
CA LEU B 688 4.71 37.84 -19.82
C LEU B 688 3.74 39.01 -19.66
N VAL B 689 3.06 39.39 -20.75
CA VAL B 689 2.11 40.49 -20.67
C VAL B 689 0.93 40.11 -19.78
N GLY B 690 0.49 38.85 -19.86
CA GLY B 690 -0.57 38.41 -18.96
C GLY B 690 -0.14 38.46 -17.50
N ILE B 691 1.10 38.05 -17.23
CA ILE B 691 1.61 38.15 -15.86
C ILE B 691 1.66 39.60 -15.41
N ALA B 692 2.09 40.50 -16.30
CA ALA B 692 2.13 41.92 -15.94
C ALA B 692 0.73 42.46 -15.65
N GLU B 693 -0.25 42.07 -16.47
CA GLU B 693 -1.61 42.50 -16.22
C GLU B 693 -2.13 41.97 -14.89
N GLU B 694 -1.78 40.72 -14.56
CA GLU B 694 -2.22 40.16 -13.28
C GLU B 694 -1.56 40.87 -12.12
N ILE B 695 -0.29 41.23 -12.26
CA ILE B 695 0.37 42.00 -11.19
C ILE B 695 -0.31 43.34 -11.01
N THR B 696 -0.62 44.03 -12.11
CA THR B 696 -1.30 45.31 -12.02
C THR B 696 -2.67 45.15 -11.35
N LYS B 697 -3.43 44.13 -11.74
CA LYS B 697 -4.72 43.89 -11.12
C LYS B 697 -4.57 43.62 -9.63
N GLN B 698 -3.57 42.81 -9.26
CA GLN B 698 -3.40 42.42 -7.86
C GLN B 698 -3.00 43.62 -7.00
N PHE B 699 -2.24 44.55 -7.57
CA PHE B 699 -1.69 45.64 -6.77
C PHE B 699 -2.20 47.02 -7.16
N SER B 700 -2.30 47.30 -8.47
CA SER B 700 -2.85 48.59 -8.88
C SER B 700 -4.25 48.80 -8.30
N ALA B 701 -5.06 47.74 -8.31
CA ALA B 701 -6.35 47.77 -7.63
C ALA B 701 -6.18 47.26 -6.20
N ASN B 702 -7.29 47.06 -5.50
CA ASN B 702 -7.28 46.55 -4.13
C ASN B 702 -7.70 45.09 -4.06
N GLY B 703 -7.44 44.32 -5.11
CA GLY B 703 -7.88 42.94 -5.17
C GLY B 703 -6.85 41.93 -4.74
N MET B 704 -5.85 42.37 -3.97
CA MET B 704 -4.78 41.47 -3.56
C MET B 704 -5.31 40.32 -2.71
N ASN B 705 -5.25 39.11 -3.25
CA ASN B 705 -5.56 37.90 -2.50
C ASN B 705 -4.28 37.38 -1.88
N VAL B 706 -4.26 37.23 -0.56
CA VAL B 706 -3.03 36.84 0.12
C VAL B 706 -2.59 35.45 -0.33
N VAL B 707 -3.53 34.49 -0.31
CA VAL B 707 -3.17 33.11 -0.65
C VAL B 707 -2.75 33.01 -2.11
N PHE B 708 -3.53 33.63 -3.01
CA PHE B 708 -3.14 33.61 -4.42
C PHE B 708 -1.83 34.34 -4.64
N TYR B 709 -1.67 35.49 -3.99
CA TYR B 709 -0.46 36.30 -4.19
C TYR B 709 0.78 35.53 -3.77
N THR B 710 0.71 34.81 -2.65
CA THR B 710 1.86 34.07 -2.17
C THR B 710 2.44 33.18 -3.27
N GLN B 711 1.58 32.42 -3.94
CA GLN B 711 2.05 31.51 -4.98
C GLN B 711 2.38 32.26 -6.28
N PHE B 712 1.58 33.26 -6.63
CA PHE B 712 1.71 33.89 -7.94
C PHE B 712 2.93 34.81 -8.03
N ILE B 713 3.35 35.40 -6.90
CA ILE B 713 4.45 36.35 -6.95
C ILE B 713 5.73 35.66 -7.38
N SER B 714 5.94 34.43 -6.93
CA SER B 714 7.13 33.70 -7.33
C SER B 714 7.16 33.45 -8.83
N GLU B 715 6.03 33.04 -9.39
CA GLU B 715 5.97 32.80 -10.84
C GLU B 715 6.16 34.09 -11.62
N ALA B 716 5.55 35.18 -11.16
CA ALA B 716 5.73 36.46 -11.85
C ALA B 716 7.18 36.91 -11.79
N LYS B 717 7.81 36.78 -10.62
CA LYS B 717 9.21 37.16 -10.47
C LYS B 717 10.10 36.34 -11.41
N ALA B 718 9.90 35.02 -11.41
CA ALA B 718 10.72 34.16 -12.26
C ALA B 718 10.47 34.45 -13.74
N ALA B 719 9.23 34.74 -14.11
CA ALA B 719 8.93 35.05 -15.50
C ALA B 719 9.62 36.33 -15.94
N LEU B 720 9.52 37.38 -15.13
CA LEU B 720 10.17 38.63 -15.50
C LEU B 720 11.69 38.52 -15.44
N TYR B 721 12.22 37.64 -14.59
CA TYR B 721 13.66 37.42 -14.55
C TYR B 721 14.13 36.66 -15.80
N PHE B 722 13.38 35.64 -16.21
CA PHE B 722 13.74 34.85 -17.37
C PHE B 722 13.43 35.56 -18.68
N ALA B 723 12.64 36.65 -18.63
CA ALA B 723 12.31 37.39 -19.83
C ALA B 723 13.52 38.06 -20.46
N LYS B 724 14.64 38.15 -19.75
CA LYS B 724 15.84 38.72 -20.34
C LYS B 724 16.23 38.01 -21.63
N TYR B 725 15.91 36.73 -21.75
CA TYR B 725 16.31 35.92 -22.88
C TYR B 725 15.29 35.95 -24.02
N VAL B 726 14.24 36.75 -23.90
CA VAL B 726 13.16 36.78 -24.88
C VAL B 726 13.07 38.17 -25.48
N LYS B 727 12.95 38.23 -26.80
CA LYS B 727 12.74 39.50 -27.48
C LYS B 727 11.30 39.96 -27.28
N LEU B 728 11.13 41.14 -26.72
CA LEU B 728 9.81 41.66 -26.33
C LEU B 728 9.41 42.78 -27.26
N SER B 729 8.18 42.71 -27.77
CA SER B 729 7.67 43.78 -28.61
C SER B 729 7.59 45.08 -27.83
N GLU B 730 7.57 46.19 -28.57
CA GLU B 730 7.65 47.51 -27.93
C GLU B 730 6.47 47.73 -26.98
N GLU B 731 5.26 47.39 -27.41
CA GLU B 731 4.09 47.61 -26.55
C GLU B 731 4.07 46.62 -25.40
N GLY B 732 4.33 45.35 -25.68
CA GLY B 732 4.44 44.38 -24.61
C GLY B 732 5.59 44.67 -23.67
N LEU B 733 6.72 45.11 -24.23
CA LEU B 733 7.83 45.53 -23.39
C LEU B 733 7.43 46.67 -22.48
N GLY B 734 6.69 47.65 -23.02
CA GLY B 734 6.24 48.76 -22.20
C GLY B 734 5.31 48.31 -21.08
N LYS B 735 4.37 47.41 -21.39
CA LYS B 735 3.48 46.90 -20.35
C LYS B 735 4.25 46.19 -19.26
N ILE B 736 5.17 45.30 -19.64
CA ILE B 736 5.96 44.56 -18.67
C ILE B 736 6.80 45.51 -17.83
N VAL B 737 7.41 46.51 -18.48
CA VAL B 737 8.28 47.43 -17.78
C VAL B 737 7.49 48.25 -16.75
N LYS B 738 6.33 48.75 -17.16
CA LYS B 738 5.51 49.53 -16.24
C LYS B 738 5.05 48.68 -15.07
N ALA B 739 4.61 47.45 -15.35
CA ALA B 739 4.16 46.57 -14.26
C ALA B 739 5.30 46.29 -13.29
N LEU B 740 6.49 46.03 -13.80
CA LEU B 740 7.63 45.75 -12.93
C LEU B 740 8.03 46.98 -12.12
N LEU B 741 8.05 48.15 -12.75
CA LEU B 741 8.54 49.35 -12.07
C LEU B 741 7.56 49.82 -11.01
N PHE B 742 6.28 49.91 -11.35
CA PHE B 742 5.32 50.58 -10.49
C PHE B 742 4.55 49.64 -9.58
N TYR B 743 3.90 48.62 -10.14
CA TYR B 743 2.93 47.84 -9.40
C TYR B 743 3.51 46.58 -8.75
N PHE B 744 4.79 46.31 -8.95
CA PHE B 744 5.38 45.16 -8.28
C PHE B 744 5.59 45.47 -6.80
N PRO B 745 5.07 44.65 -5.89
CA PRO B 745 5.16 44.98 -4.46
C PRO B 745 6.62 45.10 -4.01
N GLU B 746 6.87 46.07 -3.14
CA GLU B 746 8.22 46.29 -2.65
C GLU B 746 8.68 45.22 -1.67
N ARG B 747 7.74 44.47 -1.08
CA ARG B 747 8.14 43.38 -0.19
C ARG B 747 8.73 42.21 -0.96
N ASP B 748 8.63 42.21 -2.28
CA ASP B 748 9.22 41.18 -3.14
C ASP B 748 10.37 41.71 -3.98
N LEU B 749 10.14 42.79 -4.74
CA LEU B 749 11.19 43.49 -5.46
C LEU B 749 11.39 44.86 -4.84
N ASP B 750 12.53 45.04 -4.19
CA ASP B 750 12.91 46.36 -3.71
C ASP B 750 13.49 47.16 -4.88
N ILE B 751 13.96 48.37 -4.59
CA ILE B 751 14.37 49.29 -5.65
C ILE B 751 15.53 48.68 -6.45
N GLY B 752 16.52 48.12 -5.75
CA GLY B 752 17.65 47.53 -6.45
C GLY B 752 17.28 46.30 -7.25
N LYS B 753 16.47 45.42 -6.65
CA LYS B 753 16.03 44.23 -7.37
C LYS B 753 15.17 44.60 -8.57
N ARG B 754 14.30 45.59 -8.41
CA ARG B 754 13.49 46.05 -9.53
C ARG B 754 14.36 46.62 -10.64
N TYR B 755 15.40 47.37 -10.28
CA TYR B 755 16.32 47.86 -11.31
C TYR B 755 17.03 46.71 -12.02
N VAL B 756 17.43 45.69 -11.26
CA VAL B 756 18.10 44.54 -11.87
C VAL B 756 17.17 43.88 -12.87
N TRP B 757 15.92 43.65 -12.48
CA TRP B 757 14.93 43.07 -13.37
C TRP B 757 14.77 43.92 -14.63
N LEU B 758 14.68 45.24 -14.47
CA LEU B 758 14.47 46.12 -15.61
C LEU B 758 15.67 46.10 -16.55
N GLU B 759 16.88 46.21 -15.99
CA GLU B 759 18.08 46.26 -16.81
C GLU B 759 18.31 44.94 -17.53
N ARG B 760 17.90 43.82 -16.94
CA ARG B 760 18.01 42.55 -17.65
C ARG B 760 17.20 42.55 -18.93
N LEU B 761 16.11 43.33 -18.98
CA LEU B 761 15.26 43.38 -20.16
C LEU B 761 15.90 44.12 -21.32
N THR B 762 16.95 44.90 -21.09
CA THR B 762 17.63 45.60 -22.16
C THR B 762 18.61 44.72 -22.91
N LYS B 763 18.86 43.50 -22.44
CA LYS B 763 19.82 42.62 -23.11
C LYS B 763 19.35 42.28 -24.51
N CYS B 764 18.08 41.93 -24.66
CA CYS B 764 17.52 41.57 -25.96
C CYS B 764 16.64 42.65 -26.56
N ASN B 765 16.45 43.77 -25.87
CA ASN B 765 15.63 44.87 -26.36
C ASN B 765 16.30 46.17 -25.97
N GLU B 766 16.95 46.83 -26.93
CA GLU B 766 17.55 48.12 -26.65
C GLU B 766 16.48 49.08 -26.14
N LEU B 767 16.80 49.79 -25.06
CA LEU B 767 15.84 50.68 -24.41
C LEU B 767 15.17 51.59 -25.42
N PRO B 768 13.89 51.37 -25.71
CA PRO B 768 13.16 52.28 -26.61
C PRO B 768 12.85 53.59 -25.91
N LYS B 769 12.36 54.54 -26.71
CA LYS B 769 11.99 55.83 -26.16
C LYS B 769 10.82 55.71 -25.18
N SER B 770 9.86 54.83 -25.47
CA SER B 770 8.72 54.65 -24.57
C SER B 770 9.17 54.07 -23.22
N ILE B 771 10.06 53.08 -23.25
CA ILE B 771 10.58 52.53 -22.00
C ILE B 771 11.40 53.57 -21.26
N ILE B 772 12.12 54.42 -22.00
CA ILE B 772 12.86 55.50 -21.36
C ILE B 772 11.91 56.47 -20.68
N SER B 773 10.78 56.76 -21.33
CA SER B 773 9.78 57.63 -20.70
C SER B 773 9.19 56.98 -19.46
N ILE B 774 8.96 55.67 -19.51
CA ILE B 774 8.45 54.97 -18.33
C ILE B 774 9.45 55.06 -17.18
N ILE B 775 10.73 54.86 -17.47
CA ILE B 775 11.75 54.95 -16.44
C ILE B 775 11.84 56.37 -15.90
N ASP B 776 11.68 57.37 -16.77
CA ASP B 776 11.68 58.75 -16.31
C ASP B 776 10.48 59.03 -15.41
N ASP B 777 9.32 58.47 -15.75
CA ASP B 777 8.14 58.58 -14.89
C ASP B 777 8.43 57.97 -13.52
N PHE B 778 9.05 56.80 -13.50
CA PHE B 778 9.41 56.16 -12.24
C PHE B 778 10.38 57.03 -11.45
N LEU B 779 11.37 57.62 -12.13
CA LEU B 779 12.33 58.47 -11.44
C LEU B 779 11.65 59.70 -10.85
N VAL B 780 10.74 60.31 -11.60
CA VAL B 780 10.02 61.49 -11.11
C VAL B 780 9.18 61.12 -9.89
N LEU B 781 8.49 59.98 -9.95
CA LEU B 781 7.72 59.56 -8.79
C LEU B 781 8.62 59.29 -7.59
N GLN B 782 9.78 58.67 -7.82
CA GLN B 782 10.71 58.41 -6.74
C GLN B 782 11.17 59.71 -6.10
N ALA B 783 11.51 60.71 -6.91
CA ALA B 783 11.90 62.00 -6.38
C ALA B 783 10.76 62.65 -5.60
N GLU B 784 9.55 62.60 -6.15
CA GLU B 784 8.40 63.20 -5.47
C GLU B 784 8.14 62.51 -4.13
N LYS B 785 8.44 61.22 -4.03
CA LYS B 785 8.30 60.52 -2.76
C LYS B 785 9.29 61.00 -1.71
N HIS B 786 10.29 61.79 -2.10
CA HIS B 786 11.32 62.26 -1.19
C HIS B 786 10.97 63.56 -0.50
N ILE B 787 9.77 64.10 -0.71
CA ILE B 787 9.36 65.30 0.02
C ILE B 787 9.40 65.03 1.51
N ASP B 788 8.88 63.88 1.94
CA ASP B 788 9.03 63.47 3.32
C ASP B 788 10.51 63.30 3.65
N GLN B 789 10.89 63.75 4.84
CA GLN B 789 12.26 63.62 5.30
C GLN B 789 12.55 62.27 5.93
N ASN B 790 11.56 61.37 5.98
CA ASN B 790 11.74 60.04 6.54
C ASN B 790 11.73 58.93 5.50
N TYR B 791 11.10 59.14 4.36
CA TYR B 791 11.11 58.12 3.32
C TYR B 791 12.49 58.00 2.69
N SER B 792 12.98 56.76 2.58
CA SER B 792 14.28 56.50 1.99
C SER B 792 14.19 55.24 1.14
N GLU B 793 14.96 55.20 0.06
CA GLU B 793 14.98 54.02 -0.79
C GLU B 793 15.65 52.87 -0.04
N VAL B 794 14.99 51.71 -0.05
CA VAL B 794 15.53 50.50 0.54
C VAL B 794 15.86 49.53 -0.59
N SER B 795 17.12 49.10 -0.64
CA SER B 795 17.60 48.25 -1.71
C SER B 795 18.42 47.11 -1.13
N SER B 796 18.26 45.92 -1.71
CA SER B 796 19.04 44.76 -1.30
C SER B 796 20.28 44.56 -2.18
N ASN B 797 20.20 44.96 -3.44
CA ASN B 797 21.32 44.85 -4.38
C ASN B 797 22.27 46.04 -4.30
N GLY B 798 21.97 47.03 -3.46
CA GLY B 798 22.78 48.23 -3.40
C GLY B 798 22.54 49.20 -4.53
N LEU B 799 21.55 48.96 -5.37
CA LEU B 799 21.24 49.80 -6.52
C LEU B 799 20.03 50.66 -6.20
N TYR B 800 20.12 51.95 -6.55
CA TYR B 800 19.05 52.89 -6.23
C TYR B 800 18.63 53.68 -7.47
N SER B 801 17.81 54.72 -7.28
CA SER B 801 17.28 55.46 -8.41
C SER B 801 18.38 56.03 -9.30
N ARG B 802 19.50 56.43 -8.69
CA ARG B 802 20.62 56.88 -9.50
C ARG B 802 21.03 55.83 -10.52
N ASP B 803 20.85 54.55 -10.18
CA ASP B 803 21.15 53.49 -11.13
C ASP B 803 20.22 53.52 -12.33
N TYR B 804 18.93 53.78 -12.09
CA TYR B 804 18.00 53.93 -13.21
C TYR B 804 18.39 55.12 -14.07
N GLY B 805 18.76 56.23 -13.44
CA GLY B 805 19.21 57.39 -14.22
C GLY B 805 20.45 57.08 -15.03
N ALA B 806 21.39 56.34 -14.44
CA ALA B 806 22.59 55.95 -15.16
C ALA B 806 22.26 55.08 -16.35
N LEU B 807 21.32 54.14 -16.18
CA LEU B 807 20.90 53.32 -17.31
C LEU B 807 20.28 54.17 -18.41
N ILE B 808 19.42 55.12 -18.02
CA ILE B 808 18.77 55.98 -19.01
C ILE B 808 19.83 56.74 -19.81
N LYS B 809 20.82 57.32 -19.12
CA LYS B 809 21.88 58.01 -19.83
C LYS B 809 22.71 57.05 -20.68
N HIS B 810 22.88 55.82 -20.21
CA HIS B 810 23.62 54.82 -20.99
C HIS B 810 22.95 54.57 -22.33
N PHE B 811 21.62 54.42 -22.32
CA PHE B 811 20.89 54.20 -23.56
C PHE B 811 20.37 55.49 -24.19
N GLU B 812 20.40 56.60 -23.47
CA GLU B 812 20.11 57.92 -24.02
C GLU B 812 21.11 58.90 -23.39
N LYS B 813 22.26 59.06 -24.05
CA LYS B 813 23.33 59.84 -23.46
C LYS B 813 22.94 61.29 -23.29
N ASN B 814 22.25 61.86 -24.28
CA ASN B 814 21.85 63.26 -24.27
C ASN B 814 20.41 63.45 -23.81
N PHE B 815 19.75 62.38 -23.35
CA PHE B 815 18.40 62.50 -22.83
C PHE B 815 18.39 63.45 -21.63
N ILE B 816 17.42 64.36 -21.61
CA ILE B 816 17.24 65.31 -20.52
C ILE B 816 15.84 65.16 -19.96
N SER B 817 15.73 65.05 -18.65
CA SER B 817 14.46 64.88 -17.98
C SER B 817 13.87 66.24 -17.65
N LYS B 818 12.72 66.55 -18.25
CA LYS B 818 12.10 67.87 -18.05
C LYS B 818 11.49 67.97 -16.66
N ARG B 819 10.78 66.94 -16.22
CA ARG B 819 10.10 67.02 -14.92
C ARG B 819 11.08 67.00 -13.77
N LEU B 820 12.14 66.20 -13.87
CA LEU B 820 13.17 66.24 -12.84
C LEU B 820 13.89 67.58 -12.83
N SER B 821 14.14 68.15 -14.02
CA SER B 821 14.69 69.50 -14.09
C SER B 821 13.80 70.48 -13.34
N GLU B 822 12.48 70.41 -13.57
CA GLU B 822 11.57 71.28 -12.87
C GLU B 822 11.61 71.05 -11.37
N ILE B 823 11.66 69.79 -10.95
CA ILE B 823 11.70 69.48 -9.52
C ILE B 823 12.93 70.10 -8.88
N THR B 824 14.06 70.08 -9.60
CA THR B 824 15.26 70.75 -9.08
C THR B 824 15.11 72.26 -9.11
N LEU B 825 14.38 72.80 -10.09
CA LEU B 825 14.15 74.23 -10.19
C LEU B 825 13.14 74.75 -9.17
N CYS B 826 12.46 73.85 -8.45
CA CYS B 826 11.57 74.23 -7.37
C CYS B 826 12.20 74.00 -6.00
N LEU B 827 13.34 73.34 -5.93
CA LEU B 827 13.95 72.99 -4.66
C LEU B 827 14.44 74.23 -3.92
N THR B 828 14.46 74.13 -2.60
CA THR B 828 15.00 75.19 -1.74
C THR B 828 15.97 74.60 -0.74
N GLN B 829 16.46 75.44 0.19
CA GLN B 829 17.40 74.97 1.19
C GLN B 829 16.74 74.10 2.25
N ASP B 830 15.41 73.98 2.24
CA ASP B 830 14.71 73.26 3.30
C ASP B 830 14.73 71.75 3.06
N LYS B 831 14.15 71.29 1.95
CA LYS B 831 14.00 69.87 1.69
C LYS B 831 15.31 69.33 1.12
N GLN B 832 16.28 69.13 2.03
CA GLN B 832 17.59 68.65 1.62
C GLN B 832 17.52 67.26 1.02
N LYS B 833 16.51 66.46 1.41
CA LYS B 833 16.42 65.10 0.89
C LYS B 833 16.23 65.11 -0.63
N GLN B 834 15.30 65.93 -1.12
CA GLN B 834 15.14 66.04 -2.56
C GLN B 834 16.40 66.56 -3.22
N ILE B 835 17.06 67.54 -2.57
CA ILE B 835 18.31 68.08 -3.11
C ILE B 835 19.30 66.95 -3.37
N ASP B 836 19.69 66.23 -2.31
CA ASP B 836 20.72 65.22 -2.48
C ASP B 836 20.24 64.05 -3.32
N PHE B 837 18.94 63.80 -3.40
CA PHE B 837 18.44 62.78 -4.32
C PHE B 837 18.69 63.18 -5.76
N LEU B 838 18.37 64.43 -6.11
CA LEU B 838 18.54 64.88 -7.48
C LEU B 838 20.01 65.03 -7.87
N PHE B 839 20.91 65.07 -6.89
CA PHE B 839 22.33 65.17 -7.21
C PHE B 839 22.83 63.93 -7.94
N LYS B 840 22.39 62.75 -7.50
CA LYS B 840 22.74 61.52 -8.21
C LYS B 840 22.08 61.43 -9.58
N LEU B 841 21.05 62.24 -9.83
CA LEU B 841 20.40 62.31 -11.13
C LEU B 841 20.87 63.52 -11.93
N LEU B 842 22.06 64.04 -11.64
CA LEU B 842 22.52 65.25 -12.31
C LEU B 842 22.55 65.12 -13.82
N PRO B 843 23.07 64.03 -14.41
CA PRO B 843 23.08 63.95 -15.88
C PRO B 843 21.72 64.09 -16.51
N LEU B 844 20.67 63.57 -15.87
CA LEU B 844 19.33 63.70 -16.41
C LEU B 844 18.80 65.13 -16.34
N LEU B 845 19.39 65.98 -15.51
CA LEU B 845 18.93 67.34 -15.33
C LEU B 845 19.42 68.24 -16.47
N SER B 846 18.75 69.38 -16.62
CA SER B 846 19.11 70.35 -17.64
C SER B 846 20.20 71.29 -17.13
N THR B 847 20.74 72.09 -18.06
CA THR B 847 21.84 72.99 -17.70
C THR B 847 21.43 73.93 -16.59
N ASN B 848 20.27 74.58 -16.74
CA ASN B 848 19.80 75.48 -15.69
C ASN B 848 19.54 74.73 -14.38
N ALA B 849 18.92 73.54 -14.48
CA ALA B 849 18.69 72.74 -13.29
C ALA B 849 20.02 72.29 -12.67
N LYS B 850 20.99 71.92 -13.50
CA LYS B 850 22.30 71.55 -12.99
C LYS B 850 22.94 72.71 -12.23
N SER B 851 22.86 73.92 -12.80
CA SER B 851 23.41 75.09 -12.12
C SER B 851 22.69 75.35 -10.81
N HIS B 852 21.37 75.23 -10.80
CA HIS B 852 20.61 75.44 -9.56
C HIS B 852 21.02 74.44 -8.50
N LEU B 853 21.19 73.18 -8.87
CA LEU B 853 21.57 72.17 -7.90
C LEU B 853 23.00 72.37 -7.39
N LEU B 854 23.92 72.74 -8.27
CA LEU B 854 25.33 72.82 -7.89
C LEU B 854 25.55 73.81 -6.76
N SER B 855 24.76 74.89 -6.71
CA SER B 855 24.96 75.92 -5.69
C SER B 855 24.68 75.42 -4.29
N PHE B 856 24.06 74.26 -4.13
CA PHE B 856 23.60 73.78 -2.84
C PHE B 856 24.65 72.97 -2.09
N LYS B 857 25.84 72.78 -2.66
CA LYS B 857 26.91 72.05 -1.99
C LYS B 857 28.20 72.86 -2.03
N SER B 858 29.02 72.69 -1.00
CA SER B 858 30.31 73.35 -0.89
C SER B 858 31.42 72.30 -0.96
N VAL B 859 32.52 72.66 -1.60
CA VAL B 859 33.67 71.77 -1.75
C VAL B 859 34.86 72.41 -1.06
N GLU B 860 34.61 73.14 0.03
CA GLU B 860 35.68 73.85 0.72
C GLU B 860 36.78 72.89 1.17
N ASN B 861 36.39 71.79 1.80
CA ASN B 861 37.34 70.81 2.29
C ASN B 861 37.38 69.59 1.38
N ILE B 862 38.35 68.71 1.64
CA ILE B 862 38.56 67.54 0.79
C ILE B 862 37.38 66.57 0.91
N ASN B 863 36.81 66.45 2.11
CA ASN B 863 35.69 65.52 2.29
C ASN B 863 34.50 65.91 1.42
N ASP B 864 34.24 67.21 1.30
CA ASP B 864 33.18 67.67 0.42
C ASP B 864 33.47 67.28 -1.03
N LEU B 865 34.74 67.39 -1.46
CA LEU B 865 35.10 66.95 -2.79
C LEU B 865 34.86 65.46 -2.97
N MET B 866 35.21 64.66 -1.96
CA MET B 866 34.98 63.22 -2.04
C MET B 866 33.50 62.91 -2.16
N ASN B 867 32.67 63.58 -1.36
CA ASN B 867 31.23 63.36 -1.43
C ASN B 867 30.68 63.76 -2.79
N GLY B 868 31.13 64.89 -3.32
CA GLY B 868 30.67 65.31 -4.64
C GLY B 868 31.07 64.34 -5.73
N ILE B 869 32.30 63.84 -5.68
CA ILE B 869 32.75 62.88 -6.67
C ILE B 869 31.95 61.59 -6.58
N ARG B 870 31.72 61.11 -5.36
CA ARG B 870 30.95 59.89 -5.19
C ARG B 870 29.52 60.06 -5.68
N ILE B 871 28.90 61.20 -5.38
CA ILE B 871 27.53 61.46 -5.81
C ILE B 871 27.46 61.97 -7.25
N GLY B 872 28.58 62.38 -7.83
CA GLY B 872 28.60 62.85 -9.20
C GLY B 872 28.44 64.34 -9.38
N LEU B 873 28.60 65.14 -8.31
CA LEU B 873 28.50 66.58 -8.45
C LEU B 873 29.57 67.11 -9.38
N ILE B 874 30.80 66.64 -9.22
CA ILE B 874 31.94 67.09 -10.01
C ILE B 874 32.51 65.89 -10.77
N ASP B 875 32.69 66.04 -12.08
CA ASP B 875 33.27 64.99 -12.90
C ASP B 875 34.62 65.36 -13.49
N GLU B 876 34.98 66.64 -13.52
CA GLU B 876 36.28 67.09 -13.97
C GLU B 876 36.99 67.80 -12.81
N PHE B 877 38.25 67.45 -12.59
CA PHE B 877 39.01 67.98 -11.47
C PHE B 877 39.57 69.34 -11.82
N THR B 878 38.98 70.39 -11.25
CA THR B 878 39.48 71.73 -11.45
C THR B 878 40.80 71.92 -10.70
N PRO B 879 41.61 72.89 -11.12
CA PRO B 879 42.92 73.08 -10.46
C PRO B 879 42.81 73.26 -8.96
N GLU B 880 41.76 73.94 -8.49
CA GLU B 880 41.55 74.06 -7.06
C GLU B 880 41.30 72.69 -6.44
N HIS B 881 40.60 71.80 -7.14
CA HIS B 881 40.44 70.44 -6.65
C HIS B 881 41.78 69.73 -6.52
N GLU B 882 42.64 69.87 -7.53
CA GLU B 882 43.96 69.25 -7.45
C GLU B 882 44.76 69.80 -6.29
N GLU B 883 44.68 71.11 -6.07
CA GLU B 883 45.37 71.71 -4.93
C GLU B 883 44.79 71.23 -3.60
N LEU B 884 43.47 70.97 -3.56
CA LEU B 884 42.87 70.39 -2.36
C LEU B 884 43.45 69.00 -2.09
N ILE B 885 43.47 68.15 -3.12
CA ILE B 885 44.07 66.83 -2.96
C ILE B 885 45.52 66.98 -2.51
N ILE B 886 46.23 67.96 -3.05
CA ILE B 886 47.65 68.14 -2.73
C ILE B 886 47.83 68.53 -1.28
N GLU B 887 46.99 69.43 -0.76
CA GLU B 887 47.17 69.84 0.64
C GLU B 887 46.84 68.66 1.55
N TYR B 888 45.84 67.85 1.19
CA TYR B 888 45.58 66.65 1.97
C TYR B 888 46.78 65.72 1.96
N LEU B 889 47.40 65.56 0.79
CA LEU B 889 48.60 64.73 0.72
C LEU B 889 49.71 65.28 1.60
N GLU B 890 49.90 66.60 1.59
CA GLU B 890 50.93 67.20 2.42
C GLU B 890 50.67 66.98 3.90
N THR B 891 49.42 67.17 4.33
CA THR B 891 49.09 66.94 5.74
C THR B 891 49.31 65.48 6.12
N ARG B 892 48.88 64.56 5.27
CA ARG B 892 49.08 63.14 5.54
C ARG B 892 50.56 62.81 5.63
N LYS B 893 51.37 63.35 4.71
CA LYS B 893 52.80 63.10 4.74
C LYS B 893 53.44 63.64 6.02
N VAL B 894 53.04 64.84 6.43
CA VAL B 894 53.59 65.41 7.65
C VAL B 894 53.21 64.57 8.86
N ASN B 895 51.95 64.13 8.92
CA ASN B 895 51.48 63.33 10.04
C ASN B 895 51.89 61.87 9.94
N TYR B 896 52.58 61.47 8.86
CA TYR B 896 52.97 60.08 8.69
C TYR B 896 53.79 59.58 9.88
N ILE B 897 54.75 60.39 10.33
CA ILE B 897 55.54 60.03 11.50
C ILE B 897 55.03 60.77 12.73
N ASP B 911 42.97 56.63 3.64
CA ASP B 911 41.98 55.82 2.95
C ASP B 911 41.83 56.26 1.50
N TYR B 912 41.80 57.58 1.29
CA TYR B 912 41.68 58.12 -0.06
C TYR B 912 43.00 58.11 -0.81
N MET B 913 44.11 57.76 -0.16
CA MET B 913 45.41 57.83 -0.80
C MET B 913 45.43 56.98 -2.06
N SER B 914 44.94 55.75 -1.98
CA SER B 914 44.84 54.91 -3.16
C SER B 914 43.89 55.52 -4.18
N THR B 915 42.85 56.22 -3.72
CA THR B 915 41.93 56.87 -4.64
C THR B 915 42.65 57.92 -5.48
N PHE B 916 43.47 58.75 -4.85
CA PHE B 916 44.21 59.75 -5.60
C PHE B 916 45.28 59.11 -6.48
N GLY B 917 45.89 58.04 -6.01
CA GLY B 917 46.83 57.32 -6.87
C GLY B 917 46.16 56.82 -8.13
N ILE B 918 44.97 56.24 -8.01
CA ILE B 918 44.23 55.78 -9.17
C ILE B 918 43.81 56.94 -10.05
N TRP B 919 43.38 58.04 -9.43
CA TRP B 919 42.97 59.21 -10.21
C TRP B 919 44.13 59.75 -11.04
N TYR B 920 45.33 59.83 -10.46
CA TYR B 920 46.49 60.22 -11.23
C TYR B 920 46.77 59.21 -12.33
N PHE B 921 46.65 57.92 -12.00
CA PHE B 921 46.78 56.89 -13.04
C PHE B 921 45.70 57.05 -14.10
N LEU B 922 44.45 57.26 -13.67
CA LEU B 922 43.33 57.36 -14.59
C LEU B 922 43.33 58.66 -15.37
N GLU B 923 44.37 59.47 -15.24
CA GLU B 923 44.44 60.76 -15.93
C GLU B 923 43.33 61.71 -15.48
N GLU B 924 42.82 61.51 -14.27
CA GLU B 924 41.86 62.44 -13.69
C GLU B 924 42.54 63.62 -13.01
N ILE B 925 43.85 63.57 -12.84
CA ILE B 925 44.63 64.67 -12.28
C ILE B 925 45.85 64.88 -13.17
N ASN B 926 46.07 66.11 -13.61
CA ASN B 926 47.26 66.48 -14.37
C ASN B 926 48.15 67.41 -13.56
N ASN B 927 48.08 67.31 -12.23
CA ASN B 927 48.87 68.20 -11.38
C ASN B 927 50.36 68.01 -11.60
N SER B 928 50.79 66.75 -11.73
CA SER B 928 52.18 66.38 -11.97
C SER B 928 53.08 66.68 -10.78
N LYS B 929 52.51 66.95 -9.60
CA LYS B 929 53.29 67.14 -8.38
C LYS B 929 52.99 66.07 -7.33
N MET B 930 52.05 65.16 -7.60
CA MET B 930 51.71 64.13 -6.64
C MET B 930 52.91 63.25 -6.28
N GLU B 931 53.93 63.22 -7.15
CA GLU B 931 55.08 62.35 -6.91
C GLU B 931 55.76 62.64 -5.58
N GLU B 932 55.57 63.84 -5.02
CA GLU B 932 56.18 64.15 -3.73
C GLU B 932 55.69 63.23 -2.63
N PHE B 933 54.55 62.56 -2.82
CA PHE B 933 53.98 61.68 -1.80
C PHE B 933 54.19 60.20 -2.12
N ILE B 934 55.36 59.84 -2.65
CA ILE B 934 55.68 58.46 -3.00
C ILE B 934 56.59 57.90 -1.92
N GLY B 935 56.22 56.74 -1.37
CA GLY B 935 57.10 56.03 -0.46
C GLY B 935 56.48 55.58 0.85
N MET B 936 55.19 55.77 1.01
CA MET B 936 54.50 55.37 2.24
C MET B 936 53.28 54.51 2.02
N ASP B 937 52.52 54.74 0.94
CA ASP B 937 51.33 53.96 0.63
C ASP B 937 51.59 53.16 -0.65
N ASP B 938 51.62 51.83 -0.51
CA ASP B 938 52.05 50.98 -1.61
C ASP B 938 51.22 51.22 -2.87
N GLN B 939 49.89 51.28 -2.72
CA GLN B 939 49.03 51.46 -3.88
C GLN B 939 49.30 52.80 -4.56
N TYR B 940 49.50 53.85 -3.78
CA TYR B 940 49.72 55.17 -4.35
C TYR B 940 50.98 55.18 -5.22
N ASP B 941 52.09 54.65 -4.68
CA ASP B 941 53.31 54.60 -5.48
C ASP B 941 53.12 53.70 -6.69
N PHE B 942 52.49 52.55 -6.50
CA PHE B 942 52.26 51.62 -7.61
C PHE B 942 51.49 52.28 -8.74
N PHE B 943 50.58 53.19 -8.41
CA PHE B 943 49.76 53.81 -9.44
C PHE B 943 50.41 55.05 -10.05
N VAL B 944 51.09 55.87 -9.24
CA VAL B 944 51.69 57.08 -9.77
C VAL B 944 52.86 56.75 -10.70
N ASP B 945 53.76 55.88 -10.25
CA ASP B 945 54.96 55.52 -11.00
C ASP B 945 55.07 54.00 -11.09
N PRO B 946 54.33 53.37 -11.99
CA PRO B 946 54.38 51.91 -12.08
C PRO B 946 55.78 51.38 -12.35
N GLU B 947 56.58 52.09 -13.15
CA GLU B 947 57.93 51.61 -13.48
C GLU B 947 58.81 51.55 -12.23
N ASN B 948 58.73 52.57 -11.38
CA ASN B 948 59.62 52.65 -10.22
C ASN B 948 59.10 51.86 -9.02
N PHE B 949 57.88 51.36 -9.07
CA PHE B 949 57.33 50.62 -7.94
C PHE B 949 58.08 49.30 -7.75
N ASP B 950 58.32 48.95 -6.48
CA ASP B 950 58.88 47.65 -6.13
C ASP B 950 57.73 46.66 -5.98
N TYR B 951 57.66 45.69 -6.89
CA TYR B 951 56.49 44.83 -6.95
C TYR B 951 56.55 43.68 -5.96
N LYS B 952 57.63 43.55 -5.20
CA LYS B 952 57.59 42.68 -4.03
C LYS B 952 56.65 43.21 -2.96
N LYS B 953 56.31 44.50 -3.02
CA LYS B 953 55.30 45.09 -2.17
C LYS B 953 53.90 45.03 -2.77
N PHE B 954 53.77 44.62 -4.02
CA PHE B 954 52.47 44.51 -4.66
C PHE B 954 51.63 43.45 -3.96
N ILE B 955 50.36 43.78 -3.73
CA ILE B 955 49.37 42.85 -3.18
C ILE B 955 48.44 42.45 -4.32
N PRO B 956 48.41 41.18 -4.73
CA PRO B 956 47.53 40.80 -5.84
C PRO B 956 46.07 41.07 -5.57
N SER B 957 45.67 41.10 -4.30
CA SER B 957 44.28 41.35 -3.97
C SER B 957 43.79 42.68 -4.50
N TRP B 958 44.70 43.62 -4.77
CA TRP B 958 44.31 44.88 -5.39
C TRP B 958 43.51 44.65 -6.67
N LEU B 959 43.96 43.70 -7.50
CA LEU B 959 43.28 43.46 -8.76
C LEU B 959 41.85 42.98 -8.55
N LYS B 960 41.52 42.50 -7.36
CA LYS B 960 40.17 42.06 -7.05
C LYS B 960 39.23 43.23 -6.72
N ASN B 961 39.76 44.44 -6.59
CA ASN B 961 38.95 45.60 -6.27
C ASN B 961 38.67 46.49 -7.47
N TYR B 962 39.60 46.57 -8.43
CA TYR B 962 39.40 47.41 -9.60
C TYR B 962 38.29 46.85 -10.48
N ASN B 963 37.54 47.74 -11.09
CA ASN B 963 36.49 47.35 -12.01
C ASN B 963 37.10 47.07 -13.38
N ASP B 964 36.25 46.83 -14.39
CA ASP B 964 36.76 46.49 -15.71
C ASP B 964 37.60 47.62 -16.29
N LYS B 965 37.15 48.87 -16.12
CA LYS B 965 37.86 49.99 -16.73
C LYS B 965 39.27 50.12 -16.16
N LEU B 966 39.39 50.11 -14.83
CA LEU B 966 40.71 50.28 -14.22
C LEU B 966 41.64 49.13 -14.57
N LEU B 967 41.12 47.89 -14.54
CA LEU B 967 41.95 46.74 -14.88
C LEU B 967 42.40 46.81 -16.33
N GLY B 968 41.51 47.18 -17.24
CA GLY B 968 41.90 47.32 -18.64
C GLY B 968 42.94 48.40 -18.85
N LYS B 969 42.79 49.53 -18.15
CA LYS B 969 43.79 50.59 -18.24
C LYS B 969 45.14 50.10 -17.70
N ILE B 970 45.12 49.37 -16.59
CA ILE B 970 46.35 48.81 -16.05
C ILE B 970 47.01 47.89 -17.07
N ALA B 971 46.21 47.03 -17.71
CA ALA B 971 46.76 46.12 -18.70
C ALA B 971 47.35 46.89 -19.88
N GLY B 972 46.66 47.93 -20.35
CA GLY B 972 47.12 48.71 -21.47
C GLY B 972 48.16 49.76 -21.16
N ASN B 973 48.56 49.90 -19.90
CA ASN B 973 49.56 50.89 -19.54
C ASN B 973 50.86 50.71 -20.32
N LYS B 974 51.15 49.48 -20.75
CA LYS B 974 52.38 49.18 -21.46
C LYS B 974 53.57 49.21 -20.50
N HIS B 975 53.32 49.65 -19.28
CA HIS B 975 54.26 49.56 -18.17
C HIS B 975 53.60 48.80 -17.04
N MET B 976 54.39 47.98 -16.33
CA MET B 976 53.94 47.16 -15.22
C MET B 976 52.99 46.05 -15.66
N LYS B 977 52.65 45.96 -16.94
CA LYS B 977 51.77 44.91 -17.39
C LYS B 977 52.40 43.54 -17.18
N HIS B 978 53.71 43.42 -17.38
CA HIS B 978 54.38 42.15 -17.15
C HIS B 978 54.43 41.80 -15.67
N HIS B 979 54.59 42.80 -14.79
CA HIS B 979 54.57 42.52 -13.36
C HIS B 979 53.23 41.95 -12.93
N VAL B 980 52.14 42.58 -13.38
CA VAL B 980 50.82 42.06 -13.04
C VAL B 980 50.59 40.72 -13.71
N ILE B 981 51.13 40.51 -14.91
CA ILE B 981 51.00 39.21 -15.57
C ILE B 981 51.65 38.13 -14.72
N GLU B 982 52.86 38.39 -14.22
CA GLU B 982 53.55 37.38 -13.44
C GLU B 982 52.88 37.15 -12.09
N VAL B 983 52.36 38.21 -11.47
CA VAL B 983 51.66 38.02 -10.20
C VAL B 983 50.38 37.21 -10.42
N LEU B 984 49.66 37.49 -11.50
CA LEU B 984 48.46 36.72 -11.81
C LEU B 984 48.79 35.27 -12.14
N LYS B 985 49.90 35.04 -12.85
CA LYS B 985 50.31 33.67 -13.14
C LYS B 985 50.63 32.93 -11.84
N GLU B 986 51.34 33.57 -10.93
CA GLU B 986 51.63 32.94 -9.65
C GLU B 986 50.34 32.63 -8.89
N ARG B 987 49.40 33.57 -8.90
CA ARG B 987 48.13 33.35 -8.20
C ARG B 987 47.36 32.18 -8.82
N VAL B 988 47.29 32.14 -10.15
CA VAL B 988 46.53 31.08 -10.82
C VAL B 988 47.18 29.73 -10.60
N LYS B 989 48.52 29.69 -10.56
CA LYS B 989 49.21 28.42 -10.37
C LYS B 989 49.16 27.94 -8.92
N ASN B 990 49.13 28.86 -7.96
CA ASN B 990 49.18 28.46 -6.56
C ASN B 990 47.80 28.27 -5.93
N SER B 991 46.76 28.95 -6.45
CA SER B 991 45.45 28.88 -5.85
C SER B 991 44.36 28.41 -6.80
N ASN B 992 44.59 28.44 -8.11
CA ASN B 992 43.55 28.08 -9.08
C ASN B 992 42.31 28.93 -8.85
N ASP B 993 42.51 30.20 -8.52
CA ASP B 993 41.41 31.12 -8.28
C ASP B 993 40.75 31.50 -9.60
N LYS B 994 39.44 31.29 -9.69
CA LYS B 994 38.73 31.63 -10.91
C LYS B 994 38.68 33.13 -11.13
N ARG B 995 38.65 33.91 -10.05
CA ARG B 995 38.64 35.37 -10.20
C ARG B 995 39.93 35.88 -10.81
N TYR B 996 41.07 35.46 -10.26
CA TYR B 996 42.35 35.84 -10.83
C TYR B 996 42.49 35.32 -12.25
N LEU B 997 42.05 34.09 -12.49
CA LEU B 997 42.15 33.52 -13.84
C LEU B 997 41.34 34.33 -14.84
N GLU B 998 40.12 34.73 -14.47
CA GLU B 998 39.31 35.51 -15.39
C GLU B 998 39.85 36.93 -15.56
N ILE B 999 40.46 37.49 -14.51
CA ILE B 999 41.13 38.77 -14.66
C ILE B 999 42.23 38.66 -15.69
N LEU B 1000 43.06 37.62 -15.58
CA LEU B 1000 44.16 37.43 -16.51
C LEU B 1000 43.67 37.12 -17.93
N MET B 1001 42.57 36.38 -18.05
CA MET B 1001 42.08 35.98 -19.37
C MET B 1001 41.38 37.12 -20.08
N ASN B 1002 40.66 37.97 -19.35
CA ASN B 1002 39.87 39.02 -19.99
C ASN B 1002 40.76 40.20 -20.40
N TYR B 1003 41.40 40.84 -19.43
CA TYR B 1003 42.25 42.00 -19.70
C TYR B 1003 43.70 41.61 -19.97
N PHE B 1004 44.09 40.37 -19.67
CA PHE B 1004 45.47 39.93 -19.85
C PHE B 1004 46.44 40.84 -19.10
N ILE B 1005 46.00 41.37 -17.97
CA ILE B 1005 46.79 42.33 -17.20
C ILE B 1005 48.15 41.75 -16.86
N ASP C 23 -74.02 -15.63 26.65
CA ASP C 23 -73.61 -15.63 25.24
C ASP C 23 -73.47 -17.05 24.72
N ASN C 24 -73.60 -17.21 23.40
CA ASN C 24 -73.43 -18.52 22.79
C ASN C 24 -72.01 -19.02 22.94
N ASN C 25 -71.03 -18.13 22.80
CA ASN C 25 -69.63 -18.54 22.83
C ASN C 25 -69.27 -19.19 24.17
N VAL C 26 -69.62 -18.53 25.28
CA VAL C 26 -69.22 -19.02 26.59
C VAL C 26 -69.86 -20.37 26.88
N VAL C 27 -71.17 -20.47 26.64
CA VAL C 27 -71.87 -21.72 26.93
C VAL C 27 -71.39 -22.84 26.02
N GLU C 28 -71.07 -22.52 24.77
CA GLU C 28 -70.58 -23.54 23.85
C GLU C 28 -69.19 -24.03 24.25
N CYS C 29 -68.31 -23.11 24.66
CA CYS C 29 -67.00 -23.52 25.14
C CYS C 29 -67.11 -24.38 26.39
N ILE C 30 -68.01 -24.01 27.31
CA ILE C 30 -68.19 -24.79 28.53
C ILE C 30 -68.79 -26.15 28.20
N LYS C 31 -69.68 -26.20 27.22
CA LYS C 31 -70.20 -27.48 26.76
C LYS C 31 -69.09 -28.36 26.19
N GLU C 32 -68.19 -27.76 25.40
CA GLU C 32 -67.06 -28.52 24.88
C GLU C 32 -66.19 -29.06 26.01
N ILE C 33 -65.93 -28.23 27.02
CA ILE C 33 -65.14 -28.67 28.16
C ILE C 33 -65.83 -29.83 28.86
N THR C 34 -67.15 -29.73 29.04
CA THR C 34 -67.88 -30.79 29.74
C THR C 34 -67.90 -32.08 28.92
N GLU C 35 -68.02 -31.97 27.60
CA GLU C 35 -67.95 -33.17 26.77
C GLU C 35 -66.57 -33.81 26.84
N SER C 36 -65.52 -32.98 26.88
CA SER C 36 -64.18 -33.53 27.05
C SER C 36 -64.05 -34.24 28.40
N SER C 37 -64.62 -33.65 29.45
CA SER C 37 -64.59 -34.28 30.76
C SER C 37 -65.32 -35.62 30.74
N ARG C 38 -66.52 -35.64 30.18
CA ARG C 38 -67.31 -36.88 30.15
C ARG C 38 -66.64 -37.94 29.30
N ASN C 39 -66.08 -37.55 28.15
CA ASN C 39 -65.38 -38.48 27.28
C ASN C 39 -64.07 -38.98 27.88
N GLY C 40 -63.58 -38.35 28.94
CA GLY C 40 -62.36 -38.77 29.59
C GLY C 40 -61.10 -38.13 29.04
N LYS C 41 -61.19 -37.35 27.97
CA LYS C 41 -60.03 -36.69 27.37
C LYS C 41 -59.93 -35.25 27.84
N LEU C 42 -59.72 -35.07 29.13
CA LEU C 42 -59.54 -33.75 29.73
C LEU C 42 -58.30 -33.74 30.60
N VAL C 43 -57.42 -32.78 30.34
CA VAL C 43 -56.18 -32.61 31.08
C VAL C 43 -56.05 -31.13 31.43
N PHE C 44 -55.62 -30.85 32.65
CA PHE C 44 -55.59 -29.48 33.16
C PHE C 44 -54.16 -28.96 33.21
N PHE C 45 -53.94 -27.81 32.56
CA PHE C 45 -52.66 -27.10 32.60
C PHE C 45 -52.79 -26.00 33.65
N VAL C 46 -52.26 -26.27 34.84
CA VAL C 46 -52.43 -25.39 35.99
C VAL C 46 -51.19 -24.51 36.12
N GLY C 47 -51.41 -23.22 36.32
CA GLY C 47 -50.32 -22.25 36.36
C GLY C 47 -50.06 -21.63 37.71
N ALA C 48 -49.67 -20.35 37.70
CA ALA C 48 -49.19 -19.71 38.92
C ALA C 48 -50.33 -19.17 39.78
N GLY C 49 -51.41 -18.70 39.15
CA GLY C 49 -52.49 -18.10 39.93
C GLY C 49 -53.16 -19.08 40.86
N VAL C 50 -53.31 -20.33 40.43
CA VAL C 50 -53.95 -21.34 41.28
C VAL C 50 -53.13 -21.56 42.55
N SER C 51 -51.81 -21.65 42.41
CA SER C 51 -50.96 -21.79 43.59
C SER C 51 -50.96 -20.52 44.42
N THR C 52 -51.01 -19.37 43.77
CA THR C 52 -51.01 -18.10 44.51
C THR C 52 -52.27 -17.96 45.36
N LEU C 53 -53.39 -18.53 44.91
CA LEU C 53 -54.62 -18.46 45.70
C LEU C 53 -54.38 -18.94 47.11
N SER C 54 -53.77 -20.12 47.26
CA SER C 54 -53.56 -20.70 48.59
C SER C 54 -52.29 -20.14 49.21
N ASP C 55 -52.16 -18.82 49.23
CA ASP C 55 -51.07 -18.12 49.91
C ASP C 55 -49.74 -18.80 49.57
N TYR C 56 -49.37 -18.68 48.30
CA TYR C 56 -48.08 -19.16 47.85
C TYR C 56 -47.32 -18.03 47.20
N PRO C 57 -46.02 -17.88 47.48
CA PRO C 57 -45.27 -16.72 46.99
C PRO C 57 -45.33 -16.61 45.48
N GLN C 58 -45.89 -15.50 45.00
CA GLN C 58 -45.84 -15.22 43.57
C GLN C 58 -44.39 -15.12 43.12
N TRP C 59 -44.16 -15.42 41.84
CA TRP C 59 -42.79 -15.44 41.34
C TRP C 59 -42.14 -14.07 41.49
N TRP C 60 -42.87 -13.00 41.19
CA TRP C 60 -42.26 -11.68 41.31
C TRP C 60 -41.88 -11.35 42.74
N ARG C 61 -42.46 -12.01 43.73
CA ARG C 61 -41.98 -11.84 45.10
C ARG C 61 -40.55 -12.36 45.24
N LEU C 62 -40.27 -13.54 44.68
CA LEU C 62 -38.90 -14.05 44.74
C LEU C 62 -37.96 -13.24 43.86
N VAL C 63 -38.46 -12.76 42.72
CA VAL C 63 -37.65 -11.88 41.89
C VAL C 63 -37.28 -10.62 42.66
N ASP C 64 -38.23 -10.05 43.40
CA ASP C 64 -37.95 -8.89 44.23
C ASP C 64 -36.98 -9.24 45.34
N LYS C 65 -37.10 -10.44 45.93
CA LYS C 65 -36.14 -10.86 46.95
C LYS C 65 -34.73 -10.91 46.39
N TYR C 66 -34.57 -11.51 45.22
CA TYR C 66 -33.26 -11.57 44.58
C TYR C 66 -32.75 -10.18 44.24
N HIS C 67 -33.63 -9.30 43.75
CA HIS C 67 -33.24 -7.95 43.43
C HIS C 67 -32.77 -7.20 44.67
N GLU C 68 -33.49 -7.35 45.78
CA GLU C 68 -33.09 -6.71 47.03
C GLU C 68 -31.75 -7.23 47.51
N GLU C 69 -31.54 -8.54 47.43
CA GLU C 69 -30.25 -9.08 47.82
C GLU C 69 -29.14 -8.55 46.93
N LEU C 70 -29.40 -8.42 45.63
CA LEU C 70 -28.38 -7.98 44.69
C LEU C 70 -28.03 -6.51 44.93
N TYR C 71 -29.04 -5.65 45.02
CA TYR C 71 -28.83 -4.21 45.08
C TYR C 71 -29.46 -3.53 46.29
N GLY C 72 -30.44 -4.15 46.93
CA GLY C 72 -31.08 -3.55 48.09
C GLY C 72 -32.35 -2.78 47.82
N SER C 73 -32.90 -2.86 46.62
CA SER C 73 -34.13 -2.14 46.29
C SER C 73 -34.80 -2.85 45.11
N PRO C 74 -36.13 -2.71 44.97
CA PRO C 74 -36.87 -3.29 43.85
C PRO C 74 -37.14 -2.28 42.74
N TYR C 79 -41.62 -6.00 37.37
CA TYR C 79 -40.58 -6.83 36.76
C TYR C 79 -41.05 -7.38 35.41
N SER C 80 -40.39 -6.96 34.35
CA SER C 80 -40.75 -7.37 33.01
C SER C 80 -40.55 -8.89 32.85
N SER C 81 -40.95 -9.39 31.68
CA SER C 81 -40.75 -10.81 31.40
C SER C 81 -39.27 -11.18 31.40
N ASP C 82 -38.44 -10.32 30.79
CA ASP C 82 -37.00 -10.61 30.73
C ASP C 82 -36.37 -10.50 32.11
N GLU C 83 -36.78 -9.50 32.91
CA GLU C 83 -36.22 -9.35 34.24
C GLU C 83 -36.54 -10.56 35.11
N TYR C 84 -37.74 -11.13 34.94
CA TYR C 84 -38.13 -12.31 35.72
C TYR C 84 -37.06 -13.39 35.65
N LEU C 85 -36.50 -13.62 34.48
CA LEU C 85 -35.46 -14.62 34.30
C LEU C 85 -34.07 -14.08 34.61
N ARG C 86 -33.81 -12.82 34.26
CA ARG C 86 -32.45 -12.30 34.36
C ARG C 86 -32.04 -12.08 35.80
N ILE C 87 -32.92 -11.47 36.62
CA ILE C 87 -32.56 -11.19 38.00
C ILE C 87 -32.19 -12.45 38.76
N PRO C 88 -32.98 -13.53 38.73
CA PRO C 88 -32.50 -14.78 39.32
C PRO C 88 -31.22 -15.28 38.68
N GLN C 89 -31.08 -15.11 37.37
CA GLN C 89 -29.84 -15.52 36.70
C GLN C 89 -28.66 -14.70 37.18
N ILE C 90 -28.83 -13.38 37.32
CA ILE C 90 -27.75 -12.54 37.81
C ILE C 90 -27.37 -12.95 39.23
N PHE C 91 -28.38 -13.18 40.08
CA PHE C 91 -28.10 -13.57 41.45
C PHE C 91 -27.36 -14.91 41.50
N TYR C 92 -27.79 -15.87 40.69
CA TYR C 92 -27.11 -17.16 40.66
C TYR C 92 -25.68 -17.01 40.18
N ASN C 93 -25.46 -16.17 39.15
CA ASN C 93 -24.13 -16.02 38.59
C ASN C 93 -23.18 -15.36 39.57
N VAL C 94 -23.62 -14.31 40.26
CA VAL C 94 -22.71 -13.54 41.11
C VAL C 94 -22.69 -14.07 42.54
N LYS C 95 -23.85 -14.15 43.20
CA LYS C 95 -23.88 -14.63 44.57
C LYS C 95 -23.48 -16.10 44.66
N GLY C 96 -23.93 -16.91 43.71
CA GLY C 96 -23.59 -18.31 43.67
C GLY C 96 -24.82 -19.21 43.78
N GLU C 97 -24.61 -20.49 43.47
CA GLU C 97 -25.68 -21.46 43.54
C GLU C 97 -26.12 -21.70 44.98
N MET C 98 -25.18 -21.68 45.93
CA MET C 98 -25.55 -21.93 47.32
C MET C 98 -26.51 -20.87 47.85
N ALA C 99 -26.24 -19.60 47.57
CA ALA C 99 -27.15 -18.54 47.99
C ALA C 99 -28.50 -18.66 47.29
N PHE C 100 -28.48 -18.98 46.00
CA PHE C 100 -29.73 -19.19 45.26
C PHE C 100 -30.57 -20.26 45.93
N ASP C 101 -29.95 -21.41 46.23
CA ASP C 101 -30.69 -22.51 46.86
C ASP C 101 -31.14 -22.14 48.26
N GLY C 102 -30.33 -21.40 49.01
CA GLY C 102 -30.74 -20.98 50.33
C GLY C 102 -31.96 -20.09 50.31
N ILE C 103 -31.98 -19.11 49.40
CA ILE C 103 -33.15 -18.25 49.26
C ILE C 103 -34.35 -19.08 48.82
N LEU C 104 -34.16 -19.98 47.87
CA LEU C 104 -35.26 -20.81 47.41
C LEU C 104 -35.83 -21.64 48.55
N LYS C 105 -34.97 -22.22 49.38
CA LYS C 105 -35.43 -23.02 50.51
C LYS C 105 -36.19 -22.17 51.51
N ASP C 106 -35.59 -21.06 51.95
CA ASP C 106 -36.25 -20.25 52.96
C ASP C 106 -37.52 -19.58 52.43
N PHE C 107 -37.70 -19.53 51.11
CA PHE C 107 -38.87 -18.89 50.52
C PHE C 107 -39.96 -19.89 50.13
N PHE C 108 -39.60 -21.14 49.86
CA PHE C 108 -40.55 -22.13 49.38
C PHE C 108 -40.79 -23.29 50.33
N GLN C 109 -39.91 -23.53 51.31
CA GLN C 109 -40.17 -24.57 52.29
C GLN C 109 -41.22 -24.01 53.25
N VAL C 110 -42.42 -24.56 53.20
CA VAL C 110 -43.49 -24.13 54.08
C VAL C 110 -44.67 -25.09 53.91
N ASP C 111 -45.39 -25.36 55.00
CA ASP C 111 -46.64 -26.09 54.89
C ASP C 111 -47.74 -25.13 54.47
N LYS C 112 -48.38 -25.41 53.34
CA LYS C 112 -49.42 -24.56 52.80
C LYS C 112 -50.68 -25.37 52.56
N PRO C 113 -51.84 -24.72 52.56
CA PRO C 113 -53.10 -25.46 52.42
C PRO C 113 -53.52 -25.58 50.97
N THR C 114 -54.13 -26.72 50.64
CA THR C 114 -54.68 -26.94 49.31
C THR C 114 -55.96 -26.12 49.16
N ASN C 115 -55.89 -25.10 48.32
CA ASN C 115 -57.02 -24.20 48.15
C ASN C 115 -58.19 -24.91 47.46
N PRO C 116 -59.39 -24.37 47.56
CA PRO C 116 -60.55 -25.07 46.98
C PRO C 116 -60.44 -25.32 45.49
N ILE C 117 -59.66 -24.50 44.77
CA ILE C 117 -59.51 -24.70 43.33
C ILE C 117 -58.83 -26.03 43.05
N HIS C 118 -57.88 -26.43 43.91
CA HIS C 118 -57.29 -27.76 43.77
C HIS C 118 -58.36 -28.84 43.81
N ASP C 119 -59.25 -28.76 44.81
CA ASP C 119 -60.29 -29.76 44.94
C ASP C 119 -61.24 -29.75 43.75
N LYS C 120 -61.60 -28.57 43.27
CA LYS C 120 -62.49 -28.48 42.12
C LYS C 120 -61.84 -29.09 40.88
N ILE C 121 -60.57 -28.75 40.63
CA ILE C 121 -59.87 -29.28 39.47
C ILE C 121 -59.78 -30.79 39.55
N LEU C 122 -59.45 -31.31 40.73
CA LEU C 122 -59.40 -32.77 40.88
C LEU C 122 -60.77 -33.40 40.65
N ALA C 123 -61.83 -32.76 41.17
CA ALA C 123 -63.18 -33.29 40.99
C ALA C 123 -63.57 -33.30 39.52
N MET C 124 -63.06 -32.37 38.74
CA MET C 124 -63.35 -32.38 37.31
C MET C 124 -62.78 -33.61 36.60
N ASN C 125 -62.12 -34.50 37.32
CA ASN C 125 -61.60 -35.75 36.77
C ASN C 125 -60.67 -35.51 35.58
N PRO C 126 -59.61 -34.73 35.77
CA PRO C 126 -58.67 -34.51 34.66
C PRO C 126 -57.93 -35.77 34.30
N ALA C 127 -57.65 -35.92 33.01
CA ALA C 127 -56.83 -37.05 32.55
C ALA C 127 -55.41 -36.94 33.09
N HIS C 128 -54.82 -35.75 32.98
CA HIS C 128 -53.52 -35.47 33.57
C HIS C 128 -53.54 -34.06 34.15
N VAL C 129 -52.54 -33.78 34.98
CA VAL C 129 -52.33 -32.45 35.53
C VAL C 129 -50.92 -32.03 35.12
N ILE C 130 -50.83 -31.05 34.22
CA ILE C 130 -49.57 -30.47 33.80
C ILE C 130 -49.45 -29.12 34.47
N THR C 131 -48.46 -28.96 35.35
CA THR C 131 -48.34 -27.76 36.16
C THR C 131 -46.94 -27.17 36.01
N THR C 132 -46.88 -25.87 35.76
CA THR C 132 -45.62 -25.16 35.80
C THR C 132 -45.19 -24.78 37.20
N ASN C 133 -46.03 -25.05 38.19
CA ASN C 133 -45.69 -24.77 39.58
C ASN C 133 -44.85 -25.90 40.15
N TYR C 134 -43.79 -25.54 40.87
CA TYR C 134 -42.87 -26.49 41.45
C TYR C 134 -43.23 -26.87 42.89
N ASP C 135 -44.32 -26.32 43.41
CA ASP C 135 -44.78 -26.70 44.74
C ASP C 135 -45.41 -28.10 44.71
N ASN C 136 -45.79 -28.57 45.89
CA ASN C 136 -46.43 -29.87 46.04
C ASN C 136 -47.94 -29.77 46.20
N LEU C 137 -48.51 -28.57 46.02
CA LEU C 137 -49.92 -28.36 46.37
C LEU C 137 -50.82 -29.34 45.64
N ILE C 138 -50.68 -29.43 44.32
CA ILE C 138 -51.51 -30.37 43.55
C ILE C 138 -51.19 -31.80 43.96
N ASP C 139 -49.92 -32.08 44.26
CA ASP C 139 -49.55 -33.42 44.72
C ASP C 139 -50.28 -33.79 46.00
N THR C 140 -50.27 -32.89 46.99
CA THR C 140 -50.96 -33.16 48.24
C THR C 140 -52.47 -33.26 48.03
N ALA C 141 -53.03 -32.40 47.17
CA ALA C 141 -54.46 -32.47 46.90
C ALA C 141 -54.84 -33.83 46.31
N CYS C 142 -54.06 -34.30 45.33
CA CYS C 142 -54.32 -35.61 44.76
C CYS C 142 -54.18 -36.71 45.80
N TRP C 143 -53.12 -36.65 46.62
CA TRP C 143 -52.88 -37.70 47.58
C TRP C 143 -54.00 -37.80 48.60
N LYS C 144 -54.41 -36.66 49.16
CA LYS C 144 -55.44 -36.68 50.20
C LYS C 144 -56.85 -36.76 49.64
N ARG C 145 -57.04 -36.50 48.34
CA ARG C 145 -58.36 -36.51 47.73
C ARG C 145 -58.72 -37.84 47.08
N GLY C 146 -57.79 -38.80 47.05
CA GLY C 146 -58.06 -40.11 46.52
C GLY C 146 -57.79 -40.30 45.04
N LYS C 147 -57.50 -39.23 44.31
CA LYS C 147 -57.19 -39.32 42.89
C LYS C 147 -55.67 -39.44 42.74
N TYR C 148 -55.22 -40.58 42.24
CA TYR C 148 -53.80 -40.91 42.20
C TYR C 148 -53.20 -40.56 40.84
N PHE C 149 -52.10 -39.83 40.86
CA PHE C 149 -51.35 -39.47 39.66
C PHE C 149 -49.90 -39.87 39.85
N SER C 150 -49.27 -40.33 38.77
CA SER C 150 -47.83 -40.55 38.78
C SER C 150 -47.16 -39.20 38.57
N VAL C 151 -46.38 -38.76 39.55
CA VAL C 151 -45.79 -37.42 39.51
C VAL C 151 -44.54 -37.47 38.65
N ILE C 152 -44.48 -36.61 37.64
CA ILE C 152 -43.36 -36.55 36.70
C ILE C 152 -42.79 -35.14 36.80
N SER C 153 -41.66 -35.00 37.47
CA SER C 153 -41.00 -33.71 37.61
C SER C 153 -39.53 -33.74 37.24
N ALA C 154 -39.01 -34.86 36.75
CA ALA C 154 -37.62 -34.95 36.32
C ALA C 154 -37.53 -36.00 35.23
N GLU C 155 -36.41 -35.98 34.50
CA GLU C 155 -36.23 -36.92 33.40
C GLU C 155 -36.40 -38.35 33.86
N GLU C 156 -35.91 -38.68 35.05
CA GLU C 156 -36.02 -40.05 35.54
C GLU C 156 -37.47 -40.46 35.74
N ASP C 157 -38.35 -39.50 36.04
CA ASP C 157 -39.75 -39.83 36.28
C ASP C 157 -40.41 -40.40 35.04
N VAL C 158 -40.14 -39.81 33.88
CA VAL C 158 -40.90 -40.17 32.67
C VAL C 158 -40.71 -41.64 32.33
N ALA C 159 -39.46 -42.11 32.35
CA ALA C 159 -39.20 -43.49 31.93
C ALA C 159 -39.86 -44.49 32.87
N ASN C 160 -39.79 -44.25 34.18
CA ASN C 160 -40.28 -45.19 35.18
C ASN C 160 -41.38 -44.50 35.99
N ALA C 161 -42.60 -44.60 35.49
CA ALA C 161 -43.79 -44.11 36.18
C ALA C 161 -44.79 -45.24 36.27
N THR C 162 -45.20 -45.57 37.50
CA THR C 162 -46.14 -46.69 37.68
C THR C 162 -47.47 -46.42 37.01
N SER C 163 -48.01 -45.22 37.17
CA SER C 163 -49.33 -44.91 36.65
C SER C 163 -49.26 -44.50 35.19
N SER C 164 -50.41 -44.63 34.52
CA SER C 164 -50.54 -44.18 33.13
C SER C 164 -51.06 -42.76 33.02
N ARG C 165 -51.62 -42.21 34.09
CA ARG C 165 -52.02 -40.82 34.15
C ARG C 165 -50.97 -40.04 34.94
N TYR C 166 -50.48 -38.95 34.35
CA TYR C 166 -49.35 -38.22 34.90
C TYR C 166 -49.79 -36.89 35.48
N LEU C 167 -49.25 -36.57 36.66
CA LEU C 167 -49.21 -35.20 37.17
C LEU C 167 -47.86 -34.65 36.77
N LEU C 168 -47.82 -33.88 35.70
CA LEU C 168 -46.58 -33.48 35.04
C LEU C 168 -46.22 -32.07 35.50
N LYS C 169 -45.18 -31.96 36.33
CA LYS C 169 -44.61 -30.67 36.70
C LYS C 169 -43.54 -30.35 35.66
N VAL C 170 -43.89 -29.54 34.66
CA VAL C 170 -42.99 -29.30 33.55
C VAL C 170 -41.73 -28.57 34.01
N HIS C 171 -41.87 -27.69 35.00
CA HIS C 171 -40.75 -26.91 35.50
C HIS C 171 -40.10 -27.54 36.73
N GLY C 172 -40.31 -28.84 36.94
CA GLY C 172 -39.71 -29.52 38.07
C GLY C 172 -40.38 -29.14 39.38
N ASP C 173 -39.76 -29.59 40.46
CA ASP C 173 -40.22 -29.28 41.81
C ASP C 173 -39.05 -29.51 42.77
N PHE C 174 -39.35 -29.47 44.07
CA PHE C 174 -38.35 -29.59 45.12
C PHE C 174 -38.43 -30.92 45.85
N ARG C 175 -38.96 -31.95 45.20
CA ARG C 175 -39.07 -33.25 45.86
C ARG C 175 -37.70 -33.79 46.25
N LYS C 176 -36.74 -33.74 45.31
CA LYS C 176 -35.39 -34.21 45.62
C LYS C 176 -34.72 -33.31 46.64
N GLY C 177 -34.90 -32.00 46.52
CA GLY C 177 -34.31 -31.06 47.45
C GLY C 177 -34.53 -29.62 47.02
N PHE C 178 -34.55 -28.70 47.97
CA PHE C 178 -34.82 -27.28 47.68
C PHE C 178 -33.57 -26.66 47.06
N LYS C 179 -33.32 -27.02 45.81
CA LYS C 179 -32.22 -26.49 45.03
C LYS C 179 -32.75 -26.01 43.68
N GLY C 180 -32.05 -25.04 43.10
CA GLY C 180 -32.45 -24.51 41.81
C GLY C 180 -32.18 -25.44 40.64
N GLU C 181 -31.42 -26.51 40.86
CA GLU C 181 -31.14 -27.46 39.78
C GLU C 181 -32.35 -28.34 39.48
N ASN C 182 -33.23 -28.53 40.45
CA ASN C 182 -34.43 -29.35 40.26
C ASN C 182 -35.60 -28.55 39.70
N VAL C 183 -35.42 -27.26 39.44
CA VAL C 183 -36.51 -26.40 39.00
C VAL C 183 -36.05 -25.55 37.82
N VAL C 184 -37.02 -24.99 37.11
CA VAL C 184 -36.74 -24.11 35.98
C VAL C 184 -37.13 -22.68 36.37
N LEU C 185 -36.17 -21.92 36.89
CA LEU C 185 -36.41 -20.55 37.33
C LEU C 185 -35.55 -19.53 36.61
N LYS C 186 -34.24 -19.77 36.53
CA LYS C 186 -33.33 -18.78 36.00
C LYS C 186 -33.52 -18.61 34.49
N GLU C 187 -32.82 -17.62 33.93
CA GLU C 187 -32.85 -17.40 32.49
C GLU C 187 -32.23 -18.58 31.74
N ASP C 188 -31.13 -19.12 32.27
CA ASP C 188 -30.48 -20.25 31.61
C ASP C 188 -31.32 -21.51 31.68
N ASP C 189 -32.08 -21.69 32.75
CA ASP C 189 -32.97 -22.85 32.84
C ASP C 189 -34.00 -22.82 31.72
N TYR C 190 -34.56 -21.65 31.42
CA TYR C 190 -35.49 -21.53 30.31
C TYR C 190 -34.76 -21.61 28.98
N LEU C 191 -33.50 -21.16 28.93
CA LEU C 191 -32.76 -21.19 27.67
C LEU C 191 -32.45 -22.61 27.23
N ASN C 192 -32.03 -23.47 28.16
CA ASN C 192 -31.66 -24.85 27.85
C ASN C 192 -32.74 -25.84 28.27
N TYR C 193 -33.99 -25.41 28.35
CA TYR C 193 -35.05 -26.30 28.81
C TYR C 193 -35.23 -27.47 27.85
N ASP C 194 -35.27 -27.20 26.55
CA ASP C 194 -35.46 -28.27 25.57
C ASP C 194 -34.30 -29.26 25.62
N GLN C 195 -33.07 -28.77 25.72
CA GLN C 195 -31.93 -29.66 25.86
C GLN C 195 -31.95 -30.39 27.20
N ASN C 196 -32.35 -29.68 28.26
CA ASN C 196 -32.27 -30.25 29.60
C ASN C 196 -33.50 -31.06 29.97
N TYR C 197 -34.64 -30.79 29.36
CA TYR C 197 -35.90 -31.48 29.67
C TYR C 197 -36.54 -31.98 28.38
N PRO C 198 -35.88 -32.89 27.67
CA PRO C 198 -36.44 -33.37 26.40
C PRO C 198 -37.65 -34.27 26.62
N LEU C 199 -37.54 -35.21 27.56
CA LEU C 199 -38.64 -36.12 27.82
C LEU C 199 -39.85 -35.40 28.38
N ILE C 200 -39.63 -34.48 29.34
CA ILE C 200 -40.74 -33.75 29.92
C ILE C 200 -41.44 -32.89 28.87
N SER C 201 -40.67 -32.20 28.04
CA SER C 201 -41.26 -31.37 27.00
C SER C 201 -42.02 -32.21 25.99
N ASN C 202 -41.45 -33.35 25.59
CA ASN C 202 -42.15 -34.23 24.65
C ASN C 202 -43.46 -34.72 25.25
N LEU C 203 -43.45 -35.13 26.52
CA LEU C 203 -44.66 -35.58 27.17
C LEU C 203 -45.70 -34.47 27.24
N MET C 204 -45.26 -33.25 27.58
CA MET C 204 -46.19 -32.12 27.65
C MET C 204 -46.84 -31.87 26.30
N LYS C 205 -46.03 -31.84 25.23
CA LYS C 205 -46.59 -31.56 23.91
C LYS C 205 -47.50 -32.69 23.45
N THR C 206 -47.14 -33.93 23.73
CA THR C 206 -48.01 -35.05 23.37
C THR C 206 -49.34 -34.98 24.11
N ILE C 207 -49.30 -34.66 25.40
CA ILE C 207 -50.55 -34.56 26.17
C ILE C 207 -51.40 -33.41 25.67
N ILE C 208 -50.76 -32.31 25.28
CA ILE C 208 -51.51 -31.20 24.70
C ILE C 208 -52.17 -31.63 23.41
N ALA C 209 -51.46 -32.39 22.58
CA ALA C 209 -52.01 -32.83 21.30
C ALA C 209 -53.16 -33.81 21.50
N THR C 210 -53.05 -34.71 22.47
CA THR C 210 -53.98 -35.83 22.61
C THR C 210 -55.05 -35.61 23.68
N HIS C 211 -55.17 -34.41 24.23
CA HIS C 211 -56.17 -34.14 25.25
C HIS C 211 -56.73 -32.75 25.04
N THR C 212 -57.59 -32.32 25.96
CA THR C 212 -58.14 -30.97 25.98
C THR C 212 -57.50 -30.21 27.14
N ILE C 213 -56.84 -29.10 26.82
CA ILE C 213 -56.08 -28.35 27.80
C ILE C 213 -56.93 -27.21 28.33
N VAL C 214 -56.97 -27.09 29.66
CA VAL C 214 -57.60 -25.95 30.33
C VAL C 214 -56.49 -25.18 31.03
N PHE C 215 -56.24 -23.96 30.58
CA PHE C 215 -55.17 -23.13 31.12
C PHE C 215 -55.74 -22.34 32.29
N ILE C 216 -55.47 -22.79 33.50
CA ILE C 216 -55.96 -22.15 34.72
C ILE C 216 -54.78 -21.62 35.51
N GLY C 217 -54.81 -20.33 35.83
CA GLY C 217 -53.76 -19.71 36.60
C GLY C 217 -52.71 -18.98 35.78
N TYR C 218 -52.94 -18.77 34.49
CA TYR C 218 -51.99 -18.10 33.61
C TYR C 218 -52.57 -16.80 33.10
N GLY C 219 -51.68 -15.84 32.84
CA GLY C 219 -52.07 -14.63 32.17
C GLY C 219 -51.85 -14.72 30.67
N LEU C 220 -52.55 -13.86 29.92
CA LEU C 220 -52.45 -13.90 28.47
C LEU C 220 -51.02 -13.63 28.01
N GLY C 221 -50.34 -12.69 28.66
CA GLY C 221 -48.97 -12.36 28.29
C GLY C 221 -47.95 -13.21 28.99
N ASP C 222 -48.37 -14.33 29.56
CA ASP C 222 -47.45 -15.21 30.27
C ASP C 222 -46.39 -15.74 29.33
N TYR C 223 -45.16 -15.87 29.86
CA TYR C 223 -44.07 -16.41 29.06
C TYR C 223 -44.37 -17.85 28.63
N ASN C 224 -44.82 -18.67 29.58
CA ASN C 224 -45.10 -20.07 29.26
C ASN C 224 -46.24 -20.19 28.25
N ILE C 225 -47.31 -19.41 28.43
CA ILE C 225 -48.44 -19.49 27.52
C ILE C 225 -48.02 -19.07 26.12
N ASN C 226 -47.20 -18.02 26.01
CA ASN C 226 -46.75 -17.57 24.70
C ASN C 226 -45.79 -18.57 24.06
N MET C 227 -44.95 -19.24 24.86
CA MET C 227 -44.12 -20.30 24.30
C MET C 227 -44.97 -21.46 23.77
N LEU C 228 -46.00 -21.84 24.52
CA LEU C 228 -46.89 -22.90 24.04
C LEU C 228 -47.61 -22.47 22.78
N LEU C 229 -48.03 -21.22 22.70
CA LEU C 229 -48.69 -20.72 21.49
C LEU C 229 -47.72 -20.68 20.32
N ASN C 230 -46.45 -20.35 20.58
CA ASN C 230 -45.45 -20.41 19.52
C ASN C 230 -45.29 -21.83 19.00
N TRP C 231 -45.27 -22.81 19.90
CA TRP C 231 -45.21 -24.21 19.45
C TRP C 231 -46.44 -24.56 18.65
N VAL C 232 -47.62 -24.14 19.10
CA VAL C 232 -48.87 -24.46 18.40
C VAL C 232 -48.88 -23.84 17.02
N ARG C 233 -48.30 -22.65 16.87
CA ARG C 233 -48.25 -21.99 15.56
C ARG C 233 -47.60 -22.89 14.52
N LYS C 234 -46.68 -23.76 14.93
CA LYS C 234 -45.97 -24.63 14.01
C LYS C 234 -46.73 -25.92 13.70
N LEU C 235 -47.87 -26.15 14.35
CA LEU C 235 -48.66 -27.33 14.06
C LEU C 235 -49.48 -27.13 12.79
N GLN C 236 -49.90 -28.24 12.20
CA GLN C 236 -50.71 -28.17 10.99
C GLN C 236 -52.02 -27.45 11.28
N LYS C 237 -52.46 -26.63 10.32
CA LYS C 237 -53.65 -25.81 10.51
C LYS C 237 -54.85 -26.68 10.87
N ASP C 238 -55.48 -26.37 12.00
CA ASP C 238 -56.63 -27.12 12.49
C ASP C 238 -56.31 -28.61 12.60
N SER C 239 -55.12 -28.91 13.12
CA SER C 239 -54.73 -30.28 13.44
C SER C 239 -54.85 -30.57 14.92
N PHE C 240 -55.48 -29.70 15.69
CA PHE C 240 -55.53 -29.80 17.14
C PHE C 240 -56.76 -29.07 17.65
N HIS C 241 -57.10 -29.33 18.91
CA HIS C 241 -58.19 -28.63 19.58
C HIS C 241 -57.62 -27.46 20.37
N LYS C 242 -58.19 -26.28 20.16
CA LYS C 242 -57.68 -25.08 20.81
C LYS C 242 -57.82 -25.21 22.33
N PRO C 243 -56.77 -25.00 23.09
CA PRO C 243 -56.87 -25.13 24.55
C PRO C 243 -57.76 -24.05 25.15
N PHE C 244 -58.36 -24.40 26.29
CA PHE C 244 -59.24 -23.49 27.02
C PHE C 244 -58.43 -22.72 28.04
N PHE C 245 -58.53 -21.40 27.99
CA PHE C 245 -57.74 -20.50 28.82
C PHE C 245 -58.66 -19.80 29.80
N ILE C 246 -58.50 -20.11 31.09
CA ILE C 246 -59.31 -19.50 32.15
C ILE C 246 -58.61 -18.22 32.58
N ARG C 247 -59.16 -17.08 32.16
CA ARG C 247 -58.56 -15.77 32.44
C ARG C 247 -59.27 -15.17 33.66
N THR C 248 -58.73 -15.47 34.84
CA THR C 248 -59.29 -14.94 36.09
C THR C 248 -58.51 -13.68 36.49
N ASP C 249 -58.70 -12.64 35.70
CA ASP C 249 -58.03 -11.37 35.89
C ASP C 249 -58.99 -10.32 36.44
N PRO C 250 -58.47 -9.20 36.94
CA PRO C 250 -59.33 -8.19 37.57
C PRO C 250 -60.30 -7.54 36.60
N SER C 251 -59.79 -7.00 35.51
CA SER C 251 -60.59 -6.24 34.56
C SER C 251 -61.04 -7.15 33.41
N PRO C 252 -62.09 -6.75 32.70
CA PRO C 252 -62.53 -7.55 31.55
C PRO C 252 -61.53 -7.50 30.41
N ILE C 253 -61.50 -8.57 29.62
CA ILE C 253 -60.56 -8.68 28.52
C ILE C 253 -60.94 -7.71 27.41
N GLU C 254 -59.96 -6.99 26.89
CA GLU C 254 -60.19 -6.12 25.75
C GLU C 254 -60.54 -6.95 24.52
N ASN C 255 -61.41 -6.40 23.67
CA ASN C 255 -61.85 -7.15 22.49
C ASN C 255 -60.69 -7.45 21.56
N GLU C 256 -59.81 -6.47 21.32
CA GLU C 256 -58.69 -6.69 20.42
C GLU C 256 -57.77 -7.77 20.94
N THR C 257 -57.41 -7.70 22.23
CA THR C 257 -56.59 -8.75 22.83
C THR C 257 -57.29 -10.09 22.78
N LEU C 258 -58.60 -10.11 23.05
CA LEU C 258 -59.35 -11.35 23.04
C LEU C 258 -59.29 -12.01 21.68
N ILE C 259 -59.52 -11.25 20.61
CA ILE C 259 -59.47 -11.81 19.27
C ILE C 259 -58.05 -12.25 18.94
N TYR C 260 -57.06 -11.44 19.30
CA TYR C 260 -55.66 -11.77 19.01
C TYR C 260 -55.30 -13.12 19.61
N TYR C 261 -55.65 -13.34 20.88
CA TYR C 261 -55.30 -14.59 21.54
C TYR C 261 -56.25 -15.73 21.21
N GLU C 262 -57.43 -15.43 20.64
CA GLU C 262 -58.30 -16.50 20.16
C GLU C 262 -57.85 -17.03 18.82
N ASN C 263 -57.27 -16.17 17.97
CA ASN C 263 -56.69 -16.65 16.72
C ASN C 263 -55.37 -17.37 16.93
N LYS C 264 -54.74 -17.19 18.10
CA LYS C 264 -53.52 -17.91 18.46
C LYS C 264 -53.81 -19.33 18.91
N GLY C 265 -55.03 -19.83 18.71
CA GLY C 265 -55.38 -21.17 19.12
C GLY C 265 -55.90 -21.31 20.53
N LEU C 266 -56.35 -20.22 21.14
CA LEU C 266 -56.84 -20.22 22.51
C LEU C 266 -58.32 -19.86 22.54
N ARG C 267 -59.12 -20.66 23.23
CA ARG C 267 -60.52 -20.34 23.50
C ARG C 267 -60.60 -19.91 24.96
N ILE C 268 -60.92 -18.64 25.18
CA ILE C 268 -60.73 -17.99 26.47
C ILE C 268 -62.07 -17.84 27.18
N ILE C 269 -62.12 -18.28 28.43
CA ILE C 269 -63.24 -18.05 29.33
C ILE C 269 -62.77 -17.05 30.37
N ASP C 270 -63.39 -15.87 30.38
CA ASP C 270 -62.95 -14.76 31.22
C ASP C 270 -63.82 -14.67 32.47
N ALA C 271 -63.18 -14.58 33.63
CA ALA C 271 -63.90 -14.43 34.88
C ALA C 271 -64.25 -12.96 35.17
N ALA C 272 -63.63 -12.02 34.47
CA ALA C 272 -63.99 -10.62 34.60
C ALA C 272 -65.25 -10.26 33.82
N SER C 273 -65.70 -11.13 32.93
CA SER C 273 -66.97 -10.98 32.25
C SER C 273 -68.01 -12.00 32.68
N LEU C 274 -67.57 -13.17 33.17
CA LEU C 274 -68.51 -14.17 33.67
C LEU C 274 -69.26 -13.66 34.89
N ILE C 275 -68.56 -13.00 35.80
CA ILE C 275 -69.14 -12.46 37.03
C ILE C 275 -68.64 -11.02 37.20
N ASP C 276 -69.02 -10.44 38.34
CA ASP C 276 -68.55 -9.10 38.70
C ASP C 276 -68.00 -9.15 40.12
N SER C 277 -66.80 -8.62 40.29
CA SER C 277 -66.14 -8.62 41.59
C SER C 277 -65.10 -7.50 41.59
N ASN C 278 -64.40 -7.35 42.71
CA ASN C 278 -63.40 -6.31 42.84
C ASN C 278 -62.03 -6.87 42.46
N GLU C 279 -60.98 -6.10 42.74
CA GLU C 279 -59.64 -6.47 42.28
C GLU C 279 -59.12 -7.71 43.02
N TYR C 280 -59.32 -7.78 44.33
CA TYR C 280 -58.73 -8.84 45.13
C TYR C 280 -59.59 -10.10 45.20
N ASP C 281 -60.70 -10.15 44.47
CA ASP C 281 -61.54 -11.33 44.46
C ASP C 281 -61.04 -12.35 43.44
N TYR C 282 -59.75 -12.68 43.51
CA TYR C 282 -59.19 -13.68 42.60
C TYR C 282 -59.74 -15.07 42.92
N LEU C 283 -59.80 -15.41 44.21
CA LEU C 283 -60.38 -16.70 44.59
C LEU C 283 -61.81 -16.81 44.11
N GLU C 284 -62.56 -15.71 44.15
CA GLU C 284 -63.93 -15.73 43.64
C GLU C 284 -63.95 -16.02 42.15
N ARG C 285 -63.05 -15.40 41.39
CA ARG C 285 -62.99 -15.65 39.95
C ARG C 285 -62.68 -17.12 39.68
N TYR C 286 -61.67 -17.67 40.35
CA TYR C 286 -61.33 -19.07 40.17
C TYR C 286 -62.52 -19.96 40.51
N SER C 287 -63.12 -19.74 41.67
CA SER C 287 -64.21 -20.60 42.12
C SER C 287 -65.39 -20.54 41.16
N ALA C 288 -65.75 -19.33 40.70
CA ALA C 288 -66.85 -19.22 39.75
C ALA C 288 -66.54 -19.93 38.45
N VAL C 289 -65.39 -19.61 37.83
CA VAL C 289 -65.08 -20.18 36.53
C VAL C 289 -64.91 -21.68 36.60
N MET C 290 -64.62 -22.24 37.78
CA MET C 290 -64.50 -23.69 37.89
C MET C 290 -65.81 -24.37 38.24
N ASP C 291 -66.56 -23.85 39.21
CA ASP C 291 -67.80 -24.49 39.62
C ASP C 291 -68.87 -24.38 38.53
N LEU C 292 -68.89 -23.27 37.79
CA LEU C 292 -69.87 -23.16 36.71
C LEU C 292 -69.63 -24.25 35.65
N LEU C 293 -68.36 -24.46 35.29
CA LEU C 293 -68.04 -25.54 34.37
C LEU C 293 -68.39 -26.89 34.95
N ILE C 294 -68.12 -27.10 36.25
CA ILE C 294 -68.45 -28.37 36.88
C ILE C 294 -69.95 -28.63 36.78
N GLU C 295 -70.76 -27.62 37.10
CA GLU C 295 -72.20 -27.78 37.05
C GLU C 295 -72.68 -28.02 35.61
N SER C 296 -72.07 -27.33 34.65
CA SER C 296 -72.46 -27.53 33.25
C SER C 296 -72.26 -28.97 32.80
N GLN C 297 -71.41 -29.73 33.48
CA GLN C 297 -71.18 -31.13 33.17
C GLN C 297 -72.24 -32.02 33.81
N VAL D 26 -29.54 -62.68 26.10
CA VAL D 26 -30.80 -63.02 25.45
C VAL D 26 -31.84 -63.40 26.50
N VAL D 27 -31.37 -64.06 27.57
CA VAL D 27 -32.30 -64.46 28.64
C VAL D 27 -32.87 -63.23 29.33
N GLU D 28 -32.01 -62.28 29.69
CA GLU D 28 -32.49 -61.05 30.32
C GLU D 28 -33.36 -60.24 29.38
N CYS D 29 -33.01 -60.17 28.10
CA CYS D 29 -33.82 -59.42 27.15
C CYS D 29 -35.21 -60.02 27.01
N ILE D 30 -35.29 -61.34 26.91
CA ILE D 30 -36.59 -62.00 26.80
C ILE D 30 -37.37 -61.83 28.09
N LYS D 31 -36.70 -61.88 29.24
CA LYS D 31 -37.37 -61.64 30.51
C LYS D 31 -37.99 -60.24 30.53
N GLU D 32 -37.22 -59.23 30.10
CA GLU D 32 -37.72 -57.87 30.10
C GLU D 32 -38.89 -57.71 29.13
N ILE D 33 -38.77 -58.31 27.94
CA ILE D 33 -39.86 -58.21 26.96
C ILE D 33 -41.12 -58.88 27.49
N THR D 34 -40.97 -60.05 28.13
CA THR D 34 -42.12 -60.72 28.72
C THR D 34 -42.75 -59.88 29.82
N GLU D 35 -41.91 -59.26 30.66
CA GLU D 35 -42.43 -58.39 31.71
C GLU D 35 -43.23 -57.24 31.12
N SER D 36 -42.71 -56.62 30.06
CA SER D 36 -43.41 -55.51 29.43
C SER D 36 -44.72 -55.97 28.81
N SER D 37 -44.70 -57.13 28.15
CA SER D 37 -45.93 -57.65 27.53
C SER D 37 -47.00 -57.95 28.58
N ARG D 38 -46.60 -58.57 29.70
CA ARG D 38 -47.55 -58.86 30.76
C ARG D 38 -48.07 -57.59 31.41
N ASN D 39 -47.18 -56.62 31.66
CA ASN D 39 -47.62 -55.36 32.25
C ASN D 39 -48.36 -54.49 31.24
N GLY D 40 -48.03 -54.62 29.96
CA GLY D 40 -48.62 -53.80 28.93
C GLY D 40 -47.79 -52.62 28.50
N LYS D 41 -46.51 -52.58 28.83
CA LYS D 41 -45.63 -51.47 28.49
C LYS D 41 -44.53 -51.90 27.52
N LEU D 42 -44.90 -52.69 26.51
CA LEU D 42 -43.98 -53.12 25.46
C LEU D 42 -44.53 -52.66 24.12
N VAL D 43 -43.67 -52.03 23.32
CA VAL D 43 -44.04 -51.53 22.01
C VAL D 43 -43.12 -52.15 20.97
N PHE D 44 -43.64 -52.34 19.76
CA PHE D 44 -42.92 -52.94 18.66
C PHE D 44 -42.71 -51.93 17.55
N PHE D 45 -41.48 -51.86 17.05
CA PHE D 45 -41.10 -50.99 15.94
C PHE D 45 -40.92 -51.88 14.71
N VAL D 46 -41.95 -51.95 13.88
CA VAL D 46 -41.96 -52.82 12.72
C VAL D 46 -41.37 -52.06 11.53
N GLY D 47 -40.31 -52.61 10.94
CA GLY D 47 -39.64 -52.00 9.83
C GLY D 47 -40.12 -52.53 8.49
N ALA D 48 -39.37 -52.16 7.44
CA ALA D 48 -39.68 -52.65 6.11
C ALA D 48 -39.41 -54.15 5.97
N GLY D 49 -38.61 -54.72 6.87
CA GLY D 49 -38.30 -56.14 6.76
C GLY D 49 -39.53 -57.02 6.90
N VAL D 50 -40.41 -56.69 7.84
CA VAL D 50 -41.59 -57.51 8.07
C VAL D 50 -42.50 -57.49 6.85
N SER D 51 -42.74 -56.31 6.29
CA SER D 51 -43.57 -56.24 5.09
C SER D 51 -42.89 -56.91 3.91
N THR D 52 -41.56 -56.82 3.83
CA THR D 52 -40.84 -57.56 2.80
C THR D 52 -41.05 -59.05 2.97
N LEU D 53 -41.17 -59.52 4.21
CA LEU D 53 -41.51 -60.91 4.46
C LEU D 53 -42.78 -61.30 3.72
N SER D 54 -43.75 -60.38 3.63
CA SER D 54 -45.01 -60.63 2.96
C SER D 54 -44.93 -60.35 1.47
N ASP D 55 -43.72 -60.33 0.93
CA ASP D 55 -43.43 -60.02 -0.47
C ASP D 55 -43.77 -58.59 -0.84
N TYR D 56 -44.05 -57.74 0.14
CA TYR D 56 -44.14 -56.31 -0.13
C TYR D 56 -42.77 -55.83 -0.62
N PRO D 57 -42.72 -55.12 -1.74
CA PRO D 57 -41.42 -54.77 -2.33
C PRO D 57 -40.55 -53.98 -1.36
N GLN D 58 -39.31 -54.40 -1.24
CA GLN D 58 -38.34 -53.62 -0.48
C GLN D 58 -38.19 -52.24 -1.11
N TRP D 59 -37.80 -51.27 -0.29
CA TRP D 59 -37.69 -49.91 -0.81
C TRP D 59 -36.67 -49.83 -1.94
N TRP D 60 -35.53 -50.52 -1.79
CA TRP D 60 -34.51 -50.43 -2.82
C TRP D 60 -35.01 -50.92 -4.17
N ARG D 61 -36.00 -51.82 -4.18
CA ARG D 61 -36.60 -52.22 -5.45
C ARG D 61 -37.29 -51.04 -6.12
N LEU D 62 -38.06 -50.25 -5.36
CA LEU D 62 -38.73 -49.10 -5.96
C LEU D 62 -37.73 -47.99 -6.28
N VAL D 63 -36.64 -47.89 -5.51
CA VAL D 63 -35.58 -46.95 -5.85
C VAL D 63 -34.95 -47.32 -7.19
N ASP D 64 -34.73 -48.62 -7.40
CA ASP D 64 -34.25 -49.09 -8.70
C ASP D 64 -35.26 -48.79 -9.80
N LYS D 65 -36.54 -48.95 -9.50
CA LYS D 65 -37.57 -48.61 -10.49
C LYS D 65 -37.50 -47.14 -10.88
N TYR D 66 -37.32 -46.26 -9.90
CA TYR D 66 -37.17 -44.83 -10.20
C TYR D 66 -35.88 -44.57 -10.99
N HIS D 67 -34.79 -45.24 -10.60
CA HIS D 67 -33.51 -45.06 -11.28
C HIS D 67 -33.54 -45.60 -12.71
N GLU D 68 -34.48 -46.50 -13.01
CA GLU D 68 -34.59 -47.05 -14.37
C GLU D 68 -35.31 -46.11 -15.31
N GLU D 69 -36.29 -45.35 -14.82
CA GLU D 69 -37.02 -44.42 -15.66
C GLU D 69 -36.35 -43.06 -15.79
N LEU D 70 -35.31 -42.80 -14.99
CA LEU D 70 -34.52 -41.58 -15.11
C LEU D 70 -33.30 -41.78 -15.99
N TYR D 71 -32.42 -42.72 -15.61
CA TYR D 71 -31.21 -42.98 -16.35
C TYR D 71 -31.30 -44.17 -17.29
N GLY D 72 -32.41 -44.92 -17.25
CA GLY D 72 -32.65 -46.00 -18.17
C GLY D 72 -32.21 -47.37 -17.70
N SER D 73 -31.33 -47.45 -16.69
CA SER D 73 -30.82 -48.72 -16.25
C SER D 73 -30.34 -48.64 -14.81
N PRO D 74 -30.75 -49.58 -13.94
CA PRO D 74 -30.35 -49.59 -12.53
C PRO D 74 -28.88 -49.98 -12.34
N TYR D 79 -26.87 -49.33 -2.96
CA TYR D 79 -27.80 -48.22 -2.79
C TYR D 79 -27.71 -47.64 -1.38
N SER D 80 -26.94 -46.57 -1.24
CA SER D 80 -26.77 -45.92 0.05
C SER D 80 -28.03 -45.15 0.43
N SER D 81 -28.08 -44.69 1.68
CA SER D 81 -29.21 -43.91 2.14
C SER D 81 -29.38 -42.65 1.31
N ASP D 82 -28.28 -41.97 0.99
CA ASP D 82 -28.36 -40.75 0.19
C ASP D 82 -29.04 -41.02 -1.14
N GLU D 83 -28.59 -42.04 -1.87
CA GLU D 83 -29.26 -42.39 -3.11
C GLU D 83 -30.69 -42.87 -2.86
N TYR D 84 -30.90 -43.59 -1.77
CA TYR D 84 -32.24 -44.02 -1.40
C TYR D 84 -33.22 -42.86 -1.41
N LEU D 85 -32.84 -41.76 -0.75
CA LEU D 85 -33.71 -40.60 -0.66
C LEU D 85 -33.59 -39.66 -1.85
N ARG D 86 -32.54 -39.79 -2.67
CA ARG D 86 -32.30 -38.85 -3.75
C ARG D 86 -32.94 -39.28 -5.06
N ILE D 87 -32.77 -40.54 -5.45
CA ILE D 87 -33.36 -41.01 -6.71
C ILE D 87 -34.86 -40.71 -6.74
N PRO D 88 -35.65 -41.04 -5.73
CA PRO D 88 -37.05 -40.58 -5.72
C PRO D 88 -37.16 -39.07 -5.80
N GLN D 89 -36.27 -38.35 -5.11
CA GLN D 89 -36.32 -36.90 -5.15
C GLN D 89 -35.99 -36.37 -6.54
N ILE D 90 -34.98 -36.93 -7.19
CA ILE D 90 -34.64 -36.50 -8.54
C ILE D 90 -35.81 -36.77 -9.48
N PHE D 91 -36.40 -37.96 -9.39
CA PHE D 91 -37.55 -38.27 -10.24
C PHE D 91 -38.70 -37.32 -9.99
N TYR D 92 -38.99 -37.03 -8.73
CA TYR D 92 -40.07 -36.10 -8.42
C TYR D 92 -39.79 -34.71 -8.97
N ASN D 93 -38.55 -34.25 -8.85
CA ASN D 93 -38.23 -32.90 -9.31
C ASN D 93 -38.30 -32.80 -10.83
N VAL D 94 -37.68 -33.74 -11.54
CA VAL D 94 -37.62 -33.64 -13.00
C VAL D 94 -38.87 -34.24 -13.63
N LYS D 95 -39.20 -35.48 -13.29
CA LYS D 95 -40.34 -36.14 -13.92
C LYS D 95 -41.65 -35.47 -13.53
N GLY D 96 -41.79 -35.09 -12.27
CA GLY D 96 -42.99 -34.43 -11.80
C GLY D 96 -43.75 -35.27 -10.78
N GLU D 97 -44.70 -34.61 -10.12
CA GLU D 97 -45.49 -35.27 -9.10
C GLU D 97 -46.36 -36.37 -9.69
N MET D 98 -46.92 -36.14 -10.88
CA MET D 98 -47.84 -37.09 -11.48
C MET D 98 -47.15 -38.44 -11.72
N ALA D 99 -45.96 -38.42 -12.30
CA ALA D 99 -45.25 -39.66 -12.56
C ALA D 99 -44.87 -40.37 -11.27
N PHE D 100 -44.43 -39.59 -10.27
CA PHE D 100 -44.10 -40.16 -8.96
C PHE D 100 -45.29 -40.91 -8.40
N ASP D 101 -46.45 -40.25 -8.36
CA ASP D 101 -47.65 -40.89 -7.81
C ASP D 101 -48.11 -42.06 -8.67
N GLY D 102 -47.92 -41.98 -9.99
CA GLY D 102 -48.28 -43.10 -10.84
C GLY D 102 -47.45 -44.33 -10.56
N ILE D 103 -46.14 -44.14 -10.40
CA ILE D 103 -45.28 -45.26 -10.01
C ILE D 103 -45.70 -45.80 -8.66
N LEU D 104 -45.99 -44.91 -7.71
CA LEU D 104 -46.42 -45.35 -6.38
C LEU D 104 -47.69 -46.19 -6.47
N LYS D 105 -48.66 -45.72 -7.25
CA LYS D 105 -49.93 -46.44 -7.39
C LYS D 105 -49.73 -47.80 -8.05
N ASP D 106 -48.97 -47.85 -9.13
CA ASP D 106 -48.72 -49.12 -9.79
C ASP D 106 -47.85 -50.05 -8.94
N PHE D 107 -47.14 -49.50 -7.96
CA PHE D 107 -46.18 -50.28 -7.20
C PHE D 107 -46.73 -50.76 -5.86
N PHE D 108 -47.75 -50.09 -5.33
CA PHE D 108 -48.34 -50.43 -4.03
C PHE D 108 -49.82 -50.80 -4.12
N GLN D 109 -50.39 -50.90 -5.32
CA GLN D 109 -51.78 -51.32 -5.47
C GLN D 109 -51.88 -52.84 -5.49
N VAL D 110 -51.34 -53.45 -4.44
CA VAL D 110 -51.32 -54.90 -4.30
C VAL D 110 -51.82 -55.27 -2.92
N ASP D 111 -52.26 -56.52 -2.79
CA ASP D 111 -52.70 -57.09 -1.53
C ASP D 111 -51.80 -58.26 -1.18
N LYS D 112 -51.24 -58.25 0.02
CA LYS D 112 -50.28 -59.26 0.42
C LYS D 112 -50.73 -59.93 1.71
N PRO D 113 -50.63 -61.25 1.80
CA PRO D 113 -50.98 -61.94 3.05
C PRO D 113 -50.08 -61.50 4.19
N THR D 114 -50.67 -61.45 5.39
CA THR D 114 -49.91 -61.09 6.58
C THR D 114 -49.08 -62.28 7.05
N ASN D 115 -47.83 -62.03 7.37
CA ASN D 115 -46.92 -63.10 7.74
C ASN D 115 -47.30 -63.71 9.09
N PRO D 116 -46.78 -64.90 9.39
CA PRO D 116 -46.81 -65.37 10.77
C PRO D 116 -46.05 -64.47 11.71
N ILE D 117 -45.14 -63.65 11.18
CA ILE D 117 -44.44 -62.67 12.01
C ILE D 117 -45.40 -61.61 12.52
N HIS D 118 -46.33 -61.18 11.68
CA HIS D 118 -47.36 -60.24 12.13
C HIS D 118 -48.12 -60.82 13.32
N ASP D 119 -48.60 -62.06 13.19
CA ASP D 119 -49.37 -62.68 14.25
C ASP D 119 -48.53 -62.87 15.50
N LYS D 120 -47.27 -63.29 15.33
CA LYS D 120 -46.40 -63.45 16.49
C LYS D 120 -46.16 -62.14 17.21
N ILE D 121 -45.93 -61.07 16.47
CA ILE D 121 -45.73 -59.76 17.08
C ILE D 121 -46.98 -59.33 17.85
N LEU D 122 -48.15 -59.49 17.22
CA LEU D 122 -49.39 -59.11 17.89
C LEU D 122 -49.72 -60.03 19.07
N ALA D 123 -49.14 -61.23 19.10
CA ALA D 123 -49.41 -62.17 20.20
C ALA D 123 -48.96 -61.63 21.55
N MET D 124 -48.08 -60.65 21.57
CA MET D 124 -47.58 -60.09 22.82
C MET D 124 -48.47 -58.98 23.38
N ASN D 125 -49.57 -58.66 22.69
CA ASN D 125 -50.46 -57.58 23.08
C ASN D 125 -49.62 -56.34 23.28
N PRO D 126 -49.12 -55.73 22.20
CA PRO D 126 -48.31 -54.52 22.35
C PRO D 126 -49.15 -53.35 22.85
N ALA D 127 -48.51 -52.49 23.64
CA ALA D 127 -49.18 -51.25 24.04
C ALA D 127 -49.41 -50.35 22.84
N HIS D 128 -48.38 -50.16 22.02
CA HIS D 128 -48.47 -49.45 20.76
C HIS D 128 -47.55 -50.14 19.77
N VAL D 129 -47.86 -50.01 18.49
CA VAL D 129 -47.03 -50.55 17.42
C VAL D 129 -46.64 -49.39 16.50
N ILE D 130 -45.35 -49.15 16.38
CA ILE D 130 -44.79 -48.10 15.53
C ILE D 130 -44.12 -48.77 14.35
N THR D 131 -44.53 -48.39 13.14
CA THR D 131 -43.95 -48.96 11.94
C THR D 131 -43.75 -47.85 10.91
N THR D 132 -42.62 -47.91 10.22
CA THR D 132 -42.38 -47.01 9.10
C THR D 132 -43.00 -47.51 7.81
N ASN D 133 -43.58 -48.71 7.81
CA ASN D 133 -44.25 -49.22 6.62
C ASN D 133 -45.53 -48.44 6.36
N TYR D 134 -45.75 -48.05 5.12
CA TYR D 134 -46.94 -47.33 4.71
C TYR D 134 -48.01 -48.24 4.11
N ASP D 135 -47.83 -49.55 4.22
CA ASP D 135 -48.83 -50.50 3.76
C ASP D 135 -49.97 -50.58 4.79
N ASN D 136 -50.88 -51.53 4.57
CA ASN D 136 -51.97 -51.80 5.51
C ASN D 136 -51.87 -53.21 6.08
N LEU D 137 -50.68 -53.82 6.04
CA LEU D 137 -50.53 -55.18 6.54
C LEU D 137 -50.83 -55.26 8.04
N ILE D 138 -50.27 -54.33 8.81
CA ILE D 138 -50.44 -54.39 10.25
C ILE D 138 -51.88 -54.09 10.63
N ASP D 139 -52.54 -53.17 9.92
CA ASP D 139 -53.94 -52.89 10.21
C ASP D 139 -54.80 -54.13 10.01
N THR D 140 -54.61 -54.82 8.88
CA THR D 140 -55.39 -56.02 8.62
C THR D 140 -55.07 -57.11 9.63
N ALA D 141 -53.79 -57.25 10.00
CA ALA D 141 -53.42 -58.25 11.00
C ALA D 141 -54.11 -57.96 12.32
N CYS D 142 -54.11 -56.70 12.75
CA CYS D 142 -54.76 -56.34 14.01
C CYS D 142 -56.26 -56.59 13.94
N TRP D 143 -56.88 -56.26 12.82
CA TRP D 143 -58.30 -56.54 12.65
C TRP D 143 -58.55 -58.04 12.79
N LYS D 144 -57.79 -58.85 12.05
CA LYS D 144 -58.03 -60.30 12.04
C LYS D 144 -57.80 -60.92 13.41
N ARG D 145 -56.78 -60.46 14.13
CA ARG D 145 -56.49 -61.05 15.43
C ARG D 145 -57.40 -60.56 16.54
N GLY D 146 -58.26 -59.58 16.26
CA GLY D 146 -59.20 -59.08 17.24
C GLY D 146 -58.69 -57.92 18.07
N LYS D 147 -57.43 -57.54 17.95
CA LYS D 147 -56.91 -56.38 18.65
C LYS D 147 -57.33 -55.11 17.92
N TYR D 148 -57.44 -54.02 18.69
CA TYR D 148 -57.83 -52.72 18.14
C TYR D 148 -56.78 -51.70 18.47
N PHE D 149 -56.22 -51.07 17.43
CA PHE D 149 -55.30 -49.96 17.57
C PHE D 149 -55.83 -48.77 16.80
N SER D 150 -55.75 -47.59 17.40
CA SER D 150 -56.17 -46.35 16.73
C SER D 150 -55.05 -45.96 15.77
N VAL D 151 -55.17 -46.45 14.52
CA VAL D 151 -54.11 -46.25 13.55
C VAL D 151 -53.89 -44.77 13.31
N ILE D 152 -52.65 -44.32 13.48
CA ILE D 152 -52.27 -42.93 13.26
C ILE D 152 -51.23 -42.90 12.15
N SER D 153 -51.51 -42.15 11.10
CA SER D 153 -50.60 -42.02 9.97
C SER D 153 -50.46 -40.61 9.44
N ALA D 154 -51.33 -39.69 9.82
CA ALA D 154 -51.24 -38.29 9.40
C ALA D 154 -51.39 -37.41 10.62
N GLU D 155 -51.16 -36.11 10.43
CA GLU D 155 -51.21 -35.18 11.55
C GLU D 155 -52.62 -35.12 12.15
N GLU D 156 -53.63 -34.93 11.31
CA GLU D 156 -54.99 -34.77 11.81
C GLU D 156 -55.49 -36.02 12.53
N ASP D 157 -54.84 -37.16 12.33
CA ASP D 157 -55.25 -38.37 13.01
C ASP D 157 -54.84 -38.38 14.47
N VAL D 158 -53.89 -37.53 14.87
CA VAL D 158 -53.42 -37.55 16.25
C VAL D 158 -54.52 -37.07 17.20
N ALA D 159 -55.16 -35.95 16.87
CA ALA D 159 -56.20 -35.41 17.74
C ALA D 159 -57.43 -36.31 17.76
N ASN D 160 -57.80 -36.86 16.60
CA ASN D 160 -59.03 -37.61 16.47
C ASN D 160 -58.94 -39.03 17.00
N ALA D 161 -57.75 -39.49 17.40
CA ALA D 161 -57.60 -40.86 17.88
C ALA D 161 -58.55 -41.10 19.05
N THR D 162 -59.22 -42.26 19.04
CA THR D 162 -60.23 -42.59 20.04
C THR D 162 -59.78 -43.68 21.00
N SER D 163 -58.47 -43.92 21.11
CA SER D 163 -57.96 -44.95 22.00
C SER D 163 -56.58 -44.56 22.50
N SER D 164 -56.23 -45.05 23.69
CA SER D 164 -54.86 -44.92 24.16
C SER D 164 -53.92 -45.81 23.34
N ARG D 165 -54.41 -46.97 22.90
CA ARG D 165 -53.64 -47.81 22.00
C ARG D 165 -53.44 -47.10 20.67
N TYR D 166 -52.23 -47.21 20.12
CA TYR D 166 -51.88 -46.51 18.90
C TYR D 166 -51.15 -47.45 17.94
N LEU D 167 -51.37 -47.23 16.65
CA LEU D 167 -50.59 -47.85 15.59
C LEU D 167 -49.98 -46.69 14.79
N LEU D 168 -48.76 -46.31 15.16
CA LEU D 168 -48.13 -45.10 14.63
C LEU D 168 -47.39 -45.45 13.35
N LYS D 169 -47.97 -45.06 12.21
CA LYS D 169 -47.27 -45.15 10.92
C LYS D 169 -46.55 -43.82 10.74
N VAL D 170 -45.29 -43.78 11.20
CA VAL D 170 -44.57 -42.52 11.31
C VAL D 170 -44.24 -41.93 9.95
N HIS D 171 -44.33 -42.70 8.87
CA HIS D 171 -43.98 -42.22 7.54
C HIS D 171 -45.20 -42.09 6.63
N GLY D 172 -46.39 -41.93 7.20
CA GLY D 172 -47.58 -41.79 6.41
C GLY D 172 -48.17 -43.11 5.97
N ASP D 173 -49.19 -43.01 5.12
CA ASP D 173 -49.92 -44.17 4.64
C ASP D 173 -50.55 -43.81 3.30
N PHE D 174 -51.17 -44.82 2.68
CA PHE D 174 -51.91 -44.64 1.44
C PHE D 174 -53.42 -44.68 1.66
N ARG D 175 -53.87 -44.66 2.92
CA ARG D 175 -55.30 -44.68 3.19
C ARG D 175 -56.02 -43.51 2.55
N LYS D 176 -55.37 -42.36 2.47
CA LYS D 176 -55.93 -41.22 1.76
C LYS D 176 -55.69 -41.29 0.26
N GLY D 177 -55.01 -42.33 -0.21
CA GLY D 177 -54.72 -42.48 -1.62
C GLY D 177 -53.23 -42.67 -1.86
N PHE D 178 -52.88 -43.33 -2.97
CA PHE D 178 -51.48 -43.55 -3.31
C PHE D 178 -50.93 -42.28 -3.94
N LYS D 179 -50.80 -41.26 -3.11
CA LYS D 179 -50.27 -39.96 -3.48
C LYS D 179 -48.93 -39.75 -2.82
N GLY D 180 -48.00 -39.11 -3.54
CA GLY D 180 -46.67 -38.91 -3.00
C GLY D 180 -46.65 -38.07 -1.74
N GLU D 181 -47.56 -37.10 -1.64
CA GLU D 181 -47.56 -36.19 -0.50
C GLU D 181 -48.08 -36.82 0.79
N ASN D 182 -48.64 -38.03 0.72
CA ASN D 182 -49.18 -38.67 1.90
C ASN D 182 -48.18 -39.58 2.61
N VAL D 183 -46.98 -39.75 2.06
CA VAL D 183 -45.97 -40.62 2.63
C VAL D 183 -44.63 -39.89 2.65
N VAL D 184 -43.67 -40.49 3.35
CA VAL D 184 -42.33 -39.93 3.49
C VAL D 184 -41.38 -40.93 2.85
N LEU D 185 -41.04 -40.71 1.58
CA LEU D 185 -40.17 -41.65 0.88
C LEU D 185 -39.16 -40.98 -0.03
N LYS D 186 -39.06 -39.65 -0.04
CA LYS D 186 -38.06 -38.95 -0.82
C LYS D 186 -37.24 -38.04 0.09
N GLU D 187 -36.21 -37.43 -0.48
CA GLU D 187 -35.28 -36.64 0.32
C GLU D 187 -35.97 -35.46 0.98
N ASP D 188 -36.84 -34.76 0.25
CA ASP D 188 -37.53 -33.61 0.81
C ASP D 188 -38.40 -34.02 1.99
N ASP D 189 -39.08 -35.16 1.87
CA ASP D 189 -39.96 -35.61 2.96
C ASP D 189 -39.16 -35.84 4.23
N TYR D 190 -38.01 -36.51 4.12
CA TYR D 190 -37.19 -36.76 5.30
C TYR D 190 -36.60 -35.47 5.85
N LEU D 191 -36.19 -34.56 4.97
CA LEU D 191 -35.58 -33.31 5.43
C LEU D 191 -36.57 -32.50 6.26
N ASN D 192 -37.82 -32.41 5.81
CA ASN D 192 -38.84 -31.61 6.47
C ASN D 192 -39.79 -32.44 7.31
N TYR D 193 -39.35 -33.62 7.78
CA TYR D 193 -40.25 -34.49 8.52
C TYR D 193 -40.75 -33.81 9.79
N ASP D 194 -39.83 -33.25 10.58
CA ASP D 194 -40.23 -32.62 11.84
C ASP D 194 -41.15 -31.44 11.59
N GLN D 195 -40.86 -30.64 10.57
CA GLN D 195 -41.71 -29.49 10.27
C GLN D 195 -43.06 -29.89 9.69
N ASN D 196 -43.18 -31.10 9.14
CA ASN D 196 -44.44 -31.58 8.59
C ASN D 196 -45.13 -32.61 9.48
N TYR D 197 -44.40 -33.30 10.35
CA TYR D 197 -44.98 -34.29 11.25
C TYR D 197 -44.54 -33.97 12.68
N PRO D 198 -44.94 -32.82 13.21
CA PRO D 198 -44.59 -32.48 14.58
C PRO D 198 -45.34 -33.33 15.59
N LEU D 199 -46.65 -33.49 15.38
CA LEU D 199 -47.45 -34.29 16.29
C LEU D 199 -47.04 -35.76 16.24
N ILE D 200 -46.82 -36.30 15.04
CA ILE D 200 -46.44 -37.70 14.93
C ILE D 200 -45.07 -37.95 15.54
N SER D 201 -44.12 -37.05 15.28
CA SER D 201 -42.80 -37.21 15.88
C SER D 201 -42.86 -37.12 17.39
N ASN D 202 -43.64 -36.17 17.92
CA ASN D 202 -43.79 -36.06 19.36
C ASN D 202 -44.40 -37.33 19.94
N LEU D 203 -45.45 -37.86 19.30
CA LEU D 203 -46.08 -39.07 19.80
C LEU D 203 -45.12 -40.24 19.77
N MET D 204 -44.35 -40.39 18.69
CA MET D 204 -43.39 -41.47 18.60
C MET D 204 -42.35 -41.39 19.70
N LYS D 205 -41.79 -40.19 19.92
CA LYS D 205 -40.80 -40.02 20.97
C LYS D 205 -41.40 -40.28 22.35
N THR D 206 -42.62 -39.80 22.59
CA THR D 206 -43.27 -40.04 23.87
C THR D 206 -43.49 -41.53 24.10
N ILE D 207 -43.94 -42.25 23.09
CA ILE D 207 -44.17 -43.68 23.22
C ILE D 207 -42.87 -44.41 23.48
N ILE D 208 -41.80 -44.01 22.79
CA ILE D 208 -40.51 -44.63 23.03
C ILE D 208 -40.05 -44.39 24.46
N ALA D 209 -40.21 -43.15 24.95
CA ALA D 209 -39.75 -42.83 26.29
C ALA D 209 -40.56 -43.57 27.35
N THR D 210 -41.87 -43.67 27.17
CA THR D 210 -42.75 -44.23 28.20
C THR D 210 -42.88 -45.75 28.14
N HIS D 211 -42.33 -46.39 27.11
CA HIS D 211 -42.45 -47.83 26.94
C HIS D 211 -41.07 -48.43 26.71
N THR D 212 -41.03 -49.76 26.71
CA THR D 212 -39.85 -50.51 26.29
C THR D 212 -40.06 -50.96 24.85
N ILE D 213 -39.13 -50.59 23.97
CA ILE D 213 -39.30 -50.71 22.53
C ILE D 213 -38.45 -51.86 22.02
N VAL D 214 -39.05 -52.71 21.20
CA VAL D 214 -38.35 -53.80 20.52
C VAL D 214 -38.42 -53.55 19.03
N PHE D 215 -37.26 -53.46 18.38
CA PHE D 215 -37.19 -53.23 16.95
C PHE D 215 -37.21 -54.57 16.21
N ILE D 216 -38.08 -54.68 15.22
CA ILE D 216 -38.23 -55.91 14.44
C ILE D 216 -38.22 -55.54 12.96
N GLY D 217 -37.46 -56.28 12.17
CA GLY D 217 -37.42 -56.03 10.73
C GLY D 217 -36.84 -54.69 10.36
N TYR D 218 -35.77 -54.28 11.03
CA TYR D 218 -35.08 -53.03 10.73
C TYR D 218 -33.59 -53.30 10.54
N GLY D 219 -33.01 -52.67 9.53
CA GLY D 219 -31.58 -52.78 9.34
C GLY D 219 -30.83 -52.14 10.49
N LEU D 220 -29.84 -52.86 11.04
CA LEU D 220 -29.04 -52.31 12.12
C LEU D 220 -28.33 -51.02 11.72
N GLY D 221 -28.12 -50.81 10.42
CA GLY D 221 -27.59 -49.56 9.93
C GLY D 221 -28.64 -48.74 9.22
N ASP D 222 -29.91 -48.98 9.55
CA ASP D 222 -31.00 -48.28 8.90
C ASP D 222 -30.96 -46.79 9.24
N TYR D 223 -31.44 -45.97 8.30
CA TYR D 223 -31.42 -44.54 8.48
C TYR D 223 -32.33 -44.11 9.62
N ASN D 224 -33.56 -44.63 9.65
CA ASN D 224 -34.50 -44.26 10.71
C ASN D 224 -34.00 -44.73 12.08
N ILE D 225 -33.43 -45.94 12.15
CA ILE D 225 -32.91 -46.43 13.42
C ILE D 225 -31.77 -45.55 13.89
N ASN D 226 -30.92 -45.10 12.97
CA ASN D 226 -29.81 -44.25 13.38
C ASN D 226 -30.26 -42.86 13.78
N MET D 227 -31.31 -42.34 13.13
CA MET D 227 -31.90 -41.08 13.59
C MET D 227 -32.47 -41.23 15.00
N LEU D 228 -33.14 -42.36 15.26
CA LEU D 228 -33.64 -42.62 16.60
C LEU D 228 -32.50 -42.67 17.61
N LEU D 229 -31.40 -43.34 17.25
CA LEU D 229 -30.26 -43.42 18.15
C LEU D 229 -29.64 -42.04 18.39
N ASN D 230 -29.57 -41.21 17.35
CA ASN D 230 -29.04 -39.87 17.50
C ASN D 230 -29.91 -39.05 18.45
N TRP D 231 -31.24 -39.17 18.32
CA TRP D 231 -32.12 -38.49 19.27
C TRP D 231 -31.94 -39.04 20.68
N VAL D 232 -31.80 -40.36 20.81
CA VAL D 232 -31.72 -40.99 22.12
C VAL D 232 -30.45 -40.56 22.83
N ARG D 233 -29.36 -40.37 22.09
CA ARG D 233 -28.11 -39.96 22.73
C ARG D 233 -28.23 -38.59 23.38
N LYS D 234 -29.26 -37.82 23.04
CA LYS D 234 -29.48 -36.54 23.69
C LYS D 234 -30.06 -36.71 25.09
N LEU D 235 -30.89 -37.73 25.30
CA LEU D 235 -31.48 -37.94 26.61
C LEU D 235 -30.41 -38.27 27.64
N GLN D 236 -30.68 -37.89 28.89
CA GLN D 236 -29.75 -38.18 29.97
C GLN D 236 -29.73 -39.68 30.27
N LYS D 237 -28.56 -40.16 30.70
CA LYS D 237 -28.35 -41.58 30.88
C LYS D 237 -29.30 -42.13 31.94
N ASP D 238 -29.79 -43.36 31.69
CA ASP D 238 -30.69 -44.08 32.58
C ASP D 238 -32.09 -43.48 32.62
N SER D 239 -32.36 -42.46 31.81
CA SER D 239 -33.68 -41.84 31.75
C SER D 239 -34.60 -42.53 30.76
N PHE D 240 -34.16 -43.61 30.14
CA PHE D 240 -34.95 -44.34 29.17
C PHE D 240 -34.54 -45.80 29.17
N HIS D 241 -35.50 -46.68 28.88
CA HIS D 241 -35.20 -48.10 28.73
C HIS D 241 -34.51 -48.34 27.39
N LYS D 242 -33.40 -49.07 27.42
CA LYS D 242 -32.68 -49.36 26.19
C LYS D 242 -33.54 -50.26 25.31
N PRO D 243 -33.81 -49.86 24.06
CA PRO D 243 -34.69 -50.67 23.21
C PRO D 243 -34.01 -51.94 22.75
N PHE D 244 -34.82 -52.98 22.56
CA PHE D 244 -34.34 -54.24 22.00
C PHE D 244 -34.35 -54.17 20.48
N PHE D 245 -33.26 -54.60 19.86
CA PHE D 245 -33.13 -54.62 18.41
C PHE D 245 -32.98 -56.06 17.97
N ILE D 246 -33.97 -56.57 17.22
CA ILE D 246 -33.99 -57.94 16.77
C ILE D 246 -33.31 -57.96 15.40
N ARG D 247 -32.04 -58.35 15.37
CA ARG D 247 -31.29 -58.41 14.12
C ARG D 247 -31.49 -59.79 13.49
N THR D 248 -31.95 -59.80 12.25
CA THR D 248 -32.29 -61.03 11.54
C THR D 248 -31.49 -61.19 10.26
N ASP D 249 -30.29 -60.62 10.20
CA ASP D 249 -29.42 -60.81 9.06
C ASP D 249 -28.89 -62.24 9.04
N PRO D 250 -28.49 -62.73 7.87
CA PRO D 250 -27.99 -64.10 7.77
C PRO D 250 -26.76 -64.33 8.64
N SER D 251 -25.72 -63.54 8.42
CA SER D 251 -24.50 -63.70 9.19
C SER D 251 -24.69 -63.17 10.61
N PRO D 252 -23.91 -63.67 11.57
CA PRO D 252 -24.00 -63.15 12.93
C PRO D 252 -23.44 -61.73 13.00
N ILE D 253 -24.03 -60.93 13.90
CA ILE D 253 -23.60 -59.55 14.05
C ILE D 253 -22.17 -59.52 14.54
N GLU D 254 -21.32 -58.79 13.82
CA GLU D 254 -19.92 -58.70 14.20
C GLU D 254 -19.80 -58.15 15.62
N ASN D 255 -18.82 -58.67 16.35
CA ASN D 255 -18.66 -58.27 17.75
C ASN D 255 -18.43 -56.77 17.86
N GLU D 256 -17.64 -56.19 16.96
CA GLU D 256 -17.42 -54.75 16.98
C GLU D 256 -18.72 -53.99 16.73
N THR D 257 -19.47 -54.40 15.71
CA THR D 257 -20.74 -53.75 15.42
C THR D 257 -21.71 -53.91 16.59
N LEU D 258 -21.78 -55.11 17.16
CA LEU D 258 -22.67 -55.35 18.29
C LEU D 258 -22.31 -54.45 19.47
N ILE D 259 -21.01 -54.37 19.78
CA ILE D 259 -20.59 -53.55 20.91
C ILE D 259 -20.89 -52.08 20.66
N TYR D 260 -20.62 -51.60 19.44
CA TYR D 260 -20.87 -50.20 19.13
C TYR D 260 -22.35 -49.87 19.24
N TYR D 261 -23.21 -50.71 18.65
CA TYR D 261 -24.63 -50.43 18.65
C TYR D 261 -25.31 -50.74 19.98
N GLU D 262 -24.63 -51.46 20.88
CA GLU D 262 -25.13 -51.59 22.25
C GLU D 262 -24.67 -50.46 23.14
N ASN D 263 -23.47 -49.92 22.89
CA ASN D 263 -23.06 -48.70 23.57
C ASN D 263 -23.96 -47.55 23.17
N LYS D 264 -24.35 -47.49 21.89
CA LYS D 264 -25.26 -46.43 21.45
C LYS D 264 -26.56 -46.44 22.25
N GLY D 265 -27.01 -47.62 22.68
CA GLY D 265 -28.21 -47.69 23.47
C GLY D 265 -29.19 -48.76 23.04
N LEU D 266 -28.77 -49.66 22.16
CA LEU D 266 -29.61 -50.74 21.66
C LEU D 266 -29.11 -52.06 22.21
N ARG D 267 -30.02 -52.85 22.78
CA ARG D 267 -29.70 -54.21 23.21
C ARG D 267 -30.02 -55.14 22.03
N ILE D 268 -28.99 -55.67 21.39
CA ILE D 268 -29.14 -56.41 20.15
C ILE D 268 -29.30 -57.89 20.45
N ILE D 269 -30.39 -58.48 19.96
CA ILE D 269 -30.59 -59.92 19.98
C ILE D 269 -30.51 -60.40 18.53
N ASP D 270 -29.55 -61.28 18.27
CA ASP D 270 -29.24 -61.70 16.91
C ASP D 270 -29.91 -63.05 16.64
N ALA D 271 -30.76 -63.09 15.62
CA ALA D 271 -31.34 -64.36 15.20
C ALA D 271 -30.34 -65.22 14.44
N ALA D 272 -29.40 -64.58 13.73
CA ALA D 272 -28.39 -65.35 12.99
C ALA D 272 -27.56 -66.20 13.93
N SER D 273 -27.10 -65.62 15.04
CA SER D 273 -26.39 -66.38 16.05
C SER D 273 -27.32 -67.15 16.97
N LEU D 274 -28.58 -66.73 17.06
CA LEU D 274 -29.54 -67.45 17.90
C LEU D 274 -29.77 -68.86 17.37
N ILE D 275 -29.90 -69.01 16.06
CA ILE D 275 -30.02 -70.32 15.42
C ILE D 275 -29.42 -70.23 14.02
N ASP D 276 -28.71 -71.29 13.62
CA ASP D 276 -28.17 -71.33 12.27
C ASP D 276 -29.30 -71.36 11.25
N SER D 277 -29.10 -70.65 10.14
CA SER D 277 -30.18 -70.45 9.18
C SER D 277 -29.59 -70.27 7.79
N ASN D 278 -30.45 -70.41 6.79
CA ASN D 278 -30.06 -70.20 5.40
C ASN D 278 -30.02 -68.72 5.06
N GLU D 279 -29.21 -68.38 4.06
CA GLU D 279 -29.00 -66.98 3.72
C GLU D 279 -30.31 -66.30 3.31
N TYR D 280 -31.07 -66.93 2.41
CA TYR D 280 -32.29 -66.34 1.90
C TYR D 280 -33.53 -66.74 2.68
N ASP D 281 -33.37 -67.51 3.75
CA ASP D 281 -34.49 -67.89 4.62
C ASP D 281 -34.49 -66.97 5.83
N TYR D 282 -35.20 -65.85 5.70
CA TYR D 282 -35.28 -64.88 6.79
C TYR D 282 -36.45 -65.15 7.72
N LEU D 283 -37.55 -65.68 7.19
CA LEU D 283 -38.69 -66.01 8.02
C LEU D 283 -38.30 -66.95 9.15
N GLU D 284 -37.33 -67.84 8.91
CA GLU D 284 -36.92 -68.75 9.97
C GLU D 284 -36.36 -68.01 11.16
N ARG D 285 -35.51 -67.01 10.92
CA ARG D 285 -34.95 -66.24 12.03
C ARG D 285 -35.99 -65.31 12.66
N TYR D 286 -36.85 -64.70 11.82
CA TYR D 286 -37.96 -63.92 12.36
C TYR D 286 -38.76 -64.76 13.36
N SER D 287 -39.19 -65.94 12.92
CA SER D 287 -39.99 -66.81 13.77
C SER D 287 -39.18 -67.31 14.97
N ALA D 288 -37.90 -67.59 14.77
CA ALA D 288 -37.07 -68.02 15.89
C ALA D 288 -37.09 -66.99 17.00
N VAL D 289 -36.80 -65.73 16.67
CA VAL D 289 -36.77 -64.69 17.70
C VAL D 289 -38.15 -64.48 18.30
N MET D 290 -39.17 -64.35 17.45
CA MET D 290 -40.50 -64.05 17.96
C MET D 290 -41.03 -65.16 18.85
N ASP D 291 -40.86 -66.43 18.44
CA ASP D 291 -41.37 -67.55 19.21
C ASP D 291 -40.51 -67.84 20.44
N LEU D 292 -39.21 -67.53 20.40
CA LEU D 292 -38.41 -67.62 21.61
C LEU D 292 -38.86 -66.58 22.62
N LEU D 293 -39.32 -65.42 22.14
CA LEU D 293 -39.89 -64.43 23.05
C LEU D 293 -41.25 -64.87 23.58
N ILE D 294 -42.10 -65.41 22.71
CA ILE D 294 -43.45 -65.78 23.11
C ILE D 294 -43.43 -66.97 24.08
N GLU D 295 -42.68 -68.01 23.74
CA GLU D 295 -42.54 -69.16 24.63
C GLU D 295 -41.91 -68.78 25.96
N SER D 296 -41.12 -67.70 25.99
CA SER D 296 -40.56 -67.20 27.23
C SER D 296 -41.60 -66.59 28.14
N GLN D 297 -42.82 -66.39 27.65
CA GLN D 297 -43.90 -65.83 28.45
C GLN D 297 -44.06 -66.58 29.77
N THR E 11 32.00 30.78 14.65
CA THR E 11 32.68 30.98 13.38
C THR E 11 32.34 29.87 12.39
N HIS E 12 31.31 29.08 12.71
CA HIS E 12 30.90 28.01 11.81
C HIS E 12 30.15 28.56 10.60
N ASP E 13 29.49 29.70 10.74
CA ASP E 13 28.80 30.34 9.63
C ASP E 13 29.69 31.28 8.85
N LEU E 14 30.94 31.44 9.24
CA LEU E 14 31.86 32.30 8.50
C LEU E 14 32.13 31.71 7.13
N VAL E 15 32.06 32.55 6.11
CA VAL E 15 32.36 32.16 4.74
C VAL E 15 33.39 33.14 4.18
N TYR E 16 34.32 32.64 3.39
CA TYR E 16 35.31 33.49 2.74
C TYR E 16 34.95 33.62 1.26
N HIS E 17 34.50 34.80 0.87
CA HIS E 17 34.19 35.07 -0.53
C HIS E 17 35.47 35.56 -1.20
N SER E 18 35.99 34.77 -2.13
CA SER E 18 37.27 35.04 -2.75
C SER E 18 37.16 35.90 -4.01
N LYS E 19 35.99 35.94 -4.64
CA LYS E 19 35.83 36.83 -5.79
C LYS E 19 36.19 38.26 -5.41
N ILE E 20 35.62 38.74 -4.32
CA ILE E 20 36.09 39.94 -3.62
C ILE E 20 36.60 39.45 -2.28
N ASN E 21 37.91 39.57 -2.05
CA ASN E 21 38.53 38.80 -0.97
C ASN E 21 38.05 39.36 0.36
N THR E 22 36.82 38.99 0.70
CA THR E 22 36.18 39.44 1.94
C THR E 22 35.54 38.25 2.64
N PHE E 23 34.88 38.53 3.75
CA PHE E 23 34.23 37.50 4.55
C PHE E 23 32.77 37.84 4.73
N VAL E 24 31.94 36.80 4.77
CA VAL E 24 30.54 36.92 5.14
C VAL E 24 30.38 36.28 6.51
N TRP E 25 29.98 37.09 7.48
CA TRP E 25 29.84 36.66 8.86
C TRP E 25 28.72 37.47 9.51
N ASP E 26 27.86 36.79 10.26
CA ASP E 26 26.71 37.43 10.89
C ASP E 26 27.17 38.04 12.22
N VAL E 27 27.83 39.20 12.11
CA VAL E 27 28.33 39.92 13.28
C VAL E 27 28.07 41.40 13.10
N GLU E 28 27.50 42.03 14.11
CA GLU E 28 27.42 43.48 14.17
C GLU E 28 28.68 44.07 14.81
N PHE E 29 28.92 45.34 14.54
CA PHE E 29 30.13 46.02 14.98
C PHE E 29 29.80 47.31 15.71
N ASP E 30 30.53 47.56 16.79
CA ASP E 30 30.55 48.85 17.45
C ASP E 30 31.92 49.47 17.21
N ILE E 31 31.94 50.64 16.59
CA ILE E 31 33.16 51.27 16.10
C ILE E 31 33.18 52.74 16.49
N VAL E 32 34.39 53.29 16.52
CA VAL E 32 34.62 54.70 16.82
C VAL E 32 35.37 55.31 15.64
N LEU E 33 34.75 56.28 14.98
CA LEU E 33 35.35 56.89 13.78
C LEU E 33 36.47 57.84 14.21
N SER E 34 37.01 58.57 13.23
CA SER E 34 38.08 59.54 13.49
C SER E 34 37.58 60.83 14.11
N ASP E 35 36.28 60.94 14.36
CA ASP E 35 35.69 62.12 14.99
C ASP E 35 35.06 61.80 16.34
N SER E 36 35.39 60.64 16.92
CA SER E 36 34.87 60.19 18.20
C SER E 36 33.40 59.79 18.14
N LYS E 37 32.80 59.79 16.96
CA LYS E 37 31.41 59.40 16.84
C LYS E 37 31.23 57.93 17.15
N GLU E 38 30.09 57.59 17.74
CA GLU E 38 29.80 56.23 18.19
C GLU E 38 28.61 55.70 17.41
N LEU E 39 28.81 54.58 16.72
CA LEU E 39 27.74 53.83 16.07
C LEU E 39 27.67 52.44 16.68
N ASN E 40 26.45 51.99 16.95
CA ASN E 40 26.23 50.73 17.66
C ASN E 40 25.43 49.77 16.79
N LYS E 41 25.75 48.49 16.90
CA LYS E 41 25.06 47.43 16.15
C LYS E 41 25.06 47.75 14.66
N CYS E 42 26.24 48.07 14.15
CA CYS E 42 26.43 48.39 12.74
C CYS E 42 27.13 47.25 12.02
N TYR E 43 26.64 46.94 10.82
CA TYR E 43 27.24 45.92 9.97
C TYR E 43 27.38 46.48 8.57
N PHE E 44 28.04 45.71 7.71
CA PHE E 44 28.37 46.14 6.35
C PHE E 44 27.84 45.13 5.36
N VAL E 45 27.37 45.63 4.22
CA VAL E 45 26.86 44.81 3.13
C VAL E 45 27.63 45.17 1.87
N LYS E 46 28.31 44.18 1.29
CA LYS E 46 29.10 44.38 0.09
C LYS E 46 28.34 43.87 -1.13
N CYS E 47 28.49 44.59 -2.24
CA CYS E 47 27.84 44.24 -3.50
C CYS E 47 28.91 44.25 -4.58
N PHE E 48 29.23 43.08 -5.11
CA PHE E 48 30.25 42.94 -6.15
C PHE E 48 29.59 43.25 -7.49
N ASN E 49 29.88 44.44 -8.03
CA ASN E 49 29.26 44.93 -9.25
C ASN E 49 30.34 45.38 -10.23
N PRO E 50 30.91 44.44 -10.99
CA PRO E 50 31.94 44.82 -11.97
C PRO E 50 31.33 45.44 -13.21
N TYR E 51 30.11 45.04 -13.54
CA TYR E 51 29.39 45.54 -14.70
C TYR E 51 28.67 46.85 -14.43
N ARG E 52 28.79 47.38 -13.22
CA ARG E 52 28.06 48.60 -12.86
C ARG E 52 28.44 49.74 -13.79
N ILE E 53 27.45 50.53 -14.18
CA ILE E 53 27.67 51.67 -15.08
C ILE E 53 28.53 52.68 -14.33
N ASN E 54 29.79 52.83 -14.77
CA ASN E 54 30.78 53.58 -14.02
C ASN E 54 31.01 54.95 -14.62
N GLY E 55 31.14 55.95 -13.75
CA GLY E 55 31.47 57.29 -14.16
C GLY E 55 32.96 57.48 -14.35
N LYS E 56 33.35 58.73 -14.53
CA LYS E 56 34.75 59.05 -14.81
C LYS E 56 35.64 58.73 -13.62
N CYS E 57 35.17 59.00 -12.41
CA CYS E 57 35.99 58.87 -11.21
C CYS E 57 35.69 57.61 -10.40
N ASP E 58 34.93 56.67 -10.95
CA ASP E 58 34.59 55.44 -10.25
C ASP E 58 35.56 54.34 -10.66
N PHE E 59 36.16 53.68 -9.67
CA PHE E 59 37.18 52.67 -9.95
C PHE E 59 36.88 51.35 -9.24
N ALA E 60 36.30 51.41 -8.05
CA ALA E 60 36.09 50.22 -7.25
C ALA E 60 35.11 49.27 -7.92
N VAL E 61 35.35 47.97 -7.75
CA VAL E 61 34.49 46.96 -8.33
C VAL E 61 33.27 46.65 -7.47
N SER E 62 33.36 46.86 -6.16
CA SER E 62 32.28 46.52 -5.24
C SER E 62 31.92 47.73 -4.40
N SER E 63 30.64 47.85 -4.09
CA SER E 63 30.11 48.94 -3.30
C SER E 63 29.67 48.42 -1.94
N ILE E 64 30.02 49.15 -0.87
CA ILE E 64 29.73 48.72 0.48
C ILE E 64 28.77 49.72 1.13
N ASP E 65 27.72 49.18 1.75
CA ASP E 65 26.75 49.97 2.50
C ASP E 65 26.89 49.66 3.98
N ILE E 66 26.68 50.68 4.81
CA ILE E 66 26.76 50.54 6.27
C ILE E 66 25.35 50.64 6.83
N PHE E 67 25.00 49.70 7.70
CA PHE E 67 23.67 49.66 8.31
C PHE E 67 23.83 49.62 9.82
N SER E 68 23.37 50.67 10.50
CA SER E 68 23.39 50.73 11.95
C SER E 68 21.96 50.69 12.48
N GLU E 69 21.71 49.77 13.41
CA GLU E 69 20.38 49.61 14.01
C GLU E 69 19.32 49.37 12.94
N GLY E 70 19.68 48.58 11.93
CA GLY E 70 18.74 48.19 10.90
C GLY E 70 18.50 49.22 9.81
N LYS E 71 19.15 50.37 9.85
CA LYS E 71 19.01 51.38 8.82
C LYS E 71 20.38 51.79 8.31
N ARG E 72 20.49 51.99 7.01
CA ARG E 72 21.76 52.36 6.41
C ARG E 72 22.14 53.79 6.78
N LEU E 73 23.41 54.12 6.56
CA LEU E 73 23.94 55.43 6.86
C LEU E 73 24.54 56.05 5.61
N LEU E 74 24.41 57.37 5.48
CA LEU E 74 25.06 58.12 4.41
C LEU E 74 26.44 58.54 4.88
N ILE E 75 27.48 58.07 4.18
CA ILE E 75 28.85 58.39 4.55
C ILE E 75 29.25 59.69 3.88
N GLU E 76 28.98 60.80 4.56
CA GLU E 76 29.30 62.13 4.04
C GLU E 76 30.71 62.59 4.41
N ASN E 77 31.38 61.90 5.33
CA ASN E 77 32.70 62.28 5.80
C ASN E 77 33.64 61.09 5.59
N GLU E 78 34.92 61.30 5.91
CA GLU E 78 35.89 60.22 5.84
C GLU E 78 35.56 59.17 6.90
N PHE E 79 35.35 57.93 6.47
CA PHE E 79 34.87 56.88 7.34
C PHE E 79 35.99 56.11 8.02
N ASN E 80 37.17 56.70 8.18
CA ASN E 80 38.23 56.05 8.92
C ASN E 80 37.72 55.63 10.29
N PHE E 81 37.77 54.33 10.56
CA PHE E 81 37.13 53.79 11.76
C PHE E 81 37.99 52.66 12.31
N LYS E 82 37.79 52.37 13.60
CA LYS E 82 38.42 51.26 14.26
C LYS E 82 37.35 50.44 14.97
N ILE E 83 37.46 49.11 14.87
CA ILE E 83 36.47 48.22 15.45
C ILE E 83 36.72 48.11 16.95
N THR E 84 35.72 48.48 17.75
CA THR E 84 35.80 48.39 19.20
C THR E 84 35.18 47.11 19.73
N LYS E 85 34.08 46.65 19.13
CA LYS E 85 33.44 45.42 19.58
C LYS E 85 32.77 44.74 18.40
N ALA E 86 32.77 43.40 18.40
CA ALA E 86 32.09 42.61 17.38
C ALA E 86 31.23 41.56 18.08
N VAL E 87 29.95 41.55 17.76
CA VAL E 87 28.98 40.67 18.42
C VAL E 87 28.30 39.80 17.39
N HIS E 88 28.32 38.49 17.60
CA HIS E 88 27.70 37.53 16.71
C HIS E 88 26.22 37.38 17.05
N VAL E 89 25.37 37.31 16.03
CA VAL E 89 23.94 37.25 16.26
C VAL E 89 23.53 35.87 16.77
N ALA E 90 23.95 34.81 16.07
CA ALA E 90 23.55 33.47 16.46
C ALA E 90 23.99 33.16 17.88
N THR E 91 25.23 33.48 18.22
CA THR E 91 25.74 33.40 19.57
C THR E 91 26.31 34.76 19.95
N SER E 92 25.90 35.28 21.10
CA SER E 92 26.34 36.60 21.54
C SER E 92 27.84 36.69 21.76
N LYS E 93 28.58 35.60 21.55
CA LYS E 93 30.01 35.60 21.82
C LYS E 93 30.71 36.71 21.04
N ASP E 94 31.62 37.40 21.72
CA ASP E 94 32.38 38.48 21.08
C ASP E 94 33.42 37.90 20.14
N VAL E 95 33.31 38.27 18.86
CA VAL E 95 34.22 37.76 17.84
C VAL E 95 35.16 38.87 17.41
N THR E 96 35.42 39.81 18.31
CA THR E 96 36.28 40.96 17.97
C THR E 96 37.67 40.49 17.56
N GLU E 97 38.40 39.88 18.48
CA GLU E 97 39.81 39.55 18.23
C GLU E 97 39.97 38.81 16.91
N ILE E 98 39.08 37.86 16.63
CA ILE E 98 39.11 37.18 15.34
C ILE E 98 38.89 38.19 14.22
N VAL E 99 38.03 39.18 14.45
CA VAL E 99 37.76 40.20 13.44
C VAL E 99 39.03 40.99 13.13
N LEU E 100 39.77 41.39 14.17
CA LEU E 100 41.02 42.11 13.94
C LEU E 100 42.04 41.22 13.23
N HIS E 101 42.11 39.95 13.62
CA HIS E 101 43.04 39.03 12.94
C HIS E 101 42.73 38.94 11.46
N LEU E 102 41.45 38.77 11.13
CA LEU E 102 41.05 38.65 9.72
C LEU E 102 41.26 39.97 8.98
N SER E 103 41.03 41.10 9.66
CA SER E 103 41.27 42.39 9.01
C SER E 103 42.75 42.58 8.70
N GLU E 104 43.62 42.19 9.63
CA GLU E 104 45.05 42.26 9.37
C GLU E 104 45.44 41.34 8.21
N ARG E 105 44.90 40.12 8.20
CA ARG E 105 45.30 39.15 7.18
C ARG E 105 44.80 39.57 5.79
N ILE E 106 43.56 40.06 5.71
CA ILE E 106 42.93 40.26 4.40
C ILE E 106 43.63 41.37 3.63
N SER E 107 43.90 42.49 4.27
CA SER E 107 44.50 43.65 3.60
C SER E 107 43.54 44.25 2.58
N SER E 108 42.25 44.22 2.89
CA SER E 108 41.21 44.75 2.03
C SER E 108 40.25 45.60 2.86
N PRO E 109 39.57 46.55 2.24
CA PRO E 109 38.63 47.39 3.00
C PRO E 109 37.43 46.58 3.45
N PHE E 110 37.09 46.71 4.73
CA PHE E 110 35.95 45.98 5.29
C PHE E 110 36.15 44.48 5.11
N PRO E 111 37.11 43.88 5.80
CA PRO E 111 37.35 42.45 5.62
C PRO E 111 36.14 41.58 5.89
N ILE E 112 35.30 41.95 6.85
CA ILE E 112 34.14 41.17 7.23
C ILE E 112 32.88 41.93 6.81
N VAL E 113 31.95 41.23 6.20
CA VAL E 113 30.72 41.83 5.68
C VAL E 113 29.54 41.00 6.14
N LYS E 114 28.42 41.68 6.43
CA LYS E 114 27.22 40.96 6.83
C LYS E 114 26.72 40.05 5.71
N GLU E 115 26.71 40.55 4.48
CA GLU E 115 26.30 39.76 3.33
C GLU E 115 26.92 40.36 2.07
N VAL E 116 27.27 39.48 1.14
CA VAL E 116 27.82 39.89 -0.15
C VAL E 116 26.77 39.61 -1.22
N VAL E 117 26.46 40.62 -2.01
CA VAL E 117 25.47 40.53 -3.07
C VAL E 117 26.21 40.50 -4.39
N TYR E 118 26.12 39.39 -5.11
CA TYR E 118 26.81 39.23 -6.38
C TYR E 118 25.88 39.69 -7.49
N LEU E 119 26.23 40.80 -8.13
CA LEU E 119 25.43 41.38 -9.19
C LEU E 119 25.97 41.06 -10.58
N ASP E 120 26.88 40.10 -10.68
CA ASP E 120 27.41 39.72 -11.99
C ASP E 120 26.52 38.70 -12.68
N TRP E 121 25.98 37.73 -11.93
CA TRP E 121 25.20 36.67 -12.56
C TRP E 121 23.83 37.15 -13.00
N SER E 122 23.30 38.19 -12.35
CA SER E 122 22.00 38.75 -12.69
C SER E 122 22.10 39.86 -13.73
N HIS E 123 23.30 40.20 -14.16
CA HIS E 123 23.49 41.23 -15.19
C HIS E 123 23.14 40.67 -16.57
N PRO E 124 22.56 41.50 -17.43
CA PRO E 124 22.33 41.05 -18.82
C PRO E 124 23.61 40.70 -19.55
N GLN E 125 24.72 41.37 -19.23
CA GLN E 125 25.99 41.14 -19.92
C GLN E 125 26.72 39.90 -19.43
N PHE E 126 26.28 39.29 -18.34
CA PHE E 126 26.93 38.10 -17.80
C PHE E 126 26.98 36.98 -18.85
PA NAD F . -33.59 2.47 26.93
O1A NAD F . -34.71 1.65 26.39
O2A NAD F . -32.99 2.20 28.25
O5B NAD F . -32.44 2.59 25.85
C5B NAD F . -31.14 2.53 26.40
C4B NAD F . -30.09 3.18 25.54
O4B NAD F . -30.66 4.24 24.84
C3B NAD F . -29.04 3.74 26.44
O3B NAD F . -27.79 3.15 26.09
C2B NAD F . -29.09 5.22 26.26
O2B NAD F . -27.87 5.75 25.81
C1B NAD F . -30.00 5.44 25.11
N9A NAD F . -30.99 6.47 25.43
C8A NAD F . -31.94 6.34 26.34
N7A NAD F . -32.71 7.42 26.37
C5A NAD F . -32.25 8.26 25.45
C6A NAD F . -32.61 9.59 24.98
N6A NAD F . -33.65 10.25 25.52
N1A NAD F . -31.89 10.13 24.01
C2A NAD F . -30.87 9.51 23.46
N3A NAD F . -30.49 8.31 23.86
C4A NAD F . -31.12 7.63 24.83
O3 NAD F . -34.09 3.96 26.94
PN NAD F . -35.62 4.27 26.75
O1N NAD F . -36.14 3.57 25.52
O2N NAD F . -36.24 4.06 28.10
O5D NAD F . -35.54 5.83 26.48
C5D NAD F . -36.68 6.64 26.51
C4D NAD F . -36.59 7.52 27.73
O4D NAD F . -37.91 7.98 27.99
C3D NAD F . -36.20 6.65 28.88
O3D NAD F . -35.65 7.51 29.87
C2D NAD F . -37.52 6.09 29.35
O2D NAD F . -37.56 5.93 30.76
C1D NAD F . -38.55 7.13 28.93
N1N NAD F . -39.71 6.51 28.32
C2N NAD F . -39.82 5.19 28.32
C3N NAD F . -40.91 4.59 27.74
C7N NAD F . -40.99 3.11 27.79
O7N NAD F . -39.95 2.50 27.72
N7N NAD F . -42.18 2.54 27.91
C4N NAD F . -41.89 5.34 27.14
C5N NAD F . -41.75 6.71 27.14
C6N NAD F . -40.63 7.27 27.74
PA NAD G . -15.69 -40.25 -5.79
O1A NAD G . -16.13 -40.70 -4.44
O2A NAD G . -16.57 -40.45 -6.95
O5B NAD G . -15.24 -38.72 -5.83
C5B NAD G . -15.47 -38.06 -7.05
C4B NAD G . -14.82 -36.70 -7.14
O4B NAD G . -13.49 -36.79 -6.77
C3B NAD G . -14.86 -36.26 -8.59
O3B NAD G . -15.42 -34.95 -8.73
C2B NAD G . -13.46 -36.36 -9.10
O2B NAD G . -12.95 -35.14 -9.62
C1B NAD G . -12.62 -36.60 -7.88
N9A NAD G . -11.83 -37.82 -8.08
C8A NAD G . -12.32 -39.05 -7.91
N7A NAD G . -11.38 -39.97 -8.10
C5A NAD G . -10.25 -39.35 -8.40
C6A NAD G . -8.90 -39.75 -8.72
N6A NAD G . -8.58 -41.06 -8.76
N1A NAD G . -8.02 -38.80 -8.99
C2A NAD G . -8.34 -37.51 -8.97
N3A NAD G . -9.56 -37.09 -8.68
C4A NAD G . -10.55 -37.93 -8.38
O3 NAD G . -14.30 -41.00 -6.02
PN NAD G . -13.58 -41.88 -4.87
O1N NAD G . -13.77 -41.13 -3.58
O2N NAD G . -14.02 -43.30 -4.95
O5D NAD G . -12.05 -41.93 -5.32
C5D NAD G . -11.70 -42.47 -6.57
C4D NAD G . -11.78 -43.98 -6.71
O4D NAD G . -11.83 -44.70 -5.49
C3D NAD G . -13.02 -44.39 -7.47
O3D NAD G . -12.68 -44.94 -8.76
C2D NAD G . -13.70 -45.42 -6.59
O2D NAD G . -14.28 -46.50 -7.33
C1D NAD G . -12.60 -45.88 -5.67
N1N NAD G . -13.15 -46.29 -4.40
C2N NAD G . -14.42 -46.01 -4.12
C3N NAD G . -14.96 -46.37 -2.90
C7N NAD G . -16.40 -46.09 -2.60
O7N NAD G . -16.78 -44.96 -2.41
N7N NAD G . -17.27 -47.09 -2.57
C4N NAD G . -14.16 -47.01 -1.98
C5N NAD G . -12.84 -47.26 -2.28
C6N NAD G . -12.35 -46.88 -3.51
PA NAD H . -48.63 -12.42 38.15
O1A NAD H . -48.63 -13.10 39.48
O2A NAD H . -47.37 -12.21 37.40
O5B NAD H . -49.76 -13.16 37.31
C5B NAD H . -50.27 -14.40 37.78
C4B NAD H . -51.63 -14.68 37.18
O4B NAD H . -52.31 -15.50 38.12
C3B NAD H . -52.48 -13.44 37.10
O3B NAD H . -52.45 -12.92 35.79
C2B NAD H . -53.84 -13.92 37.47
O2B NAD H . -54.33 -14.66 36.39
C1B NAD H . -53.54 -14.91 38.54
N9A NAD H . -53.33 -14.21 39.83
C8A NAD H . -52.79 -13.01 39.98
N7A NAD H . -52.75 -12.67 41.26
C5A NAD H . -53.28 -13.66 41.96
C6A NAD H . -53.54 -13.92 43.38
N6A NAD H . -53.20 -13.02 44.33
N1A NAD H . -54.11 -15.08 43.69
C2A NAD H . -54.43 -15.97 42.77
N3A NAD H . -54.21 -15.78 41.49
C4A NAD H . -53.65 -14.67 41.03
O3 NAD H . -49.31 -11.00 38.35
PN NAD H . -49.96 -10.15 37.17
O1N NAD H . -50.83 -11.05 36.34
O2N NAD H . -48.92 -9.30 36.52
O5D NAD H . -50.76 -9.19 38.17
C5D NAD H . -51.55 -9.79 39.20
C4D NAD H . -50.99 -9.58 40.62
O4D NAD H . -49.66 -9.10 40.58
C3D NAD H . -51.75 -8.58 41.48
O3D NAD H . -52.08 -9.20 42.73
C2D NAD H . -50.78 -7.44 41.68
O2D NAD H . -50.97 -6.81 42.94
C1D NAD H . -49.43 -8.12 41.58
N1N NAD H . -48.37 -7.22 41.15
C2N NAD H . -47.41 -7.74 40.39
C3N NAD H . -46.37 -6.98 39.92
C7N NAD H . -45.34 -7.63 39.10
O7N NAD H . -44.28 -7.09 38.97
N7N NAD H . -45.60 -8.82 38.57
C4N NAD H . -46.34 -5.63 40.21
C5N NAD H . -47.35 -5.11 40.99
C6N NAD H . -48.38 -5.93 41.44
PA NAD I . -31.57 -54.38 3.86
O1A NAD I . -32.74 -53.74 3.21
O2A NAD I . -30.24 -53.72 3.86
O5B NAD I . -31.95 -54.79 5.35
C5B NAD I . -33.33 -54.70 5.63
C4B NAD I . -33.76 -55.42 6.89
O4B NAD I . -34.90 -56.19 6.57
C3B NAD I . -32.78 -56.36 7.48
O3B NAD I . -33.20 -56.38 8.81
C2B NAD I . -33.17 -57.70 6.96
O2B NAD I . -32.89 -58.80 7.84
C1B NAD I . -34.63 -57.56 6.68
N9A NAD I . -34.69 -58.22 5.37
C8A NAD I . -33.78 -58.03 4.41
N7A NAD I . -34.04 -58.79 3.34
C5A NAD I . -35.14 -59.49 3.63
C6A NAD I . -35.98 -60.47 2.93
N6A NAD I . -35.69 -60.89 1.68
N1A NAD I . -37.03 -60.96 3.59
C2A NAD I . -37.34 -60.56 4.82
N3A NAD I . -36.63 -59.67 5.49
C4A NAD I . -35.54 -59.11 4.96
O3 NAD I . -31.49 -55.81 3.13
PN NAD I . -30.13 -56.54 2.69
O1N NAD I . -29.96 -57.67 3.65
O2N NAD I . -29.00 -55.55 2.60
O5D NAD I . -30.54 -57.12 1.22
C5D NAD I . -29.59 -57.28 0.17
C4D NAD I . -29.02 -55.88 -0.08
O4D NAD I . -27.64 -55.81 -0.48
C3D NAD I . -29.74 -54.95 -1.05
O3D NAD I . -30.94 -54.44 -0.49
C2D NAD I . -28.69 -53.88 -1.28
O2D NAD I . -29.06 -52.61 -0.72
C1D NAD I . -27.48 -54.38 -0.51
N1N NAD I . -26.20 -53.82 -0.97
C2N NAD I . -25.80 -52.68 -0.38
C3N NAD I . -24.62 -52.04 -0.74
C7N NAD I . -24.25 -50.77 -0.04
O7N NAD I . -25.07 -50.20 0.66
N7N NAD I . -23.02 -50.26 -0.21
C4N NAD I . -23.82 -52.59 -1.71
C5N NAD I . -24.25 -53.78 -2.31
C6N NAD I . -25.45 -54.38 -1.93
#